data_7XMZ
#
_entry.id   7XMZ
#
_cell.length_a   1.00
_cell.length_b   1.00
_cell.length_c   1.00
_cell.angle_alpha   90.00
_cell.angle_beta   90.00
_cell.angle_gamma   90.00
#
_symmetry.space_group_name_H-M   'P 1'
#
loop_
_entity.id
_entity.type
_entity.pdbx_description
1 polymer 'Spike glycoprotein'
2 polymer 'D2 heavy chain'
3 polymer 'D2 light chain'
4 non-polymer 2-acetamido-2-deoxy-beta-D-glucopyranose
#
loop_
_entity_poly.entity_id
_entity_poly.type
_entity_poly.pdbx_seq_one_letter_code
_entity_poly.pdbx_strand_id
1 'polypeptide(L)'
;MFVFLVLLPLVSSQCVNLTTRTQLPPAYTNSFTRGVYYPDKVFRSSVLHSTQDLFLPFFSNVTWFHAIHVSGTNGTKRFD
NPVLPFNDGVYFASTEKSNIIRGWIFGTTLDSKTQSLLIVNNATNVVIKVCEFQFCNDPFLGVYYHKNNKSWMESEFRVY
SSANNCTFEYVSQPFLMDLEGKQGNFKNLREFVFKNIDGYFKIYSKHTPINLVRDLPQGFSALEPLVDLPIGINITRFQT
LLALHRSYLTPGDSSSGWTAGAAAYYVGYLQPRTFLLKYNENGTITDAVDCALDPLSETKCTLKSFTVEKGIYQTSNFRV
QPTESIVRFPNITNLCPFGEVFNATRFASVYAWNRKRISNCVADYSVLYNSASFSTFKCYGVSPTKLNDLCFTNVYADSF
VIRGDEVRQIAPGQTGKIADYNYKLPDDFTGCVIAWNSNNLDSKVGGNYNYLYRLFRKSNLKPFERDISTEIYQAGSTPC
NGVEGFNCYFPLQSYGFQPTNGVGYQPYRVVVLSFELLHAPATVCGPKKSTNLVKNKCVNFNFNGLTGTGVLTESNKKFL
PFQQFGRDIADTTDAVRDPQTLEILDITPCSFGGVSVITPGTNTSNQVAVLYQDVNCTEVPVAIHADQLTPTWRVYSTGS
NVFQTRAGCLIGAEHVNNSYECDIPIGAGICASYQTQTNSPGSASSVASQSIIAYTMSLGAENSVAYSNNSIAIPTNFTI
SVTTEILPVSMTKTSVDCTMYICGDSTECSNLLLQYGSFCTQLNRALTGIAVEQDKNTQEVFAQVKQIYKTPPIKDFGGF
NFSQILPDPSKPSKRSPIEDLLFNKVTLADAGFIKQYGDCLGDIAARDLICAQKFNGLTVLPPLLTDEMIAQYTSALLAG
TITSGWTFGAGPALQIPFPMQMAYRFNGIGVTQNVLYENQKLIANQFNSAIGKIQDSLSSTPSALGKLQDVVNQNAQALN
TLVKQLSSNFGAISSVLNDILSRLDPPEAEVQIDRLITGRLQSLQTYVTQQLIRAAEIRASANLAATKMSECVLGQSKRV
DFCGKGYHLMSFPQSAPHGVVFLHVTYVPAQEKNFTTAPAICHDGKAHFPREGVFVSNGTHWFVTQRNFYEPQIITTDNT
FVSGNCDVVIGIVNNTVYDPLQPELDSFKEELDKYFKNHTSPDVDLGDISGINASVVNIQKEIDRLNEVAKNLNESLIDL
QELGKYEQGSGYIPEAPRDGQAYVRKDGEWVLLSTFLGRSLEVLFQGPGHHHHHHHHSAWSHPQFEKGGGSGGGGSGGSA
WSHPQFEKGSDYKDDDDK
;
A,B,C
2 'polypeptide(L)'
;EVQLVESGGGLVQPGRSLTLSCGASGFTFEDYAMHWVRQAPGKGLEWVSGIDWNSGVIGYADSVKGRFIISRDNAKNSLY
LHMRSLTAEDTALYYCAKDVYSESGSGSYYDYWGQGTLVTVSS
;
H,D,G
3 'polypeptide(L)'
;QSVLTQPPSVSAAPGQKVAISCSGSTSNIGDNFVSWYQQFPGTAPKLLLYDDARRPSGIPDRFSGSKSGTSATLGITGLQ
TGDEAVYFCSTWDNSLNVVLFGGGTKLTVL
;
L,E,I
#
loop_
_chem_comp.id
_chem_comp.type
_chem_comp.name
_chem_comp.formula
NAG D-saccharide, beta linking 2-acetamido-2-deoxy-beta-D-glucopyranose 'C8 H15 N O6'
#
# COMPACT_ATOMS: atom_id res chain seq x y z
N PRO A 26 55.99 -4.72 3.60
CA PRO A 26 56.81 -5.94 3.51
C PRO A 26 56.84 -6.54 2.10
N ALA A 27 57.53 -5.86 1.19
CA ALA A 27 57.72 -6.33 -0.18
C ALA A 27 56.40 -6.59 -0.89
N TYR A 28 55.52 -5.59 -0.90
CA TYR A 28 54.20 -5.73 -1.51
C TYR A 28 54.26 -6.16 -2.96
N THR A 29 53.17 -6.76 -3.46
CA THR A 29 53.02 -7.12 -4.85
C THR A 29 51.63 -6.69 -5.30
N ASN A 30 51.28 -7.03 -6.54
CA ASN A 30 50.03 -6.60 -7.15
C ASN A 30 49.21 -7.81 -7.54
N SER A 31 47.94 -7.83 -7.13
CA SER A 31 47.02 -8.92 -7.45
C SER A 31 46.37 -8.61 -8.79
N PHE A 32 46.98 -9.09 -9.87
CA PHE A 32 46.50 -8.87 -11.23
C PHE A 32 45.25 -9.73 -11.47
N THR A 33 44.10 -9.23 -11.02
CA THR A 33 42.81 -9.88 -11.25
C THR A 33 42.82 -11.31 -10.73
N ARG A 34 43.04 -11.46 -9.43
CA ARG A 34 43.17 -12.77 -8.81
C ARG A 34 42.31 -12.79 -7.55
N GLY A 35 41.83 -13.98 -7.20
CA GLY A 35 41.00 -14.16 -6.05
C GLY A 35 39.51 -14.19 -6.30
N VAL A 36 39.08 -14.59 -7.50
CA VAL A 36 37.66 -14.64 -7.85
C VAL A 36 37.18 -16.07 -7.68
N TYR A 37 36.20 -16.25 -6.80
CA TYR A 37 35.66 -17.56 -6.49
C TYR A 37 34.23 -17.67 -6.99
N TYR A 38 33.64 -18.85 -6.81
CA TYR A 38 32.27 -19.09 -7.23
C TYR A 38 31.32 -18.70 -6.10
N PRO A 39 30.53 -17.64 -6.26
CA PRO A 39 29.69 -17.18 -5.15
C PRO A 39 28.63 -18.18 -4.71
N ASP A 40 28.12 -19.00 -5.62
CA ASP A 40 27.01 -19.88 -5.32
C ASP A 40 27.13 -21.17 -6.12
N LYS A 41 26.34 -22.17 -5.73
CA LYS A 41 26.31 -23.47 -6.40
C LYS A 41 25.21 -23.50 -7.47
N VAL A 42 25.30 -22.58 -8.43
CA VAL A 42 24.30 -22.41 -9.47
C VAL A 42 24.99 -22.48 -10.82
N PHE A 43 24.35 -23.15 -11.78
CA PHE A 43 24.90 -23.29 -13.11
C PHE A 43 24.33 -22.22 -14.03
N ARG A 44 25.22 -21.56 -14.78
CA ARG A 44 24.83 -20.55 -15.75
C ARG A 44 25.72 -20.73 -16.99
N SER A 45 25.10 -20.72 -18.16
CA SER A 45 25.82 -20.94 -19.42
C SER A 45 25.63 -19.72 -20.31
N SER A 46 26.74 -19.12 -20.74
CA SER A 46 26.73 -17.93 -21.59
C SER A 46 25.90 -16.82 -20.97
N VAL A 47 26.17 -16.51 -19.70
CA VAL A 47 25.41 -15.52 -18.95
C VAL A 47 26.40 -14.59 -18.24
N LEU A 48 26.22 -13.29 -18.43
CA LEU A 48 26.99 -12.28 -17.72
C LEU A 48 26.21 -11.90 -16.47
N HIS A 49 26.64 -12.42 -15.33
CA HIS A 49 25.94 -12.23 -14.06
C HIS A 49 26.71 -11.29 -13.16
N SER A 50 25.99 -10.44 -12.44
CA SER A 50 26.60 -9.44 -11.55
C SER A 50 26.29 -9.82 -10.10
N THR A 51 27.33 -10.15 -9.34
CA THR A 51 27.20 -10.56 -7.95
C THR A 51 27.80 -9.50 -7.03
N GLN A 52 27.13 -9.26 -5.90
CA GLN A 52 27.65 -8.39 -4.85
C GLN A 52 28.04 -9.28 -3.68
N ASP A 53 29.33 -9.34 -3.39
CA ASP A 53 29.82 -10.26 -2.37
C ASP A 53 31.22 -9.81 -1.94
N LEU A 54 31.74 -10.48 -0.92
CA LEU A 54 33.07 -10.18 -0.40
C LEU A 54 34.12 -10.71 -1.37
N PHE A 55 34.68 -9.83 -2.18
CA PHE A 55 35.69 -10.17 -3.17
C PHE A 55 36.98 -9.40 -2.87
N LEU A 56 38.09 -9.89 -3.41
CA LEU A 56 39.36 -9.20 -3.30
C LEU A 56 39.47 -8.23 -4.47
N PRO A 57 39.56 -6.92 -4.23
CA PRO A 57 39.52 -5.94 -5.33
C PRO A 57 40.62 -6.14 -6.36
N PHE A 58 40.28 -5.93 -7.64
CA PHE A 58 41.24 -6.03 -8.71
C PHE A 58 42.37 -5.02 -8.52
N PHE A 59 43.59 -5.46 -8.84
CA PHE A 59 44.79 -4.63 -8.79
C PHE A 59 44.94 -3.99 -7.40
N SER A 60 45.11 -4.85 -6.41
CA SER A 60 45.29 -4.43 -5.03
C SER A 60 46.67 -4.86 -4.55
N ASN A 61 46.96 -4.55 -3.30
CA ASN A 61 48.26 -4.85 -2.70
C ASN A 61 48.13 -6.04 -1.76
N VAL A 62 48.92 -7.08 -2.03
CA VAL A 62 48.98 -8.26 -1.17
C VAL A 62 50.41 -8.40 -0.65
N THR A 63 50.54 -8.57 0.66
CA THR A 63 51.84 -8.67 1.29
C THR A 63 52.53 -9.97 0.87
N TRP A 64 53.76 -9.84 0.36
CA TRP A 64 54.54 -10.98 -0.11
C TRP A 64 55.49 -11.39 1.02
N PHE A 65 54.97 -12.12 1.99
CA PHE A 65 55.81 -12.71 3.02
C PHE A 65 56.68 -13.79 2.39
N HIS A 66 57.86 -14.01 2.99
CA HIS A 66 58.74 -15.08 2.55
C HIS A 66 59.83 -15.37 3.59
N PHE A 79 59.44 -18.39 5.49
CA PHE A 79 60.37 -18.07 6.56
C PHE A 79 59.77 -17.02 7.50
N ASP A 80 58.67 -16.41 7.08
CA ASP A 80 57.95 -15.43 7.88
C ASP A 80 56.66 -16.06 8.38
N ASN A 81 56.48 -16.10 9.71
CA ASN A 81 55.27 -16.67 10.31
C ASN A 81 54.76 -15.76 11.42
N PRO A 82 54.19 -14.61 11.06
CA PRO A 82 53.56 -13.74 12.07
C PRO A 82 52.06 -14.03 12.15
N VAL A 83 51.41 -13.38 13.11
CA VAL A 83 49.97 -13.47 13.28
C VAL A 83 49.32 -12.33 12.51
N LEU A 84 48.25 -12.64 11.78
CA LEU A 84 47.60 -11.63 10.96
C LEU A 84 46.11 -11.54 11.30
N PRO A 85 45.50 -10.38 11.14
CA PRO A 85 44.06 -10.27 11.37
C PRO A 85 43.26 -10.92 10.25
N PHE A 86 42.00 -11.26 10.56
CA PHE A 86 41.13 -11.88 9.57
C PHE A 86 40.52 -10.83 8.64
N ASN A 87 39.74 -9.90 9.21
CA ASN A 87 39.15 -8.79 8.46
C ASN A 87 38.29 -9.26 7.28
N ASP A 88 37.22 -9.99 7.61
CA ASP A 88 36.17 -10.43 6.69
C ASP A 88 36.63 -11.48 5.67
N GLY A 89 37.88 -11.87 5.67
CA GLY A 89 38.33 -12.89 4.74
C GLY A 89 39.79 -12.71 4.40
N VAL A 90 40.34 -13.75 3.76
CA VAL A 90 41.74 -13.77 3.36
C VAL A 90 41.84 -14.45 2.00
N TYR A 91 42.64 -13.88 1.10
CA TYR A 91 43.03 -14.55 -0.13
C TYR A 91 44.43 -15.11 0.07
N PHE A 92 44.49 -16.36 0.51
CA PHE A 92 45.76 -17.04 0.71
C PHE A 92 46.28 -17.59 -0.61
N ALA A 93 47.56 -17.38 -0.86
CA ALA A 93 48.24 -17.99 -2.01
C ALA A 93 49.64 -18.39 -1.57
N SER A 94 50.23 -19.31 -2.32
CA SER A 94 51.56 -19.80 -1.99
C SER A 94 52.18 -20.58 -3.15
N THR A 95 53.41 -20.23 -3.53
CA THR A 95 54.11 -21.04 -4.52
C THR A 95 54.58 -22.35 -3.91
N GLU A 96 55.50 -22.27 -2.94
CA GLU A 96 55.87 -23.41 -2.09
C GLU A 96 56.11 -24.67 -2.90
N LYS A 97 57.14 -24.67 -3.75
CA LYS A 97 57.25 -25.63 -4.83
C LYS A 97 57.07 -27.08 -4.41
N SER A 98 57.79 -27.56 -3.40
CA SER A 98 57.65 -28.97 -3.09
C SER A 98 56.48 -29.26 -2.13
N ASN A 99 56.67 -29.00 -0.84
CA ASN A 99 55.58 -29.15 0.12
C ASN A 99 55.72 -28.24 1.34
N ILE A 100 56.09 -26.97 1.15
CA ILE A 100 56.57 -26.19 2.28
C ILE A 100 55.42 -25.75 3.19
N ILE A 101 54.38 -25.13 2.64
CA ILE A 101 53.27 -24.64 3.46
C ILE A 101 52.42 -25.82 3.86
N ARG A 102 52.16 -25.98 5.16
CA ARG A 102 51.57 -27.22 5.65
C ARG A 102 50.52 -26.94 6.73
N GLY A 103 49.64 -25.97 6.49
CA GLY A 103 48.48 -25.83 7.35
C GLY A 103 48.23 -24.39 7.75
N TRP A 104 47.24 -24.24 8.64
CA TRP A 104 46.80 -22.93 9.10
C TRP A 104 46.28 -23.05 10.53
N ILE A 105 46.17 -21.91 11.20
CA ILE A 105 45.46 -21.80 12.47
C ILE A 105 44.50 -20.63 12.36
N PHE A 106 43.41 -20.68 13.12
CA PHE A 106 42.45 -19.59 13.17
C PHE A 106 42.09 -19.37 14.63
N GLY A 107 41.07 -18.54 14.87
CA GLY A 107 40.57 -18.30 16.21
C GLY A 107 40.51 -16.83 16.55
N THR A 108 39.84 -16.55 17.66
CA THR A 108 39.68 -15.18 18.14
C THR A 108 40.90 -14.72 18.93
N THR A 109 41.22 -15.43 20.02
CA THR A 109 42.35 -15.03 20.85
C THR A 109 43.55 -15.96 20.70
N LEU A 110 43.39 -17.07 19.98
CA LEU A 110 44.46 -18.06 19.79
C LEU A 110 45.00 -18.57 21.12
N ASP A 111 44.16 -18.56 22.15
CA ASP A 111 44.53 -18.96 23.49
C ASP A 111 43.60 -20.06 23.98
N SER A 112 44.05 -20.81 24.98
CA SER A 112 43.23 -21.89 25.53
C SER A 112 41.97 -21.39 26.21
N LYS A 113 41.88 -20.08 26.48
CA LYS A 113 40.67 -19.54 27.09
C LYS A 113 39.47 -19.68 26.17
N THR A 114 39.66 -19.44 24.87
CA THR A 114 38.57 -19.48 23.91
C THR A 114 38.87 -20.50 22.81
N GLN A 115 37.82 -20.96 22.16
CA GLN A 115 37.96 -21.96 21.10
C GLN A 115 38.63 -21.35 19.89
N SER A 116 39.25 -22.22 19.08
CA SER A 116 39.98 -21.80 17.89
C SER A 116 39.70 -22.83 16.80
N LEU A 117 40.45 -22.75 15.70
CA LEU A 117 40.30 -23.66 14.58
C LEU A 117 41.69 -24.09 14.13
N LEU A 118 41.76 -25.18 13.38
CA LEU A 118 43.04 -25.74 12.98
C LEU A 118 42.85 -26.57 11.73
N ILE A 119 43.53 -26.20 10.65
CA ILE A 119 43.59 -27.00 9.43
C ILE A 119 45.04 -27.39 9.22
N VAL A 120 45.33 -28.68 9.18
CA VAL A 120 46.68 -29.19 9.02
C VAL A 120 46.71 -30.25 7.95
N ASN A 121 47.91 -30.57 7.49
CA ASN A 121 48.14 -31.60 6.47
C ASN A 121 49.22 -32.55 6.98
N ASN A 122 48.85 -33.82 7.16
CA ASN A 122 49.80 -34.84 7.59
C ASN A 122 50.48 -35.53 6.40
N ALA A 123 50.54 -34.85 5.26
CA ALA A 123 51.07 -35.33 3.99
C ALA A 123 50.23 -36.43 3.36
N THR A 124 49.17 -36.87 4.02
CA THR A 124 48.26 -37.86 3.46
C THR A 124 46.80 -37.44 3.50
N ASN A 125 46.37 -36.78 4.58
CA ASN A 125 44.98 -36.39 4.75
C ASN A 125 44.90 -35.04 5.44
N VAL A 126 43.81 -34.32 5.18
CA VAL A 126 43.53 -33.07 5.88
C VAL A 126 42.87 -33.40 7.21
N VAL A 127 43.21 -32.63 8.25
CA VAL A 127 42.72 -32.86 9.60
C VAL A 127 42.23 -31.53 10.15
N ILE A 128 40.94 -31.28 10.06
CA ILE A 128 40.32 -30.06 10.58
C ILE A 128 39.83 -30.33 11.99
N LYS A 129 40.18 -29.45 12.93
CA LYS A 129 39.78 -29.59 14.31
C LYS A 129 39.42 -28.23 14.88
N VAL A 130 38.50 -28.23 15.85
CA VAL A 130 38.03 -27.00 16.49
C VAL A 130 38.21 -27.16 18.00
N CYS A 131 39.19 -27.97 18.39
CA CYS A 131 39.47 -28.16 19.80
C CYS A 131 40.16 -26.92 20.37
N GLU A 132 39.94 -26.67 21.66
CA GLU A 132 40.58 -25.56 22.34
C GLU A 132 42.09 -25.78 22.34
N PHE A 133 42.84 -24.80 21.85
CA PHE A 133 44.27 -24.95 21.60
C PHE A 133 45.04 -23.85 22.33
N GLN A 134 46.06 -24.26 23.08
CA GLN A 134 47.02 -23.33 23.67
C GLN A 134 48.27 -23.39 22.80
N PHE A 135 48.22 -22.70 21.67
CA PHE A 135 49.30 -22.78 20.69
C PHE A 135 50.51 -22.00 21.18
N CYS A 136 51.69 -22.44 20.71
CA CYS A 136 52.93 -21.77 21.05
C CYS A 136 53.03 -20.43 20.31
N ASN A 137 53.99 -19.62 20.73
CA ASN A 137 54.23 -18.33 20.09
C ASN A 137 54.68 -18.52 18.64
N ASP A 138 55.49 -19.54 18.39
CA ASP A 138 55.91 -19.88 17.04
C ASP A 138 55.56 -21.34 16.77
N PRO A 139 54.35 -21.62 16.28
CA PRO A 139 53.99 -23.02 15.98
C PRO A 139 54.40 -23.44 14.58
N PHE A 140 54.88 -24.67 14.44
CA PHE A 140 55.39 -25.15 13.16
C PHE A 140 55.37 -26.68 13.16
N LEU A 141 55.56 -27.25 11.97
CA LEU A 141 55.63 -28.69 11.82
C LEU A 141 57.00 -29.12 11.31
N MET A 153 62.30 -37.23 10.01
CA MET A 153 62.46 -36.13 10.94
C MET A 153 61.21 -35.23 10.94
N GLU A 154 60.05 -35.84 11.18
CA GLU A 154 58.78 -35.14 11.19
C GLU A 154 58.49 -34.62 12.59
N SER A 155 58.38 -33.30 12.73
CA SER A 155 57.98 -32.69 14.00
C SER A 155 56.47 -32.49 13.95
N GLU A 156 55.74 -33.38 14.62
CA GLU A 156 54.29 -33.42 14.55
C GLU A 156 53.68 -32.94 15.86
N PHE A 157 52.53 -32.26 15.76
CA PHE A 157 51.76 -31.77 16.89
C PHE A 157 52.54 -30.75 17.73
N ARG A 158 53.64 -30.22 17.19
CA ARG A 158 54.41 -29.19 17.89
C ARG A 158 53.76 -27.82 17.81
N VAL A 159 52.55 -27.72 17.24
CA VAL A 159 51.92 -26.42 17.01
C VAL A 159 51.03 -26.02 18.19
N TYR A 160 50.87 -26.93 19.14
CA TYR A 160 50.05 -26.64 20.32
C TYR A 160 50.50 -27.55 21.45
N SER A 161 50.03 -27.22 22.66
CA SER A 161 50.37 -27.96 23.87
C SER A 161 49.16 -28.63 24.51
N SER A 162 48.04 -27.92 24.61
CA SER A 162 46.83 -28.44 25.22
C SER A 162 45.72 -28.56 24.18
N ALA A 163 44.98 -29.67 24.25
CA ALA A 163 43.87 -29.93 23.35
C ALA A 163 42.71 -30.49 24.18
N ASN A 164 41.73 -29.63 24.48
CA ASN A 164 40.58 -30.02 25.27
C ASN A 164 39.32 -29.46 24.62
N ASN A 165 38.17 -30.05 24.99
CA ASN A 165 36.86 -29.55 24.59
C ASN A 165 36.69 -29.55 23.07
N CYS A 166 37.04 -30.69 22.47
CA CYS A 166 36.88 -30.86 21.03
C CYS A 166 35.41 -30.80 20.66
N THR A 167 35.09 -30.10 19.57
CA THR A 167 33.72 -29.87 19.17
C THR A 167 33.44 -30.21 17.71
N PHE A 168 34.47 -30.35 16.88
CA PHE A 168 34.28 -30.66 15.47
C PHE A 168 35.52 -31.37 14.97
N GLU A 169 35.33 -32.45 14.24
CA GLU A 169 36.41 -33.23 13.66
C GLU A 169 36.05 -33.53 12.21
N TYR A 170 37.07 -33.62 11.36
CA TYR A 170 36.84 -33.84 9.93
C TYR A 170 38.14 -34.29 9.30
N VAL A 171 38.07 -35.37 8.53
CA VAL A 171 39.21 -35.87 7.76
C VAL A 171 38.73 -36.12 6.33
N SER A 172 39.52 -35.65 5.37
CA SER A 172 39.18 -35.82 3.96
C SER A 172 40.48 -35.88 3.16
N GLN A 173 40.35 -35.83 1.84
CA GLN A 173 41.52 -35.74 0.98
C GLN A 173 42.22 -34.41 1.25
N PRO A 174 43.55 -34.38 1.29
CA PRO A 174 44.25 -33.14 1.66
C PRO A 174 43.98 -32.02 0.67
N PHE A 175 43.93 -30.79 1.19
CA PHE A 175 43.74 -29.63 0.34
C PHE A 175 44.90 -29.48 -0.65
N LEU A 176 46.12 -29.69 -0.16
CA LEU A 176 47.31 -29.50 -0.97
C LEU A 176 47.66 -30.77 -1.75
N LYS A 187 56.68 -24.38 -8.11
CA LYS A 187 56.25 -24.18 -9.49
C LYS A 187 54.77 -24.51 -9.65
N ASN A 188 54.04 -24.53 -8.54
CA ASN A 188 52.60 -24.71 -8.53
C ASN A 188 51.98 -23.72 -7.57
N LEU A 189 50.94 -23.02 -8.03
CA LEU A 189 50.27 -22.00 -7.23
C LEU A 189 49.05 -22.62 -6.56
N ARG A 190 48.93 -22.42 -5.25
CA ARG A 190 47.84 -22.97 -4.47
C ARG A 190 47.08 -21.83 -3.80
N GLU A 191 45.95 -21.45 -4.38
CA GLU A 191 45.18 -20.29 -3.97
C GLU A 191 44.05 -20.73 -3.06
N PHE A 192 43.83 -19.99 -1.98
CA PHE A 192 42.78 -20.30 -1.03
C PHE A 192 42.02 -19.03 -0.66
N VAL A 193 40.76 -19.20 -0.29
CA VAL A 193 39.91 -18.12 0.22
C VAL A 193 39.20 -18.62 1.45
N PHE A 194 39.52 -18.04 2.61
CA PHE A 194 38.89 -18.40 3.87
C PHE A 194 37.91 -17.30 4.25
N LYS A 195 36.62 -17.63 4.23
CA LYS A 195 35.57 -16.70 4.56
C LYS A 195 34.69 -17.29 5.66
N ASN A 196 34.19 -16.43 6.54
CA ASN A 196 33.40 -16.85 7.70
C ASN A 196 32.11 -16.04 7.72
N ILE A 197 31.08 -16.53 7.04
CA ILE A 197 29.80 -15.86 6.94
C ILE A 197 28.74 -16.69 7.65
N ASP A 198 28.12 -16.10 8.67
CA ASP A 198 27.00 -16.70 9.39
C ASP A 198 27.37 -18.10 9.88
N GLY A 199 28.32 -18.17 10.82
CA GLY A 199 28.67 -19.42 11.47
C GLY A 199 29.13 -20.54 10.55
N TYR A 200 29.34 -20.26 9.26
CA TYR A 200 29.72 -21.28 8.28
C TYR A 200 31.10 -20.90 7.73
N PHE A 201 32.13 -21.60 8.18
CA PHE A 201 33.47 -21.37 7.67
C PHE A 201 33.61 -22.00 6.29
N LYS A 202 33.85 -21.18 5.28
CA LYS A 202 33.91 -21.63 3.89
C LYS A 202 35.33 -21.54 3.37
N ILE A 203 35.68 -22.47 2.48
CA ILE A 203 37.01 -22.55 1.89
C ILE A 203 36.84 -22.75 0.39
N TYR A 204 37.59 -21.99 -0.40
CA TYR A 204 37.68 -22.18 -1.83
C TYR A 204 39.15 -22.42 -2.19
N SER A 205 39.38 -22.97 -3.38
CA SER A 205 40.76 -23.27 -3.76
C SER A 205 40.86 -23.52 -5.26
N LYS A 206 42.09 -23.49 -5.74
CA LYS A 206 42.47 -23.96 -7.07
C LYS A 206 43.95 -24.29 -7.04
N HIS A 207 44.36 -25.24 -7.88
CA HIS A 207 45.74 -25.69 -7.94
C HIS A 207 46.24 -25.53 -9.38
N THR A 208 46.77 -24.34 -9.68
CA THR A 208 47.24 -24.10 -11.04
C THR A 208 48.75 -24.22 -11.12
N PRO A 209 49.29 -24.91 -12.12
CA PRO A 209 50.75 -24.97 -12.29
C PRO A 209 51.30 -23.72 -12.97
N ILE A 210 52.12 -22.95 -12.26
CA ILE A 210 52.70 -21.73 -12.78
C ILE A 210 54.21 -21.90 -12.83
N ASN A 211 54.80 -21.59 -13.99
CA ASN A 211 56.23 -21.68 -14.19
C ASN A 211 56.83 -20.29 -14.31
N LEU A 212 58.12 -20.19 -13.96
CA LEU A 212 58.84 -18.91 -13.92
C LEU A 212 58.15 -17.94 -12.96
N VAL A 213 58.03 -18.37 -11.70
CA VAL A 213 57.23 -17.66 -10.71
C VAL A 213 58.13 -16.71 -9.93
N ARG A 214 57.94 -15.40 -10.13
CA ARG A 214 58.47 -14.39 -9.24
C ARG A 214 57.39 -13.64 -8.49
N ASP A 215 56.15 -13.69 -8.97
CA ASP A 215 55.00 -13.10 -8.30
C ASP A 215 53.74 -13.74 -8.89
N LEU A 216 52.59 -13.18 -8.52
CA LEU A 216 51.32 -13.69 -9.02
C LEU A 216 51.23 -13.48 -10.52
N PRO A 217 50.79 -14.49 -11.29
CA PRO A 217 50.87 -14.40 -12.75
C PRO A 217 49.85 -13.47 -13.38
N GLN A 218 49.99 -13.25 -14.69
CA GLN A 218 49.03 -12.50 -15.49
C GLN A 218 47.99 -13.49 -16.00
N GLY A 219 46.92 -13.64 -15.25
CA GLY A 219 45.89 -14.57 -15.69
C GLY A 219 44.67 -14.55 -14.80
N PHE A 220 43.65 -15.28 -15.24
CA PHE A 220 42.40 -15.42 -14.51
C PHE A 220 42.10 -16.89 -14.28
N SER A 221 41.72 -17.21 -13.05
CA SER A 221 41.33 -18.58 -12.69
C SER A 221 40.38 -18.51 -11.50
N ALA A 222 39.23 -19.16 -11.63
CA ALA A 222 38.21 -19.15 -10.60
C ALA A 222 38.44 -20.31 -9.61
N LEU A 223 37.99 -20.10 -8.38
CA LEU A 223 38.24 -21.03 -7.28
C LEU A 223 36.97 -21.83 -6.99
N GLU A 224 37.01 -23.13 -7.25
CA GLU A 224 35.89 -23.99 -6.87
C GLU A 224 35.91 -24.25 -5.37
N PRO A 225 34.75 -24.33 -4.72
CA PRO A 225 34.74 -24.56 -3.27
C PRO A 225 35.31 -25.93 -2.91
N LEU A 226 35.86 -26.02 -1.70
CA LEU A 226 36.32 -27.29 -1.14
C LEU A 226 35.36 -27.82 -0.09
N VAL A 227 35.11 -27.03 0.96
CA VAL A 227 34.30 -27.45 2.09
C VAL A 227 33.45 -26.26 2.54
N ASP A 228 32.43 -26.56 3.34
CA ASP A 228 31.57 -25.54 3.95
C ASP A 228 31.36 -26.00 5.39
N LEU A 229 32.22 -25.56 6.28
CA LEU A 229 32.22 -26.06 7.65
C LEU A 229 31.24 -25.26 8.51
N PRO A 230 30.32 -25.91 9.22
CA PRO A 230 29.43 -25.20 10.14
C PRO A 230 30.04 -25.07 11.54
N ILE A 231 31.20 -24.40 11.61
CA ILE A 231 31.98 -24.39 12.83
C ILE A 231 31.26 -23.60 13.92
N GLY A 232 30.78 -22.39 13.59
CA GLY A 232 30.04 -21.58 14.52
C GLY A 232 30.87 -20.82 15.55
N ILE A 233 32.16 -20.60 15.28
CA ILE A 233 33.01 -19.87 16.21
C ILE A 233 33.37 -18.52 15.59
N ASN A 234 34.01 -17.67 16.41
CA ASN A 234 34.53 -16.40 15.93
C ASN A 234 35.91 -16.59 15.32
N ILE A 235 36.19 -15.83 14.26
CA ILE A 235 37.51 -15.81 13.64
C ILE A 235 37.93 -14.35 13.54
N THR A 236 39.07 -14.01 14.14
CA THR A 236 39.58 -12.65 14.11
C THR A 236 41.06 -12.54 13.83
N ARG A 237 41.85 -13.58 14.12
CA ARG A 237 43.28 -13.55 13.85
C ARG A 237 43.63 -14.77 13.00
N PHE A 238 44.92 -14.87 12.65
CA PHE A 238 45.32 -15.79 11.59
C PHE A 238 46.84 -15.94 11.59
N GLN A 239 47.31 -17.16 11.30
CA GLN A 239 48.72 -17.39 11.05
C GLN A 239 48.88 -18.75 10.39
N THR A 240 49.85 -18.84 9.50
CA THR A 240 50.14 -20.07 8.77
C THR A 240 51.10 -20.96 9.54
N LEU A 241 51.27 -22.18 9.03
CA LEU A 241 52.23 -23.15 9.57
C LEU A 241 53.24 -23.53 8.50
N LEU A 242 54.47 -23.78 8.93
CA LEU A 242 55.55 -24.14 8.03
C LEU A 242 56.11 -25.52 8.40
N ALA A 243 56.78 -26.13 7.44
CA ALA A 243 57.51 -27.38 7.67
C ALA A 243 58.98 -27.03 7.81
N LEU A 244 59.39 -26.69 9.03
CA LEU A 244 60.74 -26.18 9.26
C LEU A 244 61.72 -27.34 9.38
N HIS A 245 62.74 -27.34 8.52
CA HIS A 245 63.79 -28.35 8.61
C HIS A 245 64.66 -28.10 9.85
N ARG A 246 65.02 -29.17 10.53
CA ARG A 246 65.87 -29.08 11.71
C ARG A 246 66.84 -30.25 11.78
N GLY A 261 63.37 -24.45 4.46
CA GLY A 261 63.28 -23.97 3.10
C GLY A 261 62.65 -22.60 2.99
N ALA A 262 62.55 -22.09 1.76
CA ALA A 262 61.97 -20.79 1.48
C ALA A 262 60.82 -20.97 0.49
N ALA A 263 59.71 -20.28 0.75
CA ALA A 263 58.52 -20.41 -0.08
C ALA A 263 57.79 -19.08 -0.12
N ALA A 264 56.98 -18.93 -1.16
CA ALA A 264 56.14 -17.74 -1.33
C ALA A 264 54.85 -17.91 -0.54
N TYR A 265 54.43 -16.84 0.15
CA TYR A 265 53.31 -16.89 1.07
C TYR A 265 52.66 -15.50 1.15
N TYR A 266 51.58 -15.33 0.37
CA TYR A 266 50.92 -14.04 0.25
C TYR A 266 49.62 -14.01 1.04
N VAL A 267 49.20 -12.83 1.47
CA VAL A 267 47.94 -12.67 2.19
C VAL A 267 47.17 -11.45 1.68
N GLY A 268 46.15 -11.69 0.86
CA GLY A 268 45.22 -10.63 0.50
C GLY A 268 44.08 -10.54 1.50
N TYR A 269 43.25 -9.51 1.32
CA TYR A 269 42.09 -9.29 2.17
C TYR A 269 40.86 -9.04 1.31
N LEU A 270 39.70 -9.36 1.87
CA LEU A 270 38.43 -9.26 1.16
C LEU A 270 37.64 -8.05 1.63
N GLN A 271 36.99 -7.38 0.69
CA GLN A 271 36.16 -6.22 0.97
C GLN A 271 34.88 -6.34 0.16
N PRO A 272 33.78 -5.74 0.62
CA PRO A 272 32.54 -5.76 -0.16
C PRO A 272 32.72 -5.10 -1.51
N ARG A 273 32.43 -5.84 -2.57
CA ARG A 273 32.63 -5.37 -3.93
C ARG A 273 31.51 -5.90 -4.81
N THR A 274 31.30 -5.21 -5.94
CA THR A 274 30.38 -5.67 -6.97
C THR A 274 31.18 -6.12 -8.19
N PHE A 275 30.89 -7.34 -8.65
CA PHE A 275 31.62 -7.94 -9.75
C PHE A 275 30.62 -8.31 -10.85
N LEU A 276 31.14 -8.45 -12.07
CA LEU A 276 30.33 -8.86 -13.23
C LEU A 276 30.97 -10.12 -13.79
N LEU A 277 30.55 -11.27 -13.27
CA LEU A 277 31.15 -12.54 -13.63
C LEU A 277 30.67 -12.98 -15.01
N LYS A 278 31.55 -13.66 -15.74
CA LYS A 278 31.25 -14.16 -17.07
C LYS A 278 31.31 -15.68 -17.04
N TYR A 279 30.18 -16.32 -17.37
CA TYR A 279 30.09 -17.78 -17.41
C TYR A 279 30.09 -18.22 -18.87
N ASN A 280 31.00 -19.13 -19.21
CA ASN A 280 31.06 -19.63 -20.57
C ASN A 280 30.00 -20.72 -20.78
N GLU A 281 30.11 -21.44 -21.90
CA GLU A 281 29.06 -22.38 -22.27
C GLU A 281 28.95 -23.53 -21.27
N ASN A 282 30.03 -23.81 -20.53
CA ASN A 282 30.03 -24.93 -19.59
C ASN A 282 29.82 -24.49 -18.15
N GLY A 283 29.61 -23.21 -17.89
CA GLY A 283 29.37 -22.74 -16.54
C GLY A 283 30.59 -22.34 -15.75
N THR A 284 31.76 -22.23 -16.38
CA THR A 284 32.98 -21.80 -15.72
C THR A 284 33.15 -20.29 -15.85
N ILE A 285 33.63 -19.67 -14.77
CA ILE A 285 33.86 -18.23 -14.75
C ILE A 285 35.20 -17.97 -15.44
N THR A 286 35.14 -17.39 -16.64
CA THR A 286 36.33 -17.15 -17.43
C THR A 286 36.85 -15.72 -17.33
N ASP A 287 36.02 -14.77 -16.89
CA ASP A 287 36.46 -13.39 -16.77
C ASP A 287 35.51 -12.66 -15.82
N ALA A 288 35.94 -11.50 -15.36
CA ALA A 288 35.13 -10.64 -14.51
C ALA A 288 35.70 -9.24 -14.55
N VAL A 289 34.88 -8.27 -14.14
CA VAL A 289 35.31 -6.89 -13.98
C VAL A 289 34.91 -6.42 -12.59
N ASP A 290 35.67 -5.47 -12.06
CA ASP A 290 35.41 -4.91 -10.73
C ASP A 290 34.77 -3.54 -10.90
N CYS A 291 33.50 -3.42 -10.47
CA CYS A 291 32.79 -2.16 -10.70
C CYS A 291 33.13 -1.11 -9.66
N ALA A 292 34.41 -0.96 -9.34
CA ALA A 292 34.90 0.16 -8.56
C ALA A 292 36.29 0.60 -8.99
N LEU A 293 36.88 -0.01 -10.02
CA LEU A 293 38.30 0.19 -10.30
C LEU A 293 38.54 1.48 -11.05
N ASP A 294 37.82 1.70 -12.16
CA ASP A 294 38.00 2.87 -12.99
C ASP A 294 36.67 3.14 -13.69
N PRO A 295 36.50 4.32 -14.28
CA PRO A 295 35.22 4.64 -14.92
C PRO A 295 34.83 3.68 -16.03
N LEU A 296 35.79 3.12 -16.76
CA LEU A 296 35.45 2.22 -17.86
C LEU A 296 34.87 0.91 -17.33
N SER A 297 35.50 0.31 -16.32
CA SER A 297 35.01 -0.96 -15.80
C SER A 297 33.68 -0.78 -15.08
N GLU A 298 33.40 0.43 -14.58
CA GLU A 298 32.14 0.66 -13.90
C GLU A 298 31.04 0.97 -14.91
N THR A 299 31.42 1.41 -16.11
CA THR A 299 30.45 1.56 -17.19
C THR A 299 29.99 0.21 -17.71
N LYS A 300 30.91 -0.76 -17.77
CA LYS A 300 30.57 -2.09 -18.27
C LYS A 300 29.56 -2.78 -17.37
N CYS A 301 29.42 -2.35 -16.12
CA CYS A 301 28.51 -3.01 -15.20
C CYS A 301 27.10 -2.47 -15.35
N THR A 302 26.96 -1.16 -15.59
CA THR A 302 25.63 -0.61 -15.86
C THR A 302 25.06 -1.15 -17.16
N LEU A 303 25.91 -1.29 -18.19
CA LEU A 303 25.48 -1.90 -19.44
C LEU A 303 25.34 -3.41 -19.34
N LYS A 304 25.90 -4.02 -18.30
CA LYS A 304 25.94 -5.48 -18.14
C LYS A 304 26.54 -6.13 -19.39
N SER A 305 27.71 -5.64 -19.78
CA SER A 305 28.40 -6.15 -20.95
C SER A 305 29.90 -6.06 -20.72
N PHE A 306 30.67 -6.58 -21.69
CA PHE A 306 32.12 -6.50 -21.65
C PHE A 306 32.69 -5.60 -22.74
N THR A 307 31.89 -5.22 -23.73
CA THR A 307 32.31 -4.29 -24.78
C THR A 307 31.26 -3.20 -24.90
N VAL A 308 31.69 -1.95 -24.88
CA VAL A 308 30.78 -0.80 -24.92
C VAL A 308 30.99 -0.06 -26.22
N GLU A 309 29.89 0.39 -26.83
CA GLU A 309 29.96 1.14 -28.07
C GLU A 309 30.34 2.59 -27.80
N LYS A 310 30.80 3.27 -28.85
CA LYS A 310 31.12 4.69 -28.74
C LYS A 310 29.88 5.48 -28.32
N GLY A 311 30.03 6.29 -27.29
CA GLY A 311 28.94 7.11 -26.83
C GLY A 311 29.22 7.68 -25.45
N ILE A 312 28.19 8.29 -24.88
CA ILE A 312 28.24 8.82 -23.53
C ILE A 312 27.14 8.13 -22.71
N TYR A 313 27.54 7.52 -21.61
CA TYR A 313 26.63 6.73 -20.77
C TYR A 313 26.58 7.35 -19.38
N GLN A 314 25.38 7.47 -18.82
CA GLN A 314 25.25 7.96 -17.46
C GLN A 314 25.50 6.80 -16.50
N THR A 315 26.56 6.92 -15.71
CA THR A 315 27.04 5.82 -14.86
C THR A 315 26.46 5.87 -13.45
N SER A 316 26.69 6.94 -12.72
CA SER A 316 26.29 7.01 -11.32
C SER A 316 25.93 8.42 -10.92
N ASN A 317 25.84 8.66 -9.60
CA ASN A 317 25.52 9.96 -9.07
C ASN A 317 26.72 10.50 -8.30
N PHE A 318 26.68 11.80 -8.03
CA PHE A 318 27.74 12.50 -7.32
C PHE A 318 27.12 13.30 -6.18
N ARG A 319 27.80 13.34 -5.04
CA ARG A 319 27.30 14.07 -3.89
C ARG A 319 28.46 14.53 -3.02
N VAL A 320 28.35 15.73 -2.48
CA VAL A 320 29.33 16.23 -1.53
C VAL A 320 28.85 15.88 -0.12
N GLN A 321 29.66 15.12 0.60
CA GLN A 321 29.21 14.71 1.91
C GLN A 321 29.46 15.82 2.94
N PRO A 322 28.60 15.92 3.95
CA PRO A 322 28.79 16.97 4.96
C PRO A 322 30.05 16.73 5.78
N THR A 323 30.69 17.84 6.16
CA THR A 323 31.93 17.79 6.92
C THR A 323 31.68 17.95 8.42
N GLU A 324 31.08 19.08 8.80
CA GLU A 324 30.87 19.36 10.21
C GLU A 324 29.42 19.10 10.62
N SER A 325 29.18 19.13 11.93
CA SER A 325 27.84 19.06 12.49
C SER A 325 27.69 20.22 13.48
N ILE A 326 26.64 21.02 13.32
CA ILE A 326 26.48 22.24 14.09
C ILE A 326 25.10 22.27 14.72
N VAL A 327 25.07 22.60 16.01
CA VAL A 327 23.83 22.76 16.75
C VAL A 327 23.86 24.10 17.48
N ARG A 328 22.89 24.97 17.16
CA ARG A 328 22.83 26.32 17.77
C ARG A 328 21.44 26.60 18.36
N PHE A 329 21.33 26.83 19.67
CA PHE A 329 20.13 27.17 20.40
C PHE A 329 20.26 28.56 21.01
N ASN A 334 21.08 34.62 32.48
CA ASN A 334 20.16 34.59 33.65
C ASN A 334 20.27 33.23 34.34
N LEU A 335 21.46 32.90 34.87
CA LEU A 335 21.64 31.61 35.59
C LEU A 335 20.91 31.67 36.94
N CYS A 336 20.29 30.56 37.35
CA CYS A 336 19.62 30.51 38.68
C CYS A 336 20.69 30.53 39.78
N PRO A 337 20.41 31.10 40.97
CA PRO A 337 21.40 31.10 42.04
C PRO A 337 21.42 29.79 42.85
N PHE A 338 21.71 28.67 42.18
CA PHE A 338 21.85 27.37 42.91
C PHE A 338 23.07 27.47 43.83
N GLY A 339 24.13 28.12 43.35
CA GLY A 339 25.36 28.27 44.15
C GLY A 339 25.10 29.05 45.42
N GLU A 340 24.26 30.09 45.34
CA GLU A 340 23.92 30.92 46.54
C GLU A 340 23.24 30.02 47.59
N VAL A 341 22.33 29.15 47.17
CA VAL A 341 21.65 28.22 48.11
C VAL A 341 22.70 27.29 48.72
N PHE A 342 23.61 26.77 47.90
CA PHE A 342 24.68 25.86 48.37
C PHE A 342 25.64 26.60 49.32
N ASN A 343 25.89 27.88 49.05
CA ASN A 343 26.86 28.67 49.87
C ASN A 343 26.11 29.47 50.94
N ALA A 344 24.96 28.97 51.40
CA ALA A 344 24.21 29.66 52.49
C ALA A 344 25.02 29.56 53.79
N THR A 345 25.08 30.66 54.55
CA THR A 345 25.87 30.68 55.81
C THR A 345 25.28 29.66 56.80
N ARG A 346 23.95 29.58 56.86
CA ARG A 346 23.26 28.61 57.76
C ARG A 346 22.38 27.69 56.92
N PHE A 347 22.21 26.44 57.34
CA PHE A 347 21.30 25.50 56.62
C PHE A 347 20.09 25.22 57.51
N ALA A 348 18.93 24.98 56.90
CA ALA A 348 17.69 24.78 57.69
C ALA A 348 17.75 23.46 58.46
N SER A 349 17.13 23.42 59.64
CA SER A 349 17.06 22.15 60.41
C SER A 349 16.14 21.18 59.66
N VAL A 350 16.29 19.88 59.89
CA VAL A 350 15.47 18.87 59.15
C VAL A 350 13.98 19.10 59.47
N TYR A 351 13.65 19.41 60.73
CA TYR A 351 12.25 19.73 61.10
C TYR A 351 11.79 21.00 60.38
N ALA A 352 12.68 21.98 60.20
CA ALA A 352 12.30 23.29 59.61
C ALA A 352 12.65 23.33 58.12
N TRP A 353 12.79 22.17 57.47
CA TRP A 353 13.20 22.13 56.04
C TRP A 353 12.18 22.92 55.20
N ASN A 354 12.66 23.67 54.21
CA ASN A 354 11.75 24.53 53.39
C ASN A 354 11.93 24.20 51.90
N ARG A 355 10.91 24.48 51.09
CA ARG A 355 10.98 24.22 49.63
C ARG A 355 11.28 25.55 48.92
N LYS A 356 12.30 25.57 48.06
CA LYS A 356 12.68 26.81 47.31
C LYS A 356 12.32 26.64 45.84
N ARG A 357 11.49 27.52 45.30
CA ARG A 357 11.02 27.37 43.88
C ARG A 357 12.09 27.91 42.93
N ILE A 358 12.47 27.12 41.92
CA ILE A 358 13.43 27.61 40.89
C ILE A 358 12.68 27.69 39.55
N SER A 359 12.54 28.90 39.00
CA SER A 359 11.84 29.09 37.70
C SER A 359 12.23 30.42 37.06
N ASN A 360 12.00 30.57 35.75
CA ASN A 360 12.25 31.86 35.05
C ASN A 360 13.74 32.13 34.89
N CYS A 361 14.60 31.14 35.13
CA CYS A 361 16.06 31.30 34.92
C CYS A 361 16.65 30.03 34.32
N VAL A 362 17.68 30.13 33.49
CA VAL A 362 18.35 28.91 32.96
C VAL A 362 19.15 28.27 34.10
N ALA A 363 19.16 26.93 34.18
CA ALA A 363 19.95 26.24 35.22
C ALA A 363 21.04 25.39 34.55
N ASP A 364 22.30 25.55 34.97
CA ASP A 364 23.40 24.74 34.42
C ASP A 364 23.63 23.53 35.32
N TYR A 365 22.90 22.44 35.08
CA TYR A 365 23.04 21.20 35.89
C TYR A 365 24.46 20.63 35.73
N SER A 366 25.02 20.74 34.52
CA SER A 366 26.36 20.15 34.22
C SER A 366 27.42 20.75 35.16
N VAL A 367 27.30 22.03 35.52
CA VAL A 367 28.36 22.68 36.35
C VAL A 367 28.51 21.91 37.67
N LEU A 368 27.39 21.47 38.25
CA LEU A 368 27.42 20.72 39.53
C LEU A 368 28.30 19.48 39.38
N TYR A 369 28.11 18.72 38.30
CA TYR A 369 28.87 17.44 38.16
C TYR A 369 30.35 17.74 37.92
N ASN A 370 30.65 18.62 36.95
CA ASN A 370 32.07 18.88 36.60
C ASN A 370 32.78 19.56 37.79
N SER A 371 32.02 20.12 38.74
CA SER A 371 32.68 20.71 39.93
C SER A 371 33.24 19.58 40.81
N ALA A 372 32.47 18.51 41.02
CA ALA A 372 32.94 17.35 41.81
C ALA A 372 33.40 17.81 43.20
N SER A 373 32.70 18.77 43.80
CA SER A 373 33.07 19.29 45.15
C SER A 373 32.16 18.66 46.21
N PHE A 374 31.34 17.69 45.82
CA PHE A 374 30.36 17.10 46.77
C PHE A 374 30.73 15.65 47.08
N SER A 375 30.80 15.29 48.36
CA SER A 375 31.20 13.91 48.76
C SER A 375 30.26 12.87 48.12
N THR A 376 28.96 13.16 48.09
CA THR A 376 27.97 12.17 47.55
C THR A 376 27.05 12.86 46.55
N PHE A 377 26.54 12.10 45.57
CA PHE A 377 25.62 12.66 44.54
C PHE A 377 24.83 11.51 43.92
N LYS A 378 23.52 11.44 44.20
CA LYS A 378 22.71 10.29 43.71
C LYS A 378 21.53 10.80 42.89
N CYS A 379 21.42 10.40 41.62
CA CYS A 379 20.32 10.84 40.74
C CYS A 379 19.31 9.70 40.57
N TYR A 380 18.12 9.85 41.14
CA TYR A 380 17.10 8.76 41.06
C TYR A 380 16.14 9.05 39.91
N GLY A 381 16.11 8.18 38.90
CA GLY A 381 15.21 8.37 37.74
C GLY A 381 15.74 9.44 36.79
N VAL A 382 16.95 9.95 37.06
CA VAL A 382 17.50 11.06 36.23
C VAL A 382 18.93 10.69 35.80
N SER A 383 19.29 10.98 34.55
CA SER A 383 20.67 10.75 34.07
C SER A 383 21.32 12.14 33.95
N PRO A 384 22.60 12.35 34.32
CA PRO A 384 23.17 13.70 34.28
C PRO A 384 23.13 14.31 32.88
N THR A 385 23.48 13.53 31.85
CA THR A 385 23.38 14.01 30.46
C THR A 385 21.92 14.27 30.11
N LYS A 386 21.02 13.37 30.53
CA LYS A 386 19.57 13.51 30.25
C LYS A 386 19.03 14.78 30.91
N LEU A 387 19.49 15.09 32.13
CA LEU A 387 18.97 16.27 32.87
C LEU A 387 19.31 17.53 32.07
N ASN A 388 20.51 17.59 31.49
CA ASN A 388 20.91 18.76 30.67
C ASN A 388 19.99 18.87 29.46
N ASP A 389 19.93 17.82 28.62
CA ASP A 389 19.13 17.86 27.37
C ASP A 389 17.63 17.99 27.67
N LEU A 390 17.11 17.25 28.66
CA LEU A 390 15.65 17.25 28.94
C LEU A 390 15.42 17.81 30.35
N CYS A 391 14.51 18.78 30.49
CA CYS A 391 14.33 19.44 31.82
C CYS A 391 12.88 19.37 32.28
N PHE A 392 12.67 19.46 33.60
CA PHE A 392 11.29 19.42 34.16
C PHE A 392 11.01 20.74 34.90
N THR A 393 9.82 21.31 34.69
CA THR A 393 9.46 22.62 35.30
C THR A 393 9.20 22.47 36.82
N ASN A 394 9.20 23.59 37.55
CA ASN A 394 8.90 23.58 39.00
C ASN A 394 10.00 22.84 39.77
N VAL A 395 11.26 23.18 39.52
CA VAL A 395 12.38 22.58 40.29
C VAL A 395 12.25 23.08 41.75
N TYR A 396 12.40 22.17 42.73
CA TYR A 396 12.26 22.56 44.15
C TYR A 396 13.53 22.18 44.92
N ALA A 397 14.08 23.13 45.70
CA ALA A 397 15.33 22.87 46.44
C ALA A 397 15.01 22.75 47.94
N ASP A 398 15.40 21.64 48.56
CA ASP A 398 15.10 21.41 50.00
C ASP A 398 16.42 21.42 50.78
N SER A 399 16.53 22.24 51.81
CA SER A 399 17.82 22.37 52.55
C SER A 399 17.67 21.81 53.97
N PHE A 400 18.53 20.88 54.36
CA PHE A 400 18.51 20.33 55.75
C PHE A 400 19.86 19.69 56.07
N VAL A 401 20.21 19.64 57.36
CA VAL A 401 21.52 19.05 57.78
C VAL A 401 21.25 17.67 58.37
N ILE A 402 21.86 16.63 57.78
CA ILE A 402 21.63 15.23 58.24
C ILE A 402 22.98 14.58 58.51
N ARG A 403 23.12 13.88 59.64
CA ARG A 403 24.39 13.16 59.96
C ARG A 403 24.71 12.18 58.83
N GLY A 404 25.99 12.04 58.48
CA GLY A 404 26.39 11.17 57.35
C GLY A 404 25.87 9.75 57.52
N ASP A 405 25.88 9.23 58.75
CA ASP A 405 25.42 7.85 59.02
C ASP A 405 23.93 7.70 58.66
N GLU A 406 23.11 8.72 58.96
CA GLU A 406 21.64 8.62 58.71
C GLU A 406 21.28 9.28 57.38
N VAL A 407 22.27 9.67 56.58
CA VAL A 407 22.00 10.25 55.23
C VAL A 407 21.25 9.21 54.40
N ARG A 408 21.60 7.92 54.56
CA ARG A 408 20.96 6.82 53.79
C ARG A 408 19.45 6.80 54.07
N GLN A 409 19.04 7.10 55.31
CA GLN A 409 17.60 7.04 55.69
C GLN A 409 16.82 8.01 54.81
N ILE A 410 17.40 9.17 54.50
CA ILE A 410 16.71 10.21 53.67
C ILE A 410 16.86 9.85 52.19
N ALA A 411 16.23 8.75 51.76
CA ALA A 411 16.28 8.34 50.33
C ALA A 411 14.89 7.89 49.89
N PRO A 412 14.51 8.00 48.59
CA PRO A 412 13.22 7.51 48.12
C PRO A 412 13.13 5.98 48.28
N GLY A 413 11.99 5.49 48.78
CA GLY A 413 11.81 4.03 48.97
C GLY A 413 12.55 3.53 50.20
N GLN A 414 13.09 4.45 51.00
CA GLN A 414 13.85 4.06 52.23
C GLN A 414 13.18 4.68 53.46
N THR A 415 12.94 3.88 54.50
CA THR A 415 12.26 4.38 55.72
C THR A 415 13.27 4.44 56.88
N GLY A 416 13.39 5.59 57.54
CA GLY A 416 14.29 5.73 58.70
C GLY A 416 13.65 6.56 59.79
N LYS A 417 14.07 6.39 61.03
CA LYS A 417 13.51 7.18 62.16
C LYS A 417 13.42 8.65 61.76
N ILE A 418 14.53 9.22 61.25
CA ILE A 418 14.56 10.67 60.89
C ILE A 418 13.65 10.89 59.68
N ALA A 419 13.71 10.00 58.68
CA ALA A 419 12.91 10.18 57.45
C ALA A 419 11.42 10.11 57.78
N ASP A 420 11.02 9.17 58.63
CA ASP A 420 9.57 8.98 58.92
C ASP A 420 8.98 10.23 59.59
N TYR A 421 9.71 10.82 60.54
CA TYR A 421 9.10 11.96 61.31
C TYR A 421 9.63 13.33 60.87
N ASN A 422 10.55 13.40 59.91
CA ASN A 422 11.12 14.74 59.56
C ASN A 422 10.94 15.06 58.08
N TYR A 423 11.65 14.36 57.20
CA TYR A 423 11.51 14.59 55.73
C TYR A 423 11.18 13.30 55.01
N LYS A 424 10.12 13.30 54.21
CA LYS A 424 9.70 12.05 53.50
C LYS A 424 9.85 12.25 51.99
N LEU A 425 10.47 11.28 51.31
CA LEU A 425 10.68 11.36 49.84
C LEU A 425 9.75 10.37 49.13
N PRO A 426 9.04 10.77 48.06
CA PRO A 426 8.20 9.85 47.31
C PRO A 426 9.08 8.76 46.66
N ASP A 427 8.61 7.51 46.65
CA ASP A 427 9.41 6.39 46.10
C ASP A 427 9.67 6.61 44.61
N ASP A 428 8.64 7.05 43.88
CA ASP A 428 8.79 7.33 42.42
C ASP A 428 9.40 8.73 42.28
N PHE A 429 10.54 8.96 42.92
CA PHE A 429 11.14 10.32 42.91
C PHE A 429 11.96 10.54 41.63
N THR A 430 11.64 11.60 40.88
CA THR A 430 12.46 11.94 39.70
C THR A 430 13.33 13.13 40.11
N GLY A 431 14.37 12.90 40.91
CA GLY A 431 15.19 14.02 41.42
C GLY A 431 16.62 13.60 41.73
N CYS A 432 17.53 14.57 41.86
CA CYS A 432 18.94 14.27 42.21
C CYS A 432 19.26 14.88 43.58
N VAL A 433 19.88 14.10 44.47
CA VAL A 433 20.20 14.59 45.84
C VAL A 433 21.72 14.83 45.93
N ILE A 434 22.12 15.98 46.48
CA ILE A 434 23.57 16.33 46.56
C ILE A 434 23.97 16.45 48.04
N ALA A 435 25.01 15.73 48.46
CA ALA A 435 25.44 15.76 49.88
C ALA A 435 26.94 16.08 49.97
N TRP A 436 27.33 17.02 50.85
CA TRP A 436 28.77 17.33 51.06
C TRP A 436 29.02 17.57 52.55
N ASN A 437 30.23 17.29 53.02
CA ASN A 437 30.55 17.45 54.47
C ASN A 437 30.47 18.92 54.85
N SER A 438 29.86 19.22 56.00
CA SER A 438 29.76 20.63 56.49
C SER A 438 30.52 20.78 57.81
N ASN A 439 31.49 19.90 58.07
CA ASN A 439 32.22 19.92 59.36
C ASN A 439 32.91 21.28 59.54
N ASN A 440 33.45 21.85 58.46
CA ASN A 440 34.23 23.11 58.60
C ASN A 440 33.39 24.26 59.18
N LEU A 441 32.10 24.37 58.81
CA LEU A 441 31.32 25.56 59.27
C LEU A 441 30.10 25.16 60.10
N ASP A 442 29.54 23.97 59.91
CA ASP A 442 28.29 23.58 60.62
C ASP A 442 28.61 22.82 61.91
N SER A 443 29.90 22.61 62.20
CA SER A 443 30.31 21.88 63.44
C SER A 443 30.97 22.84 64.43
N LYS A 444 30.50 22.85 65.68
CA LYS A 444 31.04 23.79 66.71
C LYS A 444 31.58 22.99 67.90
N VAL A 445 32.73 23.41 68.45
CA VAL A 445 33.32 22.71 69.63
C VAL A 445 32.34 22.84 70.80
N GLY A 446 31.76 24.03 70.99
CA GLY A 446 30.74 24.23 72.04
C GLY A 446 29.51 23.39 71.77
N GLY A 447 29.14 23.24 70.49
CA GLY A 447 27.92 22.51 70.12
C GLY A 447 26.88 23.48 69.59
N ASN A 448 25.95 23.01 68.75
CA ASN A 448 24.99 23.95 68.10
C ASN A 448 23.54 23.54 68.40
N TYR A 449 22.72 24.48 68.89
CA TYR A 449 21.29 24.20 69.11
C TYR A 449 20.57 24.57 67.81
N ASN A 450 21.36 24.85 66.76
CA ASN A 450 20.79 25.27 65.45
C ASN A 450 20.02 24.11 64.81
N TYR A 451 20.53 22.88 64.90
CA TYR A 451 19.87 21.76 64.17
C TYR A 451 19.07 20.90 65.14
N LEU A 452 17.79 20.67 64.84
CA LEU A 452 16.90 19.86 65.73
C LEU A 452 16.18 18.81 64.89
N TYR A 453 15.78 17.69 65.52
CA TYR A 453 15.06 16.61 64.79
C TYR A 453 13.84 16.18 65.59
N ARG A 454 12.81 15.68 64.92
CA ARG A 454 11.58 15.19 65.61
C ARG A 454 11.74 13.69 65.86
N LEU A 455 12.19 13.31 67.07
CA LEU A 455 12.33 11.87 67.41
C LEU A 455 10.97 11.19 67.48
N PHE A 456 9.96 11.88 68.05
CA PHE A 456 8.64 11.23 68.24
C PHE A 456 7.54 11.97 67.49
N ARG A 457 6.77 11.26 66.65
CA ARG A 457 5.61 11.89 65.98
C ARG A 457 4.47 10.87 65.96
N LYS A 458 3.21 11.35 66.02
CA LYS A 458 2.04 10.42 66.09
C LYS A 458 1.97 9.55 64.84
N SER A 459 2.22 10.13 63.65
CA SER A 459 2.09 9.36 62.39
C SER A 459 3.28 9.66 61.46
N ASN A 460 3.60 8.72 60.57
CA ASN A 460 4.69 8.96 59.58
C ASN A 460 4.25 10.09 58.65
N LEU A 461 5.17 11.01 58.32
CA LEU A 461 4.83 12.17 57.46
C LEU A 461 4.55 11.73 56.02
N LYS A 462 3.62 12.41 55.35
CA LYS A 462 3.36 12.13 53.91
C LYS A 462 4.54 12.72 53.12
N PRO A 463 4.81 12.30 51.87
CA PRO A 463 5.98 12.80 51.14
C PRO A 463 5.93 14.33 50.98
N PHE A 464 7.07 15.01 51.13
CA PHE A 464 7.13 16.49 51.00
C PHE A 464 6.19 17.19 51.98
N GLU A 465 6.10 16.71 53.22
CA GLU A 465 5.26 17.39 54.23
C GLU A 465 6.16 18.02 55.30
N ARG A 466 6.19 19.35 55.38
CA ARG A 466 6.97 20.01 56.45
C ARG A 466 6.33 19.63 57.78
N ASP A 467 7.13 19.24 58.76
CA ASP A 467 6.57 18.78 60.06
C ASP A 467 6.21 20.02 60.88
N ILE A 468 4.98 20.07 61.43
CA ILE A 468 4.56 21.20 62.31
C ILE A 468 3.74 20.64 63.48
N SER A 469 4.38 20.00 64.46
CA SER A 469 3.66 19.49 65.66
C SER A 469 4.38 19.89 66.96
N THR A 470 4.27 21.16 67.36
CA THR A 470 4.97 21.66 68.58
C THR A 470 4.49 20.91 69.83
N GLU A 471 3.19 20.58 69.91
CA GLU A 471 2.62 19.96 71.14
C GLU A 471 3.28 18.61 71.44
N ILE A 472 3.51 18.31 72.72
CA ILE A 472 4.14 17.02 73.15
C ILE A 472 3.13 15.88 73.00
N TYR A 473 3.62 14.63 72.96
CA TYR A 473 2.71 13.46 72.88
C TYR A 473 1.63 13.57 73.98
N GLN A 474 0.36 13.47 73.60
CA GLN A 474 -0.76 13.57 74.57
C GLN A 474 -1.72 12.39 74.37
N ALA A 475 -2.37 12.32 73.20
CA ALA A 475 -3.28 11.19 72.90
C ALA A 475 -4.43 11.07 73.91
N GLY A 476 -4.59 12.04 74.82
CA GLY A 476 -5.64 11.91 75.87
C GLY A 476 -5.37 10.72 76.80
N SER A 477 -4.31 9.96 76.55
CA SER A 477 -3.92 8.88 77.50
C SER A 477 -3.06 9.52 78.59
N THR A 478 -2.11 10.37 78.21
CA THR A 478 -1.24 11.09 79.19
C THR A 478 -1.17 12.58 78.84
N PRO A 479 -2.21 13.40 79.07
CA PRO A 479 -2.20 14.81 78.69
C PRO A 479 -1.96 15.84 79.81
N CYS A 480 -0.94 16.70 79.67
CA CYS A 480 -0.61 17.74 80.68
C CYS A 480 0.66 18.46 80.22
N ASN A 481 0.91 19.71 80.68
CA ASN A 481 2.20 20.35 80.32
C ASN A 481 3.38 19.52 80.82
N GLY A 482 3.24 18.90 81.99
CA GLY A 482 4.33 18.08 82.58
C GLY A 482 4.57 16.82 81.78
N VAL A 483 5.78 16.25 81.89
CA VAL A 483 6.12 15.03 81.09
C VAL A 483 5.86 13.79 81.95
N GLU A 484 4.86 12.99 81.56
CA GLU A 484 4.57 11.71 82.27
C GLU A 484 5.75 10.76 82.11
N GLY A 485 6.37 10.77 80.92
CA GLY A 485 7.46 9.80 80.64
C GLY A 485 6.87 8.57 79.97
N PHE A 486 5.55 8.55 79.74
CA PHE A 486 4.91 7.43 79.02
C PHE A 486 5.05 7.70 77.52
N ASN A 487 6.27 7.57 76.98
CA ASN A 487 6.54 7.85 75.55
C ASN A 487 6.11 9.29 75.22
N CYS A 488 6.29 10.22 76.17
CA CYS A 488 5.85 11.63 75.96
C CYS A 488 7.09 12.49 75.64
N TYR A 489 7.83 12.88 76.68
CA TYR A 489 9.09 13.65 76.48
C TYR A 489 8.80 14.89 75.62
N PHE A 490 9.62 15.11 74.59
CA PHE A 490 9.40 16.26 73.67
C PHE A 490 9.91 15.86 72.28
N PRO A 491 9.17 16.01 71.15
CA PRO A 491 9.69 15.54 69.85
C PRO A 491 11.02 16.17 69.41
N LEU A 492 11.19 17.48 69.62
CA LEU A 492 12.40 18.16 69.09
C LEU A 492 13.58 18.05 70.08
N GLN A 493 14.72 17.54 69.60
CA GLN A 493 15.95 17.48 70.45
C GLN A 493 17.10 18.09 69.65
N SER A 494 17.96 18.88 70.29
CA SER A 494 19.08 19.53 69.58
C SER A 494 20.09 18.48 69.08
N TYR A 495 20.60 18.64 67.86
CA TYR A 495 21.63 17.71 67.34
C TYR A 495 22.98 18.09 67.95
N GLY A 496 23.87 17.10 68.13
CA GLY A 496 25.22 17.42 68.63
C GLY A 496 26.25 17.29 67.52
N PHE A 497 26.95 18.38 67.21
CA PHE A 497 27.92 18.37 66.08
C PHE A 497 29.26 18.93 66.54
N GLN A 498 30.03 18.14 67.31
CA GLN A 498 31.36 18.59 67.79
C GLN A 498 32.43 18.12 66.79
N PRO A 499 33.61 18.78 66.70
CA PRO A 499 34.70 18.32 65.84
C PRO A 499 35.17 16.93 66.29
N THR A 500 35.15 16.67 67.60
CA THR A 500 35.59 15.36 68.16
C THR A 500 34.68 14.24 67.65
N ASN A 501 33.45 14.55 67.27
CA ASN A 501 32.46 13.52 66.83
C ASN A 501 32.97 12.81 65.56
N GLY A 502 32.55 11.55 65.35
CA GLY A 502 33.01 10.76 64.19
C GLY A 502 32.46 11.29 62.88
N VAL A 503 33.04 10.89 61.75
CA VAL A 503 32.63 11.45 60.42
C VAL A 503 31.14 11.18 60.18
N GLY A 504 30.63 10.00 60.55
CA GLY A 504 29.18 9.75 60.40
C GLY A 504 28.39 10.72 61.26
N TYR A 505 28.84 10.98 62.49
CA TYR A 505 28.18 11.96 63.38
C TYR A 505 28.33 13.38 62.81
N GLN A 506 29.45 13.68 62.13
CA GLN A 506 29.71 15.06 61.64
C GLN A 506 28.59 15.51 60.71
N PRO A 507 28.17 16.79 60.77
CA PRO A 507 27.04 17.27 59.95
C PRO A 507 27.31 17.21 58.45
N TYR A 508 26.31 16.81 57.66
CA TYR A 508 26.47 16.80 56.18
C TYR A 508 25.37 17.69 55.59
N ARG A 509 25.73 18.60 54.70
CA ARG A 509 24.71 19.47 54.05
C ARG A 509 24.14 18.71 52.84
N VAL A 510 22.85 18.42 52.88
CA VAL A 510 22.20 17.64 51.76
C VAL A 510 21.06 18.47 51.17
N VAL A 511 21.06 18.65 49.86
CA VAL A 511 19.95 19.38 49.18
C VAL A 511 19.21 18.40 48.27
N VAL A 512 17.88 18.47 48.26
CA VAL A 512 17.07 17.57 47.39
C VAL A 512 16.46 18.40 46.26
N LEU A 513 16.69 18.00 45.01
CA LEU A 513 16.10 18.72 43.86
C LEU A 513 14.93 17.90 43.33
N SER A 514 13.75 18.51 43.20
CA SER A 514 12.55 17.76 42.74
C SER A 514 12.18 18.20 41.33
N PHE A 515 12.08 17.24 40.40
CA PHE A 515 11.76 17.59 38.99
C PHE A 515 10.41 16.96 38.62
N GLU A 516 9.47 17.78 38.13
CA GLU A 516 8.12 17.28 37.74
C GLU A 516 7.68 17.95 36.44
N LEU A 517 6.81 17.28 35.67
CA LEU A 517 6.28 17.89 34.42
C LEU A 517 4.89 18.44 34.72
N LEU A 518 4.66 19.74 34.50
CA LEU A 518 3.28 20.21 34.80
C LEU A 518 2.52 20.32 33.48
N HIS A 519 1.22 20.62 33.55
CA HIS A 519 0.47 20.85 32.29
C HIS A 519 1.10 22.07 31.61
N ALA A 520 1.53 23.06 32.41
CA ALA A 520 2.12 24.29 31.85
C ALA A 520 3.36 23.91 31.05
N PRO A 521 3.49 24.37 29.79
CA PRO A 521 4.61 24.01 28.92
C PRO A 521 6.03 24.51 29.25
N ALA A 522 6.18 25.77 29.67
CA ALA A 522 7.52 26.38 29.85
C ALA A 522 8.36 25.68 30.93
N THR A 523 9.69 25.63 30.74
CA THR A 523 10.57 24.93 31.70
C THR A 523 11.97 25.55 31.81
N VAL A 524 12.79 25.07 32.75
CA VAL A 524 14.19 25.51 33.03
C VAL A 524 15.18 24.59 32.31
N CYS A 525 15.57 24.91 31.07
CA CYS A 525 16.43 24.01 30.26
C CYS A 525 17.78 24.65 29.93
N GLY A 526 18.84 23.84 29.75
CA GLY A 526 20.20 24.38 29.51
C GLY A 526 20.75 24.07 28.10
N SER A 530 25.79 26.29 22.30
CA SER A 530 25.95 26.44 20.86
C SER A 530 27.29 25.88 20.40
N THR A 531 27.37 25.61 19.09
CA THR A 531 28.61 25.21 18.43
C THR A 531 28.90 26.20 17.31
N ASN A 532 30.16 26.64 17.23
CA ASN A 532 30.54 27.69 16.30
C ASN A 532 30.14 27.38 14.86
N LEU A 533 29.35 28.26 14.27
CA LEU A 533 28.86 28.04 12.90
C LEU A 533 29.98 28.29 11.90
N VAL A 534 29.98 27.51 10.82
CA VAL A 534 30.93 27.64 9.74
C VAL A 534 30.16 27.96 8.46
N LYS A 535 30.91 28.39 7.45
CA LYS A 535 30.32 28.85 6.19
C LYS A 535 31.04 28.22 5.01
N ASN A 536 30.33 28.16 3.89
CA ASN A 536 30.88 27.66 2.62
C ASN A 536 31.28 26.18 2.72
N LYS A 537 30.52 25.40 3.49
CA LYS A 537 30.75 23.97 3.61
C LYS A 537 29.41 23.28 3.71
N CYS A 538 29.30 22.10 3.10
CA CYS A 538 28.14 21.25 3.30
C CYS A 538 28.14 20.79 4.76
N VAL A 539 27.17 21.28 5.54
CA VAL A 539 27.20 21.14 6.99
C VAL A 539 25.82 20.75 7.50
N ASN A 540 25.79 19.85 8.49
CA ASN A 540 24.57 19.57 9.21
C ASN A 540 24.31 20.69 10.22
N PHE A 541 23.15 21.32 10.10
CA PHE A 541 22.79 22.45 10.96
C PHE A 541 21.47 22.14 11.67
N ASN A 542 21.34 22.66 12.90
CA ASN A 542 20.21 22.35 13.77
C ASN A 542 19.69 23.64 14.42
N PHE A 543 19.47 24.67 13.59
CA PHE A 543 19.01 25.96 14.08
C PHE A 543 17.61 25.80 14.68
N ASN A 544 17.53 25.75 16.01
CA ASN A 544 16.27 25.67 16.75
C ASN A 544 15.39 24.54 16.24
N GLY A 545 16.01 23.38 15.98
CA GLY A 545 15.30 22.23 15.49
C GLY A 545 15.11 22.17 13.99
N LEU A 546 15.51 23.21 13.26
CA LEU A 546 15.45 23.21 11.80
C LEU A 546 16.64 22.42 11.29
N THR A 547 16.46 21.11 11.14
CA THR A 547 17.55 20.22 10.77
C THR A 547 17.65 20.11 9.25
N GLY A 548 18.85 20.34 8.73
CA GLY A 548 19.10 20.24 7.30
C GLY A 548 20.57 20.07 7.04
N THR A 549 20.92 20.03 5.75
CA THR A 549 22.30 19.83 5.30
C THR A 549 22.53 20.70 4.05
N GLY A 550 23.26 21.80 4.25
CA GLY A 550 23.63 22.68 3.16
C GLY A 550 24.80 23.56 3.54
N VAL A 551 25.08 24.52 2.68
CA VAL A 551 26.07 25.55 2.96
C VAL A 551 25.35 26.77 3.51
N LEU A 552 26.04 27.54 4.34
CA LEU A 552 25.47 28.71 4.99
C LEU A 552 26.29 29.93 4.58
N THR A 553 25.68 30.83 3.82
CA THR A 553 26.34 32.02 3.33
C THR A 553 25.56 33.25 3.78
N GLU A 554 26.28 34.37 3.90
CA GLU A 554 25.64 35.62 4.26
C GLU A 554 24.70 36.07 3.16
N SER A 555 23.58 36.67 3.56
CA SER A 555 22.45 36.87 2.67
C SER A 555 22.16 38.36 2.49
N ASN A 556 21.63 38.69 1.32
CA ASN A 556 21.05 40.00 1.06
C ASN A 556 19.62 40.11 1.61
N LYS A 557 19.01 39.00 1.98
CA LYS A 557 17.66 39.02 2.53
C LYS A 557 17.65 39.73 3.88
N LYS A 558 16.57 40.45 4.16
CA LYS A 558 16.40 41.16 5.43
C LYS A 558 15.04 40.77 5.99
N PHE A 559 15.05 39.98 7.05
CA PHE A 559 13.83 39.56 7.71
C PHE A 559 13.19 40.73 8.46
N LEU A 560 11.91 40.58 8.78
CA LEU A 560 11.27 41.44 9.76
C LEU A 560 11.71 41.00 11.16
N PRO A 561 11.63 41.90 12.15
CA PRO A 561 12.24 41.59 13.46
C PRO A 561 11.70 40.34 14.12
N PHE A 562 10.49 39.89 13.78
CA PHE A 562 9.89 38.73 14.41
C PHE A 562 10.06 37.44 13.62
N GLN A 563 10.71 37.49 12.46
CA GLN A 563 10.76 36.35 11.55
C GLN A 563 11.96 35.48 11.89
N GLN A 564 11.72 34.17 12.00
CA GLN A 564 12.78 33.26 12.43
C GLN A 564 13.54 32.67 11.25
N PHE A 565 12.82 32.25 10.19
CA PHE A 565 13.46 31.71 9.01
C PHE A 565 12.60 32.05 7.80
N GLY A 566 13.11 31.70 6.62
CA GLY A 566 12.44 32.01 5.37
C GLY A 566 12.08 30.77 4.60
N ARG A 567 11.23 30.96 3.59
CA ARG A 567 10.77 29.88 2.71
C ARG A 567 10.55 30.49 1.34
N ASP A 568 10.05 29.67 0.42
CA ASP A 568 9.81 30.12 -0.94
C ASP A 568 8.71 29.25 -1.55
N ILE A 569 8.56 29.33 -2.87
CA ILE A 569 7.67 28.42 -3.57
C ILE A 569 8.09 26.98 -3.28
N ALA A 570 7.09 26.11 -3.11
CA ALA A 570 7.22 24.73 -2.67
C ALA A 570 7.61 24.61 -1.19
N ASP A 571 7.80 25.73 -0.50
CA ASP A 571 8.01 25.76 0.95
C ASP A 571 9.22 24.92 1.35
N THR A 572 10.34 25.16 0.68
CA THR A 572 11.63 24.59 1.04
C THR A 572 12.47 25.69 1.67
N THR A 573 12.95 25.47 2.89
CA THR A 573 13.68 26.51 3.60
C THR A 573 14.96 26.87 2.86
N ASP A 574 15.12 28.17 2.59
CA ASP A 574 16.34 28.65 1.95
C ASP A 574 16.91 29.86 2.69
N ALA A 575 16.56 30.04 3.96
CA ALA A 575 17.12 31.10 4.79
C ALA A 575 16.87 30.72 6.24
N VAL A 576 17.65 31.32 7.13
CA VAL A 576 17.56 31.01 8.55
C VAL A 576 18.26 32.11 9.32
N ARG A 577 17.75 32.42 10.52
CA ARG A 577 18.37 33.45 11.38
C ARG A 577 19.09 32.72 12.52
N ASP A 578 20.30 33.17 12.88
CA ASP A 578 21.08 32.46 13.93
C ASP A 578 20.53 32.81 15.30
N PRO A 579 20.25 31.82 16.16
CA PRO A 579 19.60 32.08 17.44
C PRO A 579 20.42 32.95 18.42
N GLN A 580 21.49 33.62 17.96
CA GLN A 580 22.33 34.42 18.83
C GLN A 580 22.73 35.76 18.22
N THR A 581 23.30 35.76 17.01
CA THR A 581 23.77 36.98 16.38
C THR A 581 22.68 37.65 15.55
N LEU A 582 21.60 36.95 15.23
CA LEU A 582 20.51 37.47 14.42
C LEU A 582 21.00 37.93 13.04
N GLU A 583 21.52 36.97 12.29
CA GLU A 583 21.98 37.18 10.92
C GLU A 583 21.21 36.26 9.98
N ILE A 584 21.05 36.70 8.74
CA ILE A 584 20.29 35.97 7.74
C ILE A 584 21.27 35.14 6.91
N LEU A 585 21.14 33.83 6.99
CA LEU A 585 22.04 32.89 6.32
C LEU A 585 21.27 32.11 5.26
N ASP A 586 21.76 32.12 4.03
CA ASP A 586 21.18 31.29 3.00
C ASP A 586 21.41 29.81 3.32
N ILE A 587 20.67 28.95 2.62
CA ILE A 587 20.84 27.51 2.71
C ILE A 587 20.81 26.96 1.29
N THR A 588 21.99 26.61 0.78
CA THR A 588 22.11 26.05 -0.54
C THR A 588 22.57 24.60 -0.45
N PRO A 589 21.85 23.66 -1.07
CA PRO A 589 22.26 22.27 -1.02
C PRO A 589 23.66 22.09 -1.61
N CYS A 590 24.44 21.24 -0.95
CA CYS A 590 25.80 20.97 -1.36
C CYS A 590 25.78 20.05 -2.57
N SER A 591 26.57 20.40 -3.59
CA SER A 591 26.44 19.94 -4.96
C SER A 591 26.16 18.44 -5.11
N PHE A 592 25.15 18.12 -5.91
CA PHE A 592 24.93 16.78 -6.43
C PHE A 592 24.81 16.86 -7.95
N GLY A 593 24.70 15.69 -8.57
CA GLY A 593 24.59 15.65 -10.02
C GLY A 593 24.75 14.23 -10.52
N GLY A 594 25.09 14.12 -11.80
CA GLY A 594 25.33 12.83 -12.41
C GLY A 594 26.74 12.72 -12.93
N VAL A 595 27.14 11.49 -13.23
CA VAL A 595 28.46 11.18 -13.78
C VAL A 595 28.25 10.42 -15.08
N SER A 596 28.82 10.94 -16.16
CA SER A 596 28.69 10.35 -17.48
C SER A 596 30.07 10.06 -18.04
N VAL A 597 30.25 8.86 -18.58
CA VAL A 597 31.53 8.40 -19.09
C VAL A 597 31.49 8.46 -20.61
N ILE A 598 32.35 9.30 -21.19
CA ILE A 598 32.48 9.42 -22.63
C ILE A 598 33.51 8.40 -23.09
N THR A 599 33.10 7.36 -23.80
CA THR A 599 34.02 6.28 -24.23
C THR A 599 34.33 6.36 -25.71
N PRO A 600 35.60 6.38 -26.17
CA PRO A 600 35.90 6.36 -27.58
C PRO A 600 35.31 5.11 -28.20
N GLY A 601 35.34 3.97 -27.53
CA GLY A 601 34.81 2.67 -27.98
C GLY A 601 35.45 1.73 -27.00
N THR A 602 35.36 0.43 -27.11
CA THR A 602 36.18 -0.49 -26.26
C THR A 602 36.85 -1.31 -27.34
N ASN A 603 36.29 -1.18 -28.54
CA ASN A 603 36.87 -1.86 -29.69
C ASN A 603 37.94 -0.98 -30.32
N THR A 604 38.01 0.29 -29.90
CA THR A 604 39.03 1.19 -30.40
C THR A 604 40.09 1.48 -29.35
N SER A 605 39.67 1.87 -28.16
CA SER A 605 40.61 2.19 -27.08
C SER A 605 39.90 2.00 -25.75
N ASN A 606 40.70 1.91 -24.69
CA ASN A 606 40.19 1.75 -23.33
C ASN A 606 40.23 3.04 -22.53
N GLN A 607 40.43 4.18 -23.18
CA GLN A 607 40.41 5.46 -22.47
C GLN A 607 38.97 5.93 -22.26
N VAL A 608 38.79 6.82 -21.28
CA VAL A 608 37.49 7.40 -20.98
C VAL A 608 37.67 8.84 -20.53
N ALA A 609 36.60 9.61 -20.66
CA ALA A 609 36.49 10.93 -20.09
C ALA A 609 35.23 10.98 -19.23
N VAL A 610 35.30 11.71 -18.12
CA VAL A 610 34.25 11.72 -17.13
C VAL A 610 33.65 13.11 -17.07
N LEU A 611 32.32 13.18 -17.15
CA LEU A 611 31.57 14.44 -17.09
C LEU A 611 30.80 14.47 -15.78
N TYR A 612 31.03 15.51 -14.99
CA TYR A 612 30.29 15.73 -13.74
C TYR A 612 29.26 16.82 -13.99
N GLN A 613 28.01 16.41 -14.19
CA GLN A 613 26.98 17.35 -14.64
C GLN A 613 26.60 18.32 -13.54
N ASP A 614 26.48 19.60 -13.91
CA ASP A 614 26.01 20.66 -13.03
C ASP A 614 26.86 20.75 -11.76
N VAL A 615 28.17 20.60 -11.93
CA VAL A 615 29.11 20.66 -10.82
C VAL A 615 30.32 21.47 -11.26
N ASN A 616 30.68 22.47 -10.44
CA ASN A 616 31.91 23.21 -10.68
C ASN A 616 33.11 22.32 -10.40
N CYS A 617 34.15 22.46 -11.22
CA CYS A 617 35.33 21.60 -11.05
C CYS A 617 36.06 21.86 -9.74
N THR A 618 35.78 22.95 -9.03
CA THR A 618 36.42 23.17 -7.74
C THR A 618 36.01 22.10 -6.73
N GLU A 619 34.93 21.38 -7.01
CA GLU A 619 34.36 20.43 -6.06
C GLU A 619 34.42 18.98 -6.54
N VAL A 620 34.95 18.72 -7.74
CA VAL A 620 34.96 17.36 -8.26
C VAL A 620 35.83 16.39 -7.46
N PRO A 621 37.05 16.75 -6.99
CA PRO A 621 37.90 15.70 -6.40
C PRO A 621 37.42 15.21 -5.05
N VAL A 622 36.61 15.99 -4.34
CA VAL A 622 36.15 15.59 -3.01
C VAL A 622 34.90 14.73 -3.11
N ALA A 623 35.09 13.41 -3.20
CA ALA A 623 33.98 12.48 -3.27
C ALA A 623 34.47 11.10 -2.86
N ILE A 624 33.53 10.27 -2.42
CA ILE A 624 33.82 8.88 -2.09
C ILE A 624 33.83 8.08 -3.38
N HIS A 625 34.55 6.95 -3.39
CA HIS A 625 34.66 6.07 -4.55
C HIS A 625 35.13 6.84 -5.78
N ALA A 626 36.38 7.33 -5.69
CA ALA A 626 36.97 8.12 -6.76
C ALA A 626 37.44 7.19 -7.89
N ASP A 627 36.53 6.95 -8.82
CA ASP A 627 36.83 6.11 -9.98
C ASP A 627 37.97 6.69 -10.79
N GLN A 628 39.10 5.97 -10.81
CA GLN A 628 40.28 6.42 -11.53
C GLN A 628 41.31 5.29 -11.66
N THR A 638 40.22 16.21 -11.02
CA THR A 638 41.07 15.21 -10.40
C THR A 638 42.39 15.06 -11.16
N GLY A 639 42.50 15.73 -12.30
CA GLY A 639 43.68 15.63 -13.13
C GLY A 639 44.17 16.95 -13.68
N SER A 640 44.79 16.91 -14.87
CA SER A 640 45.34 18.10 -15.49
C SER A 640 44.58 18.56 -16.72
N ASN A 641 43.79 17.67 -17.34
CA ASN A 641 42.96 18.02 -18.49
C ASN A 641 41.60 18.56 -18.07
N VAL A 642 41.54 19.20 -16.91
CA VAL A 642 40.29 19.73 -16.38
C VAL A 642 39.77 20.83 -17.30
N PHE A 643 38.54 20.67 -17.78
CA PHE A 643 37.91 21.62 -18.69
C PHE A 643 36.47 21.83 -18.24
N GLN A 644 36.03 23.10 -18.22
CA GLN A 644 34.70 23.44 -17.73
C GLN A 644 33.74 23.67 -18.89
N THR A 645 32.69 22.87 -18.95
CA THR A 645 31.62 22.97 -19.94
C THR A 645 30.42 23.64 -19.25
N ARG A 646 29.43 24.04 -20.05
CA ARG A 646 28.18 24.53 -19.47
C ARG A 646 27.33 23.38 -18.95
N ALA A 647 27.42 22.20 -19.56
CA ALA A 647 26.64 21.05 -19.13
C ALA A 647 27.15 20.42 -17.84
N GLY A 648 28.39 20.72 -17.46
CA GLY A 648 29.00 20.15 -16.28
C GLY A 648 30.42 20.66 -16.19
N CYS A 649 31.40 19.77 -16.00
CA CYS A 649 32.76 20.12 -16.32
C CYS A 649 33.55 18.83 -16.55
N LEU A 650 34.24 18.79 -17.68
CA LEU A 650 34.71 17.55 -18.29
C LEU A 650 36.17 17.31 -17.94
N ILE A 651 36.48 16.11 -17.47
CA ILE A 651 37.82 15.72 -17.04
C ILE A 651 38.31 14.59 -17.94
N GLY A 652 39.54 14.70 -18.42
CA GLY A 652 40.15 13.69 -19.25
C GLY A 652 40.14 13.98 -20.73
N ALA A 653 39.47 15.04 -21.16
CA ALA A 653 39.42 15.43 -22.56
C ALA A 653 39.98 16.84 -22.71
N GLU A 654 40.86 17.03 -23.67
CA GLU A 654 41.50 18.31 -23.90
C GLU A 654 40.68 19.15 -24.87
N HIS A 655 40.72 20.47 -24.66
CA HIS A 655 39.98 21.40 -25.50
C HIS A 655 40.83 21.82 -26.69
N VAL A 656 40.25 21.77 -27.89
CA VAL A 656 40.88 22.26 -29.10
C VAL A 656 40.03 23.38 -29.67
N ASN A 657 40.67 24.31 -30.36
CA ASN A 657 39.98 25.48 -30.89
C ASN A 657 39.38 25.25 -32.27
N ASN A 658 39.48 24.03 -32.80
CA ASN A 658 38.90 23.72 -34.08
C ASN A 658 37.40 23.45 -33.93
N SER A 659 36.79 22.96 -35.00
CA SER A 659 35.37 22.58 -34.99
C SER A 659 35.16 21.48 -36.00
N TYR A 660 34.61 20.36 -35.54
CA TYR A 660 34.37 19.20 -36.37
C TYR A 660 32.89 18.82 -36.31
N GLU A 661 32.51 17.84 -37.12
CA GLU A 661 31.17 17.27 -37.00
C GLU A 661 31.03 16.58 -35.65
N CYS A 662 29.83 16.67 -35.08
CA CYS A 662 29.60 16.13 -33.74
C CYS A 662 29.72 14.61 -33.75
N ASP A 663 30.60 14.09 -32.91
CA ASP A 663 30.78 12.65 -32.73
C ASP A 663 30.06 12.12 -31.50
N ILE A 664 30.35 12.69 -30.32
CA ILE A 664 29.68 12.32 -29.09
C ILE A 664 29.09 13.59 -28.48
N PRO A 665 27.77 13.73 -28.41
CA PRO A 665 27.17 14.98 -27.91
C PRO A 665 27.30 15.07 -26.39
N ILE A 666 27.93 16.15 -25.92
CA ILE A 666 28.03 16.41 -24.49
C ILE A 666 26.92 17.33 -24.01
N GLY A 667 26.68 18.42 -24.74
CA GLY A 667 25.63 19.37 -24.39
C GLY A 667 26.11 20.80 -24.53
N ALA A 668 25.15 21.70 -24.77
CA ALA A 668 25.39 23.13 -24.92
C ALA A 668 26.38 23.42 -26.04
N GLY A 669 26.26 22.69 -27.14
CA GLY A 669 27.09 22.91 -28.30
C GLY A 669 28.46 22.27 -28.25
N ILE A 670 28.75 21.46 -27.25
CA ILE A 670 30.05 20.82 -27.09
C ILE A 670 29.93 19.37 -27.50
N CYS A 671 30.90 18.89 -28.29
CA CYS A 671 30.96 17.50 -28.69
C CYS A 671 32.36 16.96 -28.41
N ALA A 672 32.46 15.63 -28.30
CA ALA A 672 33.72 14.97 -28.01
C ALA A 672 34.00 13.90 -29.06
N SER A 673 35.28 13.62 -29.26
CA SER A 673 35.68 12.64 -30.27
C SER A 673 37.06 12.11 -29.94
N TYR A 674 37.39 10.97 -30.55
CA TYR A 674 38.68 10.33 -30.38
C TYR A 674 39.52 10.55 -31.63
N GLN A 675 40.60 11.33 -31.50
CA GLN A 675 41.52 11.58 -32.59
C GLN A 675 42.94 11.58 -32.02
N THR A 676 43.66 10.49 -32.23
CA THR A 676 45.02 10.36 -31.71
C THR A 676 46.04 10.24 -32.84
N SER A 691 44.05 10.93 -28.18
CA SER A 691 43.45 11.40 -26.94
C SER A 691 42.04 11.92 -27.19
N ILE A 692 41.21 11.89 -26.14
CA ILE A 692 39.87 12.43 -26.24
C ILE A 692 39.95 13.95 -26.35
N ILE A 693 39.21 14.51 -27.30
CA ILE A 693 39.19 15.96 -27.50
C ILE A 693 37.76 16.46 -27.36
N ALA A 694 37.63 17.70 -26.94
CA ALA A 694 36.33 18.34 -26.73
C ALA A 694 36.33 19.69 -27.43
N TYR A 695 35.40 19.88 -28.36
CA TYR A 695 35.36 21.07 -29.19
C TYR A 695 33.92 21.59 -29.24
N THR A 696 33.70 22.58 -30.09
CA THR A 696 32.37 23.09 -30.39
C THR A 696 31.98 22.59 -31.77
N MET A 697 30.80 21.96 -31.86
CA MET A 697 30.41 21.27 -33.09
C MET A 697 30.29 22.24 -34.24
N SER A 698 30.62 21.77 -35.44
CA SER A 698 30.50 22.54 -36.66
C SER A 698 29.18 22.19 -37.33
N LEU A 699 28.40 23.22 -37.68
CA LEU A 699 27.07 22.98 -38.23
C LEU A 699 27.15 22.42 -39.65
N GLY A 700 28.09 22.90 -40.44
CA GLY A 700 28.23 22.41 -41.80
C GLY A 700 29.27 23.22 -42.54
N ALA A 701 29.64 22.70 -43.72
CA ALA A 701 30.62 23.39 -44.55
C ALA A 701 30.08 24.73 -45.01
N GLU A 702 30.89 25.77 -44.82
CA GLU A 702 30.48 27.12 -45.18
C GLU A 702 30.27 27.23 -46.69
N ASN A 703 29.28 28.00 -47.09
CA ASN A 703 28.95 28.16 -48.50
C ASN A 703 28.34 29.54 -48.71
N SER A 704 28.39 30.00 -49.96
CA SER A 704 27.84 31.31 -50.31
C SER A 704 27.48 31.27 -51.79
N VAL A 705 26.18 31.15 -52.08
CA VAL A 705 25.73 31.10 -53.47
C VAL A 705 26.02 32.44 -54.14
N ALA A 706 26.51 32.37 -55.38
CA ALA A 706 26.93 33.58 -56.10
C ALA A 706 25.72 34.28 -56.70
N TYR A 707 24.89 34.84 -55.82
CA TYR A 707 23.68 35.51 -56.24
C TYR A 707 24.00 36.74 -57.08
N SER A 708 23.22 36.95 -58.13
CA SER A 708 23.30 38.13 -58.96
C SER A 708 21.96 38.28 -59.66
N ASN A 709 21.58 39.52 -59.94
CA ASN A 709 20.23 39.77 -60.43
C ASN A 709 20.02 39.36 -61.88
N ASN A 710 21.08 38.98 -62.59
CA ASN A 710 20.95 38.53 -63.98
C ASN A 710 21.81 37.31 -64.23
N SER A 711 21.79 36.35 -63.32
CA SER A 711 22.59 35.14 -63.48
C SER A 711 21.85 33.94 -62.90
N ILE A 712 21.86 32.83 -63.64
CA ILE A 712 21.24 31.58 -63.22
C ILE A 712 22.25 30.46 -63.41
N ALA A 713 22.08 29.40 -62.63
CA ALA A 713 22.87 28.19 -62.76
C ALA A 713 21.95 27.04 -63.13
N ILE A 714 22.23 26.39 -64.26
CA ILE A 714 21.39 25.35 -64.80
C ILE A 714 22.22 24.07 -64.90
N PRO A 715 21.75 22.93 -64.38
CA PRO A 715 22.54 21.71 -64.48
C PRO A 715 22.65 21.20 -65.89
N THR A 716 23.78 20.56 -66.19
CA THR A 716 24.05 19.99 -67.50
C THR A 716 24.12 18.48 -67.48
N ASN A 717 23.91 17.86 -66.33
CA ASN A 717 23.89 16.40 -66.20
C ASN A 717 22.92 16.05 -65.09
N PHE A 718 22.99 14.79 -64.63
CA PHE A 718 22.14 14.34 -63.53
C PHE A 718 22.76 13.11 -62.89
N THR A 719 22.06 12.58 -61.89
CA THR A 719 22.54 11.42 -61.15
C THR A 719 21.32 10.70 -60.57
N ILE A 720 21.31 9.38 -60.68
CA ILE A 720 20.21 8.57 -60.15
C ILE A 720 20.64 8.03 -58.78
N SER A 721 19.88 8.36 -57.76
CA SER A 721 20.20 8.00 -56.38
C SER A 721 19.12 7.06 -55.84
N VAL A 722 19.54 5.95 -55.26
CA VAL A 722 18.64 4.99 -54.64
C VAL A 722 18.83 5.09 -53.13
N THR A 723 17.96 5.85 -52.48
CA THR A 723 18.00 6.07 -51.04
C THR A 723 17.39 4.83 -50.37
N THR A 724 17.34 4.84 -49.03
CA THR A 724 16.78 3.73 -48.27
C THR A 724 16.15 4.26 -47.00
N GLU A 725 14.90 3.88 -46.77
CA GLU A 725 14.15 4.30 -45.60
C GLU A 725 13.57 3.07 -44.91
N ILE A 726 13.81 2.95 -43.61
CA ILE A 726 13.43 1.79 -42.83
C ILE A 726 12.41 2.22 -41.77
N LEU A 727 11.26 1.57 -41.76
CA LEU A 727 10.18 1.91 -40.84
C LEU A 727 9.66 0.65 -40.18
N PRO A 728 9.54 0.62 -38.86
CA PRO A 728 8.89 -0.51 -38.20
C PRO A 728 7.38 -0.39 -38.26
N VAL A 729 6.71 -1.51 -38.58
CA VAL A 729 5.27 -1.51 -38.73
C VAL A 729 4.56 -2.29 -37.63
N SER A 730 5.20 -3.26 -37.00
CA SER A 730 4.54 -4.05 -35.98
C SER A 730 5.57 -4.61 -35.02
N MET A 731 5.11 -5.05 -33.85
CA MET A 731 5.95 -5.62 -32.82
C MET A 731 5.37 -6.96 -32.37
N THR A 732 6.05 -7.59 -31.42
CA THR A 732 5.65 -8.92 -30.96
C THR A 732 4.33 -8.84 -30.21
N LYS A 733 3.49 -9.87 -30.40
CA LYS A 733 2.19 -9.96 -29.75
C LYS A 733 2.31 -10.82 -28.51
N THR A 734 2.66 -10.20 -27.39
CA THR A 734 2.78 -10.89 -26.12
C THR A 734 1.48 -10.77 -25.35
N SER A 735 1.14 -11.85 -24.64
CA SER A 735 -0.03 -11.89 -23.76
C SER A 735 0.40 -12.46 -22.43
N VAL A 736 0.00 -11.80 -21.35
CA VAL A 736 0.41 -12.17 -19.99
C VAL A 736 -0.83 -12.46 -19.16
N ASP A 737 -0.87 -13.65 -18.58
CA ASP A 737 -1.95 -13.99 -17.65
C ASP A 737 -1.67 -13.36 -16.29
N CYS A 738 -2.64 -12.60 -15.77
CA CYS A 738 -2.44 -11.93 -14.50
C CYS A 738 -2.34 -12.91 -13.35
N THR A 739 -3.31 -13.82 -13.24
CA THR A 739 -3.43 -14.65 -12.06
C THR A 739 -2.24 -15.60 -11.92
N MET A 740 -1.84 -16.24 -13.02
CA MET A 740 -0.72 -17.16 -12.96
C MET A 740 0.61 -16.43 -12.84
N TYR A 741 0.64 -15.13 -13.12
CA TYR A 741 1.81 -14.31 -12.84
C TYR A 741 1.83 -13.82 -11.40
N ILE A 742 0.75 -13.18 -10.96
CA ILE A 742 0.70 -12.60 -9.63
C ILE A 742 0.73 -13.69 -8.56
N CYS A 743 -0.11 -14.72 -8.73
CA CYS A 743 -0.19 -15.81 -7.77
C CYS A 743 0.61 -17.04 -8.19
N GLY A 744 0.32 -17.61 -9.36
CA GLY A 744 1.10 -18.71 -9.86
C GLY A 744 0.87 -20.03 -9.14
N ASP A 745 -0.30 -20.63 -9.35
CA ASP A 745 -0.68 -21.96 -8.87
C ASP A 745 -0.88 -22.03 -7.37
N SER A 746 -1.20 -20.92 -6.71
CA SER A 746 -1.50 -20.92 -5.28
C SER A 746 -3.00 -20.69 -5.10
N THR A 747 -3.66 -21.64 -4.45
CA THR A 747 -5.08 -21.50 -4.18
C THR A 747 -5.34 -20.47 -3.08
N GLU A 748 -4.43 -20.41 -2.10
CA GLU A 748 -4.54 -19.40 -1.05
C GLU A 748 -4.39 -18.01 -1.62
N CYS A 749 -3.44 -17.82 -2.54
CA CYS A 749 -3.21 -16.51 -3.13
C CYS A 749 -4.36 -16.10 -4.05
N SER A 750 -4.84 -17.03 -4.88
CA SER A 750 -5.81 -16.67 -5.91
C SER A 750 -7.12 -16.18 -5.32
N ASN A 751 -7.41 -16.53 -4.07
CA ASN A 751 -8.60 -16.01 -3.41
C ASN A 751 -8.38 -14.60 -2.86
N LEU A 752 -7.12 -14.23 -2.62
CA LEU A 752 -6.78 -12.88 -2.19
C LEU A 752 -6.71 -11.89 -3.35
N LEU A 753 -6.83 -12.37 -4.59
CA LEU A 753 -6.82 -11.52 -5.76
C LEU A 753 -8.23 -11.24 -6.29
N LEU A 754 -9.21 -12.05 -5.90
CA LEU A 754 -10.60 -11.83 -6.28
C LEU A 754 -11.22 -10.64 -5.58
N GLN A 755 -10.66 -10.22 -4.44
CA GLN A 755 -11.16 -9.06 -3.71
C GLN A 755 -10.59 -7.75 -4.23
N TYR A 756 -9.66 -7.79 -5.19
CA TYR A 756 -9.08 -6.59 -5.78
C TYR A 756 -9.85 -6.10 -6.99
N GLY A 757 -11.12 -6.46 -7.11
CA GLY A 757 -11.91 -6.01 -8.24
C GLY A 757 -11.45 -6.64 -9.54
N SER A 758 -11.85 -6.00 -10.65
CA SER A 758 -11.49 -6.47 -11.98
C SER A 758 -10.28 -5.71 -12.50
N PHE A 759 -9.16 -5.88 -11.81
CA PHE A 759 -7.88 -5.45 -12.35
C PHE A 759 -7.34 -6.39 -13.41
N CYS A 760 -7.60 -7.70 -13.28
CA CYS A 760 -7.19 -8.65 -14.32
C CYS A 760 -7.91 -8.41 -15.63
N THR A 761 -9.23 -8.27 -15.58
CA THR A 761 -10.00 -8.13 -16.81
C THR A 761 -9.57 -6.90 -17.59
N GLN A 762 -9.16 -5.84 -16.88
CA GLN A 762 -8.66 -4.66 -17.56
C GLN A 762 -7.32 -4.93 -18.24
N LEU A 763 -6.41 -5.60 -17.54
CA LEU A 763 -5.07 -5.81 -18.09
C LEU A 763 -5.09 -6.80 -19.25
N ASN A 764 -5.84 -7.89 -19.12
CA ASN A 764 -5.94 -8.85 -20.22
C ASN A 764 -6.62 -8.22 -21.43
N ARG A 765 -7.60 -7.34 -21.20
CA ARG A 765 -8.25 -6.64 -22.30
C ARG A 765 -7.30 -5.64 -22.95
N ALA A 766 -6.45 -4.99 -22.15
CA ALA A 766 -5.53 -4.01 -22.71
C ALA A 766 -4.45 -4.67 -23.55
N LEU A 767 -3.88 -5.78 -23.06
CA LEU A 767 -2.84 -6.47 -23.80
C LEU A 767 -3.38 -7.21 -25.02
N THR A 768 -4.70 -7.42 -25.10
CA THR A 768 -5.30 -8.04 -26.26
C THR A 768 -5.65 -7.02 -27.33
N GLY A 769 -6.06 -5.83 -26.93
CA GLY A 769 -6.28 -4.76 -27.90
C GLY A 769 -5.00 -4.36 -28.61
N ILE A 770 -3.87 -4.49 -27.92
CA ILE A 770 -2.57 -4.27 -28.56
C ILE A 770 -2.26 -5.39 -29.53
N ALA A 771 -2.59 -6.63 -29.16
CA ALA A 771 -2.21 -7.78 -29.97
C ALA A 771 -2.97 -7.80 -31.30
N VAL A 772 -4.28 -7.56 -31.26
CA VAL A 772 -5.07 -7.49 -32.50
C VAL A 772 -4.80 -6.21 -33.28
N GLU A 773 -4.13 -5.23 -32.68
CA GLU A 773 -3.74 -4.03 -33.41
C GLU A 773 -2.55 -4.30 -34.31
N GLN A 774 -1.61 -5.14 -33.87
CA GLN A 774 -0.42 -5.43 -34.65
C GLN A 774 -0.76 -6.15 -35.96
N ASP A 775 -1.89 -6.82 -36.03
CA ASP A 775 -2.32 -7.45 -37.27
C ASP A 775 -3.05 -6.50 -38.20
N LYS A 776 -3.55 -5.39 -37.66
CA LYS A 776 -4.06 -4.32 -38.51
C LYS A 776 -2.92 -3.48 -39.08
N ASN A 777 -1.84 -3.30 -38.32
CA ASN A 777 -0.71 -2.53 -38.79
C ASN A 777 -0.07 -3.16 -40.01
N THR A 778 0.11 -4.48 -39.99
CA THR A 778 0.73 -5.16 -41.11
C THR A 778 -0.22 -5.26 -42.30
N GLN A 779 -1.52 -5.30 -42.04
CA GLN A 779 -2.49 -5.49 -43.12
C GLN A 779 -2.64 -4.22 -43.94
N GLU A 780 -2.67 -3.05 -43.29
CA GLU A 780 -2.88 -1.81 -44.03
C GLU A 780 -1.65 -1.37 -44.81
N VAL A 781 -0.47 -1.86 -44.43
CA VAL A 781 0.75 -1.45 -45.12
C VAL A 781 0.98 -2.27 -46.38
N PHE A 782 0.96 -3.60 -46.24
CA PHE A 782 1.29 -4.49 -47.35
C PHE A 782 0.09 -4.84 -48.23
N ALA A 783 -1.08 -5.04 -47.65
CA ALA A 783 -2.25 -5.48 -48.41
C ALA A 783 -2.94 -4.28 -49.08
N GLN A 784 -2.18 -3.61 -49.95
CA GLN A 784 -2.70 -2.55 -50.80
C GLN A 784 -3.21 -3.05 -52.14
N VAL A 785 -3.03 -4.34 -52.43
CA VAL A 785 -3.36 -4.91 -53.73
C VAL A 785 -4.37 -6.04 -53.53
N LYS A 786 -5.34 -6.10 -54.44
CA LYS A 786 -6.33 -7.17 -54.45
C LYS A 786 -5.80 -8.43 -55.13
N GLN A 787 -5.11 -8.26 -56.26
CA GLN A 787 -4.62 -9.37 -57.05
C GLN A 787 -3.11 -9.51 -56.91
N ILE A 788 -2.64 -10.75 -57.05
CA ILE A 788 -1.22 -11.06 -56.92
C ILE A 788 -0.63 -11.06 -58.34
N TYR A 789 0.10 -10.01 -58.66
CA TYR A 789 0.67 -9.86 -60.00
C TYR A 789 1.95 -10.68 -60.13
N LYS A 790 2.35 -10.92 -61.38
CA LYS A 790 3.53 -11.71 -61.69
C LYS A 790 4.37 -10.98 -62.72
N THR A 791 5.69 -11.06 -62.56
CA THR A 791 6.60 -10.51 -63.55
C THR A 791 6.79 -11.51 -64.70
N PRO A 792 6.97 -11.01 -65.92
CA PRO A 792 7.06 -11.93 -67.06
C PRO A 792 8.28 -12.81 -66.95
N PRO A 793 8.22 -14.03 -67.50
CA PRO A 793 9.39 -14.93 -67.42
C PRO A 793 10.62 -14.37 -68.10
N ILE A 794 10.46 -13.62 -69.19
CA ILE A 794 11.58 -12.98 -69.87
C ILE A 794 11.79 -11.60 -69.26
N LYS A 795 13.03 -11.35 -68.83
CA LYS A 795 13.37 -10.12 -68.11
C LYS A 795 14.12 -9.21 -69.06
N ASP A 796 13.36 -8.43 -69.84
CA ASP A 796 13.91 -7.42 -70.75
C ASP A 796 13.19 -6.12 -70.48
N PHE A 797 13.70 -5.35 -69.52
CA PHE A 797 13.10 -4.09 -69.11
C PHE A 797 13.85 -2.88 -69.67
N GLY A 798 14.44 -3.03 -70.85
CA GLY A 798 15.12 -1.93 -71.49
C GLY A 798 16.51 -1.62 -70.98
N GLY A 799 17.13 -2.57 -70.28
CA GLY A 799 18.45 -2.38 -69.71
C GLY A 799 18.45 -2.31 -68.19
N PHE A 800 17.33 -1.96 -67.58
CA PHE A 800 17.24 -1.94 -66.13
C PHE A 800 17.26 -3.37 -65.60
N ASN A 801 17.88 -3.55 -64.43
CA ASN A 801 18.15 -4.88 -63.89
C ASN A 801 17.58 -4.94 -62.47
N PHE A 802 16.51 -5.71 -62.30
CA PHE A 802 15.79 -5.80 -61.04
C PHE A 802 16.06 -7.10 -60.30
N SER A 803 17.17 -7.79 -60.64
CA SER A 803 17.42 -9.10 -60.03
C SER A 803 17.64 -9.00 -58.53
N GLN A 804 18.11 -7.85 -58.05
CA GLN A 804 18.38 -7.68 -56.63
C GLN A 804 17.12 -7.48 -55.80
N ILE A 805 16.01 -7.09 -56.43
CA ILE A 805 14.76 -6.89 -55.72
C ILE A 805 13.69 -7.89 -56.11
N LEU A 806 13.85 -8.62 -57.18
CA LEU A 806 12.88 -9.62 -57.57
C LEU A 806 13.10 -10.90 -56.76
N PRO A 807 12.03 -11.65 -56.49
CA PRO A 807 12.19 -12.88 -55.70
C PRO A 807 13.14 -13.87 -56.37
N ASP A 808 13.94 -14.53 -55.53
CA ASP A 808 14.89 -15.54 -56.01
C ASP A 808 14.28 -16.92 -55.81
N PRO A 809 14.03 -17.68 -56.88
CA PRO A 809 13.42 -19.01 -56.69
C PRO A 809 14.25 -19.95 -55.83
N SER A 810 15.57 -19.88 -55.93
CA SER A 810 16.42 -20.80 -55.17
C SER A 810 16.50 -20.39 -53.70
N LYS A 811 16.53 -19.09 -53.42
CA LYS A 811 16.72 -18.58 -52.08
C LYS A 811 15.54 -18.98 -51.19
N PRO A 812 15.76 -19.08 -49.88
CA PRO A 812 14.67 -19.50 -48.98
C PRO A 812 13.52 -18.51 -49.01
N SER A 813 12.31 -19.06 -48.86
CA SER A 813 11.06 -18.29 -48.84
C SER A 813 10.83 -17.53 -50.14
N LYS A 814 11.57 -17.86 -51.19
CA LYS A 814 11.52 -17.16 -52.47
C LYS A 814 11.70 -15.65 -52.26
N ARG A 815 12.69 -15.31 -51.45
CA ARG A 815 13.00 -13.93 -51.13
C ARG A 815 13.97 -13.35 -52.15
N SER A 816 13.99 -12.04 -52.27
CA SER A 816 14.94 -11.38 -53.14
C SER A 816 16.31 -11.36 -52.50
N PRO A 817 17.36 -11.14 -53.30
CA PRO A 817 18.72 -11.07 -52.72
C PRO A 817 18.89 -10.00 -51.66
N ILE A 818 18.06 -8.94 -51.66
CA ILE A 818 18.20 -7.91 -50.64
C ILE A 818 17.40 -8.27 -49.40
N GLU A 819 16.22 -8.87 -49.57
CA GLU A 819 15.44 -9.29 -48.40
C GLU A 819 16.16 -10.36 -47.59
N ASP A 820 17.07 -11.11 -48.22
CA ASP A 820 17.85 -12.09 -47.49
C ASP A 820 18.78 -11.40 -46.48
N LEU A 821 19.42 -10.32 -46.88
CA LEU A 821 20.29 -9.59 -45.97
C LEU A 821 19.50 -8.95 -44.84
N LEU A 822 18.32 -8.40 -45.14
CA LEU A 822 17.53 -7.72 -44.12
C LEU A 822 17.02 -8.67 -43.06
N PHE A 823 16.93 -9.96 -43.35
CA PHE A 823 16.52 -10.93 -42.35
C PHE A 823 17.70 -11.49 -41.56
N ASN A 824 18.87 -11.57 -42.19
CA ASN A 824 20.06 -12.01 -41.47
C ASN A 824 20.61 -10.91 -40.56
N LYS A 825 20.55 -9.66 -41.01
CA LYS A 825 21.13 -8.57 -40.24
C LYS A 825 20.32 -8.23 -38.99
N VAL A 826 19.05 -8.66 -38.92
CA VAL A 826 18.21 -8.39 -37.75
C VAL A 826 18.17 -9.67 -36.94
N THR A 827 18.96 -9.69 -35.87
CA THR A 827 19.00 -10.83 -34.96
C THR A 827 18.24 -10.48 -33.68
N LEU A 828 17.33 -11.35 -33.28
CA LEU A 828 16.51 -11.11 -32.09
C LEU A 828 17.13 -11.75 -30.86
N LYS A 854 8.62 -20.37 -21.66
CA LYS A 854 7.16 -20.45 -21.43
C LYS A 854 6.85 -19.61 -20.19
N PHE A 855 7.59 -19.78 -19.11
CA PHE A 855 7.49 -18.86 -17.95
C PHE A 855 6.17 -18.81 -17.20
N ASN A 856 6.00 -17.72 -16.45
CA ASN A 856 4.81 -17.56 -15.57
C ASN A 856 3.73 -16.77 -16.27
N GLY A 857 2.89 -17.40 -17.07
CA GLY A 857 1.75 -16.71 -17.70
C GLY A 857 2.12 -16.01 -18.96
N LEU A 858 3.35 -16.10 -19.42
CA LEU A 858 3.71 -15.30 -20.60
C LEU A 858 3.61 -16.15 -21.85
N THR A 859 2.96 -15.64 -22.88
CA THR A 859 2.84 -16.34 -24.18
C THR A 859 3.17 -15.36 -25.29
N VAL A 860 3.53 -15.83 -26.46
CA VAL A 860 3.80 -14.93 -27.61
C VAL A 860 2.97 -15.47 -28.75
N LEU A 861 1.81 -14.90 -29.00
CA LEU A 861 0.93 -15.33 -30.08
C LEU A 861 1.66 -15.19 -31.42
N PRO A 862 1.29 -16.00 -32.40
CA PRO A 862 1.94 -15.92 -33.71
C PRO A 862 1.26 -14.88 -34.58
N PRO A 863 2.03 -14.17 -35.42
CA PRO A 863 1.43 -13.20 -36.33
C PRO A 863 0.49 -13.87 -37.31
N LEU A 864 -0.57 -13.14 -37.68
CA LEU A 864 -1.58 -13.71 -38.56
C LEU A 864 -1.04 -13.90 -39.98
N LEU A 865 -0.14 -13.02 -40.41
CA LEU A 865 0.49 -13.11 -41.72
C LEU A 865 1.92 -13.60 -41.55
N THR A 866 2.22 -14.77 -42.08
CA THR A 866 3.56 -15.31 -42.01
C THR A 866 4.52 -14.51 -42.87
N ASP A 867 5.81 -14.69 -42.63
CA ASP A 867 6.82 -14.05 -43.46
C ASP A 867 6.84 -14.58 -44.89
N GLU A 868 6.22 -15.73 -45.14
CA GLU A 868 6.08 -16.25 -46.48
C GLU A 868 4.96 -15.57 -47.26
N MET A 869 4.08 -14.85 -46.55
CA MET A 869 2.99 -14.10 -47.16
C MET A 869 3.27 -12.62 -47.24
N ILE A 870 3.90 -12.05 -46.21
CA ILE A 870 4.32 -10.66 -46.26
C ILE A 870 5.29 -10.44 -47.41
N ALA A 871 6.16 -11.40 -47.66
CA ALA A 871 7.10 -11.34 -48.77
C ALA A 871 6.48 -11.75 -50.08
N GLN A 872 5.19 -12.12 -50.08
CA GLN A 872 4.46 -12.39 -51.30
C GLN A 872 3.56 -11.23 -51.71
N TYR A 873 3.19 -10.35 -50.79
CA TYR A 873 2.66 -9.04 -51.15
C TYR A 873 3.73 -8.19 -51.84
N THR A 874 4.91 -8.08 -51.25
CA THR A 874 5.94 -7.22 -51.80
C THR A 874 6.56 -7.77 -53.08
N SER A 875 6.09 -8.90 -53.58
CA SER A 875 6.42 -9.33 -54.93
C SER A 875 5.26 -9.13 -55.89
N ALA A 876 4.10 -8.71 -55.38
CA ALA A 876 2.98 -8.25 -56.20
C ALA A 876 2.88 -6.73 -56.24
N LEU A 877 3.21 -6.08 -55.13
CA LEU A 877 3.34 -4.62 -55.13
C LEU A 877 4.54 -4.16 -55.94
N LEU A 878 5.44 -5.07 -56.27
CA LEU A 878 6.70 -4.72 -56.94
C LEU A 878 6.77 -5.24 -58.36
N ALA A 879 6.07 -6.34 -58.68
CA ALA A 879 5.94 -6.80 -60.04
C ALA A 879 4.75 -6.17 -60.75
N GLY A 880 3.95 -5.38 -60.03
CA GLY A 880 2.85 -4.65 -60.63
C GLY A 880 3.20 -3.19 -60.86
N THR A 881 4.26 -2.71 -60.22
CA THR A 881 4.78 -1.38 -60.49
C THR A 881 5.89 -1.40 -61.53
N ILE A 882 6.30 -2.57 -61.97
CA ILE A 882 7.28 -2.69 -63.05
C ILE A 882 6.60 -2.87 -64.39
N THR A 883 5.52 -3.66 -64.43
CA THR A 883 4.80 -3.94 -65.65
C THR A 883 3.63 -2.99 -65.92
N SER A 884 3.12 -2.31 -64.90
CA SER A 884 2.01 -1.39 -65.06
C SER A 884 2.38 0.06 -64.77
N GLY A 885 2.97 0.34 -63.61
CA GLY A 885 3.29 1.70 -63.24
C GLY A 885 2.50 2.15 -62.04
N TRP A 886 1.90 3.32 -62.11
CA TRP A 886 0.94 3.75 -61.10
C TRP A 886 -0.49 3.40 -61.47
N THR A 887 -0.69 2.73 -62.60
CA THR A 887 -2.02 2.45 -63.11
C THR A 887 -2.73 1.33 -62.37
N PHE A 888 -2.01 0.54 -61.59
CA PHE A 888 -2.61 -0.59 -60.89
C PHE A 888 -3.08 -0.23 -59.49
N GLY A 889 -2.79 0.98 -59.02
CA GLY A 889 -3.28 1.42 -57.73
C GLY A 889 -4.55 2.24 -57.85
N ALA A 890 -4.87 2.68 -59.07
CA ALA A 890 -6.08 3.42 -59.35
C ALA A 890 -7.21 2.51 -59.81
N GLY A 891 -7.01 1.80 -60.92
CA GLY A 891 -7.98 0.87 -61.43
C GLY A 891 -7.35 -0.46 -61.80
N PRO A 892 -7.63 -0.92 -63.02
CA PRO A 892 -7.00 -2.16 -63.49
C PRO A 892 -5.59 -1.91 -63.99
N ALA A 893 -4.75 -2.93 -63.86
CA ALA A 893 -3.38 -2.83 -64.34
C ALA A 893 -3.37 -2.65 -65.85
N LEU A 894 -2.58 -1.70 -66.33
CA LEU A 894 -2.46 -1.39 -67.75
C LEU A 894 -0.99 -1.43 -68.12
N GLN A 895 -0.60 -2.44 -68.89
CA GLN A 895 0.81 -2.68 -69.17
C GLN A 895 1.41 -1.54 -69.97
N ILE A 896 2.73 -1.41 -69.85
CA ILE A 896 3.49 -0.34 -70.51
C ILE A 896 4.98 -0.67 -70.37
N PRO A 897 5.79 -0.48 -71.41
CA PRO A 897 7.21 -0.79 -71.29
C PRO A 897 7.88 0.05 -70.23
N PHE A 898 8.85 -0.55 -69.53
CA PHE A 898 9.56 0.20 -68.49
C PHE A 898 10.34 1.38 -69.04
N PRO A 899 11.11 1.28 -70.15
CA PRO A 899 11.78 2.48 -70.66
C PRO A 899 10.80 3.52 -71.17
N MET A 900 9.51 3.21 -71.14
CA MET A 900 8.46 4.13 -71.55
C MET A 900 7.64 4.67 -70.39
N GLN A 901 7.51 3.94 -69.30
CA GLN A 901 6.87 4.48 -68.11
C GLN A 901 7.89 4.99 -67.10
N MET A 902 9.16 5.02 -67.47
CA MET A 902 10.17 5.80 -66.76
C MET A 902 10.35 7.17 -67.39
N ALA A 903 9.91 7.35 -68.63
CA ALA A 903 9.85 8.66 -69.25
C ALA A 903 8.58 9.42 -68.91
N TYR A 904 7.60 8.76 -68.28
CA TYR A 904 6.51 9.46 -67.64
C TYR A 904 6.96 10.13 -66.35
N ARG A 905 7.90 9.50 -65.67
CA ARG A 905 8.38 9.97 -64.38
C ARG A 905 9.45 11.03 -64.50
N PHE A 906 10.20 11.02 -65.60
CA PHE A 906 11.00 12.18 -65.97
C PHE A 906 10.12 13.36 -66.32
N ASN A 907 9.05 13.13 -67.08
CA ASN A 907 8.10 14.14 -67.48
C ASN A 907 7.29 14.69 -66.32
N GLY A 908 7.33 14.05 -65.16
CA GLY A 908 6.55 14.51 -64.03
C GLY A 908 7.34 15.35 -63.05
N ILE A 909 8.65 15.45 -63.29
CA ILE A 909 9.52 16.30 -62.48
C ILE A 909 10.02 17.51 -63.25
N GLY A 910 9.48 17.75 -64.45
CA GLY A 910 9.85 18.89 -65.24
C GLY A 910 10.95 18.65 -66.26
N VAL A 911 11.27 17.40 -66.55
CA VAL A 911 12.31 17.04 -67.52
C VAL A 911 11.64 16.33 -68.69
N THR A 912 11.84 16.85 -69.89
CA THR A 912 11.15 16.31 -71.06
C THR A 912 11.54 14.86 -71.31
N GLN A 913 10.81 14.22 -72.23
CA GLN A 913 11.05 12.83 -72.56
C GLN A 913 12.34 12.64 -73.35
N ASN A 914 12.87 13.71 -73.94
CA ASN A 914 14.12 13.62 -74.69
C ASN A 914 15.24 13.05 -73.82
N VAL A 915 15.34 13.54 -72.57
CA VAL A 915 16.48 13.24 -71.72
C VAL A 915 16.63 11.76 -71.45
N LEU A 916 15.55 10.99 -71.46
CA LEU A 916 15.65 9.58 -71.15
C LEU A 916 15.98 8.74 -72.38
N TYR A 917 15.17 8.85 -73.44
CA TYR A 917 15.39 8.04 -74.63
C TYR A 917 16.76 8.29 -75.24
N GLU A 918 17.28 9.50 -75.11
CA GLU A 918 18.61 9.81 -75.63
C GLU A 918 19.72 9.48 -74.64
N ASN A 919 19.39 9.19 -73.38
CA ASN A 919 20.35 8.74 -72.39
C ASN A 919 19.85 7.48 -71.69
N GLN A 920 19.27 6.55 -72.45
CA GLN A 920 18.66 5.38 -71.83
C GLN A 920 19.70 4.41 -71.29
N LYS A 921 20.80 4.23 -72.02
CA LYS A 921 21.84 3.30 -71.57
C LYS A 921 22.63 3.87 -70.41
N LEU A 922 22.77 5.20 -70.36
CA LEU A 922 23.46 5.82 -69.23
C LEU A 922 22.61 5.78 -67.97
N ILE A 923 21.30 6.02 -68.10
CA ILE A 923 20.41 5.96 -66.96
C ILE A 923 20.27 4.53 -66.46
N ALA A 924 20.23 3.57 -67.38
CA ALA A 924 20.12 2.16 -66.99
C ALA A 924 21.33 1.72 -66.19
N ASN A 925 22.53 2.12 -66.61
CA ASN A 925 23.74 1.77 -65.88
C ASN A 925 23.77 2.46 -64.52
N GLN A 926 23.32 3.71 -64.45
CA GLN A 926 23.30 4.41 -63.17
C GLN A 926 22.32 3.78 -62.20
N PHE A 927 21.19 3.26 -62.71
CA PHE A 927 20.22 2.61 -61.84
C PHE A 927 20.74 1.25 -61.36
N ASN A 928 21.29 0.45 -62.27
CA ASN A 928 21.78 -0.87 -61.90
C ASN A 928 22.91 -0.78 -60.88
N SER A 929 23.83 0.17 -61.08
CA SER A 929 24.98 0.27 -60.20
C SER A 929 24.63 0.95 -58.88
N ALA A 930 23.46 1.59 -58.82
CA ALA A 930 23.02 2.19 -57.55
C ALA A 930 22.26 1.17 -56.70
N ILE A 931 21.54 0.24 -57.35
CA ILE A 931 20.91 -0.85 -56.63
C ILE A 931 21.97 -1.79 -56.06
N GLY A 932 23.07 -1.97 -56.78
CA GLY A 932 24.12 -2.85 -56.30
C GLY A 932 24.74 -2.38 -55.01
N LYS A 933 24.95 -1.07 -54.86
CA LYS A 933 25.54 -0.54 -53.65
C LYS A 933 24.60 -0.60 -52.46
N ILE A 934 23.32 -0.93 -52.66
CA ILE A 934 22.37 -0.98 -51.56
C ILE A 934 22.73 -2.11 -50.61
N GLN A 935 23.14 -3.26 -51.15
CA GLN A 935 23.57 -4.36 -50.28
C GLN A 935 24.80 -3.98 -49.48
N ASP A 936 25.78 -3.34 -50.12
CA ASP A 936 27.03 -3.02 -49.44
C ASP A 936 26.80 -2.05 -48.28
N SER A 937 25.92 -1.07 -48.46
CA SER A 937 25.58 -0.19 -47.35
C SER A 937 24.89 -0.95 -46.23
N LEU A 938 23.99 -1.88 -46.58
CA LEU A 938 23.32 -2.66 -45.56
C LEU A 938 24.21 -3.76 -44.99
N SER A 939 25.00 -4.41 -45.86
CA SER A 939 25.88 -5.48 -45.38
C SER A 939 26.93 -4.94 -44.42
N SER A 940 27.64 -3.90 -44.82
CA SER A 940 28.56 -3.22 -43.92
C SER A 940 27.75 -2.25 -43.05
N THR A 941 28.45 -1.45 -42.23
CA THR A 941 27.83 -0.52 -41.31
C THR A 941 26.79 -1.27 -40.47
N PRO A 942 27.22 -2.05 -39.47
CA PRO A 942 26.27 -2.91 -38.75
C PRO A 942 25.39 -2.14 -37.78
N SER A 943 24.86 -1.00 -38.24
CA SER A 943 23.82 -0.26 -37.53
C SER A 943 22.81 0.34 -38.50
N ALA A 944 22.82 -0.10 -39.75
CA ALA A 944 21.96 0.50 -40.77
C ALA A 944 20.49 0.27 -40.46
N LEU A 945 20.13 -0.96 -40.10
CA LEU A 945 18.75 -1.25 -39.76
C LEU A 945 18.35 -0.43 -38.54
N GLY A 946 18.94 -0.73 -37.39
CA GLY A 946 18.93 0.18 -36.26
C GLY A 946 17.56 0.40 -35.64
N LYS A 947 16.62 0.90 -36.45
CA LYS A 947 15.28 1.20 -35.96
C LYS A 947 14.49 -0.07 -35.68
N LEU A 948 14.70 -1.12 -36.47
CA LEU A 948 13.99 -2.38 -36.24
C LEU A 948 14.58 -3.13 -35.06
N GLN A 949 15.88 -2.99 -34.81
CA GLN A 949 16.49 -3.68 -33.68
C GLN A 949 16.13 -3.03 -32.36
N ASP A 950 15.97 -1.71 -32.34
CA ASP A 950 15.58 -1.03 -31.10
C ASP A 950 14.17 -1.40 -30.67
N VAL A 951 13.31 -1.80 -31.59
CA VAL A 951 11.98 -2.26 -31.21
C VAL A 951 12.07 -3.62 -30.51
N VAL A 952 12.91 -4.51 -31.02
CA VAL A 952 13.03 -5.84 -30.42
C VAL A 952 13.71 -5.76 -29.06
N ASN A 953 14.75 -4.93 -28.94
CA ASN A 953 15.47 -4.82 -27.68
C ASN A 953 14.59 -4.22 -26.58
N GLN A 954 13.84 -3.17 -26.92
CA GLN A 954 12.97 -2.52 -25.94
C GLN A 954 11.86 -3.42 -25.45
N ASN A 955 11.34 -4.31 -26.31
CA ASN A 955 10.31 -5.23 -25.88
C ASN A 955 10.88 -6.34 -25.02
N ALA A 956 12.11 -6.76 -25.31
CA ALA A 956 12.74 -7.81 -24.52
C ALA A 956 13.17 -7.30 -23.15
N GLN A 957 13.68 -6.08 -23.09
CA GLN A 957 14.03 -5.49 -21.80
C GLN A 957 12.79 -5.26 -20.95
N ALA A 958 11.65 -5.00 -21.59
CA ALA A 958 10.42 -4.79 -20.84
C ALA A 958 9.89 -6.10 -20.28
N LEU A 959 10.04 -7.20 -21.03
CA LEU A 959 9.60 -8.50 -20.52
C LEU A 959 10.57 -9.03 -19.47
N ASN A 960 11.88 -8.84 -19.68
CA ASN A 960 12.85 -9.30 -18.70
C ASN A 960 12.67 -8.59 -17.36
N THR A 961 12.43 -7.28 -17.39
CA THR A 961 12.21 -6.55 -16.15
C THR A 961 10.94 -6.98 -15.45
N LEU A 962 9.94 -7.45 -16.21
CA LEU A 962 8.74 -7.98 -15.61
C LEU A 962 9.01 -9.30 -14.89
N VAL A 963 9.73 -10.21 -15.54
CA VAL A 963 10.02 -11.50 -14.95
C VAL A 963 11.03 -11.37 -13.81
N LYS A 964 12.03 -10.51 -13.99
CA LYS A 964 13.07 -10.32 -12.98
C LYS A 964 12.55 -9.72 -11.69
N GLN A 965 11.33 -9.19 -11.67
CA GLN A 965 10.77 -8.57 -10.48
C GLN A 965 9.78 -9.49 -9.77
N LEU A 966 9.74 -10.76 -10.12
CA LEU A 966 9.03 -11.75 -9.34
C LEU A 966 9.85 -12.26 -8.17
N SER A 967 11.08 -11.77 -8.02
CA SER A 967 11.98 -12.16 -6.94
C SER A 967 12.28 -10.98 -6.02
N SER A 968 11.25 -10.21 -5.69
CA SER A 968 11.40 -9.05 -4.82
C SER A 968 10.40 -9.15 -3.67
N ASN A 969 10.88 -8.80 -2.47
CA ASN A 969 10.05 -8.93 -1.27
C ASN A 969 8.85 -7.99 -1.30
N PHE A 970 9.05 -6.76 -1.77
CA PHE A 970 8.05 -5.70 -1.71
C PHE A 970 7.60 -5.42 -0.29
N GLY A 971 8.46 -5.68 0.69
CA GLY A 971 8.14 -5.51 2.09
C GLY A 971 7.80 -6.79 2.81
N ALA A 972 7.45 -7.85 2.09
CA ALA A 972 7.17 -9.14 2.71
C ALA A 972 8.47 -9.78 3.20
N ILE A 973 8.33 -10.94 3.84
CA ILE A 973 9.49 -11.62 4.38
C ILE A 973 10.22 -12.41 3.30
N SER A 974 9.53 -12.72 2.20
CA SER A 974 10.13 -13.52 1.14
C SER A 974 9.42 -13.22 -0.18
N SER A 975 10.02 -13.72 -1.26
CA SER A 975 9.46 -13.55 -2.59
C SER A 975 8.92 -14.85 -3.17
N VAL A 976 8.73 -15.87 -2.33
CA VAL A 976 8.21 -17.16 -2.76
C VAL A 976 6.95 -17.43 -1.95
N LEU A 977 5.84 -17.71 -2.64
CA LEU A 977 4.58 -17.94 -1.95
C LEU A 977 4.60 -19.25 -1.18
N ASN A 978 5.43 -20.20 -1.61
CA ASN A 978 5.51 -21.49 -0.92
C ASN A 978 6.18 -21.34 0.44
N ASP A 979 7.19 -20.47 0.54
CA ASP A 979 7.90 -20.30 1.80
C ASP A 979 7.05 -19.57 2.83
N ILE A 980 6.24 -18.60 2.39
CA ILE A 980 5.39 -17.86 3.32
C ILE A 980 4.27 -18.75 3.85
N LEU A 981 3.65 -19.55 2.97
CA LEU A 981 2.55 -20.41 3.41
C LEU A 981 3.04 -21.51 4.34
N SER A 982 4.30 -21.92 4.19
CA SER A 982 4.81 -23.04 4.97
C SER A 982 5.00 -22.66 6.44
N ARG A 983 5.62 -21.51 6.70
CA ARG A 983 6.06 -21.15 8.04
C ARG A 983 5.23 -20.03 8.66
N LEU A 984 4.05 -19.73 8.14
CA LEU A 984 3.18 -18.71 8.71
C LEU A 984 1.79 -19.27 8.92
N ASP A 985 1.12 -18.77 9.94
CA ASP A 985 -0.26 -19.17 10.22
C ASP A 985 -1.20 -18.48 9.24
N PRO A 986 -2.37 -19.04 8.97
CA PRO A 986 -3.32 -18.41 8.03
C PRO A 986 -3.68 -16.98 8.41
N PRO A 987 -3.88 -16.64 9.70
CA PRO A 987 -4.24 -15.24 10.00
C PRO A 987 -3.18 -14.24 9.57
N GLU A 988 -1.89 -14.55 9.75
CA GLU A 988 -0.84 -13.59 9.40
C GLU A 988 -0.07 -13.98 8.16
N ALA A 989 -0.49 -15.00 7.43
CA ALA A 989 0.05 -15.22 6.09
C ALA A 989 -0.55 -14.22 5.11
N GLU A 990 -1.84 -13.92 5.27
CA GLU A 990 -2.54 -13.01 4.37
C GLU A 990 -1.98 -11.60 4.42
N VAL A 991 -1.41 -11.18 5.56
CA VAL A 991 -0.81 -9.86 5.65
C VAL A 991 0.56 -9.80 5.01
N GLN A 992 1.13 -10.94 4.63
CA GLN A 992 2.36 -10.99 3.86
C GLN A 992 2.14 -11.31 2.38
N ILE A 993 1.05 -11.97 2.04
CA ILE A 993 0.72 -12.18 0.63
C ILE A 993 0.28 -10.88 -0.02
N ASP A 994 -0.46 -10.05 0.72
CA ASP A 994 -0.98 -8.80 0.16
C ASP A 994 0.16 -7.88 -0.27
N ARG A 995 1.29 -7.92 0.44
CA ARG A 995 2.43 -7.13 0.02
C ARG A 995 2.99 -7.63 -1.30
N LEU A 996 2.80 -8.92 -1.59
CA LEU A 996 3.19 -9.44 -2.89
C LEU A 996 2.09 -9.24 -3.93
N ILE A 997 0.83 -9.38 -3.50
CA ILE A 997 -0.29 -9.08 -4.40
C ILE A 997 -0.21 -7.65 -4.89
N THR A 998 -0.02 -6.70 -3.97
CA THR A 998 0.08 -5.29 -4.36
C THR A 998 1.32 -5.04 -5.19
N GLY A 999 2.47 -5.62 -4.79
CA GLY A 999 3.70 -5.36 -5.52
C GLY A 999 3.70 -5.93 -6.92
N ARG A 1000 3.25 -7.18 -7.07
CA ARG A 1000 3.27 -7.80 -8.38
C ARG A 1000 2.18 -7.23 -9.28
N LEU A 1001 1.11 -6.72 -8.68
CA LEU A 1001 0.07 -6.05 -9.47
C LEU A 1001 0.58 -4.73 -10.02
N GLN A 1002 1.31 -3.97 -9.19
CA GLN A 1002 1.87 -2.70 -9.65
C GLN A 1002 2.97 -2.93 -10.68
N SER A 1003 3.64 -4.08 -10.63
CA SER A 1003 4.66 -4.38 -11.61
C SER A 1003 4.05 -4.77 -12.95
N LEU A 1004 2.78 -5.18 -12.94
CA LEU A 1004 2.11 -5.54 -14.19
C LEU A 1004 1.38 -4.34 -14.79
N GLN A 1005 1.02 -3.37 -13.95
CA GLN A 1005 0.34 -2.18 -14.47
C GLN A 1005 1.31 -1.24 -15.16
N THR A 1006 2.52 -1.11 -14.61
CA THR A 1006 3.52 -0.24 -15.24
C THR A 1006 4.09 -0.88 -16.50
N TYR A 1007 3.95 -2.20 -16.63
CA TYR A 1007 4.34 -2.86 -17.88
C TYR A 1007 3.27 -2.67 -18.94
N VAL A 1008 2.00 -2.88 -18.58
CA VAL A 1008 0.91 -2.72 -19.54
C VAL A 1008 0.79 -1.26 -19.96
N THR A 1009 0.99 -0.33 -19.02
CA THR A 1009 0.86 1.08 -19.35
C THR A 1009 1.93 1.52 -20.34
N GLN A 1010 3.18 1.09 -20.15
CA GLN A 1010 4.23 1.48 -21.08
C GLN A 1010 4.09 0.78 -22.42
N GLN A 1011 3.44 -0.38 -22.45
CA GLN A 1011 3.19 -1.05 -23.73
C GLN A 1011 2.06 -0.36 -24.49
N LEU A 1012 1.11 0.24 -23.76
CA LEU A 1012 0.08 1.01 -24.42
C LEU A 1012 0.65 2.27 -25.06
N ILE A 1013 1.62 2.90 -24.38
CA ILE A 1013 2.31 4.05 -24.95
C ILE A 1013 3.23 3.61 -26.09
N ARG A 1014 3.92 2.49 -25.90
CA ARG A 1014 4.85 2.01 -26.92
C ARG A 1014 4.14 1.50 -28.16
N ALA A 1015 2.92 0.99 -28.00
CA ALA A 1015 2.16 0.51 -29.15
C ALA A 1015 1.55 1.63 -29.97
N ALA A 1016 1.52 2.84 -29.42
CA ALA A 1016 1.06 4.01 -30.17
C ALA A 1016 2.17 4.69 -30.93
N GLU A 1017 3.43 4.36 -30.63
CA GLU A 1017 4.55 4.80 -31.47
C GLU A 1017 4.62 3.97 -32.75
N ILE A 1018 4.40 2.66 -32.63
CA ILE A 1018 4.40 1.80 -33.81
C ILE A 1018 3.21 2.08 -34.70
N ARG A 1019 2.05 2.38 -34.09
CA ARG A 1019 0.87 2.67 -34.88
C ARG A 1019 0.99 3.99 -35.64
N ALA A 1020 1.96 4.83 -35.31
CA ALA A 1020 2.23 6.03 -36.07
C ALA A 1020 3.26 5.80 -37.16
N SER A 1021 4.19 4.87 -36.96
CA SER A 1021 5.08 4.42 -38.02
C SER A 1021 4.41 3.45 -38.99
N ALA A 1022 3.41 2.70 -38.52
CA ALA A 1022 2.65 1.84 -39.41
C ALA A 1022 1.58 2.60 -40.16
N ASN A 1023 1.30 3.84 -39.78
CA ASN A 1023 0.45 4.72 -40.56
C ASN A 1023 1.24 5.57 -41.53
N LEU A 1024 2.50 5.86 -41.19
CA LEU A 1024 3.40 6.53 -42.12
C LEU A 1024 3.92 5.58 -43.18
N ALA A 1025 4.12 4.31 -42.83
CA ALA A 1025 4.57 3.33 -43.82
C ALA A 1025 3.47 2.99 -44.81
N ALA A 1026 2.21 3.01 -44.37
CA ALA A 1026 1.11 2.76 -45.29
C ALA A 1026 0.88 3.97 -46.19
N THR A 1027 1.20 5.17 -45.71
CA THR A 1027 1.12 6.36 -46.54
C THR A 1027 2.25 6.40 -47.55
N LYS A 1028 3.45 5.99 -47.15
CA LYS A 1028 4.57 5.97 -48.08
C LYS A 1028 4.40 4.90 -49.14
N MET A 1029 3.67 3.83 -48.83
CA MET A 1029 3.40 2.79 -49.82
C MET A 1029 2.37 3.27 -50.83
N SER A 1030 1.32 3.93 -50.37
CA SER A 1030 0.25 4.35 -51.26
C SER A 1030 0.70 5.49 -52.17
N GLU A 1031 1.50 6.41 -51.65
CA GLU A 1031 1.83 7.63 -52.36
C GLU A 1031 3.13 7.56 -53.14
N CYS A 1032 4.06 6.70 -52.73
CA CYS A 1032 5.36 6.59 -53.40
C CYS A 1032 5.56 5.30 -54.16
N VAL A 1033 5.02 4.18 -53.67
CA VAL A 1033 5.12 2.93 -54.42
C VAL A 1033 4.01 2.84 -55.45
N LEU A 1034 2.78 3.20 -55.08
CA LEU A 1034 1.65 3.17 -56.01
C LEU A 1034 1.46 4.49 -56.73
N GLY A 1035 2.50 5.31 -56.84
CA GLY A 1035 2.40 6.57 -57.54
C GLY A 1035 3.73 7.28 -57.54
N GLN A 1036 3.72 8.51 -58.05
CA GLN A 1036 4.89 9.38 -58.03
C GLN A 1036 4.57 10.61 -57.20
N SER A 1037 5.40 10.87 -56.20
CA SER A 1037 5.11 11.90 -55.20
C SER A 1037 5.72 13.23 -55.62
N LYS A 1038 4.98 14.31 -55.35
CA LYS A 1038 5.48 15.66 -55.53
C LYS A 1038 5.87 16.32 -54.21
N ARG A 1039 5.56 15.70 -53.08
CA ARG A 1039 5.91 16.25 -51.79
C ARG A 1039 7.42 16.23 -51.60
N VAL A 1040 7.97 17.29 -51.01
CA VAL A 1040 9.42 17.44 -50.95
C VAL A 1040 9.96 16.68 -49.75
N ASP A 1041 11.03 15.92 -49.99
CA ASP A 1041 11.73 15.12 -48.98
C ASP A 1041 10.83 14.07 -48.34
N PHE A 1042 9.63 13.86 -48.85
CA PHE A 1042 8.77 12.79 -48.34
C PHE A 1042 9.38 11.43 -48.66
N CYS A 1043 9.85 11.26 -49.89
CA CYS A 1043 10.41 9.99 -50.35
C CYS A 1043 11.77 10.27 -51.00
N GLY A 1044 12.82 10.26 -50.18
CA GLY A 1044 14.17 10.46 -50.67
C GLY A 1044 14.56 11.93 -50.70
N LYS A 1045 15.84 12.16 -50.97
CA LYS A 1045 16.42 13.49 -51.09
C LYS A 1045 16.69 13.73 -52.57
N GLY A 1046 15.78 14.44 -53.22
CA GLY A 1046 15.85 14.66 -54.65
C GLY A 1046 14.46 14.79 -55.23
N TYR A 1047 14.37 14.60 -56.54
CA TYR A 1047 13.09 14.58 -57.24
C TYR A 1047 12.66 13.13 -57.38
N HIS A 1048 11.51 12.79 -56.80
CA HIS A 1048 11.04 11.41 -56.79
C HIS A 1048 10.82 10.89 -58.20
N LEU A 1049 11.30 9.67 -58.44
CA LEU A 1049 10.96 8.93 -59.65
C LEU A 1049 10.10 7.72 -59.35
N MET A 1050 10.57 6.82 -58.48
CA MET A 1050 9.83 5.61 -58.17
C MET A 1050 10.45 4.99 -56.92
N SER A 1051 9.73 4.04 -56.34
CA SER A 1051 10.15 3.43 -55.08
C SER A 1051 9.78 1.96 -55.09
N PHE A 1052 10.54 1.18 -54.33
CA PHE A 1052 10.37 -0.27 -54.28
C PHE A 1052 10.28 -0.72 -52.83
N PRO A 1053 9.30 -1.54 -52.49
CA PRO A 1053 9.22 -2.06 -51.11
C PRO A 1053 9.93 -3.38 -50.93
N GLN A 1054 10.68 -3.48 -49.85
CA GLN A 1054 11.27 -4.74 -49.41
C GLN A 1054 10.86 -5.01 -47.97
N SER A 1055 10.53 -6.25 -47.68
CA SER A 1055 10.02 -6.61 -46.37
C SER A 1055 11.14 -7.00 -45.43
N ALA A 1056 11.13 -6.41 -44.24
CA ALA A 1056 12.06 -6.73 -43.17
C ALA A 1056 11.26 -7.53 -42.14
N PRO A 1057 11.89 -8.12 -41.12
CA PRO A 1057 11.13 -8.95 -40.17
C PRO A 1057 9.94 -8.24 -39.54
N HIS A 1058 10.15 -7.10 -38.89
CA HIS A 1058 9.06 -6.38 -38.24
C HIS A 1058 8.96 -4.96 -38.79
N GLY A 1059 9.04 -4.83 -40.10
CA GLY A 1059 8.99 -3.51 -40.71
C GLY A 1059 9.06 -3.61 -42.21
N VAL A 1060 9.29 -2.47 -42.85
CA VAL A 1060 9.37 -2.38 -44.30
C VAL A 1060 10.52 -1.46 -44.67
N VAL A 1061 11.15 -1.74 -45.81
CA VAL A 1061 12.29 -0.98 -46.31
C VAL A 1061 11.93 -0.45 -47.69
N PHE A 1062 12.09 0.86 -47.87
CA PHE A 1062 11.78 1.52 -49.13
C PHE A 1062 13.08 1.92 -49.81
N LEU A 1063 13.20 1.61 -51.10
CA LEU A 1063 14.36 2.03 -51.90
C LEU A 1063 13.87 3.13 -52.84
N HIS A 1064 14.18 4.37 -52.49
CA HIS A 1064 13.64 5.53 -53.18
C HIS A 1064 14.59 5.94 -54.30
N VAL A 1065 14.16 5.70 -55.54
CA VAL A 1065 14.90 6.16 -56.72
C VAL A 1065 14.53 7.61 -56.97
N THR A 1066 15.55 8.47 -57.01
CA THR A 1066 15.35 9.90 -57.17
C THR A 1066 16.21 10.41 -58.32
N TYR A 1067 16.06 11.70 -58.63
CA TYR A 1067 16.76 12.35 -59.72
C TYR A 1067 17.50 13.55 -59.13
N VAL A 1068 18.82 13.48 -59.08
CA VAL A 1068 19.65 14.53 -58.50
C VAL A 1068 20.40 15.23 -59.63
N PRO A 1069 20.19 16.53 -59.82
CA PRO A 1069 20.96 17.25 -60.84
C PRO A 1069 22.42 17.37 -60.45
N ALA A 1070 23.27 17.51 -61.45
CA ALA A 1070 24.71 17.60 -61.22
C ALA A 1070 25.36 18.30 -62.40
N GLN A 1071 26.60 18.75 -62.18
CA GLN A 1071 27.42 19.42 -63.19
C GLN A 1071 26.73 20.68 -63.72
N GLU A 1072 26.53 21.63 -62.81
CA GLU A 1072 25.88 22.88 -63.13
C GLU A 1072 26.89 23.91 -63.61
N LYS A 1073 26.47 24.74 -64.55
CA LYS A 1073 27.23 25.89 -65.00
C LYS A 1073 26.30 27.08 -65.11
N ASN A 1074 26.84 28.28 -64.89
CA ASN A 1074 26.00 29.45 -64.70
C ASN A 1074 25.96 30.32 -65.95
N PHE A 1075 24.80 30.93 -66.19
CA PHE A 1075 24.51 31.72 -67.38
C PHE A 1075 24.00 33.10 -66.99
N THR A 1076 23.51 33.83 -67.99
CA THR A 1076 22.92 35.15 -67.80
C THR A 1076 21.50 35.13 -68.33
N THR A 1077 20.55 35.60 -67.51
CA THR A 1077 19.14 35.52 -67.83
C THR A 1077 18.56 36.90 -68.11
N ALA A 1078 17.30 36.90 -68.56
CA ALA A 1078 16.50 38.08 -68.79
C ALA A 1078 15.06 37.70 -68.55
N PRO A 1079 14.28 38.53 -67.85
CA PRO A 1079 12.86 38.21 -67.63
C PRO A 1079 12.08 38.02 -68.92
N ALA A 1080 12.34 38.85 -69.93
CA ALA A 1080 11.66 38.77 -71.21
C ALA A 1080 12.65 39.15 -72.29
N ILE A 1081 12.15 39.26 -73.52
CA ILE A 1081 12.96 39.66 -74.68
C ILE A 1081 12.10 40.55 -75.57
N CYS A 1082 12.56 41.78 -75.80
CA CYS A 1082 11.80 42.77 -76.56
C CYS A 1082 12.09 42.61 -78.05
N HIS A 1083 11.11 42.11 -78.80
CA HIS A 1083 11.21 42.01 -80.25
C HIS A 1083 10.00 42.70 -80.87
N ASP A 1084 10.26 43.54 -81.88
CA ASP A 1084 9.22 44.25 -82.61
C ASP A 1084 8.40 45.14 -81.67
N GLY A 1085 9.00 45.58 -80.57
CA GLY A 1085 8.30 46.40 -79.61
C GLY A 1085 7.31 45.66 -78.74
N LYS A 1086 7.49 44.35 -78.57
CA LYS A 1086 6.60 43.53 -77.76
C LYS A 1086 7.42 42.62 -76.86
N ALA A 1087 7.01 42.48 -75.61
CA ALA A 1087 7.71 41.63 -74.66
C ALA A 1087 7.36 40.18 -74.91
N HIS A 1088 8.38 39.31 -74.90
CA HIS A 1088 8.21 37.88 -75.13
C HIS A 1088 8.66 37.12 -73.90
N PHE A 1089 7.75 36.33 -73.33
CA PHE A 1089 8.04 35.46 -72.21
C PHE A 1089 8.00 34.00 -72.66
N PRO A 1090 8.79 33.13 -72.03
CA PRO A 1090 8.83 31.73 -72.49
C PRO A 1090 7.66 30.93 -71.96
N ARG A 1091 7.21 29.96 -72.75
CA ARG A 1091 6.15 29.06 -72.31
C ARG A 1091 6.64 28.16 -71.18
N GLU A 1092 7.62 27.32 -71.46
CA GLU A 1092 8.26 26.48 -70.45
C GLU A 1092 9.77 26.62 -70.63
N GLY A 1093 10.44 27.14 -69.61
CA GLY A 1093 11.87 27.29 -69.68
C GLY A 1093 12.30 28.70 -69.35
N VAL A 1094 13.58 28.95 -69.53
CA VAL A 1094 14.20 30.23 -69.19
C VAL A 1094 14.96 30.76 -70.40
N PHE A 1095 15.25 32.06 -70.35
CA PHE A 1095 16.13 32.69 -71.33
C PHE A 1095 17.54 32.68 -70.76
N VAL A 1096 18.50 32.19 -71.54
CA VAL A 1096 19.89 32.15 -71.11
C VAL A 1096 20.77 32.62 -72.26
N SER A 1097 21.96 33.10 -71.91
CA SER A 1097 22.93 33.57 -72.89
C SER A 1097 24.27 32.90 -72.63
N ASN A 1098 24.87 32.35 -73.69
CA ASN A 1098 26.20 31.77 -73.58
C ASN A 1098 27.27 32.81 -73.90
N GLY A 1099 27.14 33.96 -73.29
CA GLY A 1099 28.02 35.09 -73.58
C GLY A 1099 27.56 35.98 -74.73
N THR A 1100 27.19 35.38 -75.85
CA THR A 1100 26.85 36.12 -77.06
C THR A 1100 25.43 35.91 -77.53
N HIS A 1101 24.97 34.67 -77.62
CA HIS A 1101 23.66 34.35 -78.19
C HIS A 1101 22.68 33.94 -77.10
N TRP A 1102 21.40 34.11 -77.37
CA TRP A 1102 20.33 33.88 -76.42
C TRP A 1102 19.53 32.65 -76.82
N PHE A 1103 19.17 31.83 -75.83
CA PHE A 1103 18.46 30.57 -76.07
C PHE A 1103 17.33 30.41 -75.07
N VAL A 1104 16.44 29.47 -75.38
CA VAL A 1104 15.38 29.05 -74.46
C VAL A 1104 15.67 27.62 -74.07
N THR A 1105 16.00 27.40 -72.80
CA THR A 1105 16.30 26.07 -72.30
C THR A 1105 15.37 25.71 -71.16
N GLN A 1106 15.10 24.42 -71.00
CA GLN A 1106 14.29 23.96 -69.89
C GLN A 1106 15.03 24.15 -68.58
N ARG A 1107 14.28 24.27 -67.49
CA ARG A 1107 14.84 24.76 -66.24
C ARG A 1107 15.69 23.71 -65.53
N ASN A 1108 15.41 22.42 -65.72
CA ASN A 1108 16.06 21.37 -64.95
C ASN A 1108 17.11 20.60 -65.75
N PHE A 1109 17.43 21.05 -66.96
CA PHE A 1109 18.43 20.37 -67.78
C PHE A 1109 18.84 21.30 -68.91
N TYR A 1110 20.14 21.49 -69.10
CA TYR A 1110 20.61 22.46 -70.11
C TYR A 1110 20.43 21.85 -71.49
N GLU A 1111 19.34 22.23 -72.16
CA GLU A 1111 19.07 21.85 -73.54
C GLU A 1111 18.64 23.10 -74.29
N PRO A 1112 19.60 23.94 -74.70
CA PRO A 1112 19.24 25.22 -75.30
C PRO A 1112 18.62 25.06 -76.68
N GLN A 1113 17.68 25.94 -76.98
CA GLN A 1113 17.03 25.99 -78.29
C GLN A 1113 16.97 27.43 -78.74
N ILE A 1114 16.96 27.65 -80.06
CA ILE A 1114 16.80 29.00 -80.58
C ILE A 1114 15.41 29.49 -80.23
N ILE A 1115 15.24 30.81 -80.23
CA ILE A 1115 14.01 31.44 -79.76
C ILE A 1115 13.10 31.67 -80.95
N THR A 1116 11.93 31.03 -80.92
CA THR A 1116 10.90 31.19 -81.94
C THR A 1116 9.60 31.62 -81.27
N THR A 1117 8.53 31.66 -82.05
CA THR A 1117 7.20 31.97 -81.53
C THR A 1117 6.47 30.74 -81.04
N ASP A 1118 7.10 29.56 -81.09
CA ASP A 1118 6.51 28.33 -80.61
C ASP A 1118 6.83 28.04 -79.15
N ASN A 1119 7.89 28.63 -78.61
CA ASN A 1119 8.26 28.44 -77.21
C ASN A 1119 8.20 29.72 -76.40
N THR A 1120 7.70 30.81 -76.99
CA THR A 1120 7.50 32.07 -76.28
C THR A 1120 6.10 32.58 -76.54
N PHE A 1121 5.53 33.25 -75.55
CA PHE A 1121 4.23 33.88 -75.67
C PHE A 1121 4.35 35.37 -75.39
N VAL A 1122 3.73 36.18 -76.24
CA VAL A 1122 3.85 37.63 -76.19
C VAL A 1122 2.73 38.21 -75.34
N SER A 1123 3.09 39.14 -74.45
CA SER A 1123 2.10 39.85 -73.65
C SER A 1123 2.61 41.20 -73.17
N GLY A 1124 2.17 42.27 -73.82
CA GLY A 1124 2.40 43.61 -73.35
C GLY A 1124 3.43 44.33 -74.18
N ASN A 1125 4.02 45.37 -73.59
CA ASN A 1125 5.03 46.20 -74.22
C ASN A 1125 6.37 46.02 -73.51
N CYS A 1126 7.41 46.64 -74.07
CA CYS A 1126 8.76 46.52 -73.54
C CYS A 1126 9.05 47.53 -72.43
N ASP A 1127 8.10 48.38 -72.07
CA ASP A 1127 8.38 49.46 -71.13
C ASP A 1127 8.15 49.05 -69.68
N VAL A 1128 7.27 48.07 -69.45
CA VAL A 1128 6.84 47.78 -68.08
C VAL A 1128 7.79 46.81 -67.40
N VAL A 1129 8.41 45.90 -68.17
CA VAL A 1129 9.27 44.89 -67.57
C VAL A 1129 10.62 45.51 -67.19
N ILE A 1130 11.15 45.10 -66.04
CA ILE A 1130 12.43 45.58 -65.54
C ILE A 1130 13.46 44.49 -65.83
N GLY A 1131 14.35 44.76 -66.78
CA GLY A 1131 15.36 43.80 -67.19
C GLY A 1131 15.14 43.19 -68.55
N ILE A 1132 14.17 43.68 -69.32
CA ILE A 1132 13.92 43.15 -70.66
C ILE A 1132 15.09 43.51 -71.57
N VAL A 1133 15.48 42.56 -72.42
CA VAL A 1133 16.62 42.74 -73.30
C VAL A 1133 16.14 42.76 -74.75
N ASN A 1134 16.98 43.28 -75.63
CA ASN A 1134 16.69 43.38 -77.05
C ASN A 1134 17.31 42.18 -77.77
N ASN A 1135 16.46 41.40 -78.43
CA ASN A 1135 16.92 40.25 -79.20
C ASN A 1135 15.84 39.89 -80.20
N THR A 1136 16.22 39.08 -81.18
CA THR A 1136 15.32 38.69 -82.26
C THR A 1136 14.61 37.38 -81.92
N VAL A 1137 13.33 37.31 -82.22
CA VAL A 1137 12.51 36.12 -82.02
C VAL A 1137 12.19 35.58 -83.41
N TYR A 1138 12.84 34.48 -83.78
CA TYR A 1138 12.76 33.97 -85.13
C TYR A 1138 11.36 33.45 -85.43
N ASP A 1139 10.86 33.75 -86.63
CA ASP A 1139 9.52 33.33 -87.03
C ASP A 1139 9.62 32.02 -87.79
N PRO A 1140 8.99 30.95 -87.33
CA PRO A 1140 9.24 29.63 -87.95
C PRO A 1140 8.76 29.51 -89.38
N LEU A 1141 7.77 30.31 -89.79
CA LEU A 1141 7.14 30.09 -91.09
C LEU A 1141 7.53 31.12 -92.13
N GLN A 1142 8.04 32.28 -91.72
CA GLN A 1142 8.39 33.32 -92.70
C GLN A 1142 9.46 32.88 -93.69
N PRO A 1143 10.58 32.26 -93.29
CA PRO A 1143 11.57 31.84 -94.30
C PRO A 1143 11.02 30.88 -95.34
N GLU A 1144 10.12 29.98 -94.95
CA GLU A 1144 9.56 29.00 -95.86
C GLU A 1144 8.32 29.52 -96.57
N LEU A 1145 8.08 30.83 -96.56
CA LEU A 1145 6.93 31.38 -97.25
C LEU A 1145 7.15 31.35 -98.76
N ASP A 1146 6.23 30.68 -99.46
CA ASP A 1146 6.28 30.57 -100.92
C ASP A 1146 7.61 30.02 -101.41
N PRO B 26 -32.34 -46.28 -12.90
CA PRO B 26 -33.74 -46.72 -13.02
C PRO B 26 -34.60 -45.74 -13.82
N ALA B 27 -34.64 -45.94 -15.14
CA ALA B 27 -35.49 -45.16 -16.05
C ALA B 27 -35.19 -43.67 -15.95
N TYR B 28 -33.92 -43.32 -16.14
CA TYR B 28 -33.52 -41.92 -16.13
C TYR B 28 -34.17 -41.15 -17.29
N THR B 29 -34.34 -39.86 -17.09
CA THR B 29 -34.90 -38.97 -18.11
C THR B 29 -34.10 -37.69 -18.16
N ASN B 30 -34.39 -36.87 -19.16
CA ASN B 30 -33.65 -35.64 -19.40
C ASN B 30 -34.49 -34.44 -18.98
N SER B 31 -33.86 -33.53 -18.23
CA SER B 31 -34.52 -32.29 -17.79
C SER B 31 -34.16 -31.19 -18.75
N PHE B 32 -35.06 -30.91 -19.69
CA PHE B 32 -34.80 -29.95 -20.76
C PHE B 32 -34.95 -28.52 -20.22
N THR B 33 -33.87 -27.96 -19.70
CA THR B 33 -33.83 -26.58 -19.21
C THR B 33 -34.94 -26.33 -18.19
N ARG B 34 -34.88 -27.07 -17.08
CA ARG B 34 -35.89 -26.97 -16.04
C ARG B 34 -35.20 -26.87 -14.69
N GLY B 35 -35.91 -26.30 -13.72
CA GLY B 35 -35.39 -26.14 -12.38
C GLY B 35 -34.70 -24.83 -12.09
N VAL B 36 -34.96 -23.78 -12.85
CA VAL B 36 -34.37 -22.46 -12.64
C VAL B 36 -35.32 -21.66 -11.77
N TYR B 37 -34.83 -21.23 -10.61
CA TYR B 37 -35.62 -20.46 -9.66
C TYR B 37 -35.11 -19.03 -9.60
N TYR B 38 -35.78 -18.21 -8.79
CA TYR B 38 -35.37 -16.82 -8.63
C TYR B 38 -34.30 -16.75 -7.55
N PRO B 39 -33.05 -16.43 -7.91
CA PRO B 39 -31.98 -16.46 -6.91
C PRO B 39 -32.18 -15.52 -5.74
N ASP B 40 -32.78 -14.36 -5.98
CA ASP B 40 -32.92 -13.34 -4.94
C ASP B 40 -34.17 -12.53 -5.19
N LYS B 41 -34.65 -11.87 -4.14
CA LYS B 41 -35.85 -11.05 -4.20
C LYS B 41 -35.55 -9.62 -4.66
N VAL B 42 -35.07 -9.51 -5.90
CA VAL B 42 -34.64 -8.25 -6.48
C VAL B 42 -35.27 -8.10 -7.86
N PHE B 43 -35.82 -6.92 -8.12
CA PHE B 43 -36.43 -6.62 -9.41
C PHE B 43 -35.38 -6.13 -10.40
N ARG B 44 -35.18 -6.89 -11.46
CA ARG B 44 -34.34 -6.47 -12.58
C ARG B 44 -35.17 -6.54 -13.85
N SER B 45 -35.06 -5.51 -14.68
CA SER B 45 -35.85 -5.42 -15.91
C SER B 45 -34.91 -5.25 -17.08
N SER B 46 -35.06 -6.13 -18.08
CA SER B 46 -34.26 -6.08 -19.31
C SER B 46 -32.76 -6.11 -19.00
N VAL B 47 -32.38 -6.90 -17.99
CA VAL B 47 -31.01 -7.01 -17.54
C VAL B 47 -30.60 -8.47 -17.58
N LEU B 48 -29.55 -8.76 -18.36
CA LEU B 48 -28.97 -10.11 -18.41
C LEU B 48 -27.98 -10.22 -17.26
N HIS B 49 -28.40 -10.87 -16.18
CA HIS B 49 -27.59 -10.98 -14.97
C HIS B 49 -27.05 -12.40 -14.83
N SER B 50 -25.79 -12.51 -14.45
CA SER B 50 -25.13 -13.80 -14.29
C SER B 50 -24.96 -14.08 -12.80
N THR B 51 -25.71 -15.06 -12.30
CA THR B 51 -25.69 -15.44 -10.89
C THR B 51 -24.89 -16.72 -10.69
N GLN B 52 -24.18 -16.78 -9.57
CA GLN B 52 -23.46 -17.98 -9.15
C GLN B 52 -24.20 -18.55 -7.95
N ASP B 53 -24.91 -19.65 -8.16
CA ASP B 53 -25.72 -20.25 -7.10
C ASP B 53 -25.98 -21.70 -7.47
N LEU B 54 -26.50 -22.46 -6.50
CA LEU B 54 -26.81 -23.86 -6.71
C LEU B 54 -28.02 -23.99 -7.62
N PHE B 55 -27.78 -24.35 -8.88
CA PHE B 55 -28.84 -24.57 -9.86
C PHE B 55 -28.77 -26.02 -10.33
N LEU B 56 -29.84 -26.44 -11.00
CA LEU B 56 -29.88 -27.76 -11.60
C LEU B 56 -29.27 -27.70 -13.00
N PRO B 57 -28.17 -28.40 -13.27
CA PRO B 57 -27.51 -28.26 -14.57
C PRO B 57 -28.43 -28.61 -15.72
N PHE B 58 -28.26 -27.88 -16.82
CA PHE B 58 -29.09 -28.10 -17.99
C PHE B 58 -28.81 -29.47 -18.61
N PHE B 59 -29.86 -30.07 -19.15
CA PHE B 59 -29.79 -31.36 -19.83
C PHE B 59 -29.07 -32.39 -18.98
N SER B 60 -29.63 -32.69 -17.80
CA SER B 60 -29.00 -33.62 -16.87
C SER B 60 -29.88 -34.85 -16.71
N ASN B 61 -29.48 -35.74 -15.81
CA ASN B 61 -30.18 -37.00 -15.57
C ASN B 61 -31.00 -36.86 -14.31
N VAL B 62 -32.31 -37.10 -14.41
CA VAL B 62 -33.22 -37.05 -13.27
C VAL B 62 -33.89 -38.40 -13.13
N THR B 63 -33.84 -38.96 -11.92
CA THR B 63 -34.41 -40.28 -11.66
C THR B 63 -35.94 -40.21 -11.70
N TRP B 64 -36.56 -41.18 -12.36
CA TRP B 64 -38.00 -41.22 -12.56
C TRP B 64 -38.58 -42.30 -11.66
N PHE B 65 -39.03 -41.91 -10.47
CA PHE B 65 -39.66 -42.84 -9.55
C PHE B 65 -41.16 -42.94 -9.84
N HIS B 66 -41.68 -44.15 -9.71
CA HIS B 66 -43.12 -44.39 -9.85
C HIS B 66 -43.47 -45.80 -9.39
N ASN B 81 -40.88 -45.74 -2.40
CA ASN B 81 -40.51 -44.47 -1.78
C ASN B 81 -39.17 -44.60 -1.06
N PRO B 82 -38.09 -44.61 -1.80
CA PRO B 82 -36.77 -44.77 -1.19
C PRO B 82 -36.35 -43.54 -0.42
N VAL B 83 -35.38 -43.74 0.48
CA VAL B 83 -34.81 -42.64 1.24
C VAL B 83 -33.65 -42.07 0.42
N LEU B 84 -33.89 -40.94 -0.25
CA LEU B 84 -32.87 -40.37 -1.11
C LEU B 84 -31.99 -39.40 -0.34
N PRO B 85 -30.73 -39.25 -0.73
CA PRO B 85 -29.88 -38.23 -0.10
C PRO B 85 -30.29 -36.83 -0.53
N PHE B 86 -29.98 -35.86 0.33
CA PHE B 86 -30.32 -34.47 0.02
C PHE B 86 -29.31 -33.86 -0.95
N ASN B 87 -28.04 -33.86 -0.57
CA ASN B 87 -26.94 -33.40 -1.42
C ASN B 87 -27.14 -31.94 -1.85
N ASP B 88 -27.31 -31.07 -0.86
CA ASP B 88 -27.34 -29.61 -0.99
C ASP B 88 -28.55 -29.07 -1.75
N GLY B 89 -29.43 -29.93 -2.23
CA GLY B 89 -30.61 -29.46 -2.93
C GLY B 89 -31.27 -30.57 -3.72
N VAL B 90 -32.53 -30.34 -4.07
CA VAL B 90 -33.33 -31.33 -4.78
C VAL B 90 -34.33 -30.59 -5.67
N TYR B 91 -34.42 -31.02 -6.93
CA TYR B 91 -35.47 -30.55 -7.83
C TYR B 91 -36.56 -31.62 -7.88
N PHE B 92 -37.49 -31.53 -6.93
CA PHE B 92 -38.61 -32.45 -6.88
C PHE B 92 -39.72 -31.99 -7.80
N ALA B 93 -40.29 -32.93 -8.55
CA ALA B 93 -41.37 -32.64 -9.48
C ALA B 93 -42.49 -33.65 -9.26
N SER B 94 -43.49 -33.60 -10.14
CA SER B 94 -44.63 -34.52 -10.08
C SER B 94 -45.34 -34.48 -11.43
N THR B 95 -45.61 -35.65 -12.01
CA THR B 95 -46.20 -35.68 -13.35
C THR B 95 -47.57 -35.01 -13.36
N GLU B 96 -48.55 -35.63 -12.72
CA GLU B 96 -49.83 -34.99 -12.46
C GLU B 96 -50.16 -35.15 -10.99
N LYS B 97 -49.83 -36.34 -10.46
CA LYS B 97 -49.92 -36.71 -9.05
C LYS B 97 -51.35 -36.86 -8.57
N SER B 98 -52.31 -36.41 -9.39
CA SER B 98 -53.76 -36.55 -9.14
C SER B 98 -54.10 -36.42 -7.65
N ASN B 99 -53.44 -35.46 -7.00
CA ASN B 99 -53.54 -35.24 -5.56
C ASN B 99 -53.17 -36.50 -4.78
N ILE B 100 -51.94 -36.97 -4.97
CA ILE B 100 -51.39 -38.05 -4.15
C ILE B 100 -50.14 -37.58 -3.43
N ILE B 101 -49.25 -36.89 -4.16
CA ILE B 101 -48.05 -36.34 -3.55
C ILE B 101 -48.45 -35.32 -2.50
N ARG B 102 -48.26 -35.67 -1.22
CA ARG B 102 -48.84 -34.88 -0.14
C ARG B 102 -47.85 -34.72 1.01
N GLY B 103 -46.60 -34.41 0.70
CA GLY B 103 -45.66 -34.02 1.74
C GLY B 103 -44.29 -34.62 1.51
N TRP B 104 -43.40 -34.30 2.44
CA TRP B 104 -42.01 -34.73 2.38
C TRP B 104 -41.49 -34.87 3.81
N ILE B 105 -40.43 -35.65 3.96
CA ILE B 105 -39.79 -35.87 5.26
C ILE B 105 -38.31 -35.58 5.14
N PHE B 106 -37.79 -34.77 6.05
CA PHE B 106 -36.38 -34.37 6.03
C PHE B 106 -35.78 -34.69 7.38
N GLY B 107 -34.70 -35.46 7.40
CA GLY B 107 -34.08 -35.83 8.66
C GLY B 107 -32.72 -36.49 8.55
N THR B 108 -31.79 -36.08 9.42
CA THR B 108 -30.46 -36.69 9.43
C THR B 108 -30.54 -38.16 9.84
N THR B 109 -31.34 -38.47 10.85
CA THR B 109 -31.42 -39.83 11.39
C THR B 109 -32.80 -40.44 11.32
N LEU B 110 -33.86 -39.64 11.15
CA LEU B 110 -35.24 -40.12 11.12
C LEU B 110 -35.60 -40.88 12.39
N ASP B 111 -35.06 -40.43 13.52
CA ASP B 111 -35.30 -41.05 14.81
C ASP B 111 -35.41 -39.97 15.88
N SER B 112 -35.82 -40.38 17.08
CA SER B 112 -35.97 -39.45 18.19
C SER B 112 -34.63 -38.91 18.70
N LYS B 113 -33.51 -39.48 18.26
CA LYS B 113 -32.20 -39.02 18.73
C LYS B 113 -31.95 -37.58 18.31
N THR B 114 -32.27 -37.23 17.07
CA THR B 114 -32.05 -35.89 16.55
C THR B 114 -33.33 -35.36 15.92
N GLN B 115 -33.47 -34.04 15.92
CA GLN B 115 -34.64 -33.40 15.34
C GLN B 115 -34.70 -33.65 13.84
N SER B 116 -35.92 -33.81 13.33
CA SER B 116 -36.15 -34.00 11.91
C SER B 116 -37.26 -33.08 11.46
N LEU B 117 -37.16 -32.60 10.23
CA LEU B 117 -38.15 -31.69 9.67
C LEU B 117 -39.24 -32.49 8.98
N LEU B 118 -40.45 -31.92 8.96
CA LEU B 118 -41.62 -32.66 8.48
C LEU B 118 -42.59 -31.70 7.84
N ILE B 119 -42.75 -31.80 6.51
CA ILE B 119 -43.75 -31.03 5.77
C ILE B 119 -44.84 -32.00 5.35
N VAL B 120 -46.07 -31.75 5.79
CA VAL B 120 -47.22 -32.59 5.46
C VAL B 120 -48.32 -31.73 4.89
N ASN B 121 -48.98 -32.25 3.86
CA ASN B 121 -50.19 -31.64 3.31
C ASN B 121 -51.37 -32.51 3.69
N ASN B 122 -52.30 -31.95 4.48
CA ASN B 122 -53.50 -32.66 4.90
C ASN B 122 -54.66 -32.45 3.95
N ALA B 123 -54.38 -32.15 2.68
CA ALA B 123 -55.32 -31.86 1.61
C ALA B 123 -56.04 -30.52 1.81
N THR B 124 -55.82 -29.83 2.92
CA THR B 124 -56.40 -28.51 3.13
C THR B 124 -55.36 -27.45 3.43
N ASN B 125 -54.36 -27.75 4.25
CA ASN B 125 -53.33 -26.79 4.62
C ASN B 125 -51.98 -27.50 4.69
N VAL B 126 -50.92 -26.72 4.52
CA VAL B 126 -49.56 -27.23 4.71
C VAL B 126 -49.21 -27.16 6.19
N VAL B 127 -48.64 -28.24 6.72
CA VAL B 127 -48.30 -28.34 8.14
C VAL B 127 -46.81 -28.69 8.21
N ILE B 128 -46.03 -27.82 8.86
CA ILE B 128 -44.59 -28.01 9.00
C ILE B 128 -44.26 -28.12 10.48
N LYS B 129 -43.59 -29.21 10.86
CA LYS B 129 -43.17 -29.43 12.24
C LYS B 129 -41.72 -29.90 12.25
N VAL B 130 -41.00 -29.56 13.32
CA VAL B 130 -39.58 -29.88 13.42
C VAL B 130 -39.40 -30.65 14.73
N CYS B 131 -40.45 -31.35 15.15
CA CYS B 131 -40.35 -32.14 16.37
C CYS B 131 -39.49 -33.37 16.12
N GLU B 132 -39.00 -33.96 17.22
CA GLU B 132 -38.21 -35.18 17.14
C GLU B 132 -39.14 -36.35 16.87
N PHE B 133 -39.19 -36.80 15.62
CA PHE B 133 -40.08 -37.88 15.22
C PHE B 133 -39.31 -39.18 15.07
N GLN B 134 -39.98 -40.28 15.39
CA GLN B 134 -39.48 -41.63 15.12
C GLN B 134 -40.21 -42.12 13.87
N PHE B 135 -39.70 -41.74 12.70
CA PHE B 135 -40.38 -42.01 11.44
C PHE B 135 -40.42 -43.51 11.16
N CYS B 136 -41.57 -43.98 10.69
CA CYS B 136 -41.73 -45.38 10.36
C CYS B 136 -41.10 -45.69 9.00
N ASN B 137 -40.90 -46.99 8.75
CA ASN B 137 -40.22 -47.41 7.54
C ASN B 137 -41.05 -47.14 6.29
N ASP B 138 -42.38 -47.22 6.39
CA ASP B 138 -43.29 -47.02 5.27
C ASP B 138 -44.35 -46.01 5.64
N PRO B 139 -44.01 -44.73 5.71
CA PRO B 139 -45.01 -43.71 6.04
C PRO B 139 -45.80 -43.27 4.81
N PHE B 140 -47.09 -43.06 4.99
CA PHE B 140 -47.98 -42.67 3.90
C PHE B 140 -49.22 -42.00 4.49
N LEU B 141 -50.20 -41.78 3.63
CA LEU B 141 -51.49 -41.23 4.04
C LEU B 141 -52.62 -42.12 3.56
N GLU B 154 -59.51 -43.73 5.18
CA GLU B 154 -58.58 -42.78 5.77
C GLU B 154 -57.62 -43.47 6.73
N SER B 155 -56.31 -43.28 6.51
CA SER B 155 -55.30 -43.89 7.36
C SER B 155 -54.08 -42.97 7.34
N GLU B 156 -53.93 -42.18 8.40
CA GLU B 156 -52.81 -41.25 8.52
C GLU B 156 -52.31 -41.29 9.96
N PHE B 157 -51.44 -40.34 10.30
CA PHE B 157 -50.81 -40.20 11.61
C PHE B 157 -49.93 -41.38 11.97
N ARG B 158 -49.72 -42.31 11.04
CA ARG B 158 -48.86 -43.47 11.24
C ARG B 158 -47.42 -43.19 10.87
N VAL B 159 -47.11 -41.96 10.45
CA VAL B 159 -45.78 -41.65 9.93
C VAL B 159 -44.73 -41.72 11.03
N TYR B 160 -45.08 -41.31 12.25
CA TYR B 160 -44.16 -41.38 13.38
C TYR B 160 -44.90 -41.89 14.61
N SER B 161 -44.13 -42.10 15.68
CA SER B 161 -44.68 -42.56 16.95
C SER B 161 -44.42 -41.55 18.07
N SER B 162 -43.20 -41.05 18.20
CA SER B 162 -42.83 -40.12 19.25
C SER B 162 -42.70 -38.71 18.69
N ALA B 163 -43.27 -37.73 19.40
CA ALA B 163 -43.19 -36.33 19.03
C ALA B 163 -42.76 -35.54 20.27
N ASN B 164 -41.47 -35.25 20.38
CA ASN B 164 -40.91 -34.56 21.53
C ASN B 164 -39.99 -33.44 21.07
N ASN B 165 -39.75 -32.49 21.97
CA ASN B 165 -38.84 -31.38 21.74
C ASN B 165 -39.22 -30.58 20.49
N CYS B 166 -40.51 -30.26 20.40
CA CYS B 166 -41.00 -29.47 19.29
C CYS B 166 -40.41 -28.07 19.34
N THR B 167 -40.00 -27.56 18.18
CA THR B 167 -39.35 -26.26 18.08
C THR B 167 -40.03 -25.31 17.11
N PHE B 168 -40.70 -25.83 16.08
CA PHE B 168 -41.32 -24.98 15.08
C PHE B 168 -42.72 -25.49 14.78
N GLU B 169 -43.62 -24.56 14.44
CA GLU B 169 -44.96 -24.88 13.99
C GLU B 169 -45.39 -23.83 12.97
N TYR B 170 -46.04 -24.28 11.90
CA TYR B 170 -46.41 -23.36 10.83
C TYR B 170 -47.54 -23.98 10.02
N VAL B 171 -48.57 -23.18 9.75
CA VAL B 171 -49.68 -23.57 8.89
C VAL B 171 -49.92 -22.46 7.88
N SER B 172 -50.03 -22.83 6.60
CA SER B 172 -50.26 -21.86 5.54
C SER B 172 -51.17 -22.51 4.49
N GLN B 173 -51.39 -21.78 3.40
CA GLN B 173 -52.21 -22.32 2.32
C GLN B 173 -51.48 -23.49 1.66
N PRO B 174 -52.23 -24.44 1.10
CA PRO B 174 -51.58 -25.65 0.55
C PRO B 174 -50.67 -25.33 -0.62
N PHE B 175 -49.54 -26.05 -0.67
CA PHE B 175 -48.61 -25.94 -1.78
C PHE B 175 -49.22 -26.54 -3.04
N LEU B 176 -49.58 -27.82 -2.98
CA LEU B 176 -50.15 -28.53 -4.12
C LEU B 176 -51.65 -28.73 -3.94
N LYS B 187 -52.03 -33.12 -17.02
CA LYS B 187 -52.89 -32.35 -16.13
C LYS B 187 -52.16 -31.16 -15.51
N ASN B 188 -51.49 -31.41 -14.39
CA ASN B 188 -50.86 -30.36 -13.60
C ASN B 188 -49.41 -30.73 -13.32
N LEU B 189 -48.49 -29.82 -13.67
CA LEU B 189 -47.08 -30.01 -13.35
C LEU B 189 -46.73 -29.20 -12.12
N ARG B 190 -46.23 -29.88 -11.09
CA ARG B 190 -45.80 -29.25 -9.86
C ARG B 190 -44.30 -29.43 -9.71
N GLU B 191 -43.59 -28.33 -9.47
CA GLU B 191 -42.13 -28.34 -9.35
C GLU B 191 -41.74 -27.71 -8.03
N PHE B 192 -40.64 -28.18 -7.45
CA PHE B 192 -40.20 -27.72 -6.14
C PHE B 192 -38.69 -27.79 -6.07
N VAL B 193 -38.10 -26.84 -5.34
CA VAL B 193 -36.67 -26.83 -5.05
C VAL B 193 -36.51 -26.63 -3.55
N PHE B 194 -35.86 -27.58 -2.89
CA PHE B 194 -35.56 -27.50 -1.47
C PHE B 194 -34.07 -27.29 -1.29
N LYS B 195 -33.72 -26.28 -0.49
CA LYS B 195 -32.31 -25.96 -0.27
C LYS B 195 -32.16 -25.44 1.15
N ASN B 196 -30.99 -25.71 1.74
CA ASN B 196 -30.72 -25.38 3.14
C ASN B 196 -29.37 -24.66 3.21
N ILE B 197 -29.41 -23.33 3.21
CA ILE B 197 -28.20 -22.52 3.25
C ILE B 197 -28.19 -21.75 4.57
N ASP B 198 -27.17 -22.00 5.40
CA ASP B 198 -26.96 -21.30 6.67
C ASP B 198 -28.21 -21.36 7.55
N GLY B 199 -28.81 -22.53 7.65
CA GLY B 199 -29.92 -22.74 8.57
C GLY B 199 -31.23 -22.13 8.16
N TYR B 200 -31.33 -21.57 6.95
CA TYR B 200 -32.57 -21.00 6.43
C TYR B 200 -33.08 -21.91 5.34
N PHE B 201 -33.91 -22.88 5.72
CA PHE B 201 -34.50 -23.80 4.75
C PHE B 201 -35.43 -23.03 3.82
N LYS B 202 -35.29 -23.26 2.52
CA LYS B 202 -36.04 -22.52 1.51
C LYS B 202 -36.81 -23.48 0.61
N ILE B 203 -37.96 -23.03 0.13
CA ILE B 203 -38.82 -23.80 -0.76
C ILE B 203 -39.26 -22.90 -1.90
N TYR B 204 -38.85 -23.22 -3.12
CA TYR B 204 -39.35 -22.58 -4.32
C TYR B 204 -40.34 -23.51 -5.01
N SER B 205 -41.17 -22.94 -5.88
CA SER B 205 -42.19 -23.74 -6.54
C SER B 205 -42.76 -23.01 -7.75
N LYS B 206 -43.45 -23.78 -8.57
CA LYS B 206 -44.30 -23.31 -9.66
C LYS B 206 -45.24 -24.43 -10.04
N HIS B 207 -46.49 -24.09 -10.33
CA HIS B 207 -47.55 -25.06 -10.62
C HIS B 207 -48.15 -24.68 -11.97
N THR B 208 -47.56 -25.21 -13.04
CA THR B 208 -48.09 -24.89 -14.35
C THR B 208 -48.93 -26.05 -14.90
N PRO B 209 -50.02 -25.76 -15.60
CA PRO B 209 -50.81 -26.84 -16.22
C PRO B 209 -50.12 -27.35 -17.48
N ILE B 210 -50.00 -28.67 -17.59
CA ILE B 210 -49.29 -29.29 -18.70
C ILE B 210 -50.11 -30.48 -19.22
N ASN B 211 -49.87 -30.81 -20.49
CA ASN B 211 -50.40 -32.01 -21.12
C ASN B 211 -49.22 -32.82 -21.66
N LEU B 212 -49.52 -33.99 -22.22
CA LEU B 212 -48.49 -34.89 -22.73
C LEU B 212 -47.48 -35.15 -21.62
N VAL B 213 -47.93 -35.83 -20.56
CA VAL B 213 -47.22 -35.83 -19.29
C VAL B 213 -46.45 -37.15 -19.18
N ARG B 214 -46.05 -37.68 -20.33
CA ARG B 214 -45.20 -38.86 -20.33
C ARG B 214 -43.84 -38.58 -19.67
N ASP B 215 -43.35 -37.34 -19.81
CA ASP B 215 -42.07 -36.95 -19.25
C ASP B 215 -42.01 -35.43 -19.23
N LEU B 216 -40.97 -34.89 -18.60
CA LEU B 216 -40.81 -33.46 -18.40
C LEU B 216 -40.80 -32.72 -19.73
N PRO B 217 -41.53 -31.60 -19.84
CA PRO B 217 -41.64 -30.91 -21.13
C PRO B 217 -40.39 -30.13 -21.49
N GLN B 218 -40.31 -29.67 -22.74
CA GLN B 218 -39.18 -28.88 -23.23
C GLN B 218 -39.61 -27.43 -23.22
N GLY B 219 -39.45 -26.78 -22.07
CA GLY B 219 -39.80 -25.37 -21.95
C GLY B 219 -39.13 -24.77 -20.74
N PHE B 220 -39.27 -23.46 -20.60
CA PHE B 220 -38.66 -22.71 -19.51
C PHE B 220 -39.74 -22.15 -18.59
N SER B 221 -39.52 -22.30 -17.29
CA SER B 221 -40.44 -21.78 -16.28
C SER B 221 -39.65 -21.53 -15.00
N ALA B 222 -39.71 -20.30 -14.49
CA ALA B 222 -38.96 -19.93 -13.30
C ALA B 222 -39.79 -20.14 -12.05
N LEU B 223 -39.11 -20.53 -10.97
CA LEU B 223 -39.77 -20.90 -9.73
C LEU B 223 -39.76 -19.71 -8.78
N GLU B 224 -40.94 -19.19 -8.45
CA GLU B 224 -41.06 -18.12 -7.48
C GLU B 224 -40.94 -18.68 -6.07
N PRO B 225 -40.19 -18.02 -5.18
CA PRO B 225 -40.09 -18.52 -3.81
C PRO B 225 -41.43 -18.51 -3.10
N LEU B 226 -41.61 -19.46 -2.18
CA LEU B 226 -42.80 -19.50 -1.33
C LEU B 226 -42.46 -19.22 0.13
N VAL B 227 -41.60 -20.02 0.73
CA VAL B 227 -41.37 -19.98 2.18
C VAL B 227 -39.88 -20.02 2.46
N ASP B 228 -39.46 -19.32 3.51
CA ASP B 228 -38.06 -19.30 3.95
C ASP B 228 -38.05 -19.67 5.43
N LEU B 229 -37.96 -20.96 5.70
CA LEU B 229 -38.02 -21.46 7.07
C LEU B 229 -36.67 -21.33 7.75
N PRO B 230 -36.59 -20.72 8.93
CA PRO B 230 -35.33 -20.67 9.69
C PRO B 230 -35.18 -21.87 10.63
N ILE B 231 -35.20 -23.07 10.04
CA ILE B 231 -35.20 -24.29 10.84
C ILE B 231 -33.86 -24.47 11.54
N GLY B 232 -32.76 -24.34 10.80
CA GLY B 232 -31.43 -24.42 11.38
C GLY B 232 -30.94 -25.82 11.68
N ILE B 233 -31.59 -26.86 11.18
CA ILE B 233 -31.19 -28.23 11.44
C ILE B 233 -30.46 -28.79 10.22
N ASN B 234 -29.72 -29.87 10.44
CA ASN B 234 -29.07 -30.59 9.35
C ASN B 234 -30.11 -31.36 8.53
N ILE B 235 -29.92 -31.37 7.21
CA ILE B 235 -30.78 -32.12 6.31
C ILE B 235 -29.90 -32.97 5.42
N THR B 236 -30.02 -34.30 5.54
CA THR B 236 -29.19 -35.21 4.75
C THR B 236 -29.94 -36.34 4.08
N ARG B 237 -31.21 -36.57 4.40
CA ARG B 237 -31.96 -37.68 3.80
C ARG B 237 -33.36 -37.17 3.45
N PHE B 238 -34.00 -37.88 2.52
CA PHE B 238 -35.17 -37.36 1.84
C PHE B 238 -36.07 -38.51 1.38
N GLN B 239 -37.38 -38.33 1.58
CA GLN B 239 -38.37 -39.29 1.10
C GLN B 239 -39.73 -38.61 1.06
N THR B 240 -40.46 -38.85 -0.02
CA THR B 240 -41.77 -38.26 -0.22
C THR B 240 -42.87 -39.10 0.44
N LEU B 241 -44.07 -38.52 0.50
CA LEU B 241 -45.23 -39.20 1.07
C LEU B 241 -46.32 -39.36 0.01
N LEU B 242 -47.10 -40.43 0.15
CA LEU B 242 -48.20 -40.74 -0.74
C LEU B 242 -49.48 -40.93 0.06
N ALA B 243 -50.58 -41.09 -0.66
CA ALA B 243 -51.90 -41.33 -0.07
C ALA B 243 -52.40 -42.68 -0.57
N LEU B 244 -52.11 -43.73 0.19
CA LEU B 244 -52.54 -45.07 -0.19
C LEU B 244 -54.06 -45.16 -0.20
N HIS B 245 -54.60 -45.79 -1.25
CA HIS B 245 -56.05 -45.90 -1.43
C HIS B 245 -56.44 -47.35 -1.60
N ARG B 246 -57.54 -47.74 -0.97
CA ARG B 246 -58.05 -49.10 -1.05
C ARG B 246 -58.96 -49.27 -2.26
N ALA B 263 -48.72 -40.42 -12.34
CA ALA B 263 -48.43 -40.85 -10.98
C ALA B 263 -46.95 -41.15 -10.81
N ALA B 264 -46.13 -40.11 -10.83
CA ALA B 264 -44.68 -40.24 -10.71
C ALA B 264 -44.08 -38.94 -10.23
N TYR B 265 -42.87 -39.02 -9.65
CA TYR B 265 -42.17 -37.87 -9.09
C TYR B 265 -40.69 -37.95 -9.47
N TYR B 266 -40.28 -37.10 -10.41
CA TYR B 266 -38.88 -37.05 -10.78
C TYR B 266 -38.08 -36.36 -9.69
N VAL B 267 -36.79 -36.68 -9.62
CA VAL B 267 -35.89 -36.08 -8.64
C VAL B 267 -34.60 -35.67 -9.35
N GLY B 268 -34.19 -34.43 -9.13
CA GLY B 268 -32.90 -33.96 -9.61
C GLY B 268 -32.10 -33.39 -8.46
N TYR B 269 -30.82 -33.14 -8.72
CA TYR B 269 -29.91 -32.69 -7.69
C TYR B 269 -29.20 -31.41 -8.13
N LEU B 270 -29.12 -30.45 -7.21
CA LEU B 270 -28.53 -29.15 -7.47
C LEU B 270 -27.02 -29.20 -7.25
N GLN B 271 -26.28 -28.54 -8.13
CA GLN B 271 -24.83 -28.43 -8.05
C GLN B 271 -24.42 -26.99 -8.26
N PRO B 272 -23.28 -26.57 -7.72
CA PRO B 272 -22.81 -25.20 -7.93
C PRO B 272 -22.52 -24.89 -9.39
N ARG B 273 -23.32 -24.01 -9.99
CA ARG B 273 -23.19 -23.68 -11.40
C ARG B 273 -23.38 -22.18 -11.58
N THR B 274 -22.91 -21.68 -12.72
CA THR B 274 -23.06 -20.28 -13.08
C THR B 274 -24.02 -20.16 -14.25
N PHE B 275 -25.05 -19.33 -14.10
CA PHE B 275 -26.07 -19.13 -15.10
C PHE B 275 -26.03 -17.69 -15.59
N LEU B 276 -26.71 -17.44 -16.71
CA LEU B 276 -26.88 -16.09 -17.25
C LEU B 276 -28.38 -15.86 -17.40
N LEU B 277 -29.00 -15.39 -16.34
CA LEU B 277 -30.45 -15.23 -16.30
C LEU B 277 -30.88 -14.05 -17.15
N LYS B 278 -32.02 -14.19 -17.82
CA LYS B 278 -32.57 -13.15 -18.68
C LYS B 278 -33.90 -12.68 -18.09
N TYR B 279 -33.97 -11.39 -17.78
CA TYR B 279 -35.18 -10.78 -17.22
C TYR B 279 -35.84 -9.92 -18.29
N ASN B 280 -37.17 -9.99 -18.35
CA ASN B 280 -37.94 -9.19 -19.29
C ASN B 280 -38.32 -7.87 -18.62
N GLU B 281 -39.23 -7.12 -19.25
CA GLU B 281 -39.59 -5.79 -18.75
C GLU B 281 -40.33 -5.87 -17.42
N ASN B 282 -40.93 -7.00 -17.09
CA ASN B 282 -41.72 -7.15 -15.88
C ASN B 282 -40.97 -7.86 -14.76
N GLY B 283 -39.69 -8.18 -14.95
CA GLY B 283 -38.90 -8.82 -13.92
C GLY B 283 -39.03 -10.32 -13.84
N THR B 284 -39.64 -10.96 -14.83
CA THR B 284 -39.78 -12.41 -14.88
C THR B 284 -38.67 -13.00 -15.74
N ILE B 285 -38.04 -14.06 -15.23
CA ILE B 285 -36.98 -14.72 -15.97
C ILE B 285 -37.60 -15.48 -17.14
N THR B 286 -37.20 -15.10 -18.37
CA THR B 286 -37.76 -15.71 -19.56
C THR B 286 -36.81 -16.69 -20.24
N ASP B 287 -35.52 -16.66 -19.91
CA ASP B 287 -34.55 -17.58 -20.50
C ASP B 287 -33.30 -17.57 -19.64
N ALA B 288 -32.46 -18.57 -19.85
CA ALA B 288 -31.18 -18.66 -19.16
C ALA B 288 -30.28 -19.62 -19.92
N VAL B 289 -28.98 -19.41 -19.77
CA VAL B 289 -27.97 -20.31 -20.34
C VAL B 289 -27.03 -20.74 -19.23
N ASP B 290 -26.62 -22.00 -19.26
CA ASP B 290 -25.78 -22.59 -18.24
C ASP B 290 -24.33 -22.49 -18.70
N CYS B 291 -23.49 -21.85 -17.89
CA CYS B 291 -22.11 -21.61 -18.33
C CYS B 291 -21.19 -22.77 -17.99
N ALA B 292 -21.63 -24.00 -18.23
CA ALA B 292 -20.71 -25.14 -18.28
C ALA B 292 -21.16 -26.20 -19.28
N LEU B 293 -22.25 -25.99 -20.01
CA LEU B 293 -22.83 -27.06 -20.83
C LEU B 293 -21.98 -27.34 -22.06
N ASP B 294 -21.58 -26.30 -22.79
CA ASP B 294 -20.84 -26.46 -24.02
C ASP B 294 -20.08 -25.16 -24.29
N PRO B 295 -19.11 -25.17 -25.21
CA PRO B 295 -18.34 -23.94 -25.45
C PRO B 295 -19.17 -22.75 -25.88
N LEU B 296 -20.25 -22.97 -26.64
CA LEU B 296 -21.09 -21.87 -27.07
C LEU B 296 -21.73 -21.15 -25.88
N SER B 297 -22.21 -21.92 -24.90
CA SER B 297 -22.81 -21.31 -23.72
C SER B 297 -21.78 -20.52 -22.92
N GLU B 298 -20.58 -21.06 -22.79
CA GLU B 298 -19.52 -20.33 -22.08
C GLU B 298 -19.16 -19.04 -22.82
N THR B 299 -19.14 -19.09 -24.15
CA THR B 299 -18.90 -17.88 -24.94
C THR B 299 -20.01 -16.86 -24.71
N LYS B 300 -21.27 -17.31 -24.69
CA LYS B 300 -22.38 -16.41 -24.40
C LYS B 300 -22.25 -15.80 -23.01
N CYS B 301 -21.72 -16.56 -22.06
CA CYS B 301 -21.61 -16.05 -20.69
C CYS B 301 -20.48 -15.04 -20.56
N THR B 302 -19.36 -15.27 -21.27
CA THR B 302 -18.27 -14.30 -21.23
C THR B 302 -18.66 -13.00 -21.93
N LEU B 303 -19.43 -13.10 -23.02
CA LEU B 303 -19.92 -11.91 -23.71
C LEU B 303 -21.14 -11.30 -23.04
N LYS B 304 -21.77 -12.02 -22.10
CA LYS B 304 -23.00 -11.58 -21.44
C LYS B 304 -24.08 -11.22 -22.45
N SER B 305 -24.40 -12.18 -23.31
CA SER B 305 -25.44 -11.99 -24.31
C SER B 305 -26.00 -13.35 -24.70
N PHE B 306 -27.05 -13.33 -25.53
CA PHE B 306 -27.65 -14.53 -26.07
C PHE B 306 -27.40 -14.71 -27.56
N THR B 307 -26.84 -13.70 -28.23
CA THR B 307 -26.44 -13.79 -29.63
C THR B 307 -24.99 -13.38 -29.75
N VAL B 308 -24.19 -14.20 -30.44
CA VAL B 308 -22.77 -13.94 -30.63
C VAL B 308 -22.50 -13.86 -32.13
N GLU B 309 -21.82 -12.80 -32.54
CA GLU B 309 -21.51 -12.60 -33.94
C GLU B 309 -20.30 -13.44 -34.35
N LYS B 310 -20.09 -13.55 -35.66
CA LYS B 310 -18.98 -14.34 -36.18
C LYS B 310 -17.66 -13.82 -35.65
N GLY B 311 -16.79 -14.73 -35.23
CA GLY B 311 -15.48 -14.35 -34.75
C GLY B 311 -14.88 -15.48 -33.91
N ILE B 312 -13.74 -15.16 -33.30
CA ILE B 312 -13.04 -16.07 -32.41
C ILE B 312 -12.89 -15.37 -31.06
N TYR B 313 -13.40 -16.00 -30.01
CA TYR B 313 -13.49 -15.41 -28.69
C TYR B 313 -12.67 -16.23 -27.69
N GLN B 314 -11.79 -15.56 -26.96
CA GLN B 314 -11.04 -16.23 -25.91
C GLN B 314 -11.93 -16.41 -24.69
N THR B 315 -12.20 -17.66 -24.33
CA THR B 315 -13.22 -17.98 -23.35
C THR B 315 -12.66 -18.28 -21.97
N SER B 316 -11.68 -19.16 -21.87
CA SER B 316 -11.18 -19.56 -20.56
C SER B 316 -9.69 -19.90 -20.69
N ASN B 317 -9.14 -20.58 -19.69
CA ASN B 317 -7.75 -21.00 -19.68
C ASN B 317 -7.67 -22.50 -19.45
N PHE B 318 -6.57 -23.09 -19.91
CA PHE B 318 -6.36 -24.53 -19.85
C PHE B 318 -4.99 -24.78 -19.23
N ARG B 319 -4.97 -25.30 -18.01
CA ARG B 319 -3.73 -25.57 -17.30
C ARG B 319 -3.72 -27.02 -16.86
N VAL B 320 -2.61 -27.71 -17.13
CA VAL B 320 -2.46 -29.08 -16.64
C VAL B 320 -2.15 -29.03 -15.15
N GLN B 321 -2.59 -30.07 -14.43
CA GLN B 321 -2.49 -30.07 -12.98
C GLN B 321 -1.43 -31.06 -12.51
N PRO B 322 -0.76 -30.77 -11.40
CA PRO B 322 0.23 -31.71 -10.85
C PRO B 322 -0.42 -32.99 -10.35
N THR B 323 0.39 -34.05 -10.33
CA THR B 323 -0.14 -35.40 -10.08
C THR B 323 0.38 -36.02 -8.79
N GLU B 324 1.69 -36.06 -8.58
CA GLU B 324 2.26 -36.97 -7.60
C GLU B 324 3.02 -36.32 -6.45
N SER B 325 3.61 -35.15 -6.66
CA SER B 325 4.30 -34.40 -5.60
C SER B 325 5.44 -35.21 -4.99
N ILE B 326 6.44 -35.48 -5.82
CA ILE B 326 7.61 -36.23 -5.36
C ILE B 326 8.49 -35.34 -4.49
N VAL B 327 9.36 -35.98 -3.70
CA VAL B 327 10.31 -35.31 -2.81
C VAL B 327 11.58 -36.16 -2.81
N ARG B 328 12.73 -35.53 -3.05
CA ARG B 328 14.00 -36.24 -3.12
C ARG B 328 15.04 -35.50 -2.30
N PHE B 329 15.74 -36.24 -1.44
CA PHE B 329 16.78 -35.75 -0.55
C PHE B 329 17.99 -36.67 -0.62
N PRO B 330 19.16 -36.20 -0.18
CA PRO B 330 20.37 -37.02 -0.30
C PRO B 330 20.30 -38.26 0.59
N ASN B 331 21.08 -39.27 0.20
CA ASN B 331 21.07 -40.57 0.91
C ASN B 331 21.23 -40.30 2.41
N ASN B 334 25.39 -41.43 8.57
CA ASN B 334 26.10 -41.00 9.81
C ASN B 334 25.08 -40.91 10.96
N LEU B 335 24.47 -42.04 11.34
CA LEU B 335 23.51 -42.05 12.47
C LEU B 335 24.27 -41.87 13.79
N CYS B 336 23.70 -41.10 14.74
CA CYS B 336 24.33 -40.94 16.07
C CYS B 336 24.23 -42.28 16.83
N PRO B 337 25.19 -42.61 17.72
CA PRO B 337 25.11 -43.85 18.48
C PRO B 337 24.22 -43.74 19.73
N PHE B 338 22.94 -43.41 19.54
CA PHE B 338 21.99 -43.38 20.68
C PHE B 338 21.84 -44.80 21.22
N GLY B 339 21.80 -45.79 20.32
CA GLY B 339 21.67 -47.20 20.73
C GLY B 339 22.84 -47.64 21.59
N GLU B 340 24.05 -47.18 21.28
CA GLU B 340 25.26 -47.55 22.07
C GLU B 340 25.09 -47.02 23.50
N VAL B 341 24.60 -45.79 23.65
CA VAL B 341 24.36 -45.22 25.02
C VAL B 341 23.31 -46.07 25.73
N PHE B 342 22.23 -46.45 25.03
CA PHE B 342 21.15 -47.28 25.62
C PHE B 342 21.69 -48.67 25.97
N ASN B 343 22.59 -49.20 25.16
CA ASN B 343 23.11 -50.58 25.37
C ASN B 343 24.44 -50.53 26.15
N ALA B 344 24.62 -49.52 26.99
CA ALA B 344 25.85 -49.43 27.83
C ALA B 344 25.83 -50.55 28.87
N THR B 345 26.97 -51.21 29.09
CA THR B 345 27.04 -52.34 30.05
C THR B 345 26.71 -51.83 31.46
N ARG B 346 27.21 -50.64 31.81
CA ARG B 346 26.94 -50.04 33.15
C ARG B 346 26.26 -48.69 32.94
N PHE B 347 25.38 -48.29 33.87
CA PHE B 347 24.73 -46.95 33.78
C PHE B 347 25.26 -46.08 34.92
N ALA B 348 25.36 -44.77 34.71
CA ALA B 348 25.94 -43.87 35.74
C ALA B 348 25.02 -43.77 36.95
N SER B 349 25.60 -43.62 38.15
CA SER B 349 24.75 -43.42 39.36
C SER B 349 24.09 -42.04 39.27
N VAL B 350 22.98 -41.85 39.98
CA VAL B 350 22.22 -40.55 39.88
C VAL B 350 23.14 -39.41 40.37
N TYR B 351 23.92 -39.64 41.43
CA TYR B 351 24.89 -38.62 41.91
C TYR B 351 25.95 -38.37 40.84
N ALA B 352 26.37 -39.40 40.11
CA ALA B 352 27.47 -39.27 39.12
C ALA B 352 26.92 -39.09 37.70
N TRP B 353 25.67 -38.64 37.57
CA TRP B 353 25.04 -38.50 36.23
C TRP B 353 25.88 -37.56 35.35
N ASN B 354 26.03 -37.89 34.07
CA ASN B 354 26.89 -37.07 33.18
C ASN B 354 26.09 -36.62 31.95
N ARG B 355 26.51 -35.52 31.31
CA ARG B 355 25.82 -35.02 30.09
C ARG B 355 26.62 -35.45 28.86
N LYS B 356 25.95 -36.07 27.88
CA LYS B 356 26.63 -36.54 26.65
C LYS B 356 26.19 -35.67 25.46
N ARG B 357 27.13 -35.02 24.78
CA ARG B 357 26.78 -34.09 23.68
C ARG B 357 26.51 -34.88 22.40
N ILE B 358 25.36 -34.63 21.75
CA ILE B 358 25.08 -35.29 20.44
C ILE B 358 25.06 -34.20 19.36
N SER B 359 25.98 -34.27 18.40
CA SER B 359 26.04 -33.26 17.31
C SER B 359 26.84 -33.81 16.12
N ASN B 360 26.66 -33.21 14.93
CA ASN B 360 27.46 -33.59 13.73
C ASN B 360 27.03 -34.96 13.18
N CYS B 361 25.88 -35.48 13.64
CA CYS B 361 25.37 -36.76 13.10
C CYS B 361 23.84 -36.69 12.97
N VAL B 362 23.25 -37.35 11.98
CA VAL B 362 21.76 -37.39 11.87
C VAL B 362 21.23 -38.29 12.99
N ALA B 363 20.10 -37.90 13.60
CA ALA B 363 19.48 -38.75 14.66
C ALA B 363 18.10 -39.21 14.19
N ASP B 364 17.85 -40.53 14.26
CA ASP B 364 16.53 -41.07 13.87
C ASP B 364 15.66 -41.21 15.14
N TYR B 365 14.96 -40.14 15.51
CA TYR B 365 14.08 -40.15 16.71
C TYR B 365 12.95 -41.17 16.51
N SER B 366 12.46 -41.30 15.28
CA SER B 366 11.30 -42.21 14.99
C SER B 366 11.65 -43.65 15.37
N VAL B 367 12.91 -44.07 15.20
CA VAL B 367 13.28 -45.49 15.47
C VAL B 367 12.95 -45.83 16.92
N LEU B 368 13.22 -44.89 17.84
CA LEU B 368 12.95 -45.12 19.29
C LEU B 368 11.47 -45.46 19.49
N TYR B 369 10.56 -44.70 18.87
CA TYR B 369 9.11 -44.92 19.12
C TYR B 369 8.69 -46.25 18.48
N ASN B 370 9.02 -46.47 17.21
CA ASN B 370 8.55 -47.69 16.52
C ASN B 370 9.20 -48.93 17.15
N SER B 371 10.28 -48.75 17.92
CA SER B 371 10.87 -49.92 18.63
C SER B 371 9.94 -50.37 19.75
N ALA B 372 9.40 -49.42 20.53
CA ALA B 372 8.45 -49.74 21.61
C ALA B 372 9.06 -50.77 22.57
N SER B 373 10.36 -50.64 22.86
CA SER B 373 11.06 -51.58 23.77
C SER B 373 11.22 -50.95 25.15
N PHE B 374 10.61 -49.79 25.37
CA PHE B 374 10.80 -49.05 26.65
C PHE B 374 9.49 -49.04 27.43
N SER B 375 9.54 -49.42 28.71
CA SER B 375 8.31 -49.47 29.54
C SER B 375 7.62 -48.11 29.59
N THR B 376 8.39 -47.02 29.70
CA THR B 376 7.80 -45.66 29.82
C THR B 376 8.47 -44.72 28.82
N PHE B 377 7.73 -43.69 28.37
CA PHE B 377 8.28 -42.71 27.40
C PHE B 377 7.44 -41.43 27.47
N LYS B 378 8.00 -40.35 28.00
CA LYS B 378 7.21 -39.10 28.18
C LYS B 378 7.90 -37.93 27.48
N CYS B 379 7.20 -37.29 26.54
CA CYS B 379 7.78 -36.14 25.79
C CYS B 379 7.17 -34.84 26.29
N TYR B 380 7.95 -34.01 26.99
CA TYR B 380 7.42 -32.75 27.56
C TYR B 380 7.73 -31.60 26.60
N GLY B 381 6.69 -30.96 26.06
CA GLY B 381 6.88 -29.84 25.12
C GLY B 381 7.28 -30.32 23.74
N VAL B 382 7.31 -31.63 23.53
CA VAL B 382 7.78 -32.19 22.23
C VAL B 382 6.73 -33.18 21.71
N SER B 383 6.46 -33.17 20.41
CA SER B 383 5.55 -34.18 19.80
C SER B 383 6.43 -35.14 19.00
N PRO B 384 6.19 -36.46 18.99
CA PRO B 384 7.11 -37.38 18.31
C PRO B 384 7.21 -37.06 16.81
N THR B 385 6.09 -36.79 16.15
CA THR B 385 6.13 -36.38 14.72
C THR B 385 6.85 -35.04 14.60
N LYS B 386 6.58 -34.11 15.53
CA LYS B 386 7.22 -32.77 15.49
C LYS B 386 8.74 -32.92 15.67
N LEU B 387 9.17 -33.82 16.54
CA LEU B 387 10.63 -33.98 16.82
C LEU B 387 11.33 -34.40 15.52
N ASN B 388 10.71 -35.29 14.75
CA ASN B 388 11.30 -35.74 13.46
C ASN B 388 11.40 -34.54 12.52
N ASP B 389 10.28 -33.89 12.21
CA ASP B 389 10.28 -32.75 11.24
C ASP B 389 11.10 -31.57 11.76
N LEU B 390 10.98 -31.21 13.03
CA LEU B 390 11.67 -30.01 13.57
C LEU B 390 12.67 -30.45 14.65
N CYS B 391 13.92 -29.99 14.56
CA CYS B 391 14.96 -30.49 15.50
C CYS B 391 15.64 -29.33 16.23
N PHE B 392 16.21 -29.61 17.41
CA PHE B 392 16.91 -28.57 18.20
C PHE B 392 18.38 -28.98 18.37
N THR B 393 19.30 -28.03 18.19
CA THR B 393 20.76 -28.33 18.27
C THR B 393 21.20 -28.56 19.73
N ASN B 394 22.38 -29.16 19.92
CA ASN B 394 22.93 -29.37 21.29
C ASN B 394 22.07 -30.38 22.05
N VAL B 395 21.77 -31.53 21.44
CA VAL B 395 21.02 -32.60 22.17
C VAL B 395 21.93 -33.12 23.29
N TYR B 396 21.39 -33.31 24.49
CA TYR B 396 22.21 -33.78 25.64
C TYR B 396 21.60 -35.05 26.23
N ALA B 397 22.41 -36.10 26.43
CA ALA B 397 21.89 -37.39 26.95
C ALA B 397 22.37 -37.56 28.40
N ASP B 398 21.44 -37.78 29.32
CA ASP B 398 21.80 -37.93 30.76
C ASP B 398 21.49 -39.37 31.19
N SER B 399 22.48 -40.07 31.75
CA SER B 399 22.27 -41.50 32.12
C SER B 399 22.28 -41.68 33.63
N PHE B 400 21.23 -42.28 34.20
CA PHE B 400 21.19 -42.56 35.66
C PHE B 400 20.18 -43.68 35.95
N VAL B 401 20.38 -44.40 37.04
CA VAL B 401 19.46 -45.52 37.40
C VAL B 401 18.56 -45.06 38.54
N ILE B 402 17.24 -45.07 38.32
CA ILE B 402 16.27 -44.58 39.35
C ILE B 402 15.22 -45.68 39.59
N ARG B 403 14.91 -45.97 40.86
CA ARG B 403 13.87 -46.98 41.19
C ARG B 403 12.55 -46.58 40.51
N GLY B 404 11.79 -47.55 40.01
CA GLY B 404 10.54 -47.25 39.28
C GLY B 404 9.58 -46.42 40.11
N ASP B 405 9.51 -46.68 41.41
CA ASP B 405 8.59 -45.92 42.31
C ASP B 405 8.98 -44.43 42.33
N GLU B 406 10.28 -44.12 42.35
CA GLU B 406 10.73 -42.71 42.47
C GLU B 406 11.05 -42.13 41.07
N VAL B 407 10.74 -42.87 40.01
CA VAL B 407 10.93 -42.35 38.62
C VAL B 407 10.09 -41.08 38.46
N ARG B 408 8.90 -41.04 39.06
CA ARG B 408 7.99 -39.88 38.94
C ARG B 408 8.69 -38.63 39.50
N GLN B 409 9.48 -38.77 40.56
CA GLN B 409 10.14 -37.60 41.21
C GLN B 409 11.04 -36.91 40.18
N ILE B 410 11.70 -37.69 39.31
CA ILE B 410 12.62 -37.11 38.29
C ILE B 410 11.80 -36.64 37.09
N ALA B 411 10.99 -35.58 37.27
CA ALA B 411 10.19 -35.02 36.16
C ALA B 411 10.25 -33.50 36.22
N PRO B 412 10.11 -32.76 35.09
CA PRO B 412 10.09 -31.30 35.13
C PRO B 412 8.86 -30.79 35.90
N GLY B 413 9.06 -29.80 36.78
CA GLY B 413 7.94 -29.25 37.57
C GLY B 413 7.58 -30.17 38.73
N GLN B 414 8.38 -31.21 38.97
CA GLN B 414 8.10 -32.17 40.07
C GLN B 414 9.28 -32.18 41.04
N THR B 415 9.00 -32.08 42.35
CA THR B 415 10.09 -32.05 43.37
C THR B 415 10.06 -33.35 44.18
N GLY B 416 11.21 -34.03 44.27
CA GLY B 416 11.29 -35.28 45.07
C GLY B 416 12.60 -35.31 45.83
N LYS B 417 12.66 -36.08 46.93
CA LYS B 417 13.91 -36.20 47.73
C LYS B 417 15.09 -36.44 46.78
N ILE B 418 14.97 -37.43 45.88
CA ILE B 418 16.09 -37.78 44.95
C ILE B 418 16.29 -36.63 43.97
N ALA B 419 15.20 -36.08 43.43
CA ALA B 419 15.32 -35.00 42.41
C ALA B 419 15.98 -33.76 43.03
N ASP B 420 15.59 -33.41 44.26
CA ASP B 420 16.12 -32.16 44.87
C ASP B 420 17.63 -32.26 45.08
N TYR B 421 18.13 -33.40 45.54
CA TYR B 421 19.58 -33.48 45.88
C TYR B 421 20.41 -34.22 44.83
N ASN B 422 19.81 -34.74 43.76
CA ASN B 422 20.62 -35.54 42.80
C ASN B 422 20.52 -34.98 41.37
N TYR B 423 19.34 -35.09 40.74
CA TYR B 423 19.17 -34.56 39.36
C TYR B 423 17.97 -33.61 39.30
N LYS B 424 18.17 -32.40 38.80
CA LYS B 424 17.07 -31.40 38.77
C LYS B 424 16.72 -31.09 37.30
N LEU B 425 15.42 -31.10 36.98
CA LEU B 425 14.97 -30.82 35.58
C LEU B 425 14.29 -29.45 35.54
N PRO B 426 14.61 -28.57 34.56
CA PRO B 426 13.93 -27.29 34.43
C PRO B 426 12.45 -27.52 34.13
N ASP B 427 11.57 -26.71 34.72
CA ASP B 427 10.10 -26.88 34.53
C ASP B 427 9.73 -26.67 33.06
N ASP B 428 10.32 -25.66 32.43
CA ASP B 428 10.06 -25.39 30.99
C ASP B 428 10.96 -26.30 30.16
N PHE B 429 10.89 -27.62 30.43
CA PHE B 429 11.79 -28.56 29.74
C PHE B 429 11.25 -28.92 28.35
N THR B 430 12.07 -28.72 27.31
CA THR B 430 11.68 -29.16 25.95
C THR B 430 12.46 -30.44 25.66
N GLY B 431 12.06 -31.56 26.27
CA GLY B 431 12.83 -32.81 26.11
C GLY B 431 11.98 -34.05 26.28
N CYS B 432 12.48 -35.20 25.81
CA CYS B 432 11.74 -36.48 25.98
C CYS B 432 12.54 -37.42 26.88
N VAL B 433 11.88 -38.03 27.87
CA VAL B 433 12.58 -38.94 28.83
C VAL B 433 12.18 -40.39 28.51
N ILE B 434 13.17 -41.28 28.46
CA ILE B 434 12.89 -42.71 28.10
C ILE B 434 13.28 -43.60 29.29
N ALA B 435 12.35 -44.44 29.76
CA ALA B 435 12.62 -45.32 30.93
C ALA B 435 12.30 -46.78 30.59
N TRP B 436 13.22 -47.70 30.91
CA TRP B 436 12.95 -49.16 30.68
C TRP B 436 13.50 -49.96 31.87
N ASN B 437 12.89 -51.11 32.17
CA ASN B 437 13.33 -51.93 33.33
C ASN B 437 14.74 -52.45 33.08
N SER B 438 15.61 -52.38 34.11
CA SER B 438 17.00 -52.89 33.99
C SER B 438 17.21 -54.07 34.95
N ASN B 439 16.14 -54.75 35.36
CA ASN B 439 16.25 -55.83 36.36
C ASN B 439 17.18 -56.93 35.83
N ASN B 440 17.12 -57.23 34.52
CA ASN B 440 17.91 -58.36 33.99
C ASN B 440 19.41 -58.16 34.21
N LEU B 441 19.94 -56.93 34.06
CA LEU B 441 21.42 -56.76 34.16
C LEU B 441 21.84 -55.83 35.30
N ASP B 442 20.99 -54.89 35.71
CA ASP B 442 21.38 -53.91 36.76
C ASP B 442 20.99 -54.40 38.15
N SER B 443 20.36 -55.58 38.25
CA SER B 443 19.94 -56.12 39.56
C SER B 443 20.80 -57.34 39.93
N LYS B 444 21.37 -57.35 41.13
CA LYS B 444 22.26 -58.47 41.56
C LYS B 444 21.70 -59.10 42.84
N VAL B 445 21.75 -60.44 42.94
CA VAL B 445 21.27 -61.15 44.16
C VAL B 445 22.14 -60.71 45.34
N GLY B 446 23.46 -60.63 45.13
CA GLY B 446 24.38 -60.14 46.19
C GLY B 446 24.07 -58.70 46.54
N GLY B 447 23.72 -57.89 45.53
CA GLY B 447 23.49 -56.45 45.74
C GLY B 447 24.59 -55.65 45.07
N ASN B 448 24.32 -54.39 44.70
CA ASN B 448 25.32 -53.61 43.93
C ASN B 448 25.67 -52.30 44.64
N TYR B 449 26.96 -52.04 44.86
CA TYR B 449 27.38 -50.75 45.46
C TYR B 449 27.61 -49.79 44.28
N ASN B 450 27.20 -50.22 43.08
CA ASN B 450 27.41 -49.40 41.86
C ASN B 450 26.54 -48.14 41.89
N TYR B 451 25.30 -48.24 42.39
CA TYR B 451 24.40 -47.06 42.32
C TYR B 451 24.27 -46.41 43.70
N LEU B 452 24.52 -45.09 43.77
CA LEU B 452 24.47 -44.36 45.07
C LEU B 452 23.60 -43.11 44.89
N TYR B 453 23.00 -42.62 45.98
CA TYR B 453 22.16 -41.40 45.92
C TYR B 453 22.53 -40.45 47.05
N ARG B 454 22.33 -39.15 46.84
CA ARG B 454 22.63 -38.14 47.91
C ARG B 454 21.35 -37.90 48.71
N LEU B 455 21.20 -38.59 49.85
CA LEU B 455 20.01 -38.39 50.73
C LEU B 455 20.02 -36.98 51.33
N PHE B 456 21.19 -36.49 51.75
CA PHE B 456 21.24 -35.19 52.45
C PHE B 456 22.11 -34.18 51.69
N ARG B 457 21.56 -33.00 51.38
CA ARG B 457 22.39 -31.94 50.76
C ARG B 457 21.99 -30.59 51.38
N LYS B 458 22.92 -29.64 51.48
CA LYS B 458 22.65 -28.35 52.16
C LYS B 458 21.54 -27.58 51.40
N SER B 459 21.58 -27.59 50.07
CA SER B 459 20.60 -26.81 49.27
C SER B 459 20.08 -27.64 48.10
N ASN B 460 18.86 -27.34 47.62
CA ASN B 460 18.32 -28.05 46.43
C ASN B 460 19.20 -27.70 45.22
N LEU B 461 19.49 -28.68 44.37
CA LEU B 461 20.38 -28.46 43.20
C LEU B 461 19.69 -27.58 42.16
N LYS B 462 20.46 -26.74 41.46
CA LYS B 462 19.88 -25.93 40.34
C LYS B 462 19.67 -26.89 39.16
N PRO B 463 18.81 -26.58 38.16
CA PRO B 463 18.55 -27.53 37.08
C PRO B 463 19.84 -27.90 36.32
N PHE B 464 19.99 -29.19 35.95
CA PHE B 464 21.19 -29.66 35.22
C PHE B 464 22.48 -29.36 36.00
N GLU B 465 22.47 -29.56 37.32
CA GLU B 465 23.72 -29.36 38.10
C GLU B 465 24.21 -30.72 38.63
N ARG B 466 25.35 -31.18 38.15
CA ARG B 466 25.92 -32.45 38.68
C ARG B 466 26.27 -32.20 40.15
N ASP B 467 25.88 -33.13 41.03
CA ASP B 467 26.12 -32.92 42.48
C ASP B 467 27.58 -33.27 42.77
N ILE B 468 28.29 -32.39 43.49
CA ILE B 468 29.71 -32.66 43.89
C ILE B 468 29.93 -32.15 45.33
N SER B 469 29.40 -32.86 46.34
CA SER B 469 29.61 -32.46 47.76
C SER B 469 30.05 -33.66 48.61
N THR B 470 31.31 -34.09 48.48
CA THR B 470 31.82 -35.28 49.22
C THR B 470 31.76 -35.05 50.74
N GLU B 471 32.04 -33.82 51.20
CA GLU B 471 32.10 -33.54 52.66
C GLU B 471 30.75 -33.80 53.34
N ILE B 472 30.80 -34.35 54.56
CA ILE B 472 29.56 -34.65 55.34
C ILE B 472 28.95 -33.34 55.88
N TYR B 473 27.67 -33.37 56.26
CA TYR B 473 27.02 -32.17 56.85
C TYR B 473 27.87 -31.63 57.99
N GLN B 474 28.21 -30.33 57.94
CA GLN B 474 29.06 -29.70 58.99
C GLN B 474 28.38 -28.41 59.48
N ALA B 475 28.23 -27.42 58.59
CA ALA B 475 27.56 -26.15 58.95
C ALA B 475 28.23 -25.44 60.14
N GLY B 476 29.42 -25.90 60.58
CA GLY B 476 30.04 -25.29 61.78
C GLY B 476 29.19 -25.48 63.04
N SER B 477 28.02 -26.10 62.92
CA SER B 477 27.22 -26.42 64.12
C SER B 477 27.75 -27.75 64.67
N THR B 478 27.97 -28.74 63.79
CA THR B 478 28.52 -30.06 64.21
C THR B 478 29.66 -30.48 63.28
N PRO B 479 30.88 -29.88 63.36
CA PRO B 479 31.97 -30.20 62.43
C PRO B 479 33.08 -31.12 62.97
N CYS B 480 33.35 -32.24 62.29
CA CYS B 480 34.42 -33.20 62.70
C CYS B 480 34.37 -34.40 61.75
N ASN B 481 35.47 -35.15 61.61
CA ASN B 481 35.38 -36.38 60.77
C ASN B 481 34.32 -37.34 61.32
N GLY B 482 34.21 -37.42 62.64
CA GLY B 482 33.23 -38.34 63.28
C GLY B 482 31.80 -37.89 63.04
N VAL B 483 30.84 -38.81 63.14
CA VAL B 483 29.42 -38.47 62.85
C VAL B 483 28.72 -38.14 64.17
N GLU B 484 28.32 -36.88 64.35
CA GLU B 484 27.57 -36.46 65.56
C GLU B 484 26.20 -37.15 65.56
N GLY B 485 25.59 -37.32 64.39
CA GLY B 485 24.23 -37.87 64.32
C GLY B 485 23.22 -36.76 64.34
N PHE B 486 23.69 -35.50 64.40
CA PHE B 486 22.76 -34.34 64.34
C PHE B 486 22.49 -34.04 62.86
N ASN B 487 21.71 -34.90 62.20
CA ASN B 487 21.41 -34.73 60.75
C ASN B 487 22.73 -34.68 59.97
N CYS B 488 23.73 -35.47 60.38
CA CYS B 488 25.05 -35.44 59.71
C CYS B 488 25.20 -36.69 58.85
N TYR B 489 25.53 -37.83 59.45
CA TYR B 489 25.60 -39.12 58.72
C TYR B 489 26.53 -38.97 57.51
N PHE B 490 26.07 -39.40 56.33
CA PHE B 490 26.88 -39.25 55.09
C PHE B 490 25.90 -39.11 53.91
N PRO B 491 26.00 -38.12 52.98
CA PRO B 491 24.98 -38.00 51.93
C PRO B 491 24.85 -39.23 51.02
N LEU B 492 25.96 -39.86 50.62
CA LEU B 492 25.88 -40.98 49.64
C LEU B 492 25.59 -42.31 50.34
N GLN B 493 24.54 -43.01 49.88
CA GLN B 493 24.24 -44.37 50.43
C GLN B 493 24.04 -45.31 49.24
N SER B 494 24.55 -46.54 49.32
CA SER B 494 24.44 -47.50 48.20
C SER B 494 22.96 -47.88 48.00
N TYR B 495 22.53 -47.99 46.73
CA TYR B 495 21.13 -48.43 46.45
C TYR B 495 21.08 -49.96 46.58
N GLY B 496 19.93 -50.50 46.97
CA GLY B 496 19.79 -51.97 47.03
C GLY B 496 18.92 -52.47 45.88
N PHE B 497 19.47 -53.34 45.02
CA PHE B 497 18.71 -53.80 43.83
C PHE B 497 18.78 -55.33 43.74
N GLN B 498 18.02 -56.02 44.60
CA GLN B 498 17.98 -57.50 44.58
C GLN B 498 16.84 -57.97 43.68
N PRO B 499 16.89 -59.19 43.09
CA PRO B 499 15.78 -59.73 42.30
C PRO B 499 14.53 -59.87 43.17
N THR B 500 14.71 -60.21 44.46
CA THR B 500 13.56 -60.38 45.41
C THR B 500 12.82 -59.05 45.58
N ASN B 501 13.50 -57.92 45.35
CA ASN B 501 12.88 -56.58 45.58
C ASN B 501 11.68 -56.38 44.64
N GLY B 502 10.72 -55.56 45.05
CA GLY B 502 9.50 -55.32 44.25
C GLY B 502 9.79 -54.55 42.97
N VAL B 503 8.86 -54.56 42.01
CA VAL B 503 9.11 -53.93 40.68
C VAL B 503 9.43 -52.43 40.86
N GLY B 504 8.74 -51.74 41.76
CA GLY B 504 9.08 -50.32 42.02
C GLY B 504 10.51 -50.21 42.55
N TYR B 505 10.90 -51.11 43.46
CA TYR B 505 12.29 -51.13 43.98
C TYR B 505 13.28 -51.52 42.86
N GLN B 506 12.86 -52.37 41.91
CA GLN B 506 13.79 -52.87 40.86
C GLN B 506 14.36 -51.69 40.07
N PRO B 507 15.65 -51.74 39.68
CA PRO B 507 16.28 -50.61 38.99
C PRO B 507 15.66 -50.32 37.61
N TYR B 508 15.50 -49.04 37.27
CA TYR B 508 14.99 -48.68 35.92
C TYR B 508 16.03 -47.77 35.25
N ARG B 509 16.40 -48.09 34.01
CA ARG B 509 17.36 -47.23 33.27
C ARG B 509 16.59 -46.07 32.62
N VAL B 510 16.89 -44.84 33.02
CA VAL B 510 16.16 -43.67 32.47
C VAL B 510 17.16 -42.70 31.84
N VAL B 511 16.91 -42.31 30.59
CA VAL B 511 17.80 -41.33 29.90
C VAL B 511 16.99 -40.06 29.64
N VAL B 512 17.60 -38.89 29.87
CA VAL B 512 16.91 -37.60 29.62
C VAL B 512 17.53 -36.94 28.38
N LEU B 513 16.72 -36.59 27.39
CA LEU B 513 17.24 -35.90 26.18
C LEU B 513 16.85 -34.43 26.28
N SER B 514 17.83 -33.53 26.15
CA SER B 514 17.55 -32.07 26.28
C SER B 514 17.65 -31.40 24.91
N PHE B 515 16.60 -30.70 24.49
CA PHE B 515 16.59 -30.05 23.16
C PHE B 515 16.51 -28.53 23.34
N GLU B 516 17.45 -27.79 22.76
CA GLU B 516 17.45 -26.31 22.89
C GLU B 516 17.83 -25.68 21.54
N LEU B 517 17.38 -24.44 21.29
CA LEU B 517 17.75 -23.74 20.04
C LEU B 517 18.89 -22.77 20.35
N LEU B 518 19.98 -22.84 19.58
CA LEU B 518 21.18 -22.01 19.88
C LEU B 518 21.66 -21.27 18.63
N HIS B 519 22.54 -20.27 18.80
CA HIS B 519 23.06 -19.46 17.67
C HIS B 519 23.81 -20.36 16.68
N ALA B 520 24.53 -21.38 17.17
CA ALA B 520 25.36 -22.20 16.25
C ALA B 520 24.49 -22.78 15.14
N PRO B 521 24.92 -22.70 13.86
CA PRO B 521 24.11 -23.18 12.73
C PRO B 521 23.84 -24.69 12.66
N ALA B 522 24.80 -25.52 13.04
CA ALA B 522 24.63 -26.99 12.90
C ALA B 522 23.40 -27.47 13.69
N THR B 523 22.58 -28.33 13.08
CA THR B 523 21.38 -28.90 13.75
C THR B 523 21.27 -30.39 13.41
N VAL B 524 20.71 -31.19 14.34
CA VAL B 524 20.60 -32.67 14.14
C VAL B 524 19.17 -33.00 13.67
N CYS B 525 18.89 -33.00 12.39
CA CYS B 525 17.48 -33.35 12.07
C CYS B 525 17.39 -34.84 11.77
N GLY B 526 16.22 -35.35 11.38
CA GLY B 526 16.13 -36.78 10.97
C GLY B 526 15.65 -36.87 9.54
N LYS B 529 13.82 -37.61 4.23
CA LYS B 529 12.88 -38.64 3.71
C LYS B 529 12.58 -38.36 2.23
N SER B 530 12.67 -39.37 1.38
CA SER B 530 12.56 -39.13 -0.07
C SER B 530 11.65 -40.13 -0.74
N THR B 531 11.07 -39.75 -1.88
CA THR B 531 10.15 -40.61 -2.65
C THR B 531 10.86 -41.05 -3.91
N ASN B 532 10.13 -41.37 -4.97
CA ASN B 532 10.78 -41.88 -6.19
C ASN B 532 10.66 -40.80 -7.23
N LEU B 533 11.54 -40.77 -8.21
CA LEU B 533 11.43 -39.67 -9.18
C LEU B 533 10.75 -40.16 -10.45
N VAL B 534 9.86 -39.32 -10.98
CA VAL B 534 9.11 -39.64 -12.18
C VAL B 534 9.37 -38.56 -13.22
N LYS B 535 9.29 -38.96 -14.49
CA LYS B 535 9.67 -38.10 -15.60
C LYS B 535 8.53 -37.98 -16.60
N ASN B 536 8.46 -36.81 -17.24
CA ASN B 536 7.49 -36.53 -18.30
C ASN B 536 6.06 -36.50 -17.77
N LYS B 537 5.88 -36.00 -16.54
CA LYS B 537 4.57 -35.83 -15.94
C LYS B 537 4.60 -34.58 -15.08
N CYS B 538 3.62 -33.69 -15.27
CA CYS B 538 3.52 -32.49 -14.46
C CYS B 538 3.36 -32.90 -13.00
N VAL B 539 4.38 -32.65 -12.19
CA VAL B 539 4.46 -33.16 -10.83
C VAL B 539 5.11 -32.11 -9.93
N ASN B 540 4.58 -31.96 -8.72
CA ASN B 540 5.29 -31.17 -7.72
C ASN B 540 6.59 -31.87 -7.34
N PHE B 541 7.57 -31.08 -6.94
CA PHE B 541 8.86 -31.66 -6.57
C PHE B 541 9.52 -30.82 -5.48
N ASN B 542 10.43 -31.46 -4.74
CA ASN B 542 11.21 -30.81 -3.70
C ASN B 542 12.62 -31.42 -3.79
N PHE B 543 13.48 -30.76 -4.54
CA PHE B 543 14.84 -31.25 -4.77
C PHE B 543 15.78 -30.59 -3.78
N ASN B 544 15.88 -31.18 -2.59
CA ASN B 544 16.78 -30.72 -1.53
C ASN B 544 16.48 -29.29 -1.12
N GLY B 545 15.21 -28.88 -1.18
CA GLY B 545 14.78 -27.56 -0.78
C GLY B 545 14.16 -26.75 -1.91
N LEU B 546 14.47 -27.11 -3.15
CA LEU B 546 13.95 -26.40 -4.32
C LEU B 546 12.55 -26.90 -4.62
N THR B 547 11.55 -26.05 -4.39
CA THR B 547 10.16 -26.38 -4.64
C THR B 547 9.73 -25.81 -5.99
N GLY B 548 8.86 -26.55 -6.68
CA GLY B 548 8.37 -26.11 -7.97
C GLY B 548 7.26 -27.01 -8.48
N THR B 549 7.03 -26.91 -9.78
CA THR B 549 6.01 -27.72 -10.46
C THR B 549 6.31 -27.74 -11.95
N GLY B 550 6.46 -28.94 -12.51
CA GLY B 550 6.77 -29.07 -13.91
C GLY B 550 7.15 -30.50 -14.24
N VAL B 551 7.45 -30.71 -15.52
CA VAL B 551 7.85 -32.02 -16.01
C VAL B 551 9.36 -32.10 -16.01
N LEU B 552 9.88 -33.24 -15.53
CA LEU B 552 11.32 -33.47 -15.44
C LEU B 552 11.71 -34.47 -16.53
N THR B 553 12.78 -34.15 -17.26
CA THR B 553 13.29 -35.03 -18.30
C THR B 553 14.80 -35.19 -18.11
N GLU B 554 15.38 -36.05 -18.93
CA GLU B 554 16.83 -36.19 -18.95
C GLU B 554 17.45 -35.03 -19.72
N SER B 555 18.70 -34.71 -19.40
CA SER B 555 19.33 -33.48 -19.85
C SER B 555 20.64 -33.72 -20.57
N ASN B 556 20.98 -32.79 -21.46
CA ASN B 556 22.30 -32.71 -22.05
C ASN B 556 23.21 -31.72 -21.34
N LYS B 557 22.68 -30.98 -20.37
CA LYS B 557 23.50 -30.06 -19.59
C LYS B 557 24.51 -30.82 -18.76
N LYS B 558 25.65 -30.19 -18.48
CA LYS B 558 26.71 -30.81 -17.69
C LYS B 558 27.19 -29.78 -16.67
N PHE B 559 26.71 -29.91 -15.44
CA PHE B 559 27.12 -29.03 -14.35
C PHE B 559 28.56 -29.35 -13.95
N LEU B 560 29.19 -28.38 -13.30
CA LEU B 560 30.44 -28.65 -12.61
C LEU B 560 30.14 -29.47 -11.36
N PRO B 561 31.10 -30.29 -10.91
CA PRO B 561 30.80 -31.25 -9.83
C PRO B 561 30.28 -30.63 -8.54
N PHE B 562 30.42 -29.32 -8.36
CA PHE B 562 29.92 -28.66 -7.15
C PHE B 562 28.63 -27.89 -7.36
N GLN B 563 28.07 -27.92 -8.56
CA GLN B 563 26.88 -27.12 -8.89
C GLN B 563 25.64 -28.00 -8.74
N GLN B 564 24.72 -27.59 -7.88
CA GLN B 564 23.54 -28.41 -7.61
C GLN B 564 22.46 -28.18 -8.66
N PHE B 565 21.94 -26.96 -8.76
CA PHE B 565 20.90 -26.66 -9.72
C PHE B 565 21.37 -25.62 -10.72
N GLY B 566 20.68 -25.58 -11.86
CA GLY B 566 21.00 -24.65 -12.92
C GLY B 566 20.06 -23.46 -12.94
N ARG B 567 20.38 -22.51 -13.82
CA ARG B 567 19.59 -21.28 -13.95
C ARG B 567 19.90 -20.67 -15.30
N ASP B 568 19.18 -19.60 -15.62
CA ASP B 568 19.30 -18.96 -16.92
C ASP B 568 19.03 -17.47 -16.75
N ILE B 569 18.79 -16.79 -17.88
CA ILE B 569 18.38 -15.40 -17.83
C ILE B 569 17.06 -15.31 -17.07
N ALA B 570 16.88 -14.23 -16.32
CA ALA B 570 15.77 -13.96 -15.42
C ALA B 570 15.78 -14.85 -14.18
N ASP B 571 16.77 -15.76 -14.06
CA ASP B 571 17.00 -16.54 -12.85
C ASP B 571 15.76 -17.36 -12.45
N THR B 572 15.25 -18.13 -13.40
CA THR B 572 14.23 -19.13 -13.13
C THR B 572 14.85 -20.50 -13.34
N THR B 573 14.80 -21.35 -12.33
CA THR B 573 15.48 -22.64 -12.39
C THR B 573 14.96 -23.47 -13.54
N ASP B 574 15.89 -24.04 -14.32
CA ASP B 574 15.51 -24.88 -15.45
C ASP B 574 16.37 -26.14 -15.57
N ALA B 575 17.01 -26.56 -14.48
CA ALA B 575 17.78 -27.80 -14.43
C ALA B 575 18.17 -28.05 -12.99
N VAL B 576 18.11 -29.33 -12.59
CA VAL B 576 18.40 -29.71 -11.22
C VAL B 576 19.16 -31.03 -11.25
N ARG B 577 20.16 -31.14 -10.38
CA ARG B 577 20.85 -32.40 -10.12
C ARG B 577 20.21 -33.05 -8.90
N ASP B 578 19.65 -34.24 -9.08
CA ASP B 578 19.00 -34.92 -7.98
C ASP B 578 20.05 -35.40 -6.98
N PRO B 579 19.77 -35.33 -5.67
CA PRO B 579 20.83 -35.54 -4.69
C PRO B 579 21.28 -36.98 -4.53
N GLN B 580 20.62 -37.94 -5.18
CA GLN B 580 20.98 -39.35 -5.02
C GLN B 580 21.70 -39.91 -6.25
N THR B 581 21.10 -39.81 -7.43
CA THR B 581 21.70 -40.34 -8.64
C THR B 581 22.77 -39.41 -9.23
N LEU B 582 22.81 -38.15 -8.80
CA LEU B 582 23.67 -37.12 -9.39
C LEU B 582 23.45 -37.03 -10.90
N GLU B 583 22.20 -36.81 -11.27
CA GLU B 583 21.77 -36.72 -12.65
C GLU B 583 21.10 -35.37 -12.88
N ILE B 584 21.37 -34.77 -14.04
CA ILE B 584 20.86 -33.45 -14.38
C ILE B 584 19.51 -33.63 -15.04
N LEU B 585 18.49 -32.96 -14.50
CA LEU B 585 17.12 -33.07 -14.97
C LEU B 585 16.60 -31.69 -15.35
N ASP B 586 16.15 -31.54 -16.59
CA ASP B 586 15.51 -30.29 -17.00
C ASP B 586 14.19 -30.10 -16.26
N ILE B 587 13.71 -28.87 -16.28
CA ILE B 587 12.41 -28.52 -15.72
C ILE B 587 11.66 -27.74 -16.77
N THR B 588 10.54 -28.29 -17.24
CA THR B 588 9.66 -27.60 -18.16
C THR B 588 8.27 -27.46 -17.56
N PRO B 589 7.70 -26.26 -17.53
CA PRO B 589 6.35 -26.10 -17.00
C PRO B 589 5.35 -26.92 -17.81
N CYS B 590 4.38 -27.49 -17.10
CA CYS B 590 3.37 -28.32 -17.73
C CYS B 590 2.33 -27.43 -18.38
N SER B 591 1.91 -27.82 -19.58
CA SER B 591 1.18 -26.98 -20.53
C SER B 591 0.13 -26.09 -19.91
N PHE B 592 0.16 -24.80 -20.26
CA PHE B 592 -0.94 -23.88 -20.02
C PHE B 592 -1.23 -23.16 -21.32
N GLY B 593 -2.31 -22.37 -21.33
CA GLY B 593 -2.68 -21.65 -22.53
C GLY B 593 -4.08 -21.10 -22.42
N GLY B 594 -4.58 -20.58 -23.53
CA GLY B 594 -5.92 -20.06 -23.59
C GLY B 594 -6.79 -20.87 -24.51
N VAL B 595 -8.10 -20.82 -24.24
CA VAL B 595 -9.09 -21.54 -25.03
C VAL B 595 -9.91 -20.51 -25.79
N SER B 596 -10.01 -20.69 -27.10
CA SER B 596 -10.76 -19.79 -27.97
C SER B 596 -11.82 -20.57 -28.73
N VAL B 597 -13.00 -19.96 -28.86
CA VAL B 597 -14.13 -20.60 -29.52
C VAL B 597 -14.39 -19.87 -30.83
N ILE B 598 -14.27 -20.60 -31.93
CA ILE B 598 -14.54 -20.06 -33.26
C ILE B 598 -16.02 -20.26 -33.56
N THR B 599 -16.77 -19.15 -33.61
CA THR B 599 -18.21 -19.20 -33.78
C THR B 599 -18.60 -18.59 -35.12
N PRO B 600 -19.38 -19.29 -35.94
CA PRO B 600 -19.87 -18.69 -37.20
C PRO B 600 -21.03 -17.74 -37.01
N GLY B 601 -21.41 -17.42 -35.78
CA GLY B 601 -22.56 -16.58 -35.53
C GLY B 601 -23.79 -17.39 -35.17
N THR B 602 -24.53 -16.94 -34.16
CA THR B 602 -25.71 -17.68 -33.72
C THR B 602 -26.79 -17.74 -34.80
N ASN B 603 -26.89 -16.72 -35.64
CA ASN B 603 -27.84 -16.75 -36.75
C ASN B 603 -27.59 -17.95 -37.65
N THR B 604 -26.35 -18.11 -38.11
CA THR B 604 -26.05 -19.11 -39.12
C THR B 604 -26.18 -20.52 -38.57
N SER B 605 -25.58 -20.79 -37.42
CA SER B 605 -25.61 -22.12 -36.83
C SER B 605 -25.20 -22.03 -35.37
N ASN B 606 -25.34 -23.15 -34.66
CA ASN B 606 -24.88 -23.29 -33.29
C ASN B 606 -23.64 -24.16 -33.17
N GLN B 607 -22.98 -24.47 -34.28
CA GLN B 607 -21.74 -25.23 -34.24
C GLN B 607 -20.60 -24.33 -33.80
N VAL B 608 -19.57 -24.94 -33.20
CA VAL B 608 -18.38 -24.22 -32.75
C VAL B 608 -17.15 -25.07 -33.01
N ALA B 609 -16.01 -24.40 -33.06
CA ALA B 609 -14.71 -25.05 -33.06
C ALA B 609 -13.87 -24.43 -31.96
N VAL B 610 -13.00 -25.22 -31.36
CA VAL B 610 -12.25 -24.81 -30.17
C VAL B 610 -10.76 -24.84 -30.49
N LEU B 611 -10.06 -23.77 -30.13
CA LEU B 611 -8.63 -23.65 -30.36
C LEU B 611 -7.93 -23.63 -29.01
N TYR B 612 -7.15 -24.68 -28.73
CA TYR B 612 -6.32 -24.73 -27.54
C TYR B 612 -4.93 -24.22 -27.93
N GLN B 613 -4.50 -23.14 -27.29
CA GLN B 613 -3.32 -22.42 -27.76
C GLN B 613 -2.04 -23.02 -27.19
N ASP B 614 -1.06 -23.22 -28.07
CA ASP B 614 0.28 -23.67 -27.68
C ASP B 614 0.23 -25.02 -26.95
N VAL B 615 -0.50 -25.97 -27.52
CA VAL B 615 -0.67 -27.29 -26.92
C VAL B 615 -0.69 -28.32 -28.05
N ASN B 616 0.05 -29.42 -27.86
CA ASN B 616 -0.16 -30.58 -28.73
C ASN B 616 -1.56 -31.15 -28.58
N CYS B 617 -2.10 -31.64 -29.70
CA CYS B 617 -3.48 -32.10 -29.73
C CYS B 617 -3.69 -33.35 -28.89
N THR B 618 -2.62 -34.12 -28.66
CA THR B 618 -2.76 -35.34 -27.86
C THR B 618 -2.89 -35.06 -26.38
N GLU B 619 -2.73 -33.80 -25.96
CA GLU B 619 -2.67 -33.45 -24.55
C GLU B 619 -3.87 -32.63 -24.09
N VAL B 620 -4.87 -32.46 -24.94
CA VAL B 620 -6.06 -31.69 -24.58
C VAL B 620 -7.03 -32.42 -23.64
N PRO B 621 -7.21 -33.76 -23.71
CA PRO B 621 -8.28 -34.37 -22.89
C PRO B 621 -8.05 -34.26 -21.39
N VAL B 622 -6.94 -33.68 -20.97
CA VAL B 622 -6.65 -33.50 -19.55
C VAL B 622 -7.09 -32.13 -19.05
N ALA B 623 -7.89 -31.42 -19.84
CA ALA B 623 -8.51 -30.17 -19.39
C ALA B 623 -9.60 -30.51 -18.39
N ILE B 624 -9.46 -30.00 -17.17
CA ILE B 624 -10.38 -30.36 -16.09
C ILE B 624 -11.79 -29.91 -16.41
N HIS B 625 -11.94 -28.67 -16.89
CA HIS B 625 -13.26 -28.13 -17.19
C HIS B 625 -13.82 -28.77 -18.46
N ALA B 626 -14.86 -29.58 -18.31
CA ALA B 626 -15.43 -30.29 -19.46
C ALA B 626 -16.19 -29.33 -20.36
N ASP B 627 -15.97 -29.47 -21.68
CA ASP B 627 -16.73 -28.73 -22.70
C ASP B 627 -17.26 -29.74 -23.72
N GLN B 628 -18.39 -30.35 -23.41
CA GLN B 628 -19.06 -31.30 -24.29
C GLN B 628 -20.35 -31.80 -23.67
N THR B 638 -10.08 -33.90 -28.79
CA THR B 638 -11.11 -34.64 -28.06
C THR B 638 -11.97 -35.46 -29.00
N GLY B 639 -11.89 -35.16 -30.30
CA GLY B 639 -12.72 -35.83 -31.28
C GLY B 639 -11.96 -36.37 -32.47
N SER B 640 -12.62 -36.41 -33.63
CA SER B 640 -12.02 -36.97 -34.83
C SER B 640 -11.59 -35.92 -35.85
N ASN B 641 -12.04 -34.67 -35.70
CA ASN B 641 -11.64 -33.57 -36.57
C ASN B 641 -10.46 -32.80 -36.00
N VAL B 642 -9.56 -33.48 -35.29
CA VAL B 642 -8.43 -32.85 -34.65
C VAL B 642 -7.43 -32.40 -35.71
N PHE B 643 -6.95 -31.16 -35.59
CA PHE B 643 -6.03 -30.56 -36.55
C PHE B 643 -5.04 -29.70 -35.78
N GLN B 644 -3.75 -30.00 -35.91
CA GLN B 644 -2.70 -29.28 -35.20
C GLN B 644 -2.18 -28.14 -36.07
N THR B 645 -2.23 -26.93 -35.55
CA THR B 645 -1.78 -25.73 -36.24
C THR B 645 -0.51 -25.20 -35.59
N ARG B 646 0.00 -24.09 -36.12
CA ARG B 646 1.12 -23.38 -35.51
C ARG B 646 0.69 -22.51 -34.34
N ALA B 647 -0.58 -22.17 -34.23
CA ALA B 647 -1.09 -21.42 -33.09
C ALA B 647 -1.60 -22.32 -31.97
N GLY B 648 -1.84 -23.60 -32.26
CA GLY B 648 -2.32 -24.54 -31.26
C GLY B 648 -2.88 -25.78 -31.90
N CYS B 649 -3.97 -26.31 -31.35
CA CYS B 649 -4.68 -27.41 -31.98
C CYS B 649 -6.15 -27.01 -32.11
N LEU B 650 -6.70 -27.26 -33.29
CA LEU B 650 -8.07 -26.86 -33.61
C LEU B 650 -8.94 -28.11 -33.66
N ILE B 651 -9.90 -28.19 -32.74
CA ILE B 651 -10.77 -29.36 -32.61
C ILE B 651 -12.19 -28.95 -32.98
N GLY B 652 -12.77 -29.67 -33.92
CA GLY B 652 -14.11 -29.39 -34.39
C GLY B 652 -14.19 -28.82 -35.78
N ALA B 653 -13.06 -28.46 -36.38
CA ALA B 653 -13.01 -27.90 -37.73
C ALA B 653 -12.12 -28.77 -38.60
N GLU B 654 -12.62 -29.13 -39.78
CA GLU B 654 -11.91 -30.02 -40.69
C GLU B 654 -10.94 -29.24 -41.57
N HIS B 655 -9.87 -29.92 -41.98
CA HIS B 655 -8.85 -29.32 -42.82
C HIS B 655 -9.18 -29.56 -44.29
N VAL B 656 -9.37 -28.47 -45.04
CA VAL B 656 -9.54 -28.54 -46.48
C VAL B 656 -8.23 -28.08 -47.13
N ASN B 657 -7.95 -28.62 -48.31
CA ASN B 657 -6.72 -28.28 -49.02
C ASN B 657 -6.86 -27.06 -49.91
N ASN B 658 -8.06 -26.51 -50.04
CA ASN B 658 -8.28 -25.33 -50.86
C ASN B 658 -7.74 -24.09 -50.14
N SER B 659 -7.96 -22.93 -50.76
CA SER B 659 -7.56 -21.65 -50.19
C SER B 659 -8.63 -20.62 -50.50
N TYR B 660 -9.14 -19.96 -49.47
CA TYR B 660 -10.18 -18.96 -49.61
C TYR B 660 -9.74 -17.66 -48.96
N GLU B 661 -10.55 -16.62 -49.18
CA GLU B 661 -10.35 -15.37 -48.46
C GLU B 661 -10.54 -15.62 -46.96
N CYS B 662 -9.71 -14.96 -46.16
CA CYS B 662 -9.75 -15.17 -44.72
C CYS B 662 -11.09 -14.71 -44.15
N ASP B 663 -11.70 -15.55 -43.31
CA ASP B 663 -12.98 -15.25 -42.69
C ASP B 663 -12.85 -15.02 -41.19
N ILE B 664 -12.26 -15.98 -40.46
CA ILE B 664 -12.01 -15.85 -39.04
C ILE B 664 -10.53 -16.08 -38.80
N PRO B 665 -9.77 -15.09 -38.31
CA PRO B 665 -8.32 -15.24 -38.20
C PRO B 665 -7.94 -16.10 -37.01
N ILE B 666 -7.32 -17.24 -37.30
CA ILE B 666 -6.80 -18.12 -36.25
C ILE B 666 -5.34 -17.79 -35.93
N GLY B 667 -4.50 -17.67 -36.95
CA GLY B 667 -3.12 -17.30 -36.76
C GLY B 667 -2.16 -18.12 -37.62
N ALA B 668 -1.02 -17.53 -37.93
CA ALA B 668 0.05 -18.19 -38.68
C ALA B 668 -0.42 -18.61 -40.07
N GLY B 669 -1.25 -17.78 -40.70
CA GLY B 669 -1.72 -18.06 -42.04
C GLY B 669 -2.94 -18.94 -42.12
N ILE B 670 -3.50 -19.34 -40.99
CA ILE B 670 -4.65 -20.24 -40.94
C ILE B 670 -5.90 -19.42 -40.64
N CYS B 671 -6.95 -19.64 -41.42
CA CYS B 671 -8.24 -19.03 -41.17
C CYS B 671 -9.31 -20.11 -41.17
N ALA B 672 -10.46 -19.78 -40.59
CA ALA B 672 -11.57 -20.70 -40.46
C ALA B 672 -12.85 -20.04 -40.97
N SER B 673 -13.71 -20.85 -41.58
CA SER B 673 -14.96 -20.36 -42.15
C SER B 673 -16.00 -21.45 -42.07
N TYR B 674 -17.27 -21.04 -42.13
CA TYR B 674 -18.41 -21.94 -42.08
C TYR B 674 -19.08 -21.94 -43.45
N GLN B 675 -18.92 -23.05 -44.18
CA GLN B 675 -19.55 -23.17 -45.48
C GLN B 675 -19.70 -24.66 -45.80
N THR B 676 -20.90 -25.08 -46.15
CA THR B 676 -21.18 -26.49 -46.40
C THR B 676 -21.99 -26.66 -47.68
N SER B 691 -20.37 -27.19 -42.17
CA SER B 691 -19.41 -27.52 -41.13
C SER B 691 -18.26 -26.51 -41.12
N ILE B 692 -17.70 -26.27 -39.93
CA ILE B 692 -16.56 -25.38 -39.81
C ILE B 692 -15.36 -26.01 -40.48
N ILE B 693 -14.69 -25.25 -41.34
CA ILE B 693 -13.50 -25.74 -42.04
C ILE B 693 -12.32 -24.85 -41.69
N ALA B 694 -11.12 -25.38 -41.91
CA ALA B 694 -9.88 -24.67 -41.63
C ALA B 694 -8.95 -24.83 -42.81
N TYR B 695 -8.47 -23.72 -43.35
CA TYR B 695 -7.64 -23.73 -44.55
C TYR B 695 -6.48 -22.77 -44.35
N THR B 696 -5.71 -22.59 -45.42
CA THR B 696 -4.69 -21.55 -45.49
C THR B 696 -5.23 -20.42 -46.36
N MET B 697 -5.21 -19.20 -45.83
CA MET B 697 -5.86 -18.09 -46.52
C MET B 697 -5.20 -17.84 -47.87
N SER B 698 -6.01 -17.41 -48.83
CA SER B 698 -5.53 -17.04 -50.15
C SER B 698 -5.29 -15.54 -50.18
N LEU B 699 -4.09 -15.14 -50.57
CA LEU B 699 -3.73 -13.72 -50.52
C LEU B 699 -4.55 -12.90 -51.49
N GLY B 700 -4.88 -13.47 -52.65
CA GLY B 700 -5.71 -12.77 -53.60
C GLY B 700 -5.79 -13.53 -54.90
N ALA B 701 -6.68 -13.06 -55.78
CA ALA B 701 -6.83 -13.65 -57.09
C ALA B 701 -5.53 -13.53 -57.87
N GLU B 702 -5.09 -14.63 -58.46
CA GLU B 702 -3.84 -14.64 -59.20
C GLU B 702 -3.98 -13.82 -60.49
N ASN B 703 -2.93 -13.08 -60.82
CA ASN B 703 -2.94 -12.25 -62.01
C ASN B 703 -1.54 -12.21 -62.59
N SER B 704 -1.46 -11.88 -63.87
CA SER B 704 -0.17 -11.80 -64.57
C SER B 704 -0.34 -10.84 -65.73
N VAL B 705 0.26 -9.66 -65.62
CA VAL B 705 0.12 -8.64 -66.65
C VAL B 705 0.90 -9.06 -67.89
N ALA B 706 0.31 -8.83 -69.06
CA ALA B 706 0.88 -9.26 -70.34
C ALA B 706 1.91 -8.23 -70.82
N TYR B 707 3.02 -8.17 -70.09
CA TYR B 707 4.05 -7.19 -70.39
C TYR B 707 4.76 -7.52 -71.70
N SER B 708 5.12 -6.47 -72.44
CA SER B 708 5.94 -6.57 -73.64
C SER B 708 6.55 -5.20 -73.88
N ASN B 709 7.64 -5.19 -74.65
CA ASN B 709 8.36 -3.94 -74.84
C ASN B 709 7.73 -3.00 -75.86
N ASN B 710 6.73 -3.46 -76.61
CA ASN B 710 6.03 -2.60 -77.56
C ASN B 710 4.52 -2.80 -77.44
N SER B 711 4.00 -2.83 -76.23
CA SER B 711 2.57 -3.03 -76.01
C SER B 711 2.10 -2.19 -74.83
N ILE B 712 1.00 -1.47 -75.03
CA ILE B 712 0.39 -0.68 -73.97
C ILE B 712 -1.11 -1.00 -73.95
N ALA B 713 -1.72 -0.76 -72.80
CA ALA B 713 -3.17 -0.89 -72.65
C ALA B 713 -3.73 0.46 -72.22
N ILE B 714 -4.70 0.97 -72.99
CA ILE B 714 -5.30 2.28 -72.75
C ILE B 714 -6.79 2.07 -72.55
N PRO B 715 -7.38 2.59 -71.48
CA PRO B 715 -8.82 2.41 -71.27
C PRO B 715 -9.65 3.17 -72.29
N THR B 716 -10.84 2.66 -72.57
CA THR B 716 -11.76 3.26 -73.50
C THR B 716 -13.07 3.68 -72.84
N ASN B 717 -13.17 3.57 -71.52
CA ASN B 717 -14.36 3.97 -70.78
C ASN B 717 -13.94 4.22 -69.33
N PHE B 718 -14.86 4.79 -68.55
CA PHE B 718 -14.55 5.10 -67.16
C PHE B 718 -15.73 4.70 -66.29
N THR B 719 -15.61 4.99 -65.00
CA THR B 719 -16.65 4.66 -64.04
C THR B 719 -16.50 5.59 -62.84
N ILE B 720 -17.52 6.38 -62.57
CA ILE B 720 -17.52 7.30 -61.43
C ILE B 720 -17.86 6.49 -60.19
N SER B 721 -16.93 6.47 -59.24
CA SER B 721 -17.06 5.68 -58.02
C SER B 721 -17.17 6.61 -56.82
N VAL B 722 -18.15 6.37 -55.97
CA VAL B 722 -18.33 7.14 -54.75
C VAL B 722 -18.02 6.21 -53.58
N THR B 723 -16.89 6.43 -52.93
CA THR B 723 -16.43 5.64 -51.80
C THR B 723 -17.07 6.25 -50.54
N THR B 724 -16.68 5.73 -49.37
CA THR B 724 -17.18 6.24 -48.10
C THR B 724 -16.13 5.97 -47.02
N GLU B 725 -15.69 7.04 -46.36
CA GLU B 725 -14.68 6.95 -45.32
C GLU B 725 -15.22 7.56 -44.04
N ILE B 726 -15.19 6.78 -42.96
CA ILE B 726 -15.76 7.18 -41.68
C ILE B 726 -14.61 7.38 -40.69
N LEU B 727 -14.59 8.54 -40.03
CA LEU B 727 -13.55 8.87 -39.07
C LEU B 727 -14.21 9.37 -37.78
N PRO B 728 -13.68 9.03 -36.62
CA PRO B 728 -14.13 9.67 -35.39
C PRO B 728 -13.33 10.92 -35.10
N VAL B 729 -14.02 11.96 -34.63
CA VAL B 729 -13.37 13.24 -34.35
C VAL B 729 -13.40 13.60 -32.87
N SER B 730 -14.38 13.14 -32.11
CA SER B 730 -14.47 13.49 -30.70
C SER B 730 -15.18 12.38 -29.94
N MET B 731 -14.95 12.36 -28.63
CA MET B 731 -15.59 11.40 -27.74
C MET B 731 -16.28 12.15 -26.61
N THR B 732 -16.93 11.40 -25.73
CA THR B 732 -17.74 12.01 -24.67
C THR B 732 -16.87 12.70 -23.65
N LYS B 733 -17.35 13.83 -23.14
CA LYS B 733 -16.64 14.63 -22.15
C LYS B 733 -17.20 14.29 -20.77
N THR B 734 -16.42 13.57 -19.97
CA THR B 734 -16.83 13.18 -18.63
C THR B 734 -15.92 13.82 -17.60
N SER B 735 -16.49 14.09 -16.43
CA SER B 735 -15.73 14.57 -15.28
C SER B 735 -16.06 13.68 -14.08
N VAL B 736 -15.03 13.32 -13.33
CA VAL B 736 -15.16 12.37 -12.22
C VAL B 736 -14.63 13.05 -10.97
N ASP B 737 -15.50 13.27 -9.99
CA ASP B 737 -15.11 13.93 -8.76
C ASP B 737 -14.55 12.92 -7.76
N CYS B 738 -13.34 13.19 -7.25
CA CYS B 738 -12.76 12.31 -6.23
C CYS B 738 -13.58 12.27 -4.96
N THR B 739 -13.78 13.42 -4.31
CA THR B 739 -14.25 13.45 -2.94
C THR B 739 -15.69 12.96 -2.81
N MET B 740 -16.30 12.56 -3.92
CA MET B 740 -17.58 11.88 -3.90
C MET B 740 -17.51 10.47 -4.47
N TYR B 741 -16.49 10.17 -5.27
CA TYR B 741 -16.27 8.81 -5.73
C TYR B 741 -15.61 7.96 -4.65
N ILE B 742 -14.40 8.34 -4.25
CA ILE B 742 -13.69 7.59 -3.21
C ILE B 742 -14.45 7.66 -1.89
N CYS B 743 -14.90 8.86 -1.51
CA CYS B 743 -15.50 9.08 -0.20
C CYS B 743 -17.02 8.96 -0.22
N GLY B 744 -17.70 9.79 -1.01
CA GLY B 744 -19.14 9.70 -1.09
C GLY B 744 -19.86 10.20 0.13
N ASP B 745 -19.72 11.49 0.45
CA ASP B 745 -20.44 12.14 1.55
C ASP B 745 -20.10 11.49 2.90
N SER B 746 -18.81 11.33 3.18
CA SER B 746 -18.34 10.79 4.45
C SER B 746 -17.20 11.65 4.95
N THR B 747 -17.36 12.22 6.15
CA THR B 747 -16.34 13.11 6.71
C THR B 747 -15.09 12.35 7.10
N GLU B 748 -15.25 11.17 7.71
CA GLU B 748 -14.11 10.37 8.13
C GLU B 748 -13.26 9.98 6.93
N CYS B 749 -13.90 9.60 5.82
CA CYS B 749 -13.16 9.35 4.60
C CYS B 749 -12.47 10.61 4.09
N SER B 750 -13.19 11.74 4.12
CA SER B 750 -12.66 12.97 3.53
C SER B 750 -11.42 13.44 4.25
N ASN B 751 -11.40 13.35 5.59
CA ASN B 751 -10.24 13.78 6.35
C ASN B 751 -9.03 12.89 6.10
N LEU B 752 -9.23 11.63 5.73
CA LEU B 752 -8.13 10.73 5.43
C LEU B 752 -7.64 10.83 4.00
N LEU B 753 -8.37 11.52 3.13
CA LEU B 753 -7.93 11.74 1.76
C LEU B 753 -7.07 12.99 1.61
N LEU B 754 -7.09 13.88 2.61
CA LEU B 754 -6.28 15.08 2.57
C LEU B 754 -4.80 14.82 2.83
N GLN B 755 -4.45 13.64 3.33
CA GLN B 755 -3.05 13.32 3.61
C GLN B 755 -2.33 12.73 2.41
N TYR B 756 -2.99 12.59 1.27
CA TYR B 756 -2.35 12.08 0.06
C TYR B 756 -1.88 13.19 -0.88
N GLY B 757 -2.01 14.45 -0.48
CA GLY B 757 -1.46 15.53 -1.27
C GLY B 757 -2.45 16.06 -2.29
N SER B 758 -2.01 16.11 -3.55
CA SER B 758 -2.82 16.64 -4.64
C SER B 758 -2.90 15.66 -5.80
N PHE B 759 -3.19 14.39 -5.50
CA PHE B 759 -3.50 13.42 -6.56
C PHE B 759 -4.75 13.82 -7.31
N CYS B 760 -5.76 14.31 -6.59
CA CYS B 760 -7.08 14.48 -7.17
C CYS B 760 -7.25 15.80 -7.90
N THR B 761 -6.54 16.83 -7.47
CA THR B 761 -6.47 18.04 -8.28
C THR B 761 -5.84 17.67 -9.62
N GLN B 762 -4.82 16.81 -9.58
CA GLN B 762 -4.17 16.34 -10.80
C GLN B 762 -5.14 15.57 -11.68
N LEU B 763 -5.91 14.65 -11.08
CA LEU B 763 -6.85 13.86 -11.88
C LEU B 763 -7.95 14.74 -12.49
N ASN B 764 -8.48 15.69 -11.72
CA ASN B 764 -9.49 16.59 -12.25
C ASN B 764 -8.92 17.44 -13.36
N ARG B 765 -7.68 17.90 -13.22
CA ARG B 765 -7.02 18.68 -14.26
C ARG B 765 -6.85 17.86 -15.53
N ALA B 766 -6.46 16.59 -15.39
CA ALA B 766 -6.30 15.74 -16.57
C ALA B 766 -7.63 15.53 -17.29
N LEU B 767 -8.68 15.19 -16.54
CA LEU B 767 -10.00 14.99 -17.15
C LEU B 767 -10.54 16.26 -17.79
N THR B 768 -10.30 17.42 -17.16
CA THR B 768 -10.69 18.70 -17.73
C THR B 768 -9.92 19.01 -19.01
N GLY B 769 -8.63 18.68 -19.04
CA GLY B 769 -7.87 18.84 -20.28
C GLY B 769 -8.41 17.99 -21.41
N ILE B 770 -8.78 16.74 -21.10
CA ILE B 770 -9.39 15.89 -22.12
C ILE B 770 -10.70 16.50 -22.61
N ALA B 771 -11.53 16.97 -21.67
CA ALA B 771 -12.82 17.53 -22.04
C ALA B 771 -12.67 18.77 -22.91
N VAL B 772 -11.68 19.62 -22.59
CA VAL B 772 -11.37 20.78 -23.43
C VAL B 772 -10.85 20.38 -24.80
N GLU B 773 -9.98 19.36 -24.88
CA GLU B 773 -9.55 18.85 -26.17
C GLU B 773 -10.74 18.44 -27.03
N GLN B 774 -11.76 17.83 -26.43
CA GLN B 774 -12.86 17.29 -27.22
C GLN B 774 -13.64 18.36 -27.98
N ASP B 775 -13.48 19.64 -27.62
CA ASP B 775 -14.10 20.71 -28.40
C ASP B 775 -13.16 21.32 -29.43
N LYS B 776 -11.86 21.30 -29.17
CA LYS B 776 -10.89 21.70 -30.18
C LYS B 776 -10.87 20.72 -31.34
N ASN B 777 -11.10 19.44 -31.06
CA ASN B 777 -11.13 18.44 -32.12
C ASN B 777 -12.28 18.70 -33.10
N THR B 778 -13.47 19.00 -32.58
CA THR B 778 -14.63 19.21 -33.44
C THR B 778 -14.55 20.54 -34.18
N GLN B 779 -13.92 21.55 -33.59
CA GLN B 779 -13.90 22.86 -34.21
C GLN B 779 -12.98 22.89 -35.42
N GLU B 780 -11.79 22.29 -35.31
CA GLU B 780 -10.84 22.34 -36.41
C GLU B 780 -11.26 21.50 -37.61
N VAL B 781 -12.14 20.52 -37.40
CA VAL B 781 -12.57 19.67 -38.51
C VAL B 781 -13.69 20.34 -39.28
N PHE B 782 -14.75 20.74 -38.60
CA PHE B 782 -15.96 21.26 -39.25
C PHE B 782 -15.90 22.75 -39.53
N ALA B 783 -15.38 23.56 -38.60
CA ALA B 783 -15.36 25.01 -38.77
C ALA B 783 -14.18 25.45 -39.63
N GLN B 784 -14.21 25.02 -40.89
CA GLN B 784 -13.24 25.45 -41.89
C GLN B 784 -13.71 26.63 -42.71
N VAL B 785 -14.91 27.15 -42.44
CA VAL B 785 -15.47 28.26 -43.20
C VAL B 785 -15.82 29.38 -42.23
N LYS B 786 -15.54 30.61 -42.64
CA LYS B 786 -15.89 31.80 -41.87
C LYS B 786 -17.26 32.34 -42.25
N GLN B 787 -17.94 31.71 -43.19
CA GLN B 787 -19.24 32.15 -43.68
C GLN B 787 -20.16 30.95 -43.82
N ILE B 788 -21.45 31.23 -43.97
CA ILE B 788 -22.43 30.17 -44.16
C ILE B 788 -23.06 30.31 -45.53
N TYR B 789 -22.51 29.59 -46.50
CA TYR B 789 -23.02 29.66 -47.87
C TYR B 789 -24.34 28.90 -47.97
N LYS B 790 -25.18 29.34 -48.91
CA LYS B 790 -26.48 28.74 -49.13
C LYS B 790 -26.57 28.25 -50.57
N THR B 791 -27.12 27.05 -50.75
CA THR B 791 -27.37 26.55 -52.08
C THR B 791 -28.56 27.29 -52.69
N PRO B 792 -28.58 27.50 -54.00
CA PRO B 792 -29.66 28.26 -54.60
C PRO B 792 -30.98 27.52 -54.47
N PRO B 793 -32.09 28.25 -54.40
CA PRO B 793 -33.40 27.58 -54.30
C PRO B 793 -33.74 26.75 -55.53
N ILE B 794 -33.20 27.09 -56.69
CA ILE B 794 -33.43 26.35 -57.93
C ILE B 794 -32.23 25.44 -58.17
N LYS B 795 -32.49 24.14 -58.28
CA LYS B 795 -31.45 23.12 -58.38
C LYS B 795 -31.31 22.72 -59.85
N ASP B 796 -30.46 23.44 -60.57
CA ASP B 796 -30.15 23.14 -61.97
C ASP B 796 -28.64 23.01 -62.08
N PHE B 797 -28.12 21.80 -61.85
CA PHE B 797 -26.69 21.56 -61.85
C PHE B 797 -26.25 20.73 -63.06
N GLY B 798 -26.98 20.83 -64.17
CA GLY B 798 -26.59 20.17 -65.40
C GLY B 798 -26.87 18.69 -65.46
N GLY B 799 -27.60 18.15 -64.50
CA GLY B 799 -27.92 16.74 -64.44
C GLY B 799 -27.49 16.07 -63.15
N PHE B 800 -26.51 16.62 -62.45
CA PHE B 800 -26.09 16.08 -61.17
C PHE B 800 -27.14 16.37 -60.12
N ASN B 801 -27.42 15.37 -59.28
CA ASN B 801 -28.54 15.41 -58.34
C ASN B 801 -28.00 15.23 -56.93
N PHE B 802 -28.04 16.31 -56.14
CA PHE B 802 -27.46 16.32 -54.81
C PHE B 802 -28.50 16.25 -53.71
N SER B 803 -29.67 15.66 -54.00
CA SER B 803 -30.74 15.64 -53.01
C SER B 803 -30.40 14.75 -51.83
N GLN B 804 -29.49 13.81 -52.00
CA GLN B 804 -29.14 12.87 -50.94
C GLN B 804 -28.15 13.44 -49.94
N ILE B 805 -27.48 14.55 -50.26
CA ILE B 805 -26.48 15.12 -49.37
C ILE B 805 -26.91 16.52 -48.94
N LEU B 806 -27.73 17.18 -49.76
CA LEU B 806 -28.21 18.50 -49.41
C LEU B 806 -29.24 18.39 -48.27
N PRO B 807 -29.36 19.43 -47.39
CA PRO B 807 -30.32 19.42 -46.32
C PRO B 807 -31.74 19.28 -46.83
N ASP B 808 -32.55 18.49 -46.14
CA ASP B 808 -33.96 18.26 -46.51
C ASP B 808 -34.77 19.24 -45.70
N PRO B 809 -35.39 20.26 -46.31
CA PRO B 809 -36.13 21.28 -45.57
C PRO B 809 -37.40 20.73 -44.91
N SER B 810 -38.06 19.74 -45.52
CA SER B 810 -39.34 19.19 -45.01
C SER B 810 -39.22 18.58 -43.61
N LYS B 811 -38.21 17.74 -43.38
CA LYS B 811 -38.14 17.10 -42.06
C LYS B 811 -37.63 18.13 -41.06
N PRO B 812 -37.96 18.03 -39.76
CA PRO B 812 -37.54 19.01 -38.75
C PRO B 812 -36.04 19.10 -38.52
N SER B 813 -35.32 17.99 -38.60
CA SER B 813 -33.90 17.92 -38.24
C SER B 813 -33.05 18.86 -39.09
N LYS B 814 -33.43 19.05 -40.35
CA LYS B 814 -32.65 19.87 -41.31
C LYS B 814 -31.38 19.09 -41.62
N ARG B 815 -31.47 17.77 -41.54
CA ARG B 815 -30.32 16.91 -41.86
C ARG B 815 -30.68 16.24 -43.17
N SER B 816 -29.71 15.98 -44.02
CA SER B 816 -29.92 15.31 -45.30
C SER B 816 -30.36 13.86 -45.09
N PRO B 817 -30.90 13.23 -46.13
CA PRO B 817 -31.30 11.82 -46.00
C PRO B 817 -30.19 10.88 -45.51
N ILE B 818 -28.95 11.08 -45.95
CA ILE B 818 -27.87 10.19 -45.52
C ILE B 818 -27.54 10.42 -44.06
N GLU B 819 -27.52 11.68 -43.63
CA GLU B 819 -27.25 11.97 -42.23
C GLU B 819 -28.32 11.39 -41.31
N ASP B 820 -29.56 11.28 -41.79
CA ASP B 820 -30.61 10.66 -40.98
C ASP B 820 -30.26 9.22 -40.66
N LEU B 821 -29.82 8.45 -41.67
CA LEU B 821 -29.37 7.09 -41.41
C LEU B 821 -28.14 7.07 -40.53
N LEU B 822 -27.19 7.98 -40.77
CA LEU B 822 -25.96 8.00 -39.98
C LEU B 822 -26.24 8.26 -38.50
N PHE B 823 -27.23 9.08 -38.17
CA PHE B 823 -27.60 9.29 -36.78
C PHE B 823 -28.51 8.20 -36.24
N ASN B 824 -29.29 7.53 -37.09
CA ASN B 824 -30.14 6.45 -36.61
C ASN B 824 -29.37 5.14 -36.43
N LYS B 825 -28.37 4.88 -37.28
CA LYS B 825 -27.67 3.61 -37.23
C LYS B 825 -26.86 3.46 -35.94
N VAL B 826 -26.23 4.53 -35.49
CA VAL B 826 -25.34 4.45 -34.33
C VAL B 826 -26.19 4.37 -33.07
N THR B 827 -26.26 3.19 -32.46
CA THR B 827 -26.93 2.97 -31.20
C THR B 827 -25.89 3.04 -30.08
N LEU B 828 -26.22 3.76 -29.01
CA LEU B 828 -25.29 3.97 -27.93
C LEU B 828 -25.89 3.56 -26.59
N ALA B 852 -23.74 5.83 -19.49
CA ALA B 852 -23.71 7.28 -19.37
C ALA B 852 -24.99 7.81 -18.72
N GLN B 853 -25.04 7.76 -17.40
CA GLN B 853 -26.19 8.23 -16.63
C GLN B 853 -25.67 9.02 -15.44
N LYS B 854 -26.57 9.34 -14.51
CA LYS B 854 -26.20 10.08 -13.31
C LYS B 854 -25.89 9.11 -12.17
N PHE B 855 -24.67 9.17 -11.67
CA PHE B 855 -24.13 8.19 -10.73
C PHE B 855 -23.46 8.97 -9.61
N ASN B 856 -22.68 8.28 -8.79
CA ASN B 856 -22.06 8.87 -7.60
C ASN B 856 -20.73 9.55 -7.91
N GLY B 857 -20.83 10.77 -8.47
CA GLY B 857 -19.66 11.56 -8.76
C GLY B 857 -19.36 11.68 -10.24
N LEU B 858 -20.25 11.19 -11.08
CA LEU B 858 -20.03 11.16 -12.51
C LEU B 858 -20.91 12.18 -13.22
N THR B 859 -20.28 13.00 -14.06
CA THR B 859 -21.02 13.95 -14.88
C THR B 859 -20.66 13.71 -16.34
N VAL B 860 -21.51 14.22 -17.23
CA VAL B 860 -21.29 14.16 -18.67
C VAL B 860 -21.55 15.56 -19.20
N LEU B 861 -20.47 16.30 -19.48
CA LEU B 861 -20.61 17.66 -19.97
C LEU B 861 -21.12 17.66 -21.41
N PRO B 862 -22.08 18.51 -21.74
CA PRO B 862 -22.58 18.57 -23.10
C PRO B 862 -21.57 19.21 -24.03
N PRO B 863 -21.57 18.85 -25.31
CA PRO B 863 -20.65 19.47 -26.25
C PRO B 863 -21.00 20.93 -26.47
N LEU B 864 -20.00 21.71 -26.87
CA LEU B 864 -20.24 23.13 -27.12
C LEU B 864 -20.99 23.35 -28.42
N LEU B 865 -20.71 22.52 -29.43
CA LEU B 865 -21.38 22.62 -30.72
C LEU B 865 -22.48 21.56 -30.79
N THR B 866 -23.73 22.01 -30.77
CA THR B 866 -24.85 21.10 -30.87
C THR B 866 -24.87 20.44 -32.24
N ASP B 867 -25.55 19.29 -32.32
CA ASP B 867 -25.66 18.57 -33.58
C ASP B 867 -26.43 19.34 -34.64
N GLU B 868 -27.19 20.36 -34.25
CA GLU B 868 -27.84 21.24 -35.20
C GLU B 868 -26.92 22.35 -35.68
N MET B 869 -25.76 22.52 -35.06
CA MET B 869 -24.74 23.45 -35.52
C MET B 869 -23.59 22.76 -36.23
N ILE B 870 -23.33 21.50 -35.90
CA ILE B 870 -22.36 20.71 -36.65
C ILE B 870 -22.92 20.39 -38.03
N ALA B 871 -24.21 20.08 -38.11
CA ALA B 871 -24.88 19.83 -39.38
C ALA B 871 -25.14 21.11 -40.14
N GLN B 872 -24.84 22.28 -39.57
CA GLN B 872 -24.96 23.54 -40.28
C GLN B 872 -23.63 24.01 -40.86
N TYR B 873 -22.50 23.57 -40.29
CA TYR B 873 -21.22 23.67 -41.00
C TYR B 873 -21.21 22.79 -42.24
N THR B 874 -21.63 21.53 -42.12
CA THR B 874 -21.55 20.60 -43.24
C THR B 874 -22.52 20.93 -44.35
N SER B 875 -23.48 21.82 -44.12
CA SER B 875 -24.33 22.32 -45.19
C SER B 875 -23.81 23.62 -45.77
N ALA B 876 -22.75 24.19 -45.21
CA ALA B 876 -22.05 25.33 -45.77
C ALA B 876 -20.78 24.93 -46.49
N LEU B 877 -20.08 23.92 -45.97
CA LEU B 877 -18.94 23.34 -46.68
C LEU B 877 -19.38 22.61 -47.95
N LEU B 878 -20.61 22.15 -48.00
CA LEU B 878 -21.10 21.35 -49.12
C LEU B 878 -21.93 22.14 -50.11
N ALA B 879 -22.58 23.21 -49.67
CA ALA B 879 -23.26 24.12 -50.58
C ALA B 879 -22.35 25.23 -51.06
N GLY B 880 -21.12 25.29 -50.58
CA GLY B 880 -20.15 26.24 -51.07
C GLY B 880 -19.14 25.58 -52.01
N THR B 881 -19.08 24.25 -51.98
CA THR B 881 -18.25 23.51 -52.92
C THR B 881 -19.01 23.12 -54.18
N ILE B 882 -20.32 23.33 -54.20
CA ILE B 882 -21.13 23.07 -55.39
C ILE B 882 -21.25 24.32 -56.25
N THR B 883 -21.40 25.48 -55.60
CA THR B 883 -21.59 26.74 -56.31
C THR B 883 -20.31 27.51 -56.55
N SER B 884 -19.20 27.15 -55.88
CA SER B 884 -17.93 27.83 -56.04
C SER B 884 -16.82 26.91 -56.53
N GLY B 885 -16.67 25.74 -55.94
CA GLY B 885 -15.58 24.84 -56.28
C GLY B 885 -14.56 24.77 -55.18
N TRP B 886 -13.28 24.90 -55.52
CA TRP B 886 -12.23 25.03 -54.53
C TRP B 886 -11.89 26.47 -54.21
N THR B 887 -12.61 27.42 -54.81
CA THR B 887 -12.25 28.83 -54.71
C THR B 887 -12.73 29.48 -53.43
N PHE B 888 -13.51 28.78 -52.61
CA PHE B 888 -13.98 29.35 -51.35
C PHE B 888 -13.11 28.96 -50.17
N GLY B 889 -12.06 28.18 -50.40
CA GLY B 889 -11.11 27.87 -49.34
C GLY B 889 -9.84 28.66 -49.45
N ALA B 890 -9.63 29.30 -50.61
CA ALA B 890 -8.48 30.15 -50.84
C ALA B 890 -8.79 31.62 -50.56
N GLY B 891 -9.78 32.18 -51.26
CA GLY B 891 -10.19 33.54 -51.03
C GLY B 891 -11.70 33.67 -51.04
N PRO B 892 -12.21 34.73 -51.67
CA PRO B 892 -13.66 34.87 -51.80
C PRO B 892 -14.23 33.79 -52.71
N ALA B 893 -15.49 33.44 -52.46
CA ALA B 893 -16.13 32.40 -53.25
C ALA B 893 -16.48 32.95 -54.63
N LEU B 894 -16.06 32.22 -55.67
CA LEU B 894 -16.29 32.61 -57.05
C LEU B 894 -17.18 31.56 -57.70
N GLN B 895 -18.31 32.00 -58.24
CA GLN B 895 -19.28 31.06 -58.79
C GLN B 895 -18.81 30.51 -60.13
N ILE B 896 -19.27 29.30 -60.44
CA ILE B 896 -18.93 28.59 -61.67
C ILE B 896 -19.91 27.44 -61.82
N PRO B 897 -20.46 27.20 -63.02
CA PRO B 897 -21.42 26.11 -63.18
C PRO B 897 -20.80 24.76 -62.85
N PHE B 898 -21.59 23.89 -62.24
CA PHE B 898 -21.09 22.57 -61.88
C PHE B 898 -20.64 21.75 -63.08
N PRO B 899 -21.39 21.68 -64.20
CA PRO B 899 -20.86 20.95 -65.36
C PRO B 899 -19.64 21.59 -65.97
N MET B 900 -19.25 22.75 -65.44
CA MET B 900 -18.05 23.46 -65.89
C MET B 900 -16.93 23.43 -64.86
N GLN B 901 -17.24 23.27 -63.59
CA GLN B 901 -16.22 23.07 -62.57
C GLN B 901 -16.01 21.59 -62.28
N MET B 902 -16.69 20.70 -62.99
CA MET B 902 -16.38 19.29 -63.00
C MET B 902 -15.53 18.90 -64.19
N ALA B 903 -15.41 19.78 -65.18
CA ALA B 903 -14.43 19.64 -66.25
C ALA B 903 -13.09 20.26 -65.89
N TYR B 904 -13.03 21.06 -64.83
CA TYR B 904 -11.78 21.41 -64.18
C TYR B 904 -11.13 20.22 -63.50
N ARG B 905 -11.95 19.35 -62.89
CA ARG B 905 -11.47 18.22 -62.11
C ARG B 905 -11.18 17.01 -62.99
N PHE B 906 -11.82 16.91 -64.15
CA PHE B 906 -11.35 15.99 -65.17
C PHE B 906 -9.99 16.43 -65.70
N ASN B 907 -9.80 17.72 -65.89
CA ASN B 907 -8.57 18.28 -66.45
C ASN B 907 -7.43 18.23 -65.44
N GLY B 908 -7.72 17.91 -64.18
CA GLY B 908 -6.68 17.85 -63.17
C GLY B 908 -6.13 16.45 -62.97
N ILE B 909 -6.74 15.46 -63.63
CA ILE B 909 -6.26 14.09 -63.59
C ILE B 909 -5.74 13.62 -64.93
N GLY B 910 -5.43 14.54 -65.84
CA GLY B 910 -4.90 14.20 -67.14
C GLY B 910 -5.94 13.87 -68.20
N VAL B 911 -7.21 14.12 -67.94
CA VAL B 911 -8.28 13.86 -68.88
C VAL B 911 -8.83 15.19 -69.37
N THR B 912 -9.05 15.30 -70.66
CA THR B 912 -9.43 16.58 -71.24
C THR B 912 -10.88 16.92 -70.91
N GLN B 913 -11.33 18.07 -71.42
CA GLN B 913 -12.69 18.54 -71.14
C GLN B 913 -13.70 17.88 -72.07
N ASN B 914 -13.24 17.43 -73.24
CA ASN B 914 -14.13 16.76 -74.19
C ASN B 914 -14.80 15.56 -73.54
N VAL B 915 -14.05 14.83 -72.72
CA VAL B 915 -14.52 13.59 -72.11
C VAL B 915 -15.74 13.86 -71.23
N LEU B 916 -15.83 15.07 -70.68
CA LEU B 916 -16.98 15.41 -69.85
C LEU B 916 -18.09 16.08 -70.66
N TYR B 917 -17.75 17.10 -71.44
CA TYR B 917 -18.78 17.81 -72.18
C TYR B 917 -19.48 16.91 -73.20
N GLU B 918 -18.79 15.89 -73.71
CA GLU B 918 -19.39 14.95 -74.65
C GLU B 918 -19.97 13.72 -73.97
N ASN B 919 -19.79 13.58 -72.65
CA ASN B 919 -20.39 12.49 -71.88
C ASN B 919 -21.03 13.02 -70.60
N GLN B 920 -21.59 14.23 -70.65
CA GLN B 920 -22.13 14.86 -69.45
C GLN B 920 -23.32 14.07 -68.91
N LYS B 921 -24.20 13.60 -69.80
CA LYS B 921 -25.38 12.86 -69.35
C LYS B 921 -25.00 11.54 -68.72
N LEU B 922 -24.07 10.79 -69.36
CA LEU B 922 -23.62 9.52 -68.80
C LEU B 922 -22.95 9.71 -67.46
N ILE B 923 -22.09 10.73 -67.34
CA ILE B 923 -21.40 10.98 -66.08
C ILE B 923 -22.39 11.39 -65.00
N ALA B 924 -23.38 12.21 -65.34
CA ALA B 924 -24.39 12.61 -64.37
C ALA B 924 -25.19 11.41 -63.88
N ASN B 925 -25.58 10.52 -64.80
CA ASN B 925 -26.33 9.33 -64.41
C ASN B 925 -25.48 8.42 -63.52
N GLN B 926 -24.21 8.22 -63.88
CA GLN B 926 -23.33 7.38 -63.07
C GLN B 926 -23.16 7.97 -61.67
N PHE B 927 -22.98 9.29 -61.59
CA PHE B 927 -22.83 9.94 -60.29
C PHE B 927 -24.08 9.79 -59.45
N ASN B 928 -25.25 10.01 -60.06
CA ASN B 928 -26.50 9.89 -59.31
C ASN B 928 -26.70 8.46 -58.79
N SER B 929 -26.43 7.46 -59.63
CA SER B 929 -26.61 6.08 -59.18
C SER B 929 -25.60 5.71 -58.10
N ALA B 930 -24.35 6.17 -58.23
CA ALA B 930 -23.35 5.88 -57.22
C ALA B 930 -23.70 6.54 -55.89
N ILE B 931 -24.21 7.76 -55.93
CA ILE B 931 -24.63 8.44 -54.70
C ILE B 931 -25.84 7.73 -54.09
N GLY B 932 -26.75 7.24 -54.94
CA GLY B 932 -27.90 6.52 -54.43
C GLY B 932 -27.53 5.23 -53.73
N LYS B 933 -26.59 4.47 -54.30
CA LYS B 933 -26.22 3.19 -53.71
C LYS B 933 -25.51 3.34 -52.37
N ILE B 934 -24.99 4.53 -52.05
CA ILE B 934 -24.32 4.74 -50.77
C ILE B 934 -25.31 4.59 -49.62
N GLN B 935 -26.52 5.14 -49.77
CA GLN B 935 -27.52 5.01 -48.73
C GLN B 935 -27.90 3.56 -48.49
N ASP B 936 -28.04 2.78 -49.56
CA ASP B 936 -28.36 1.37 -49.42
C ASP B 936 -27.21 0.59 -48.77
N SER B 937 -25.97 0.92 -49.14
CA SER B 937 -24.83 0.22 -48.55
C SER B 937 -24.71 0.52 -47.06
N LEU B 938 -24.99 1.77 -46.67
CA LEU B 938 -24.97 2.11 -45.24
C LEU B 938 -26.15 1.45 -44.51
N SER B 939 -27.33 1.43 -45.13
CA SER B 939 -28.51 0.89 -44.48
C SER B 939 -28.36 -0.60 -44.20
N SER B 940 -27.99 -1.37 -45.24
CA SER B 940 -27.75 -2.80 -45.06
C SER B 940 -26.37 -2.99 -44.43
N THR B 941 -25.95 -4.24 -44.27
CA THR B 941 -24.68 -4.58 -43.62
C THR B 941 -24.59 -3.89 -42.27
N PRO B 942 -25.29 -4.38 -41.24
CA PRO B 942 -25.40 -3.62 -39.99
C PRO B 942 -24.10 -3.60 -39.18
N SER B 943 -22.99 -3.31 -39.87
CA SER B 943 -21.74 -2.96 -39.23
C SER B 943 -21.02 -1.87 -40.01
N ALA B 944 -21.76 -1.05 -40.75
CA ALA B 944 -21.14 -0.08 -41.66
C ALA B 944 -20.37 0.98 -40.87
N LEU B 945 -21.02 1.60 -39.88
CA LEU B 945 -20.38 2.66 -39.13
C LEU B 945 -19.16 2.12 -38.38
N GLY B 946 -19.39 1.26 -37.40
CA GLY B 946 -18.31 0.46 -36.84
C GLY B 946 -17.30 1.23 -36.03
N LYS B 947 -16.55 2.08 -36.71
CA LYS B 947 -15.46 2.82 -36.08
C LYS B 947 -15.96 3.78 -35.02
N LEU B 948 -17.14 4.37 -35.22
CA LEU B 948 -17.71 5.27 -34.23
C LEU B 948 -18.33 4.50 -33.06
N GLN B 949 -18.90 3.32 -33.32
CA GLN B 949 -19.45 2.52 -32.23
C GLN B 949 -18.34 1.95 -31.36
N ASP B 950 -17.17 1.67 -31.95
CA ASP B 950 -16.08 1.11 -31.18
C ASP B 950 -15.49 2.09 -30.18
N VAL B 951 -15.83 3.37 -30.28
CA VAL B 951 -15.36 4.34 -29.28
C VAL B 951 -16.38 4.47 -28.17
N VAL B 952 -17.66 4.52 -28.52
CA VAL B 952 -18.72 4.58 -27.50
C VAL B 952 -18.67 3.33 -26.63
N ASN B 953 -18.46 2.16 -27.24
CA ASN B 953 -18.43 0.93 -26.47
C ASN B 953 -17.27 0.93 -25.48
N GLN B 954 -16.09 1.38 -25.92
CA GLN B 954 -14.95 1.45 -25.01
C GLN B 954 -15.16 2.46 -23.87
N ASN B 955 -15.74 3.62 -24.18
CA ASN B 955 -16.01 4.59 -23.13
C ASN B 955 -17.01 4.04 -22.12
N ALA B 956 -18.06 3.37 -22.60
CA ALA B 956 -19.04 2.78 -21.71
C ALA B 956 -18.42 1.67 -20.87
N GLN B 957 -17.55 0.85 -21.46
CA GLN B 957 -16.87 -0.19 -20.70
C GLN B 957 -16.00 0.41 -19.61
N ALA B 958 -15.25 1.47 -19.93
CA ALA B 958 -14.41 2.10 -18.93
C ALA B 958 -15.23 2.67 -17.79
N LEU B 959 -16.32 3.38 -18.11
CA LEU B 959 -17.16 3.96 -17.07
C LEU B 959 -17.81 2.87 -16.21
N ASN B 960 -18.28 1.79 -16.86
CA ASN B 960 -18.94 0.72 -16.11
C ASN B 960 -17.96 0.00 -15.20
N THR B 961 -16.73 -0.22 -15.66
CA THR B 961 -15.72 -0.80 -14.78
C THR B 961 -15.41 0.12 -13.60
N LEU B 962 -15.27 1.42 -13.86
CA LEU B 962 -14.99 2.35 -12.78
C LEU B 962 -16.11 2.36 -11.74
N VAL B 963 -17.36 2.28 -12.19
CA VAL B 963 -18.47 2.26 -11.26
C VAL B 963 -18.54 0.94 -10.51
N LYS B 964 -18.39 -0.17 -11.22
CA LYS B 964 -18.57 -1.49 -10.66
C LYS B 964 -17.42 -1.91 -9.76
N GLN B 965 -16.30 -1.19 -9.78
CA GLN B 965 -15.21 -1.48 -8.86
C GLN B 965 -15.29 -0.63 -7.60
N LEU B 966 -16.46 -0.08 -7.29
CA LEU B 966 -16.72 0.54 -6.00
C LEU B 966 -17.27 -0.43 -4.97
N SER B 967 -17.49 -1.69 -5.35
CA SER B 967 -18.05 -2.70 -4.47
C SER B 967 -17.05 -3.82 -4.21
N SER B 968 -15.77 -3.47 -4.13
CA SER B 968 -14.69 -4.42 -3.89
C SER B 968 -14.03 -4.12 -2.56
N ASN B 969 -13.73 -5.18 -1.81
CA ASN B 969 -13.16 -5.00 -0.47
C ASN B 969 -11.77 -4.36 -0.53
N PHE B 970 -10.97 -4.77 -1.51
CA PHE B 970 -9.56 -4.36 -1.62
C PHE B 970 -8.74 -4.77 -0.39
N GLY B 971 -9.26 -5.70 0.41
CA GLY B 971 -8.61 -6.15 1.62
C GLY B 971 -9.34 -5.77 2.89
N ALA B 972 -10.22 -4.77 2.85
CA ALA B 972 -10.98 -4.38 4.02
C ALA B 972 -12.07 -5.39 4.32
N ILE B 973 -12.69 -5.22 5.50
CA ILE B 973 -13.77 -6.13 5.89
C ILE B 973 -15.02 -5.92 5.04
N SER B 974 -15.31 -4.68 4.67
CA SER B 974 -16.52 -4.38 3.91
C SER B 974 -16.19 -3.37 2.82
N SER B 975 -17.06 -3.33 1.81
CA SER B 975 -16.88 -2.44 0.67
C SER B 975 -17.73 -1.17 0.77
N VAL B 976 -18.32 -0.91 1.95
CA VAL B 976 -19.13 0.27 2.17
C VAL B 976 -18.59 0.98 3.40
N LEU B 977 -18.49 2.31 3.32
CA LEU B 977 -17.86 3.07 4.40
C LEU B 977 -18.76 3.12 5.63
N ASN B 978 -20.07 3.21 5.42
CA ASN B 978 -21.00 3.41 6.54
C ASN B 978 -20.97 2.23 7.51
N ASP B 979 -20.97 1.01 7.00
CA ASP B 979 -20.98 -0.15 7.88
C ASP B 979 -19.67 -0.28 8.65
N ILE B 980 -18.55 0.01 7.99
CA ILE B 980 -17.25 -0.01 8.68
C ILE B 980 -17.23 1.04 9.78
N LEU B 981 -17.77 2.23 9.51
CA LEU B 981 -17.76 3.30 10.52
C LEU B 981 -18.71 2.97 11.66
N SER B 982 -19.78 2.23 11.39
CA SER B 982 -20.80 1.98 12.40
C SER B 982 -20.31 0.98 13.45
N ARG B 983 -19.68 -0.10 13.02
CA ARG B 983 -19.43 -1.25 13.89
C ARG B 983 -17.96 -1.43 14.25
N LEU B 984 -17.11 -0.43 14.03
CA LEU B 984 -15.72 -0.50 14.39
C LEU B 984 -15.33 0.73 15.21
N ASP B 985 -14.41 0.53 16.15
CA ASP B 985 -13.88 1.65 16.91
C ASP B 985 -13.09 2.58 15.98
N PRO B 986 -13.26 3.89 16.12
CA PRO B 986 -12.65 4.83 15.15
C PRO B 986 -11.13 4.67 15.10
N PRO B 987 -10.46 4.35 16.20
CA PRO B 987 -9.05 3.93 16.08
C PRO B 987 -8.85 2.75 15.14
N GLU B 988 -9.76 1.77 15.16
CA GLU B 988 -9.55 0.53 14.42
C GLU B 988 -10.06 0.59 12.99
N ALA B 989 -11.11 1.37 12.72
CA ALA B 989 -11.64 1.48 11.37
C ALA B 989 -10.72 2.31 10.48
N GLU B 990 -9.72 2.97 11.05
CA GLU B 990 -8.82 3.82 10.28
C GLU B 990 -8.11 3.03 9.19
N VAL B 991 -7.60 1.86 9.54
CA VAL B 991 -6.82 1.08 8.58
C VAL B 991 -7.72 0.57 7.45
N GLN B 992 -8.95 0.15 7.77
CA GLN B 992 -9.85 -0.32 6.73
C GLN B 992 -10.26 0.80 5.80
N ILE B 993 -10.56 1.99 6.36
CA ILE B 993 -10.86 3.14 5.53
C ILE B 993 -9.67 3.47 4.63
N ASP B 994 -8.45 3.35 5.16
CA ASP B 994 -7.27 3.65 4.36
C ASP B 994 -7.09 2.64 3.22
N ARG B 995 -7.39 1.36 3.49
CA ARG B 995 -7.32 0.36 2.42
C ARG B 995 -8.32 0.67 1.32
N LEU B 996 -9.53 1.06 1.69
CA LEU B 996 -10.52 1.44 0.68
C LEU B 996 -10.06 2.67 -0.10
N ILE B 997 -9.47 3.66 0.61
CA ILE B 997 -8.94 4.84 -0.06
C ILE B 997 -7.92 4.43 -1.11
N THR B 998 -6.98 3.57 -0.74
CA THR B 998 -5.92 3.17 -1.66
C THR B 998 -6.49 2.44 -2.87
N GLY B 999 -7.42 1.50 -2.64
CA GLY B 999 -8.01 0.77 -3.75
C GLY B 999 -8.75 1.67 -4.72
N ARG B 1000 -9.59 2.55 -4.19
CA ARG B 1000 -10.39 3.42 -5.05
C ARG B 1000 -9.52 4.42 -5.78
N LEU B 1001 -8.49 4.95 -5.11
CA LEU B 1001 -7.58 5.88 -5.76
C LEU B 1001 -6.81 5.20 -6.88
N GLN B 1002 -6.38 3.96 -6.66
CA GLN B 1002 -5.69 3.22 -7.72
C GLN B 1002 -6.60 2.99 -8.92
N SER B 1003 -7.86 2.59 -8.66
CA SER B 1003 -8.79 2.38 -9.77
C SER B 1003 -9.03 3.65 -10.55
N LEU B 1004 -9.22 4.77 -9.86
CA LEU B 1004 -9.47 6.03 -10.56
C LEU B 1004 -8.23 6.48 -11.33
N GLN B 1005 -7.03 6.25 -10.78
CA GLN B 1005 -5.81 6.57 -11.50
C GLN B 1005 -5.70 5.76 -12.78
N THR B 1006 -6.02 4.46 -12.72
CA THR B 1006 -5.96 3.66 -13.95
C THR B 1006 -6.99 4.15 -14.97
N TYR B 1007 -8.19 4.53 -14.51
CA TYR B 1007 -9.19 5.08 -15.42
C TYR B 1007 -8.66 6.34 -16.12
N VAL B 1008 -8.10 7.27 -15.34
CA VAL B 1008 -7.63 8.52 -15.91
C VAL B 1008 -6.48 8.27 -16.88
N THR B 1009 -5.58 7.33 -16.53
CA THR B 1009 -4.45 7.04 -17.41
C THR B 1009 -4.91 6.43 -18.73
N GLN B 1010 -5.83 5.47 -18.69
CA GLN B 1010 -6.29 4.89 -19.94
C GLN B 1010 -7.09 5.87 -20.76
N GLN B 1011 -7.78 6.82 -20.11
CA GLN B 1011 -8.48 7.86 -20.87
C GLN B 1011 -7.50 8.83 -21.52
N LEU B 1012 -6.41 9.18 -20.82
CA LEU B 1012 -5.39 10.02 -21.42
C LEU B 1012 -4.75 9.35 -22.61
N ILE B 1013 -4.47 8.04 -22.51
CA ILE B 1013 -3.93 7.31 -23.66
C ILE B 1013 -4.94 7.26 -24.78
N ARG B 1014 -6.21 7.02 -24.46
CA ARG B 1014 -7.24 6.87 -25.48
C ARG B 1014 -7.61 8.20 -26.13
N ALA B 1015 -7.29 9.32 -25.49
CA ALA B 1015 -7.62 10.62 -26.05
C ALA B 1015 -6.59 11.10 -27.05
N ALA B 1016 -5.49 10.38 -27.23
CA ALA B 1016 -4.51 10.68 -28.26
C ALA B 1016 -4.79 9.94 -29.56
N GLU B 1017 -5.62 8.89 -29.53
CA GLU B 1017 -6.07 8.26 -30.76
C GLU B 1017 -7.12 9.10 -31.47
N ILE B 1018 -8.05 9.68 -30.70
CA ILE B 1018 -9.06 10.55 -31.29
C ILE B 1018 -8.42 11.83 -31.83
N ARG B 1019 -7.45 12.38 -31.08
CA ARG B 1019 -6.77 13.58 -31.55
C ARG B 1019 -5.92 13.32 -32.79
N ALA B 1020 -5.53 12.08 -33.02
CA ALA B 1020 -4.84 11.71 -34.26
C ALA B 1020 -5.81 11.37 -35.37
N SER B 1021 -7.04 10.99 -35.04
CA SER B 1021 -8.10 10.82 -36.02
C SER B 1021 -8.88 12.09 -36.29
N ALA B 1022 -8.84 13.05 -35.36
CA ALA B 1022 -9.41 14.36 -35.61
C ALA B 1022 -8.43 15.29 -36.31
N ASN B 1023 -7.16 14.95 -36.34
CA ASN B 1023 -6.17 15.69 -37.12
C ASN B 1023 -6.06 15.14 -38.54
N LEU B 1024 -6.62 13.96 -38.78
CA LEU B 1024 -6.68 13.42 -40.14
C LEU B 1024 -8.00 13.80 -40.82
N ALA B 1025 -9.06 14.02 -40.05
CA ALA B 1025 -10.31 14.47 -40.62
C ALA B 1025 -10.23 15.93 -41.03
N ALA B 1026 -9.47 16.75 -40.30
CA ALA B 1026 -9.27 18.13 -40.70
C ALA B 1026 -8.38 18.23 -41.93
N THR B 1027 -7.32 17.42 -41.97
CA THR B 1027 -6.48 17.37 -43.16
C THR B 1027 -7.27 16.87 -44.37
N LYS B 1028 -8.07 15.83 -44.19
CA LYS B 1028 -8.88 15.32 -45.28
C LYS B 1028 -9.90 16.36 -45.75
N MET B 1029 -10.52 17.08 -44.81
CA MET B 1029 -11.45 18.12 -45.19
C MET B 1029 -10.76 19.20 -46.02
N SER B 1030 -9.65 19.74 -45.50
CA SER B 1030 -8.97 20.82 -46.20
C SER B 1030 -8.46 20.38 -47.57
N GLU B 1031 -7.93 19.16 -47.67
CA GLU B 1031 -7.24 18.76 -48.89
C GLU B 1031 -8.13 18.04 -49.89
N CYS B 1032 -9.33 17.63 -49.51
CA CYS B 1032 -10.21 16.93 -50.44
C CYS B 1032 -11.56 17.62 -50.62
N VAL B 1033 -12.12 18.23 -49.57
CA VAL B 1033 -13.37 18.95 -49.73
C VAL B 1033 -13.12 20.34 -50.29
N LEU B 1034 -12.10 21.05 -49.78
CA LEU B 1034 -11.77 22.38 -50.25
C LEU B 1034 -10.72 22.36 -51.36
N GLY B 1035 -10.63 21.27 -52.10
CA GLY B 1035 -9.65 21.19 -53.17
C GLY B 1035 -9.71 19.83 -53.83
N GLN B 1036 -8.75 19.60 -54.72
CA GLN B 1036 -8.58 18.30 -55.36
C GLN B 1036 -7.21 17.76 -55.03
N SER B 1037 -7.15 16.50 -54.62
CA SER B 1037 -5.94 15.92 -54.04
C SER B 1037 -5.21 15.07 -55.06
N LYS B 1038 -3.91 15.30 -55.17
CA LYS B 1038 -3.04 14.49 -56.02
C LYS B 1038 -2.41 13.32 -55.28
N ARG B 1039 -2.56 13.27 -53.96
CA ARG B 1039 -1.96 12.19 -53.18
C ARG B 1039 -2.70 10.89 -53.43
N VAL B 1040 -1.95 9.85 -53.78
CA VAL B 1040 -2.56 8.60 -54.21
C VAL B 1040 -3.18 7.88 -53.02
N ASP B 1041 -4.41 7.43 -53.19
CA ASP B 1041 -5.19 6.69 -52.20
C ASP B 1041 -5.40 7.45 -50.91
N PHE B 1042 -5.20 8.77 -50.92
CA PHE B 1042 -5.53 9.58 -49.75
C PHE B 1042 -7.03 9.71 -49.60
N CYS B 1043 -7.74 10.01 -50.69
CA CYS B 1043 -9.18 10.21 -50.67
C CYS B 1043 -9.78 9.32 -51.75
N GLY B 1044 -10.06 8.06 -51.41
CA GLY B 1044 -10.66 7.12 -52.34
C GLY B 1044 -9.65 6.14 -52.91
N LYS B 1045 -10.13 5.36 -53.88
CA LYS B 1045 -9.31 4.41 -54.62
C LYS B 1045 -9.50 4.70 -56.11
N GLY B 1046 -8.66 5.58 -56.62
CA GLY B 1046 -8.79 6.03 -58.00
C GLY B 1046 -8.19 7.41 -58.15
N TYR B 1047 -8.59 8.08 -59.22
CA TYR B 1047 -8.18 9.46 -59.48
C TYR B 1047 -9.23 10.40 -58.89
N HIS B 1048 -8.85 11.11 -57.84
CA HIS B 1048 -9.78 11.94 -57.10
C HIS B 1048 -10.41 13.00 -57.98
N LEU B 1049 -11.73 13.19 -57.81
CA LEU B 1049 -12.45 14.30 -58.43
C LEU B 1049 -12.95 15.29 -57.40
N MET B 1050 -13.75 14.85 -56.44
CA MET B 1050 -14.22 15.71 -55.36
C MET B 1050 -14.76 14.83 -54.25
N SER B 1051 -15.11 15.46 -53.13
CA SER B 1051 -15.55 14.75 -51.94
C SER B 1051 -16.55 15.60 -51.19
N PHE B 1052 -17.43 14.94 -50.43
CA PHE B 1052 -18.53 15.58 -49.74
C PHE B 1052 -18.50 15.19 -48.27
N PRO B 1053 -18.56 16.15 -47.34
CA PRO B 1053 -18.56 15.82 -45.92
C PRO B 1053 -19.96 15.64 -45.37
N GLN B 1054 -20.14 14.56 -44.60
CA GLN B 1054 -21.37 14.31 -43.87
C GLN B 1054 -21.04 14.10 -42.41
N SER B 1055 -21.93 14.55 -41.54
CA SER B 1055 -21.70 14.48 -40.11
C SER B 1055 -22.33 13.24 -39.51
N ALA B 1056 -21.63 12.64 -38.57
CA ALA B 1056 -22.10 11.48 -37.84
C ALA B 1056 -22.21 11.89 -36.37
N PRO B 1057 -22.81 11.07 -35.49
CA PRO B 1057 -22.97 11.51 -34.10
C PRO B 1057 -21.68 11.91 -33.40
N HIS B 1058 -20.58 11.20 -33.65
CA HIS B 1058 -19.30 11.56 -33.03
C HIS B 1058 -18.18 11.45 -34.05
N GLY B 1059 -18.41 11.93 -35.26
CA GLY B 1059 -17.39 11.82 -36.29
C GLY B 1059 -17.84 12.50 -37.56
N VAL B 1060 -17.13 12.20 -38.65
CA VAL B 1060 -17.41 12.76 -39.95
C VAL B 1060 -17.30 11.65 -40.98
N VAL B 1061 -18.16 11.74 -42.01
CA VAL B 1061 -18.21 10.74 -43.08
C VAL B 1061 -17.93 11.46 -44.39
N PHE B 1062 -16.95 10.96 -45.13
CA PHE B 1062 -16.56 11.52 -46.41
C PHE B 1062 -17.03 10.61 -47.54
N LEU B 1063 -17.58 11.20 -48.59
CA LEU B 1063 -18.01 10.46 -49.78
C LEU B 1063 -17.08 10.85 -50.92
N HIS B 1064 -16.06 10.03 -51.15
CA HIS B 1064 -14.98 10.34 -52.09
C HIS B 1064 -15.41 9.94 -53.50
N VAL B 1065 -15.66 10.93 -54.34
CA VAL B 1065 -15.94 10.70 -55.75
C VAL B 1065 -14.62 10.55 -56.49
N THR B 1066 -14.45 9.45 -57.21
CA THR B 1066 -13.21 9.15 -57.91
C THR B 1066 -13.50 8.77 -59.35
N TYR B 1067 -12.44 8.63 -60.13
CA TYR B 1067 -12.52 8.30 -61.55
C TYR B 1067 -11.76 7.00 -61.77
N VAL B 1068 -12.46 5.94 -62.16
CA VAL B 1068 -11.86 4.62 -62.34
C VAL B 1068 -11.90 4.29 -63.83
N PRO B 1069 -10.76 4.18 -64.50
CA PRO B 1069 -10.76 3.76 -65.90
C PRO B 1069 -11.22 2.31 -66.05
N ALA B 1070 -11.81 2.02 -67.21
CA ALA B 1070 -12.38 0.70 -67.44
C ALA B 1070 -12.38 0.41 -68.94
N GLN B 1071 -12.57 -0.86 -69.28
CA GLN B 1071 -12.67 -1.33 -70.66
C GLN B 1071 -11.44 -0.96 -71.47
N GLU B 1072 -10.31 -1.51 -71.04
CA GLU B 1072 -9.04 -1.29 -71.70
C GLU B 1072 -8.85 -2.28 -72.85
N LYS B 1073 -8.12 -1.84 -73.87
CA LYS B 1073 -7.72 -2.70 -74.97
C LYS B 1073 -6.29 -2.35 -75.36
N ASN B 1074 -5.50 -3.36 -75.71
CA ASN B 1074 -4.07 -3.20 -75.81
C ASN B 1074 -3.63 -2.88 -77.23
N PHE B 1075 -2.58 -2.08 -77.35
CA PHE B 1075 -2.09 -1.55 -78.62
C PHE B 1075 -0.58 -1.82 -78.75
N THR B 1076 0.02 -1.19 -79.76
CA THR B 1076 1.45 -1.22 -80.01
C THR B 1076 1.99 0.20 -79.96
N THR B 1077 3.10 0.40 -79.25
CA THR B 1077 3.64 1.73 -79.04
C THR B 1077 5.03 1.87 -79.62
N ALA B 1078 5.54 3.11 -79.55
CA ALA B 1078 6.87 3.49 -79.99
C ALA B 1078 7.26 4.75 -79.23
N PRO B 1079 8.52 4.86 -78.81
CA PRO B 1079 8.93 6.08 -78.09
C PRO B 1079 8.95 7.32 -78.97
N ALA B 1080 9.42 7.20 -80.21
CA ALA B 1080 9.49 8.33 -81.12
C ALA B 1080 9.08 7.85 -82.52
N ILE B 1081 9.10 8.78 -83.46
CA ILE B 1081 8.73 8.50 -84.85
C ILE B 1081 9.68 9.25 -85.77
N CYS B 1082 10.39 8.52 -86.61
CA CYS B 1082 11.46 9.08 -87.43
C CYS B 1082 10.86 9.61 -88.74
N HIS B 1083 10.59 10.91 -88.77
CA HIS B 1083 10.14 11.58 -89.99
C HIS B 1083 11.18 12.60 -90.41
N ASP B 1084 11.49 12.62 -91.71
CA ASP B 1084 12.49 13.53 -92.28
C ASP B 1084 13.85 13.37 -91.59
N GLY B 1085 14.13 12.17 -91.08
CA GLY B 1085 15.37 11.94 -90.38
C GLY B 1085 15.46 12.59 -89.03
N LYS B 1086 14.32 12.77 -88.35
CA LYS B 1086 14.28 13.40 -87.04
C LYS B 1086 13.31 12.64 -86.15
N ALA B 1087 13.66 12.49 -84.88
CA ALA B 1087 12.78 11.85 -83.92
C ALA B 1087 11.68 12.82 -83.51
N HIS B 1088 10.45 12.30 -83.38
CA HIS B 1088 9.30 13.11 -82.98
C HIS B 1088 8.67 12.48 -81.74
N PHE B 1089 8.62 13.25 -80.66
CA PHE B 1089 8.06 12.82 -79.41
C PHE B 1089 6.71 13.52 -79.17
N PRO B 1090 5.79 12.89 -78.45
CA PRO B 1090 4.48 13.53 -78.23
C PRO B 1090 4.55 14.56 -77.11
N ARG B 1091 3.91 15.71 -77.37
CA ARG B 1091 3.83 16.74 -76.33
C ARG B 1091 3.09 16.23 -75.11
N GLU B 1092 1.91 15.66 -75.30
CA GLU B 1092 1.11 15.12 -74.22
C GLU B 1092 0.26 13.98 -74.79
N GLY B 1093 0.67 12.74 -74.50
CA GLY B 1093 0.02 11.58 -75.03
C GLY B 1093 1.03 10.51 -75.38
N VAL B 1094 0.56 9.48 -76.07
CA VAL B 1094 1.39 8.35 -76.47
C VAL B 1094 1.12 8.04 -77.93
N PHE B 1095 2.04 7.30 -78.54
CA PHE B 1095 1.88 6.82 -79.91
C PHE B 1095 1.34 5.40 -79.85
N VAL B 1096 0.21 5.16 -80.50
CA VAL B 1096 -0.42 3.85 -80.53
C VAL B 1096 -0.76 3.50 -81.97
N SER B 1097 -0.74 2.21 -82.27
CA SER B 1097 -1.01 1.71 -83.61
C SER B 1097 -2.15 0.70 -83.56
N ASN B 1098 -3.19 0.93 -84.33
CA ASN B 1098 -4.31 0.00 -84.42
C ASN B 1098 -4.06 -1.06 -85.51
N GLY B 1099 -2.87 -1.62 -85.48
CA GLY B 1099 -2.45 -2.58 -86.50
C GLY B 1099 -1.75 -2.00 -87.72
N THR B 1100 -2.34 -0.98 -88.33
CA THR B 1100 -1.81 -0.40 -89.55
C THR B 1100 -1.40 1.06 -89.42
N HIS B 1101 -2.26 1.90 -88.87
CA HIS B 1101 -2.03 3.33 -88.77
C HIS B 1101 -1.57 3.71 -87.38
N TRP B 1102 -0.85 4.83 -87.29
CA TRP B 1102 -0.29 5.32 -86.04
C TRP B 1102 -1.04 6.58 -85.59
N PHE B 1103 -1.38 6.63 -84.32
CA PHE B 1103 -2.13 7.74 -83.75
C PHE B 1103 -1.44 8.20 -82.48
N VAL B 1104 -1.73 9.44 -82.08
CA VAL B 1104 -1.24 9.99 -80.82
C VAL B 1104 -2.46 10.30 -79.96
N THR B 1105 -2.63 9.52 -78.89
CA THR B 1105 -3.77 9.65 -78.01
C THR B 1105 -3.32 9.94 -76.58
N GLN B 1106 -4.20 10.56 -75.81
CA GLN B 1106 -3.91 10.83 -74.41
C GLN B 1106 -3.81 9.52 -73.63
N ARG B 1107 -3.20 9.60 -72.44
CA ARG B 1107 -2.81 8.39 -71.73
C ARG B 1107 -3.94 7.79 -70.93
N ASN B 1108 -4.94 8.57 -70.53
CA ASN B 1108 -5.97 8.12 -69.61
C ASN B 1108 -7.29 7.82 -70.29
N PHE B 1109 -7.37 7.97 -71.61
CA PHE B 1109 -8.62 7.75 -72.34
C PHE B 1109 -8.31 7.57 -73.82
N TYR B 1110 -8.78 6.48 -74.42
CA TYR B 1110 -8.48 6.22 -75.83
C TYR B 1110 -9.25 7.20 -76.69
N GLU B 1111 -8.57 8.26 -77.12
CA GLU B 1111 -9.10 9.23 -78.09
C GLU B 1111 -8.05 9.40 -79.17
N PRO B 1112 -8.04 8.52 -80.17
CA PRO B 1112 -6.96 8.57 -81.17
C PRO B 1112 -7.06 9.82 -82.04
N GLN B 1113 -5.89 10.28 -82.48
CA GLN B 1113 -5.78 11.48 -83.29
C GLN B 1113 -4.57 11.35 -84.19
N ILE B 1114 -4.74 11.74 -85.46
CA ILE B 1114 -3.66 11.62 -86.41
C ILE B 1114 -2.50 12.53 -86.00
N ILE B 1115 -1.31 12.20 -86.45
CA ILE B 1115 -0.09 12.82 -85.94
C ILE B 1115 0.28 14.01 -86.82
N THR B 1116 0.23 15.20 -86.23
CA THR B 1116 0.64 16.44 -86.89
C THR B 1116 1.84 17.01 -86.15
N THR B 1117 2.24 18.22 -86.54
CA THR B 1117 3.36 18.91 -85.90
C THR B 1117 2.91 19.77 -84.73
N ASP B 1118 1.62 19.75 -84.38
CA ASP B 1118 1.11 20.52 -83.26
C ASP B 1118 0.91 19.69 -82.00
N ASN B 1119 0.94 18.36 -82.11
CA ASN B 1119 0.85 17.49 -80.96
C ASN B 1119 2.12 16.68 -80.75
N THR B 1120 3.17 16.94 -81.52
CA THR B 1120 4.46 16.32 -81.37
C THR B 1120 5.55 17.39 -81.45
N PHE B 1121 6.68 17.12 -80.79
CA PHE B 1121 7.83 18.02 -80.83
C PHE B 1121 9.07 17.24 -81.24
N VAL B 1122 9.95 17.90 -81.99
CA VAL B 1122 11.11 17.27 -82.61
C VAL B 1122 12.35 17.61 -81.80
N SER B 1123 13.21 16.61 -81.60
CA SER B 1123 14.45 16.82 -80.87
C SER B 1123 15.43 15.71 -81.23
N GLY B 1124 16.40 16.01 -82.08
CA GLY B 1124 17.51 15.10 -82.32
C GLY B 1124 17.38 14.37 -83.65
N ASN B 1125 18.04 13.21 -83.69
CA ASN B 1125 18.11 12.37 -84.87
C ASN B 1125 17.60 10.97 -84.52
N CYS B 1126 17.37 10.16 -85.57
CA CYS B 1126 16.74 8.86 -85.40
C CYS B 1126 17.70 7.79 -84.90
N ASP B 1127 18.94 8.15 -84.58
CA ASP B 1127 19.94 7.13 -84.27
C ASP B 1127 20.04 6.87 -82.77
N VAL B 1128 19.65 7.85 -81.95
CA VAL B 1128 19.88 7.75 -80.51
C VAL B 1128 18.76 7.02 -79.78
N VAL B 1129 17.57 6.93 -80.38
CA VAL B 1129 16.41 6.35 -79.71
C VAL B 1129 16.34 4.86 -80.03
N ILE B 1130 16.15 4.05 -79.00
CA ILE B 1130 16.05 2.60 -79.14
C ILE B 1130 14.58 2.24 -79.20
N GLY B 1131 14.07 2.01 -80.40
CA GLY B 1131 12.67 1.70 -80.60
C GLY B 1131 11.91 2.67 -81.48
N ILE B 1132 12.61 3.55 -82.20
CA ILE B 1132 11.95 4.54 -83.04
C ILE B 1132 11.43 3.86 -84.30
N VAL B 1133 10.25 4.28 -84.76
CA VAL B 1133 9.61 3.70 -85.93
C VAL B 1133 9.48 4.77 -87.00
N ASN B 1134 9.23 4.32 -88.23
CA ASN B 1134 9.11 5.20 -89.38
C ASN B 1134 7.63 5.46 -89.66
N ASN B 1135 7.26 6.74 -89.65
CA ASN B 1135 5.89 7.14 -89.98
C ASN B 1135 5.92 8.59 -90.43
N THR B 1136 4.84 9.01 -91.06
CA THR B 1136 4.74 10.37 -91.59
C THR B 1136 4.03 11.27 -90.58
N VAL B 1137 4.59 12.45 -90.37
CA VAL B 1137 4.02 13.45 -89.46
C VAL B 1137 3.42 14.53 -90.36
N TYR B 1138 2.09 14.50 -90.51
CA TYR B 1138 1.42 15.37 -91.47
C TYR B 1138 1.52 16.83 -91.04
N ASP B 1139 1.94 17.69 -91.96
CA ASP B 1139 2.11 19.11 -91.68
C ASP B 1139 0.77 19.80 -91.85
N PRO B 1140 0.26 20.49 -90.82
CA PRO B 1140 -1.07 21.12 -90.97
C PRO B 1140 -1.08 22.29 -91.95
N LEU B 1141 0.04 23.00 -92.08
CA LEU B 1141 0.09 24.20 -92.92
C LEU B 1141 0.25 23.89 -94.40
N GLN B 1142 0.97 22.82 -94.74
CA GLN B 1142 1.31 22.55 -96.14
C GLN B 1142 0.11 22.38 -97.07
N PRO B 1143 -0.96 21.65 -96.71
CA PRO B 1143 -2.06 21.48 -97.69
C PRO B 1143 -2.70 22.78 -98.12
N GLU B 1144 -2.76 23.79 -97.24
CA GLU B 1144 -3.32 25.07 -97.63
C GLU B 1144 -2.48 25.73 -98.72
N LEU B 1145 -1.16 25.66 -98.60
CA LEU B 1145 -0.26 26.23 -99.60
C LEU B 1145 0.95 25.34 -99.83
N PRO C 26 -25.32 47.61 18.42
CA PRO C 26 -25.27 49.05 18.64
C PRO C 26 -24.47 49.80 17.57
N ALA C 27 -25.16 50.21 16.50
CA ALA C 27 -24.58 51.00 15.42
C ALA C 27 -23.41 50.27 14.76
N TYR C 28 -23.71 49.10 14.17
CA TYR C 28 -22.70 48.33 13.47
C TYR C 28 -22.12 49.12 12.32
N THR C 29 -20.82 48.96 12.09
CA THR C 29 -20.11 49.62 10.98
C THR C 29 -19.35 48.57 10.18
N ASN C 30 -18.74 49.02 9.09
CA ASN C 30 -18.13 48.13 8.12
C ASN C 30 -16.66 47.90 8.47
N SER C 31 -16.25 46.63 8.46
CA SER C 31 -14.88 46.28 8.81
C SER C 31 -13.88 46.88 7.82
N PHE C 32 -14.20 46.82 6.52
CA PHE C 32 -13.37 47.38 5.47
C PHE C 32 -11.99 46.72 5.45
N THR C 33 -11.99 45.40 5.21
CA THR C 33 -10.79 44.57 5.02
C THR C 33 -9.68 44.91 6.02
N ARG C 34 -10.01 44.80 7.31
CA ARG C 34 -9.04 44.97 8.39
C ARG C 34 -9.02 43.71 9.24
N GLY C 35 -7.94 43.54 9.99
CA GLY C 35 -7.80 42.42 10.89
C GLY C 35 -6.92 41.29 10.41
N VAL C 36 -5.99 41.56 9.50
CA VAL C 36 -5.11 40.52 8.97
C VAL C 36 -3.77 40.61 9.68
N TYR C 37 -3.31 39.48 10.22
CA TYR C 37 -2.04 39.41 10.93
C TYR C 37 -1.12 38.40 10.26
N TYR C 38 0.06 38.22 10.85
CA TYR C 38 1.02 37.25 10.34
C TYR C 38 0.76 35.90 10.99
N PRO C 39 0.32 34.89 10.22
CA PRO C 39 -0.04 33.60 10.83
C PRO C 39 1.11 32.92 11.56
N ASP C 40 2.33 33.07 11.06
CA ASP C 40 3.48 32.42 11.67
C ASP C 40 4.74 33.20 11.32
N LYS C 41 5.80 32.94 12.08
CA LYS C 41 7.07 33.65 11.92
C LYS C 41 7.89 32.96 10.83
N VAL C 42 7.50 33.24 9.57
CA VAL C 42 8.20 32.74 8.40
C VAL C 42 8.31 33.88 7.40
N PHE C 43 9.48 34.02 6.78
CA PHE C 43 9.69 35.07 5.79
C PHE C 43 9.43 34.54 4.39
N ARG C 44 8.62 35.27 3.64
CA ARG C 44 8.33 34.93 2.26
C ARG C 44 8.42 36.19 1.40
N SER C 45 9.03 36.04 0.23
CA SER C 45 9.29 37.17 -0.67
C SER C 45 8.57 36.95 -1.98
N SER C 46 7.67 37.86 -2.33
CA SER C 46 6.90 37.78 -3.57
C SER C 46 6.19 36.45 -3.70
N VAL C 47 5.56 36.02 -2.62
CA VAL C 47 4.85 34.73 -2.56
C VAL C 47 3.40 35.00 -2.20
N LEU C 48 2.49 34.44 -2.99
CA LEU C 48 1.05 34.52 -2.73
C LEU C 48 0.64 33.23 -2.04
N HIS C 49 0.77 33.20 -0.71
CA HIS C 49 0.54 32.00 0.07
C HIS C 49 -0.86 31.99 0.64
N SER C 50 -1.48 30.82 0.70
CA SER C 50 -2.85 30.65 1.18
C SER C 50 -2.81 29.98 2.55
N THR C 51 -3.25 30.72 3.57
CA THR C 51 -3.29 30.23 4.94
C THR C 51 -4.73 30.00 5.37
N GLN C 52 -4.96 28.92 6.11
CA GLN C 52 -6.29 28.55 6.60
C GLN C 52 -6.26 28.59 8.13
N ASP C 53 -6.61 29.75 8.69
CA ASP C 53 -6.58 29.95 10.13
C ASP C 53 -7.80 30.77 10.53
N LEU C 54 -7.74 31.31 11.75
CA LEU C 54 -8.81 32.16 12.27
C LEU C 54 -8.55 33.60 11.83
N PHE C 55 -9.54 34.24 11.21
CA PHE C 55 -9.37 35.57 10.65
C PHE C 55 -10.66 36.37 10.84
N LEU C 56 -10.59 37.67 10.55
CA LEU C 56 -11.83 38.50 10.58
C LEU C 56 -12.35 38.61 9.15
N PRO C 57 -13.48 37.94 8.80
CA PRO C 57 -14.08 38.05 7.48
C PRO C 57 -14.08 39.47 6.94
N PHE C 58 -13.88 39.62 5.64
CA PHE C 58 -13.74 40.98 5.10
C PHE C 58 -15.13 41.59 5.01
N PHE C 59 -15.22 42.90 4.83
CA PHE C 59 -16.53 43.60 4.69
C PHE C 59 -17.50 42.98 5.68
N SER C 60 -17.29 43.23 6.98
CA SER C 60 -18.11 42.61 8.00
C SER C 60 -18.73 43.67 8.91
N ASN C 61 -19.37 43.19 9.98
CA ASN C 61 -20.02 44.03 10.97
C ASN C 61 -19.22 43.96 12.27
N VAL C 62 -18.85 45.13 12.80
CA VAL C 62 -18.20 45.23 14.10
C VAL C 62 -18.99 46.20 14.97
N THR C 63 -19.19 45.82 16.23
CA THR C 63 -19.97 46.62 17.17
C THR C 63 -19.23 47.91 17.52
N TRP C 64 -19.93 49.04 17.42
CA TRP C 64 -19.36 50.36 17.73
C TRP C 64 -19.73 50.71 19.17
N PHE C 65 -18.78 50.49 20.08
CA PHE C 65 -18.98 50.84 21.48
C PHE C 65 -18.36 52.20 21.77
N HIS C 66 -19.14 53.08 22.39
CA HIS C 66 -18.66 54.40 22.77
C HIS C 66 -19.60 55.09 23.76
N PHE C 79 -17.79 56.00 26.24
CA PHE C 79 -18.27 55.68 27.57
C PHE C 79 -19.05 54.37 27.60
N ASP C 80 -18.40 53.29 27.21
CA ASP C 80 -19.02 51.97 27.18
C ASP C 80 -18.12 50.96 27.87
N ASN C 81 -18.73 50.10 28.69
CA ASN C 81 -18.00 49.00 29.32
C ASN C 81 -18.86 47.75 29.49
N PRO C 82 -19.47 47.22 28.43
CA PRO C 82 -20.26 45.99 28.60
C PRO C 82 -19.37 44.77 28.73
N VAL C 83 -20.00 43.65 29.09
CA VAL C 83 -19.30 42.37 29.09
C VAL C 83 -19.53 41.67 27.75
N LEU C 84 -18.47 41.07 27.22
CA LEU C 84 -18.50 40.50 25.87
C LEU C 84 -17.91 39.09 25.90
N PRO C 85 -18.35 38.22 24.99
CA PRO C 85 -17.73 36.89 24.89
C PRO C 85 -16.49 36.92 24.02
N PHE C 86 -15.58 35.99 24.31
CA PHE C 86 -14.31 35.96 23.59
C PHE C 86 -14.52 35.51 22.14
N ASN C 87 -15.33 34.47 21.93
CA ASN C 87 -15.62 33.94 20.60
C ASN C 87 -14.35 33.59 19.83
N ASP C 88 -13.41 32.96 20.53
CA ASP C 88 -12.14 32.45 20.01
C ASP C 88 -11.20 33.55 19.54
N GLY C 89 -11.58 34.82 19.67
CA GLY C 89 -10.71 35.90 19.25
C GLY C 89 -11.50 37.18 19.03
N VAL C 90 -10.83 38.30 19.26
CA VAL C 90 -11.45 39.61 19.15
C VAL C 90 -10.49 40.54 18.41
N TYR C 91 -11.00 41.22 17.38
CA TYR C 91 -10.26 42.28 16.70
C TYR C 91 -10.61 43.60 17.41
N PHE C 92 -10.02 43.80 18.57
CA PHE C 92 -10.22 45.03 19.32
C PHE C 92 -9.48 46.18 18.65
N ALA C 93 -10.14 47.32 18.56
CA ALA C 93 -9.53 48.51 17.97
C ALA C 93 -9.85 49.71 18.86
N SER C 94 -9.28 50.87 18.50
CA SER C 94 -9.45 52.09 19.25
C SER C 94 -9.52 53.28 18.30
N THR C 95 -9.45 54.48 18.86
CA THR C 95 -9.82 55.66 18.08
C THR C 95 -8.90 56.86 18.31
N GLU C 96 -9.38 58.03 17.92
CA GLU C 96 -8.66 59.28 17.60
C GLU C 96 -7.56 59.55 18.63
N LYS C 97 -7.89 59.78 19.90
CA LYS C 97 -6.91 60.29 20.85
C LYS C 97 -7.40 60.06 22.28
N SER C 98 -6.63 59.26 23.02
CA SER C 98 -6.72 59.15 24.47
C SER C 98 -5.69 58.18 25.02
N ASN C 99 -5.57 58.15 26.35
CA ASN C 99 -5.08 56.98 27.07
C ASN C 99 -6.21 56.29 27.82
N ILE C 100 -7.45 56.59 27.43
CA ILE C 100 -8.63 56.07 28.13
C ILE C 100 -8.67 54.55 28.03
N ILE C 101 -8.41 54.01 26.84
CA ILE C 101 -8.29 52.57 26.66
C ILE C 101 -6.98 52.15 27.30
N ARG C 102 -7.07 51.62 28.52
CA ARG C 102 -5.88 51.36 29.33
C ARG C 102 -5.95 49.97 29.97
N GLY C 103 -6.32 48.97 29.18
CA GLY C 103 -6.29 47.60 29.66
C GLY C 103 -7.44 46.72 29.23
N TRP C 104 -7.26 45.42 29.40
CA TRP C 104 -8.27 44.43 29.04
C TRP C 104 -8.28 43.34 30.10
N ILE C 105 -9.46 42.88 30.49
CA ILE C 105 -9.56 41.82 31.49
C ILE C 105 -9.97 40.52 30.80
N PHE C 106 -9.55 39.40 31.40
CA PHE C 106 -9.79 38.08 30.84
C PHE C 106 -9.98 37.09 31.98
N GLY C 107 -10.89 36.15 31.79
CA GLY C 107 -11.12 35.13 32.79
C GLY C 107 -12.04 34.01 32.35
N THR C 108 -11.81 32.79 32.84
CA THR C 108 -12.72 31.69 32.56
C THR C 108 -14.09 31.95 33.17
N THR C 109 -14.11 32.26 34.47
CA THR C 109 -15.34 32.58 35.17
C THR C 109 -15.27 33.89 35.95
N LEU C 110 -14.10 34.53 36.00
CA LEU C 110 -13.90 35.75 36.78
C LEU C 110 -14.25 35.54 38.26
N ASP C 111 -13.92 34.37 38.78
CA ASP C 111 -14.16 34.03 40.18
C ASP C 111 -12.83 33.93 40.91
N SER C 112 -12.90 34.05 42.25
CA SER C 112 -11.70 33.96 43.06
C SER C 112 -11.08 32.57 42.96
N LYS C 113 -11.91 31.54 42.77
CA LYS C 113 -11.37 30.17 42.68
C LYS C 113 -10.58 29.96 41.40
N THR C 114 -11.10 30.45 40.27
CA THR C 114 -10.46 30.24 38.98
C THR C 114 -9.44 31.33 38.69
N GLN C 115 -8.47 30.99 37.85
CA GLN C 115 -7.44 31.95 37.47
C GLN C 115 -7.95 32.86 36.35
N SER C 116 -7.40 34.07 36.31
CA SER C 116 -7.83 35.07 35.33
C SER C 116 -6.61 35.84 34.84
N LEU C 117 -6.73 36.41 33.65
CA LEU C 117 -5.66 37.17 33.01
C LEU C 117 -5.99 38.65 33.11
N LEU C 118 -4.99 39.45 33.46
CA LEU C 118 -5.15 40.89 33.64
C LEU C 118 -4.08 41.62 32.85
N ILE C 119 -4.51 42.41 31.87
CA ILE C 119 -3.62 43.27 31.10
C ILE C 119 -3.96 44.70 31.47
N VAL C 120 -3.01 45.39 32.08
CA VAL C 120 -3.19 46.78 32.50
C VAL C 120 -1.93 47.57 32.14
N ASN C 121 -2.11 48.88 32.02
CA ASN C 121 -1.03 49.80 31.68
C ASN C 121 -0.87 50.84 32.79
N ASN C 122 0.36 51.02 33.26
CA ASN C 122 0.69 52.05 34.24
C ASN C 122 1.39 53.25 33.59
N ALA C 123 1.21 53.40 32.28
CA ALA C 123 1.78 54.50 31.48
C ALA C 123 3.28 54.35 31.29
N THR C 124 3.88 53.37 31.98
CA THR C 124 5.30 53.07 31.81
C THR C 124 5.57 51.65 31.34
N ASN C 125 4.95 50.65 31.97
CA ASN C 125 5.20 49.25 31.66
C ASN C 125 3.89 48.48 31.61
N VAL C 126 3.77 47.60 30.61
CA VAL C 126 2.63 46.69 30.56
C VAL C 126 2.72 45.69 31.71
N VAL C 127 1.61 45.47 32.39
CA VAL C 127 1.54 44.55 33.51
C VAL C 127 0.57 43.43 33.14
N ILE C 128 1.10 42.23 32.99
CA ILE C 128 0.32 41.04 32.62
C ILE C 128 0.41 40.05 33.77
N LYS C 129 -0.73 39.65 34.32
CA LYS C 129 -0.77 38.78 35.48
C LYS C 129 -1.78 37.66 35.26
N VAL C 130 -1.55 36.54 35.92
CA VAL C 130 -2.39 35.35 35.83
C VAL C 130 -3.09 35.09 37.17
N CYS C 131 -2.91 36.00 38.12
CA CYS C 131 -3.43 35.81 39.47
C CYS C 131 -4.95 35.72 39.46
N GLU C 132 -5.50 35.00 40.44
CA GLU C 132 -6.94 34.91 40.57
C GLU C 132 -7.50 36.19 41.20
N PHE C 133 -8.64 36.64 40.68
CA PHE C 133 -9.24 37.87 41.14
C PHE C 133 -10.74 37.66 41.34
N GLN C 134 -11.39 38.69 41.88
CA GLN C 134 -12.85 38.82 41.91
C GLN C 134 -13.17 40.21 41.37
N PHE C 135 -13.32 40.30 40.05
CA PHE C 135 -13.46 41.59 39.40
C PHE C 135 -14.77 42.26 39.78
N CYS C 136 -14.74 43.59 39.92
CA CYS C 136 -15.94 44.37 40.19
C CYS C 136 -16.77 44.52 38.93
N ASN C 137 -18.02 44.97 39.12
CA ASN C 137 -18.94 45.09 37.98
C ASN C 137 -18.46 46.14 36.99
N ASP C 138 -18.00 47.29 37.49
CA ASP C 138 -17.57 48.41 36.65
C ASP C 138 -16.19 48.88 37.09
N PRO C 139 -15.14 48.14 36.76
CA PRO C 139 -13.79 48.58 37.10
C PRO C 139 -13.20 49.51 36.04
N PHE C 140 -12.20 50.26 36.47
CA PHE C 140 -11.47 51.16 35.56
C PHE C 140 -10.15 51.54 36.21
N LEU C 141 -9.35 52.29 35.46
CA LEU C 141 -8.07 52.77 35.96
C LEU C 141 -7.93 54.27 35.70
N MET C 153 -5.78 62.71 41.50
CA MET C 153 -6.73 62.38 40.44
C MET C 153 -6.51 60.97 39.92
N GLU C 154 -5.36 60.41 40.25
CA GLU C 154 -5.02 59.07 39.77
C GLU C 154 -5.91 58.02 40.41
N SER C 155 -6.52 57.18 39.58
CA SER C 155 -7.37 56.10 40.03
C SER C 155 -6.71 54.78 39.64
N GLU C 156 -6.52 53.90 40.62
CA GLU C 156 -5.84 52.63 40.38
C GLU C 156 -6.32 51.62 41.42
N PHE C 157 -6.02 50.35 41.15
CA PHE C 157 -6.40 49.22 42.00
C PHE C 157 -7.90 49.10 42.17
N ARG C 158 -8.68 49.70 41.26
CA ARG C 158 -10.13 49.65 41.29
C ARG C 158 -10.68 48.54 40.40
N VAL C 159 -9.91 47.48 40.19
CA VAL C 159 -10.29 46.39 39.30
C VAL C 159 -10.60 45.11 40.07
N TYR C 160 -9.80 44.79 41.08
CA TYR C 160 -10.01 43.61 41.91
C TYR C 160 -9.76 43.97 43.37
N SER C 161 -10.02 43.01 44.25
CA SER C 161 -9.78 43.16 45.68
C SER C 161 -8.72 42.21 46.20
N SER C 162 -8.77 40.94 45.79
CA SER C 162 -7.81 39.93 46.22
C SER C 162 -7.11 39.34 45.02
N ALA C 163 -5.82 39.05 45.17
CA ALA C 163 -4.99 38.43 44.14
C ALA C 163 -4.32 37.22 44.75
N ASN C 164 -4.74 36.02 44.34
CA ASN C 164 -4.23 34.79 44.92
C ASN C 164 -3.83 33.83 43.80
N ASN C 165 -2.94 32.89 44.15
CA ASN C 165 -2.46 31.85 43.24
C ASN C 165 -1.86 32.46 41.98
N CYS C 166 -0.90 33.35 42.18
CA CYS C 166 -0.22 34.02 41.08
C CYS C 166 0.70 33.04 40.36
N THR C 167 0.61 33.02 39.03
CA THR C 167 1.38 32.09 38.23
C THR C 167 2.39 32.75 37.31
N PHE C 168 2.06 33.89 36.70
CA PHE C 168 2.95 34.53 35.75
C PHE C 168 2.73 36.03 35.68
N GLU C 169 3.73 36.80 36.09
CA GLU C 169 3.71 38.26 35.99
C GLU C 169 4.75 38.70 34.98
N TYR C 170 4.32 39.39 33.93
CA TYR C 170 5.19 39.80 32.84
C TYR C 170 5.17 41.31 32.70
N VAL C 171 6.35 41.89 32.50
CA VAL C 171 6.49 43.34 32.33
C VAL C 171 7.37 43.59 31.11
N SER C 172 7.02 44.63 30.37
CA SER C 172 7.73 44.99 29.14
C SER C 172 7.32 46.41 28.76
N GLN C 173 7.71 46.81 27.55
CA GLN C 173 7.36 48.12 27.01
C GLN C 173 5.85 48.20 26.85
N PRO C 174 5.25 49.37 27.06
CA PRO C 174 3.78 49.48 26.98
C PRO C 174 3.29 49.24 25.56
N PHE C 175 2.13 48.59 25.44
CA PHE C 175 1.49 48.42 24.14
C PHE C 175 0.76 49.68 23.69
N LEU C 176 0.52 50.63 24.58
CA LEU C 176 -0.28 51.80 24.25
C LEU C 176 0.45 53.09 24.61
N LYS C 187 -6.08 60.45 15.86
CA LYS C 187 -4.64 60.66 15.73
C LYS C 187 -3.87 59.34 15.69
N ASN C 188 -4.31 58.36 16.48
CA ASN C 188 -3.71 57.04 16.48
C ASN C 188 -4.79 55.98 16.31
N LEU C 189 -4.44 54.90 15.61
CA LEU C 189 -5.33 53.76 15.40
C LEU C 189 -4.63 52.50 15.90
N ARG C 190 -5.12 51.95 17.00
CA ARG C 190 -4.52 50.78 17.64
C ARG C 190 -5.43 49.59 17.41
N GLU C 191 -4.90 48.55 16.78
CA GLU C 191 -5.65 47.34 16.45
C GLU C 191 -5.02 46.18 17.19
N PHE C 192 -5.85 45.34 17.80
CA PHE C 192 -5.38 44.26 18.65
C PHE C 192 -6.16 42.99 18.36
N VAL C 193 -5.44 41.86 18.33
CA VAL C 193 -6.04 40.55 18.13
C VAL C 193 -5.57 39.65 19.28
N PHE C 194 -6.52 38.98 19.93
CA PHE C 194 -6.25 38.07 21.03
C PHE C 194 -6.69 36.68 20.63
N LYS C 195 -5.90 35.66 20.97
CA LYS C 195 -6.21 34.29 20.60
C LYS C 195 -5.64 33.31 21.61
N ASN C 196 -6.34 32.19 21.78
CA ASN C 196 -5.91 31.07 22.63
C ASN C 196 -5.99 29.79 21.83
N ILE C 197 -4.84 29.36 21.29
CA ILE C 197 -4.70 28.05 20.67
C ILE C 197 -3.65 27.28 21.45
N ASP C 198 -4.01 26.07 21.88
CA ASP C 198 -3.11 25.19 22.64
C ASP C 198 -2.56 25.89 23.88
N GLY C 199 -3.42 26.66 24.55
CA GLY C 199 -3.04 27.30 25.79
C GLY C 199 -1.99 28.36 25.69
N TYR C 200 -1.80 28.95 24.51
CA TYR C 200 -0.80 29.99 24.28
C TYR C 200 -1.53 31.29 23.94
N PHE C 201 -1.66 32.17 24.93
CA PHE C 201 -2.24 33.48 24.70
C PHE C 201 -1.35 34.31 23.78
N LYS C 202 -1.93 34.82 22.70
CA LYS C 202 -1.20 35.56 21.69
C LYS C 202 -1.81 36.95 21.52
N ILE C 203 -0.96 37.93 21.22
CA ILE C 203 -1.39 39.30 20.99
C ILE C 203 -0.70 39.81 19.74
N TYR C 204 -1.50 40.25 18.76
CA TYR C 204 -0.99 40.94 17.60
C TYR C 204 -1.44 42.40 17.64
N SER C 205 -0.65 43.27 17.02
CA SER C 205 -0.95 44.70 17.10
C SER C 205 -0.23 45.43 15.99
N LYS C 206 -0.66 46.68 15.79
CA LYS C 206 -0.04 47.63 14.87
C LYS C 206 -0.60 49.01 15.19
N HIS C 207 0.26 50.00 15.27
CA HIS C 207 -0.12 51.35 15.69
C HIS C 207 0.02 52.29 14.50
N THR C 208 -1.08 52.48 13.79
CA THR C 208 -1.10 53.34 12.62
C THR C 208 -1.62 54.72 12.98
N PRO C 209 -0.82 55.78 12.87
CA PRO C 209 -1.36 57.13 13.07
C PRO C 209 -2.34 57.46 11.95
N ILE C 210 -3.59 57.68 12.31
CA ILE C 210 -4.68 57.86 11.36
C ILE C 210 -5.21 59.29 11.48
N ASN C 211 -5.64 59.86 10.36
CA ASN C 211 -6.25 61.18 10.33
C ASN C 211 -7.62 61.17 11.01
N LEU C 212 -8.27 62.33 11.07
CA LEU C 212 -9.58 62.46 11.69
C LEU C 212 -10.58 61.52 11.03
N VAL C 213 -11.02 60.49 11.75
CA VAL C 213 -11.93 59.49 11.22
C VAL C 213 -13.02 59.20 12.23
N ARG C 214 -14.14 58.65 11.74
CA ARG C 214 -15.24 58.24 12.60
C ARG C 214 -15.20 56.73 12.85
N ASP C 215 -14.80 55.96 11.85
CA ASP C 215 -14.78 54.51 11.90
C ASP C 215 -13.46 54.00 11.32
N LEU C 216 -13.38 52.69 11.09
CA LEU C 216 -12.18 52.11 10.51
C LEU C 216 -11.96 52.65 9.11
N PRO C 217 -10.71 52.84 8.69
CA PRO C 217 -10.46 53.46 7.37
C PRO C 217 -10.61 52.49 6.22
N GLN C 218 -10.31 52.96 5.01
CA GLN C 218 -10.38 52.16 3.80
C GLN C 218 -8.94 51.86 3.37
N GLY C 219 -8.42 50.74 3.85
CA GLY C 219 -7.05 50.38 3.54
C GLY C 219 -6.71 49.03 4.15
N PHE C 220 -5.46 48.63 3.97
CA PHE C 220 -4.96 47.35 4.47
C PHE C 220 -3.73 47.57 5.35
N SER C 221 -3.64 46.80 6.44
CA SER C 221 -2.50 46.85 7.32
C SER C 221 -2.37 45.53 8.06
N ALA C 222 -1.17 44.97 8.06
CA ALA C 222 -0.91 43.69 8.72
C ALA C 222 -0.48 43.89 10.16
N LEU C 223 -0.88 42.96 11.01
CA LEU C 223 -0.62 43.05 12.45
C LEU C 223 0.58 42.17 12.81
N GLU C 224 1.69 42.81 13.14
CA GLU C 224 2.88 42.08 13.57
C GLU C 224 2.68 41.51 14.97
N PRO C 225 3.03 40.25 15.21
CA PRO C 225 2.85 39.67 16.54
C PRO C 225 3.71 40.38 17.58
N LEU C 226 3.21 40.43 18.82
CA LEU C 226 3.91 41.08 19.91
C LEU C 226 4.32 40.12 21.01
N VAL C 227 3.35 39.41 21.61
CA VAL C 227 3.58 38.63 22.82
C VAL C 227 2.88 37.29 22.71
N ASP C 228 3.51 36.25 23.23
CA ASP C 228 2.89 34.93 23.33
C ASP C 228 3.27 34.34 24.67
N LEU C 229 2.28 34.08 25.53
CA LEU C 229 2.50 33.59 26.87
C LEU C 229 1.84 32.24 27.07
N PRO C 230 2.59 31.21 27.49
CA PRO C 230 2.02 29.86 27.70
C PRO C 230 1.20 29.77 28.97
N ILE C 231 0.08 30.50 28.99
CA ILE C 231 -0.78 30.56 30.17
C ILE C 231 -1.48 29.21 30.36
N GLY C 232 -2.28 28.81 29.37
CA GLY C 232 -2.94 27.53 29.38
C GLY C 232 -4.36 27.54 29.91
N ILE C 233 -4.79 28.63 30.56
CA ILE C 233 -6.10 28.65 31.17
C ILE C 233 -7.18 28.87 30.11
N ASN C 234 -8.42 28.55 30.49
CA ASN C 234 -9.57 28.87 29.65
C ASN C 234 -9.87 30.36 29.71
N ILE C 235 -10.31 30.91 28.58
CA ILE C 235 -10.76 32.29 28.49
C ILE C 235 -12.12 32.30 27.83
N THR C 236 -13.12 32.87 28.52
CA THR C 236 -14.49 32.85 28.00
C THR C 236 -15.19 34.19 27.99
N ARG C 237 -14.66 35.23 28.65
CA ARG C 237 -15.34 36.52 28.70
C ARG C 237 -14.32 37.63 28.52
N PHE C 238 -14.81 38.80 28.10
CA PHE C 238 -13.94 39.91 27.74
C PHE C 238 -14.58 41.23 28.13
N GLN C 239 -13.79 42.13 28.71
CA GLN C 239 -14.21 43.49 28.97
C GLN C 239 -12.98 44.38 29.03
N THR C 240 -13.11 45.58 28.50
CA THR C 240 -12.03 46.57 28.55
C THR C 240 -12.15 47.41 29.82
N LEU C 241 -10.99 47.77 30.37
CA LEU C 241 -10.91 48.58 31.59
C LEU C 241 -10.60 50.01 31.19
N LEU C 242 -11.61 50.86 31.22
CA LEU C 242 -11.50 52.23 30.72
C LEU C 242 -10.67 53.07 31.69
N ALA C 263 -14.20 57.85 24.45
CA ALA C 263 -13.45 57.19 23.39
C ALA C 263 -14.26 56.01 22.86
N ALA C 264 -13.97 55.61 21.63
CA ALA C 264 -14.67 54.54 20.95
C ALA C 264 -13.72 53.35 20.74
N TYR C 265 -14.24 52.15 20.93
CA TYR C 265 -13.49 50.92 20.71
C TYR C 265 -14.38 49.89 20.02
N TYR C 266 -13.78 49.06 19.17
CA TYR C 266 -14.54 48.17 18.31
C TYR C 266 -14.32 46.72 18.73
N VAL C 267 -15.21 45.84 18.27
CA VAL C 267 -15.14 44.42 18.59
C VAL C 267 -15.47 43.62 17.32
N GLY C 268 -14.61 42.65 17.01
CA GLY C 268 -14.89 41.69 15.96
C GLY C 268 -14.64 40.28 16.48
N TYR C 269 -15.04 39.30 15.67
CA TYR C 269 -14.98 37.91 16.09
C TYR C 269 -14.36 37.05 14.99
N LEU C 270 -13.76 35.93 15.40
CA LEU C 270 -12.98 35.09 14.51
C LEU C 270 -13.53 33.67 14.48
N GLN C 271 -13.63 33.10 13.28
CA GLN C 271 -13.96 31.71 13.06
C GLN C 271 -13.24 31.22 11.81
N PRO C 272 -13.07 29.92 11.64
CA PRO C 272 -12.17 29.41 10.58
C PRO C 272 -12.54 29.89 9.18
N ARG C 273 -11.51 30.31 8.44
CA ARG C 273 -11.61 30.79 7.07
C ARG C 273 -10.29 30.56 6.36
N THR C 274 -10.30 30.74 5.02
CA THR C 274 -9.06 30.58 4.19
C THR C 274 -8.76 31.90 3.51
N PHE C 275 -7.54 32.38 3.62
CA PHE C 275 -7.09 33.65 3.05
C PHE C 275 -5.94 33.40 2.10
N LEU C 276 -5.76 34.30 1.15
CA LEU C 276 -4.67 34.24 0.18
C LEU C 276 -3.77 35.45 0.45
N LEU C 277 -2.77 35.24 1.30
CA LEU C 277 -1.91 36.34 1.73
C LEU C 277 -0.87 36.66 0.67
N LYS C 278 -0.65 37.95 0.45
CA LYS C 278 0.32 38.43 -0.54
C LYS C 278 1.49 39.06 0.21
N TYR C 279 2.70 38.59 -0.08
CA TYR C 279 3.91 39.13 0.51
C TYR C 279 4.68 39.93 -0.54
N ASN C 280 5.12 41.13 -0.17
CA ASN C 280 6.01 41.89 -1.01
C ASN C 280 7.44 41.39 -0.84
N GLU C 281 8.39 41.99 -1.56
CA GLU C 281 9.76 41.46 -1.57
C GLU C 281 10.44 41.64 -0.22
N ASN C 282 9.91 42.48 0.65
CA ASN C 282 10.49 42.69 1.97
C ASN C 282 9.78 41.91 3.06
N GLY C 283 8.86 41.01 2.72
CA GLY C 283 8.26 40.11 3.67
C GLY C 283 7.01 40.59 4.36
N THR C 284 6.48 41.75 3.98
CA THR C 284 5.28 42.29 4.60
C THR C 284 4.04 41.87 3.80
N ILE C 285 2.98 41.56 4.54
CA ILE C 285 1.71 41.17 3.95
C ILE C 285 1.00 42.44 3.47
N THR C 286 1.06 42.68 2.16
CA THR C 286 0.50 43.89 1.59
C THR C 286 -0.94 43.74 1.11
N ASP C 287 -1.47 42.52 1.03
CA ASP C 287 -2.83 42.31 0.57
C ASP C 287 -3.28 40.90 0.94
N ALA C 288 -4.58 40.68 0.79
CA ALA C 288 -5.17 39.37 1.02
C ALA C 288 -6.55 39.35 0.38
N VAL C 289 -7.07 38.15 0.14
CA VAL C 289 -8.43 37.96 -0.32
C VAL C 289 -9.10 36.90 0.56
N ASP C 290 -10.38 37.10 0.84
CA ASP C 290 -11.16 36.18 1.65
C ASP C 290 -11.85 35.18 0.73
N CYS C 291 -11.45 33.91 0.80
CA CYS C 291 -12.04 32.92 -0.11
C CYS C 291 -13.38 32.40 0.38
N ALA C 292 -14.24 33.30 0.82
CA ALA C 292 -15.66 33.01 0.99
C ALA C 292 -16.54 34.21 0.70
N LEU C 293 -15.97 35.35 0.29
CA LEU C 293 -16.71 36.59 0.21
C LEU C 293 -17.66 36.62 -0.99
N ASP C 294 -17.20 36.16 -2.14
CA ASP C 294 -17.97 36.25 -3.37
C ASP C 294 -17.37 35.27 -4.37
N PRO C 295 -18.09 34.97 -5.46
CA PRO C 295 -17.52 34.06 -6.46
C PRO C 295 -16.21 34.53 -7.06
N LEU C 296 -16.04 35.84 -7.24
CA LEU C 296 -14.81 36.36 -7.84
C LEU C 296 -13.60 36.04 -6.98
N SER C 297 -13.72 36.22 -5.66
CA SER C 297 -12.58 35.94 -4.77
C SER C 297 -12.25 34.45 -4.74
N GLU C 298 -13.28 33.60 -4.69
CA GLU C 298 -13.03 32.16 -4.65
C GLU C 298 -12.37 31.68 -5.93
N THR C 299 -12.59 32.37 -7.04
CA THR C 299 -11.86 32.08 -8.27
C THR C 299 -10.39 32.43 -8.11
N LYS C 300 -10.09 33.55 -7.45
CA LYS C 300 -8.70 33.96 -7.25
C LYS C 300 -7.94 32.97 -6.37
N CYS C 301 -8.66 32.19 -5.57
CA CYS C 301 -7.97 31.31 -4.61
C CYS C 301 -7.63 29.96 -5.25
N THR C 302 -8.43 29.52 -6.22
CA THR C 302 -8.07 28.31 -6.96
C THR C 302 -6.93 28.58 -7.93
N LEU C 303 -6.97 29.72 -8.61
CA LEU C 303 -5.88 30.11 -9.50
C LEU C 303 -4.65 30.59 -8.74
N LYS C 304 -4.79 30.87 -7.45
CA LYS C 304 -3.69 31.38 -6.62
C LYS C 304 -3.08 32.64 -7.22
N SER C 305 -3.95 33.57 -7.60
CA SER C 305 -3.52 34.83 -8.19
C SER C 305 -4.47 35.93 -7.74
N PHE C 306 -4.12 37.17 -8.09
CA PHE C 306 -4.95 38.32 -7.79
C PHE C 306 -5.64 38.90 -9.01
N THR C 307 -5.27 38.48 -10.22
CA THR C 307 -5.95 38.86 -11.44
C THR C 307 -6.29 37.58 -12.21
N VAL C 308 -7.51 37.53 -12.75
CA VAL C 308 -8.00 36.37 -13.48
C VAL C 308 -8.32 36.78 -14.90
N GLU C 309 -7.82 36.02 -15.87
CA GLU C 309 -8.09 36.31 -17.26
C GLU C 309 -9.51 35.94 -17.63
N LYS C 310 -9.97 36.45 -18.77
CA LYS C 310 -11.31 36.15 -19.25
C LYS C 310 -11.47 34.67 -19.50
N GLY C 311 -12.57 34.11 -19.02
CA GLY C 311 -12.85 32.70 -19.21
C GLY C 311 -13.84 32.20 -18.18
N ILE C 312 -13.99 30.87 -18.16
CA ILE C 312 -14.89 30.19 -17.23
C ILE C 312 -14.05 29.20 -16.43
N TYR C 313 -14.06 29.36 -15.11
CA TYR C 313 -13.23 28.56 -14.21
C TYR C 313 -14.12 27.75 -13.29
N GLN C 314 -13.80 26.46 -13.15
CA GLN C 314 -14.52 25.61 -12.21
C GLN C 314 -14.00 25.87 -10.81
N THR C 315 -14.86 26.41 -9.94
CA THR C 315 -14.45 26.87 -8.62
C THR C 315 -14.61 25.79 -7.55
N SER C 316 -15.81 25.26 -7.36
CA SER C 316 -16.06 24.28 -6.32
C SER C 316 -17.18 23.36 -6.78
N ASN C 317 -17.75 22.61 -5.84
CA ASN C 317 -18.85 21.72 -6.12
C ASN C 317 -20.08 22.17 -5.34
N PHE C 318 -21.21 21.54 -5.61
CA PHE C 318 -22.49 21.92 -5.04
C PHE C 318 -23.26 20.66 -4.69
N ARG C 319 -23.43 20.40 -3.39
CA ARG C 319 -24.11 19.21 -2.92
C ARG C 319 -25.33 19.61 -2.10
N VAL C 320 -26.44 18.91 -2.32
CA VAL C 320 -27.66 19.16 -1.58
C VAL C 320 -27.68 18.23 -0.36
N GLN C 321 -27.58 18.83 0.82
CA GLN C 321 -27.54 18.06 2.06
C GLN C 321 -28.92 17.47 2.37
N PRO C 322 -28.97 16.23 2.84
CA PRO C 322 -30.26 15.64 3.21
C PRO C 322 -30.87 16.33 4.42
N THR C 323 -32.19 16.29 4.48
CA THR C 323 -32.95 17.05 5.48
C THR C 323 -33.49 16.15 6.59
N GLU C 324 -34.24 15.11 6.26
CA GLU C 324 -34.83 14.23 7.25
C GLU C 324 -34.13 12.87 7.25
N SER C 325 -34.54 12.01 8.19
CA SER C 325 -34.10 10.63 8.26
C SER C 325 -35.31 9.78 8.61
N ILE C 326 -35.64 8.82 7.74
CA ILE C 326 -36.87 8.05 7.87
C ILE C 326 -36.48 6.57 7.96
N VAL C 327 -37.09 5.86 8.91
CA VAL C 327 -36.96 4.41 9.00
C VAL C 327 -38.34 3.81 8.78
N ARG C 328 -38.43 2.88 7.83
CA ARG C 328 -39.73 2.33 7.45
C ARG C 328 -39.59 0.95 6.82
N ASN C 334 -47.74 -9.94 16.29
CA ASN C 334 -47.55 -11.26 16.94
C ASN C 334 -46.71 -11.08 18.21
N LEU C 335 -47.23 -10.33 19.18
CA LEU C 335 -46.51 -10.14 20.47
C LEU C 335 -46.52 -11.45 21.27
N CYS C 336 -45.42 -11.77 21.95
CA CYS C 336 -45.38 -12.98 22.83
C CYS C 336 -46.27 -12.74 24.04
N PRO C 337 -46.90 -13.78 24.63
CA PRO C 337 -47.73 -13.58 25.81
C PRO C 337 -46.92 -13.55 27.12
N PHE C 338 -46.00 -12.60 27.24
CA PHE C 338 -45.24 -12.43 28.51
C PHE C 338 -46.22 -12.02 29.60
N GLY C 339 -47.19 -11.15 29.25
CA GLY C 339 -48.19 -10.68 30.21
C GLY C 339 -49.02 -11.82 30.76
N GLU C 340 -49.37 -12.79 29.90
CA GLU C 340 -50.17 -13.96 30.34
C GLU C 340 -49.38 -14.75 31.40
N VAL C 341 -48.08 -14.94 31.19
CA VAL C 341 -47.23 -15.66 32.19
C VAL C 341 -47.23 -14.84 33.48
N PHE C 342 -47.07 -13.52 33.39
CA PHE C 342 -47.06 -12.63 34.58
C PHE C 342 -48.42 -12.65 35.29
N ASN C 343 -49.51 -12.75 34.51
CA ASN C 343 -50.87 -12.70 35.10
C ASN C 343 -51.41 -14.12 35.30
N ALA C 344 -50.52 -15.09 35.54
CA ALA C 344 -50.96 -16.48 35.82
C ALA C 344 -51.68 -16.51 37.18
N THR C 345 -52.79 -17.25 37.26
CA THR C 345 -53.58 -17.31 38.53
C THR C 345 -52.72 -17.95 39.62
N ARG C 346 -51.95 -18.99 39.26
CA ARG C 346 -51.07 -19.66 40.25
C ARG C 346 -49.63 -19.59 39.74
N PHE C 347 -48.65 -19.53 40.66
CA PHE C 347 -47.22 -19.53 40.25
C PHE C 347 -46.59 -20.83 40.69
N ALA C 348 -45.60 -21.33 39.94
CA ALA C 348 -44.99 -22.65 40.26
C ALA C 348 -44.19 -22.57 41.55
N SER C 349 -44.15 -23.66 42.33
CA SER C 349 -43.30 -23.69 43.55
C SER C 349 -41.83 -23.67 43.12
N VAL C 350 -40.93 -23.24 44.01
CA VAL C 350 -39.49 -23.14 43.65
C VAL C 350 -38.96 -24.54 43.30
N TYR C 351 -39.38 -25.57 44.04
CA TYR C 351 -38.97 -26.96 43.71
C TYR C 351 -39.55 -27.37 42.34
N ALA C 352 -40.75 -26.92 42.01
CA ALA C 352 -41.43 -27.33 40.76
C ALA C 352 -41.24 -26.29 39.66
N TRP C 353 -40.21 -25.44 39.77
CA TRP C 353 -40.02 -24.36 38.77
C TRP C 353 -39.86 -24.96 37.38
N ASN C 354 -40.45 -24.31 36.36
CA ASN C 354 -40.41 -24.89 34.98
C ASN C 354 -39.84 -23.84 34.01
N ARG C 355 -39.29 -24.29 32.88
CA ARG C 355 -38.73 -23.36 31.86
C ARG C 355 -39.75 -23.21 30.74
N LYS C 356 -40.07 -21.96 30.36
CA LYS C 356 -41.06 -21.70 29.28
C LYS C 356 -40.33 -21.12 28.06
N ARG C 357 -40.43 -21.79 26.91
CA ARG C 357 -39.68 -21.35 25.70
C ARG C 357 -40.42 -20.19 25.02
N ILE C 358 -39.72 -19.09 24.74
CA ILE C 358 -40.34 -17.96 23.99
C ILE C 358 -39.64 -17.87 22.63
N SER C 359 -40.37 -18.09 21.54
CA SER C 359 -39.79 -18.01 20.18
C SER C 359 -40.89 -17.81 19.12
N ASN C 360 -40.52 -17.35 17.92
CA ASN C 360 -41.50 -17.22 16.80
C ASN C 360 -42.48 -16.07 17.03
N CYS C 361 -42.20 -15.19 18.00
CA CYS C 361 -43.07 -14.00 18.24
C CYS C 361 -42.19 -12.80 18.59
N VAL C 362 -42.62 -11.59 18.21
CA VAL C 362 -41.85 -10.36 18.62
C VAL C 362 -42.08 -10.14 20.12
N ALA C 363 -41.05 -9.72 20.84
CA ALA C 363 -41.21 -9.43 22.29
C ALA C 363 -40.93 -7.93 22.53
N ASP C 364 -41.85 -7.24 23.21
CA ASP C 364 -41.64 -5.81 23.54
C ASP C 364 -41.05 -5.71 24.94
N TYR C 365 -39.72 -5.77 25.05
CA TYR C 365 -39.03 -5.68 26.37
C TYR C 365 -39.30 -4.30 26.99
N SER C 366 -39.36 -3.26 26.15
CA SER C 366 -39.53 -1.87 26.65
C SER C 366 -40.83 -1.74 27.45
N VAL C 367 -41.89 -2.45 27.07
CA VAL C 367 -43.20 -2.29 27.75
C VAL C 367 -43.04 -2.62 29.25
N LEU C 368 -42.24 -3.65 29.56
CA LEU C 368 -42.01 -4.06 30.98
C LEU C 368 -41.45 -2.87 31.76
N TYR C 369 -40.44 -2.18 31.21
CA TYR C 369 -39.80 -1.08 31.99
C TYR C 369 -40.78 0.09 32.13
N ASN C 370 -41.36 0.55 31.02
CA ASN C 370 -42.24 1.74 31.09
C ASN C 370 -43.49 1.42 31.93
N SER C 371 -43.78 0.14 32.16
CA SER C 371 -44.94 -0.19 33.04
C SER C 371 -44.59 0.16 34.49
N ALA C 372 -43.37 -0.18 34.94
CA ALA C 372 -42.91 0.15 36.31
C ALA C 372 -43.91 -0.38 37.34
N SER C 373 -44.46 -1.57 37.12
CA SER C 373 -45.45 -2.18 38.05
C SER C 373 -44.76 -3.23 38.92
N PHE C 374 -43.43 -3.34 38.82
CA PHE C 374 -42.70 -4.40 39.56
C PHE C 374 -41.81 -3.78 40.64
N SER C 375 -41.92 -4.29 41.87
CA SER C 375 -41.14 -3.73 43.01
C SER C 375 -39.64 -3.76 42.70
N THR C 376 -39.16 -4.85 42.11
CA THR C 376 -37.69 -5.00 41.84
C THR C 376 -37.47 -5.41 40.38
N PHE C 377 -36.32 -5.03 39.82
CA PHE C 377 -36.00 -5.38 38.41
C PHE C 377 -34.48 -5.27 38.23
N LYS C 378 -33.80 -6.41 38.05
CA LYS C 378 -32.31 -6.39 37.96
C LYS C 378 -31.85 -7.04 36.66
N CYS C 379 -31.12 -6.31 35.81
CA CYS C 379 -30.65 -6.85 34.52
C CYS C 379 -29.15 -7.14 34.62
N TYR C 380 -28.77 -8.43 34.61
CA TYR C 380 -27.34 -8.80 34.76
C TYR C 380 -26.75 -9.04 33.36
N GLY C 381 -25.76 -8.23 32.98
CA GLY C 381 -25.11 -8.37 31.65
C GLY C 381 -25.99 -7.82 30.55
N VAL C 382 -27.12 -7.20 30.90
CA VAL C 382 -28.07 -6.70 29.86
C VAL C 382 -28.41 -5.24 30.18
N SER C 383 -28.50 -4.40 29.15
CA SER C 383 -28.94 -2.99 29.34
C SER C 383 -30.35 -2.89 28.76
N PRO C 384 -31.31 -2.17 29.37
CA PRO C 384 -32.69 -2.17 28.87
C PRO C 384 -32.76 -1.66 27.42
N THR C 385 -32.05 -0.57 27.11
CA THR C 385 -32.00 -0.07 25.72
C THR C 385 -31.31 -1.11 24.83
N LYS C 386 -30.24 -1.72 25.32
CA LYS C 386 -29.49 -2.75 24.54
C LYS C 386 -30.40 -3.94 24.26
N LEU C 387 -31.22 -4.34 25.23
CA LEU C 387 -32.09 -5.54 25.06
C LEU C 387 -33.06 -5.28 23.91
N ASN C 388 -33.59 -4.07 23.81
CA ASN C 388 -34.52 -3.71 22.71
C ASN C 388 -33.77 -3.82 21.37
N ASP C 389 -32.68 -3.06 21.20
CA ASP C 389 -31.92 -3.04 19.92
C ASP C 389 -31.31 -4.41 19.60
N LEU C 390 -30.71 -5.08 20.59
CA LEU C 390 -30.00 -6.37 20.32
C LEU C 390 -30.71 -7.48 21.10
N CYS C 391 -31.04 -8.59 20.43
CA CYS C 391 -31.83 -9.65 21.10
C CYS C 391 -31.12 -11.01 21.03
N PHE C 392 -31.44 -11.91 21.97
CA PHE C 392 -30.83 -13.26 21.98
C PHE C 392 -31.92 -14.31 21.81
N THR C 393 -31.68 -15.32 20.98
CA THR C 393 -32.70 -16.38 20.69
C THR C 393 -32.86 -17.32 21.89
N ASN C 394 -33.96 -18.10 21.91
CA ASN C 394 -34.17 -19.10 22.99
C ASN C 394 -34.39 -18.40 24.34
N VAL C 395 -35.28 -17.41 24.37
CA VAL C 395 -35.61 -16.76 25.67
C VAL C 395 -36.33 -17.80 26.54
N TYR C 396 -35.96 -17.90 27.83
CA TYR C 396 -36.59 -18.89 28.74
C TYR C 396 -37.18 -18.19 29.96
N ALA C 397 -38.44 -18.50 30.29
CA ALA C 397 -39.11 -17.83 31.43
C ALA C 397 -39.25 -18.84 32.58
N ASP C 398 -38.75 -18.48 33.77
CA ASP C 398 -38.81 -19.41 34.93
C ASP C 398 -39.73 -18.80 35.99
N SER C 399 -40.73 -19.55 36.43
CA SER C 399 -41.72 -19.00 37.40
C SER C 399 -41.60 -19.68 38.76
N PHE C 400 -41.42 -18.90 39.82
CA PHE C 400 -41.35 -19.47 41.20
C PHE C 400 -41.66 -18.37 42.23
N VAL C 401 -42.16 -18.77 43.40
CA VAL C 401 -42.52 -17.78 44.46
C VAL C 401 -41.43 -17.83 45.53
N ILE C 402 -40.76 -16.69 45.78
CA ILE C 402 -39.65 -16.64 46.77
C ILE C 402 -39.93 -15.51 47.77
N ARG C 403 -39.76 -15.77 49.07
CA ARG C 403 -39.96 -14.71 50.10
C ARG C 403 -39.04 -13.53 49.80
N GLY C 404 -39.52 -12.29 50.00
CA GLY C 404 -38.73 -11.09 49.67
C GLY C 404 -37.37 -11.10 50.34
N ASP C 405 -37.30 -11.57 51.59
CA ASP C 405 -36.02 -11.61 52.34
C ASP C 405 -35.01 -12.52 51.63
N GLU C 406 -35.46 -13.66 51.10
CA GLU C 406 -34.52 -14.64 50.46
C GLU C 406 -34.48 -14.43 48.94
N VAL C 407 -35.11 -13.37 48.43
CA VAL C 407 -35.05 -13.05 46.97
C VAL C 407 -33.58 -12.85 46.58
N ARG C 408 -32.80 -12.23 47.48
CA ARG C 408 -31.36 -11.93 47.19
C ARG C 408 -30.62 -13.24 46.93
N GLN C 409 -30.97 -14.33 47.63
CA GLN C 409 -30.26 -15.62 47.49
C GLN C 409 -30.36 -16.10 46.04
N ILE C 410 -31.52 -15.87 45.40
CA ILE C 410 -31.74 -16.32 43.99
C ILE C 410 -31.13 -15.28 43.05
N ALA C 411 -29.80 -15.17 43.03
CA ALA C 411 -29.10 -14.23 42.12
C ALA C 411 -27.88 -14.92 41.51
N PRO C 412 -27.41 -14.56 40.30
CA PRO C 412 -26.19 -15.15 39.74
C PRO C 412 -24.97 -14.77 40.60
N GLY C 413 -24.10 -15.76 40.87
CA GLY C 413 -22.90 -15.51 41.69
C GLY C 413 -23.24 -15.42 43.17
N GLN C 414 -24.48 -15.75 43.54
CA GLN C 414 -24.91 -15.67 44.96
C GLN C 414 -25.37 -17.06 45.41
N THR C 415 -24.90 -17.53 46.57
CA THR C 415 -25.28 -18.87 47.07
C THR C 415 -26.17 -18.73 48.31
N GLY C 416 -27.34 -19.38 48.30
CA GLY C 416 -28.26 -19.34 49.45
C GLY C 416 -28.87 -20.71 49.70
N LYS C 417 -29.31 -20.99 50.93
CA LYS C 417 -29.94 -22.29 51.26
C LYS C 417 -30.96 -22.64 50.16
N ILE C 418 -31.86 -21.71 49.84
CA ILE C 418 -32.93 -21.97 48.83
C ILE C 418 -32.29 -22.12 47.45
N ALA C 419 -31.35 -21.23 47.12
CA ALA C 419 -30.72 -21.26 45.77
C ALA C 419 -29.95 -22.58 45.58
N ASP C 420 -29.22 -23.02 46.60
CA ASP C 420 -28.37 -24.23 46.45
C ASP C 420 -29.23 -25.46 46.17
N TYR C 421 -30.36 -25.61 46.87
CA TYR C 421 -31.14 -26.86 46.72
C TYR C 421 -32.40 -26.70 45.86
N ASN C 422 -32.70 -25.50 45.35
CA ASN C 422 -33.97 -25.33 44.60
C ASN C 422 -33.72 -24.78 43.19
N TYR C 423 -33.29 -23.52 43.08
CA TYR C 423 -33.02 -22.94 41.73
C TYR C 423 -31.60 -22.36 41.70
N LYS C 424 -30.81 -22.76 40.71
CA LYS C 424 -29.40 -22.29 40.61
C LYS C 424 -29.22 -21.42 39.36
N LEU C 425 -28.59 -20.26 39.51
CA LEU C 425 -28.37 -19.34 38.35
C LEU C 425 -26.89 -19.35 37.97
N PRO C 426 -26.53 -19.46 36.68
CA PRO C 426 -25.13 -19.40 36.26
C PRO C 426 -24.57 -18.00 36.58
N ASP C 427 -23.32 -17.94 37.04
CA ASP C 427 -22.70 -16.65 37.43
C ASP C 427 -22.60 -15.73 36.20
N ASP C 428 -22.21 -16.29 35.06
CA ASP C 428 -22.11 -15.49 33.81
C ASP C 428 -23.51 -15.41 33.19
N PHE C 429 -24.49 -14.96 33.97
CA PHE C 429 -25.89 -14.94 33.47
C PHE C 429 -26.14 -13.70 32.62
N THR C 430 -26.62 -13.90 31.38
CA THR C 430 -27.01 -12.76 30.54
C THR C 430 -28.54 -12.71 30.56
N GLY C 431 -29.13 -12.24 31.65
CA GLY C 431 -30.60 -12.26 31.79
C GLY C 431 -31.12 -11.18 32.72
N CYS C 432 -32.42 -10.88 32.63
CA CYS C 432 -33.04 -9.86 33.53
C CYS C 432 -34.08 -10.55 34.42
N VAL C 433 -34.02 -10.28 35.74
CA VAL C 433 -34.97 -10.92 36.70
C VAL C 433 -36.00 -9.89 37.15
N ILE C 434 -37.29 -10.25 37.15
CA ILE C 434 -38.37 -9.29 37.52
C ILE C 434 -39.08 -9.81 38.77
N ALA C 435 -39.18 -8.99 39.81
CA ALA C 435 -39.84 -9.41 41.08
C ALA C 435 -40.91 -8.41 41.49
N TRP C 436 -42.11 -8.89 41.84
CA TRP C 436 -43.20 -7.99 42.34
C TRP C 436 -43.93 -8.68 43.50
N ASN C 437 -44.49 -7.89 44.42
CA ASN C 437 -45.18 -8.46 45.61
C ASN C 437 -46.42 -9.24 45.15
N SER C 438 -46.64 -10.44 45.71
CA SER C 438 -47.85 -11.24 45.37
C SER C 438 -48.74 -11.40 46.60
N ASN C 439 -48.63 -10.50 47.57
CA ASN C 439 -49.40 -10.63 48.84
C ASN C 439 -50.90 -10.64 48.54
N ASN C 440 -51.35 -9.85 47.56
CA ASN C 440 -52.81 -9.74 47.30
C ASN C 440 -53.42 -11.09 46.92
N LEU C 441 -52.73 -11.92 46.14
CA LEU C 441 -53.38 -13.19 45.66
C LEU C 441 -52.64 -14.44 46.11
N ASP C 442 -51.32 -14.37 46.36
CA ASP C 442 -50.54 -15.58 46.72
C ASP C 442 -50.47 -15.76 48.24
N SER C 443 -51.07 -14.85 49.00
CA SER C 443 -51.05 -14.94 50.49
C SER C 443 -52.44 -15.29 51.02
N LYS C 444 -52.55 -16.32 51.87
CA LYS C 444 -53.86 -16.77 52.40
C LYS C 444 -53.84 -16.71 53.93
N VAL C 445 -54.94 -16.25 54.55
CA VAL C 445 -55.03 -16.18 56.03
C VAL C 445 -54.93 -17.62 56.58
N GLY C 446 -55.61 -18.57 55.94
CA GLY C 446 -55.52 -19.99 56.34
C GLY C 446 -54.11 -20.50 56.15
N GLY C 447 -53.44 -20.06 55.07
CA GLY C 447 -52.09 -20.57 54.74
C GLY C 447 -52.16 -21.42 53.48
N ASN C 448 -51.06 -21.53 52.73
CA ASN C 448 -51.11 -22.25 51.44
C ASN C 448 -50.10 -23.39 51.39
N TYR C 449 -50.54 -24.60 51.05
CA TYR C 449 -49.60 -25.74 50.89
C TYR C 449 -49.16 -25.73 49.43
N ASN C 450 -49.50 -24.65 48.71
CA ASN C 450 -49.17 -24.54 47.27
C ASN C 450 -47.66 -24.40 47.07
N TYR C 451 -46.99 -23.64 47.94
CA TYR C 451 -45.55 -23.39 47.67
C TYR C 451 -44.69 -24.23 48.62
N LEU C 452 -43.72 -24.98 48.07
CA LEU C 452 -42.86 -25.87 48.89
C LEU C 452 -41.39 -25.63 48.51
N TYR C 453 -40.47 -25.88 49.44
CA TYR C 453 -39.02 -25.69 49.15
C TYR C 453 -38.23 -26.92 49.61
N ARG C 454 -37.10 -27.19 48.97
CA ARG C 454 -36.24 -28.34 49.37
C ARG C 454 -35.20 -27.84 50.37
N LEU C 455 -35.47 -28.01 51.68
CA LEU C 455 -34.50 -27.59 52.72
C LEU C 455 -33.24 -28.46 52.66
N PHE C 456 -33.40 -29.77 52.44
CA PHE C 456 -32.22 -30.67 52.48
C PHE C 456 -32.01 -31.38 51.14
N ARG C 457 -30.80 -31.29 50.57
CA ARG C 457 -30.50 -32.04 49.33
C ARG C 457 -29.06 -32.58 49.45
N LYS C 458 -28.79 -33.74 48.85
CA LYS C 458 -27.44 -34.37 48.98
C LYS C 458 -26.36 -33.46 48.38
N SER C 459 -26.63 -32.84 47.23
CA SER C 459 -25.61 -32.01 46.55
C SER C 459 -26.22 -30.69 46.06
N ASN C 460 -25.40 -29.64 45.93
CA ASN C 460 -25.91 -28.36 45.38
C ASN C 460 -26.32 -28.59 43.91
N LEU C 461 -27.44 -28.00 43.50
CA LEU C 461 -27.96 -28.21 42.12
C LEU C 461 -27.06 -27.51 41.09
N LYS C 462 -26.92 -28.10 39.90
CA LYS C 462 -26.16 -27.44 38.81
C LYS C 462 -27.05 -26.31 38.27
N PRO C 463 -26.51 -25.29 37.57
CA PRO C 463 -27.35 -24.17 37.12
C PRO C 463 -28.49 -24.65 36.21
N PHE C 464 -29.69 -24.07 36.37
CA PHE C 464 -30.87 -24.44 35.55
C PHE C 464 -31.19 -25.94 35.67
N GLU C 465 -31.10 -26.50 36.87
CA GLU C 465 -31.47 -27.93 37.06
C GLU C 465 -32.74 -28.02 37.90
N ARG C 466 -33.84 -28.48 37.31
CA ARG C 466 -35.08 -28.68 38.09
C ARG C 466 -34.79 -29.75 39.15
N ASP C 467 -35.18 -29.52 40.40
CA ASP C 467 -34.87 -30.49 41.47
C ASP C 467 -35.90 -31.63 41.39
N ILE C 468 -35.43 -32.88 41.40
CA ILE C 468 -36.34 -34.07 41.41
C ILE C 468 -35.78 -35.14 42.35
N SER C 469 -35.89 -34.95 43.67
CA SER C 469 -35.41 -35.96 44.65
C SER C 469 -36.47 -36.24 45.72
N THR C 470 -37.53 -36.97 45.37
CA THR C 470 -38.64 -37.24 46.33
C THR C 470 -38.14 -38.03 47.55
N GLU C 471 -37.20 -38.97 47.34
CA GLU C 471 -36.74 -39.85 48.45
C GLU C 471 -36.09 -39.04 49.58
N ILE C 472 -36.34 -39.45 50.84
CA ILE C 472 -35.76 -38.74 52.03
C ILE C 472 -34.27 -39.05 52.14
N TYR C 473 -33.52 -38.24 52.89
CA TYR C 473 -32.07 -38.51 53.13
C TYR C 473 -31.88 -39.96 53.59
N GLN C 474 -31.01 -40.71 52.91
CA GLN C 474 -30.76 -42.13 53.27
C GLN C 474 -29.25 -42.37 53.38
N ALA C 475 -28.53 -42.22 52.26
CA ALA C 475 -27.05 -42.38 52.27
C ALA C 475 -26.62 -43.77 52.78
N GLY C 476 -27.54 -44.72 52.95
CA GLY C 476 -27.17 -46.03 53.52
C GLY C 476 -26.62 -45.92 54.95
N SER C 477 -26.53 -44.70 55.48
CA SER C 477 -26.13 -44.54 56.91
C SER C 477 -27.40 -44.68 57.75
N THR C 478 -28.49 -44.02 57.33
CA THR C 478 -29.80 -44.12 58.05
C THR C 478 -30.93 -44.38 57.05
N PRO C 479 -31.08 -45.59 56.47
CA PRO C 479 -32.12 -45.86 55.46
C PRO C 479 -33.36 -46.62 55.93
N CYS C 480 -34.56 -46.04 55.73
CA CYS C 480 -35.85 -46.69 56.13
C CYS C 480 -36.98 -45.70 55.82
N ASN C 481 -38.22 -46.18 55.65
CA ASN C 481 -39.34 -45.20 55.47
C ASN C 481 -39.45 -44.26 56.67
N GLY C 482 -39.20 -44.79 57.88
CA GLY C 482 -39.30 -43.97 59.11
C GLY C 482 -38.20 -42.94 59.19
N VAL C 483 -38.42 -41.86 59.95
CA VAL C 483 -37.42 -40.76 60.04
C VAL C 483 -36.53 -41.00 61.25
N GLU C 484 -35.24 -41.29 61.01
CA GLU C 484 -34.26 -41.47 62.12
C GLU C 484 -34.09 -40.14 62.86
N GLY C 485 -34.11 -39.02 62.12
CA GLY C 485 -33.84 -37.70 62.72
C GLY C 485 -32.37 -37.38 62.61
N PHE C 486 -31.59 -38.28 62.00
CA PHE C 486 -30.14 -38.01 61.78
C PHE C 486 -30.02 -37.19 60.48
N ASN C 487 -30.44 -35.93 60.52
CA ASN C 487 -30.40 -35.05 59.32
C ASN C 487 -31.22 -35.70 58.20
N CYS C 488 -32.33 -36.37 58.55
CA CYS C 488 -33.16 -37.07 57.53
C CYS C 488 -34.41 -36.25 57.26
N TYR C 489 -35.41 -36.35 58.15
CA TYR C 489 -36.65 -35.53 58.02
C TYR C 489 -37.25 -35.72 56.62
N PHE C 490 -37.58 -34.61 55.95
CA PHE C 490 -38.13 -34.69 54.57
C PHE C 490 -37.70 -33.41 53.82
N PRO C 491 -37.10 -33.44 52.60
CA PRO C 491 -36.66 -32.18 51.97
C PRO C 491 -37.75 -31.14 51.74
N LEU C 492 -38.94 -31.56 51.31
CA LEU C 492 -40.01 -30.58 50.95
C LEU C 492 -40.81 -30.14 52.17
N GLN C 493 -40.90 -28.82 52.43
CA GLN C 493 -41.74 -28.31 53.54
C GLN C 493 -42.62 -27.19 52.98
N SER C 494 -43.89 -27.15 53.39
CA SER C 494 -44.83 -26.11 52.86
C SER C 494 -44.39 -24.72 53.32
N TYR C 495 -44.46 -23.73 52.43
CA TYR C 495 -44.12 -22.32 52.82
C TYR C 495 -45.32 -21.74 53.58
N GLY C 496 -45.07 -20.80 54.50
CA GLY C 496 -46.18 -20.13 55.20
C GLY C 496 -46.33 -18.71 54.72
N PHE C 497 -47.49 -18.36 54.15
CA PHE C 497 -47.69 -17.01 53.57
C PHE C 497 -48.99 -16.39 54.10
N GLN C 498 -48.98 -15.96 55.37
CA GLN C 498 -50.18 -15.32 55.97
C GLN C 498 -50.11 -13.81 55.75
N PRO C 499 -51.24 -13.07 55.74
CA PRO C 499 -51.23 -11.60 55.64
C PRO C 499 -50.50 -11.01 56.86
N THR C 500 -50.64 -11.63 58.03
CA THR C 500 -49.98 -11.15 59.28
C THR C 500 -48.46 -11.19 59.12
N ASN C 501 -47.94 -12.06 58.25
CA ASN C 501 -46.46 -12.23 58.10
C ASN C 501 -45.82 -10.93 57.61
N GLY C 502 -44.55 -10.71 57.92
CA GLY C 502 -43.84 -9.46 57.54
C GLY C 502 -43.61 -9.37 56.05
N VAL C 503 -43.29 -8.19 55.54
CA VAL C 503 -43.15 -7.99 54.06
C VAL C 503 -42.07 -8.92 53.49
N GLY C 504 -40.96 -9.11 54.21
CA GLY C 504 -39.94 -10.07 53.74
C GLY C 504 -40.53 -11.47 53.68
N TYR C 505 -41.30 -11.87 54.69
CA TYR C 505 -41.99 -13.19 54.68
C TYR C 505 -43.04 -13.25 53.58
N GLN C 506 -43.69 -12.12 53.26
CA GLN C 506 -44.79 -12.13 52.27
C GLN C 506 -44.29 -12.65 50.92
N PRO C 507 -45.10 -13.44 50.18
CA PRO C 507 -44.65 -14.05 48.93
C PRO C 507 -44.34 -13.01 47.84
N TYR C 508 -43.27 -13.24 47.08
CA TYR C 508 -42.95 -12.33 45.94
C TYR C 508 -42.89 -13.17 44.67
N ARG C 509 -43.57 -12.72 43.62
CA ARG C 509 -43.54 -13.46 42.32
C ARG C 509 -42.29 -13.00 41.55
N VAL C 510 -41.37 -13.93 41.29
CA VAL C 510 -40.11 -13.56 40.58
C VAL C 510 -39.98 -14.42 39.31
N VAL C 511 -39.77 -13.77 38.17
CA VAL C 511 -39.57 -14.53 36.88
C VAL C 511 -38.14 -14.28 36.41
N VAL C 512 -37.47 -15.34 35.92
CA VAL C 512 -36.08 -15.19 35.41
C VAL C 512 -36.12 -15.34 33.89
N LEU C 513 -35.57 -14.37 33.16
CA LEU C 513 -35.52 -14.46 31.68
C LEU C 513 -34.08 -14.80 31.28
N SER C 514 -33.90 -15.85 30.48
CA SER C 514 -32.53 -16.29 30.09
C SER C 514 -32.30 -15.97 28.62
N PHE C 515 -31.22 -15.23 28.32
CA PHE C 515 -30.94 -14.85 26.92
C PHE C 515 -29.61 -15.48 26.48
N GLU C 516 -29.62 -16.22 25.37
CA GLU C 516 -28.39 -16.88 24.87
C GLU C 516 -28.33 -16.77 23.35
N LEU C 517 -27.13 -16.80 22.78
CA LEU C 517 -26.98 -16.76 21.30
C LEU C 517 -26.76 -18.18 20.80
N LEU C 518 -27.54 -18.62 19.81
CA LEU C 518 -27.46 -20.03 19.33
C LEU C 518 -27.35 -20.09 17.82
N HIS C 519 -26.98 -21.25 17.28
CA HIS C 519 -26.81 -21.44 15.81
C HIS C 519 -28.12 -21.16 15.08
N ALA C 520 -29.26 -21.56 15.67
CA ALA C 520 -30.56 -21.41 14.97
C ALA C 520 -30.77 -19.96 14.54
N PRO C 521 -31.17 -19.70 13.28
CA PRO C 521 -31.34 -18.33 12.76
C PRO C 521 -32.43 -17.48 13.42
N ALA C 522 -33.58 -18.07 13.77
CA ALA C 522 -34.71 -17.27 14.31
C ALA C 522 -34.28 -16.52 15.56
N THR C 523 -34.67 -15.24 15.67
CA THR C 523 -34.34 -14.42 16.87
C THR C 523 -35.57 -13.57 17.23
N VAL C 524 -35.75 -13.26 18.52
CA VAL C 524 -36.93 -12.48 19.00
C VAL C 524 -36.52 -11.02 19.20
N CYS C 525 -36.65 -10.17 18.18
CA CYS C 525 -36.16 -8.75 18.26
C CYS C 525 -37.32 -7.75 18.14
N GLY C 526 -37.20 -6.56 18.75
CA GLY C 526 -38.29 -5.56 18.73
C GLY C 526 -37.95 -4.28 17.95
N SER C 530 -39.39 3.13 13.16
CA SER C 530 -40.63 3.09 12.35
C SER C 530 -41.26 4.49 12.22
N THR C 531 -40.65 5.42 11.46
CA THR C 531 -41.14 6.81 11.29
C THR C 531 -42.17 6.93 10.17
N ASN C 532 -42.12 8.02 9.41
CA ASN C 532 -43.12 8.25 8.33
C ASN C 532 -42.40 8.39 6.99
N LEU C 533 -43.09 8.72 5.90
CA LEU C 533 -42.38 8.74 4.61
C LEU C 533 -42.38 10.14 3.99
N VAL C 534 -41.19 10.67 3.67
CA VAL C 534 -41.08 12.04 3.11
C VAL C 534 -40.69 11.93 1.65
N LYS C 535 -41.60 12.28 0.74
CA LYS C 535 -41.31 12.12 -0.69
C LYS C 535 -40.89 13.45 -1.33
N ASN C 536 -40.00 13.46 -2.33
CA ASN C 536 -39.50 14.61 -3.07
C ASN C 536 -38.55 15.46 -2.24
N LYS C 537 -37.81 14.82 -1.33
CA LYS C 537 -36.82 15.51 -0.51
C LYS C 537 -35.60 14.62 -0.34
N CYS C 538 -34.42 15.25 -0.29
CA CYS C 538 -33.23 14.55 0.19
C CYS C 538 -33.41 14.16 1.64
N VAL C 539 -33.53 12.85 1.89
CA VAL C 539 -33.64 12.32 3.24
C VAL C 539 -32.74 11.09 3.33
N ASN C 540 -32.37 10.75 4.56
CA ASN C 540 -31.79 9.44 4.81
C ASN C 540 -32.91 8.43 4.99
N PHE C 541 -32.79 7.27 4.36
CA PHE C 541 -33.83 6.26 4.48
C PHE C 541 -33.22 4.96 4.98
N ASN C 542 -34.04 4.21 5.71
CA ASN C 542 -33.63 2.98 6.37
C ASN C 542 -34.61 1.85 6.12
N PHE C 543 -34.97 1.61 4.87
CA PHE C 543 -35.89 0.52 4.49
C PHE C 543 -35.29 -0.80 5.00
N ASN C 544 -36.03 -1.90 4.90
CA ASN C 544 -35.77 -3.08 5.73
C ASN C 544 -34.44 -3.73 5.34
N GLY C 545 -33.38 -3.15 5.89
CA GLY C 545 -32.02 -3.56 5.61
C GLY C 545 -31.32 -2.77 4.52
N LEU C 546 -32.03 -1.86 3.84
CA LEU C 546 -31.46 -1.09 2.74
C LEU C 546 -31.33 0.35 3.18
N THR C 547 -30.10 0.85 3.26
CA THR C 547 -29.82 2.21 3.72
C THR C 547 -29.18 3.02 2.61
N GLY C 548 -29.51 4.30 2.56
CA GLY C 548 -28.93 5.20 1.57
C GLY C 548 -29.61 6.56 1.63
N THR C 549 -29.11 7.46 0.81
CA THR C 549 -29.62 8.83 0.72
C THR C 549 -30.11 9.11 -0.69
N GLY C 550 -31.29 9.68 -0.80
CA GLY C 550 -31.82 10.04 -2.11
C GLY C 550 -33.24 10.55 -2.00
N VAL C 551 -33.78 10.89 -3.16
CA VAL C 551 -35.14 11.41 -3.29
C VAL C 551 -36.07 10.26 -3.66
N LEU C 552 -37.18 10.14 -2.93
CA LEU C 552 -38.15 9.08 -3.14
C LEU C 552 -39.36 9.66 -3.86
N THR C 553 -39.73 9.05 -4.99
CA THR C 553 -40.90 9.46 -5.75
C THR C 553 -41.72 8.22 -6.09
N GLU C 554 -43.03 8.41 -6.25
CA GLU C 554 -43.89 7.31 -6.62
C GLU C 554 -43.54 6.82 -8.03
N SER C 555 -43.55 5.50 -8.18
CA SER C 555 -42.98 4.85 -9.35
C SER C 555 -44.05 4.19 -10.20
N ASN C 556 -43.70 3.90 -11.45
CA ASN C 556 -44.55 3.16 -12.36
C ASN C 556 -44.14 1.69 -12.48
N LYS C 557 -42.90 1.36 -12.12
CA LYS C 557 -42.45 -0.03 -12.14
C LYS C 557 -43.23 -0.85 -11.13
N LYS C 558 -43.76 -1.99 -11.56
CA LYS C 558 -44.53 -2.87 -10.70
C LYS C 558 -43.70 -4.13 -10.45
N PHE C 559 -43.46 -4.42 -9.18
CA PHE C 559 -42.65 -5.58 -8.82
C PHE C 559 -43.50 -6.85 -8.80
N LEU C 560 -42.83 -7.98 -8.85
CA LEU C 560 -43.47 -9.24 -8.55
C LEU C 560 -43.70 -9.35 -7.04
N PRO C 561 -44.79 -10.00 -6.61
CA PRO C 561 -45.18 -9.93 -5.20
C PRO C 561 -44.13 -10.38 -4.20
N PHE C 562 -43.06 -11.01 -4.66
CA PHE C 562 -41.98 -11.44 -3.77
C PHE C 562 -40.74 -10.58 -3.86
N GLN C 563 -40.71 -9.58 -4.73
CA GLN C 563 -39.51 -8.78 -4.96
C GLN C 563 -39.56 -7.52 -4.10
N GLN C 564 -38.55 -7.34 -3.25
CA GLN C 564 -38.52 -6.22 -2.33
C GLN C 564 -38.03 -4.94 -3.01
N PHE C 565 -36.80 -4.95 -3.50
CA PHE C 565 -36.19 -3.76 -4.08
C PHE C 565 -35.67 -4.07 -5.48
N GLY C 566 -35.47 -3.00 -6.26
CA GLY C 566 -35.01 -3.14 -7.63
C GLY C 566 -33.61 -2.57 -7.80
N ARG C 567 -32.99 -2.97 -8.90
CA ARG C 567 -31.66 -2.48 -9.27
C ARG C 567 -31.66 -2.22 -10.77
N ASP C 568 -30.47 -1.98 -11.31
CA ASP C 568 -30.29 -1.70 -12.72
C ASP C 568 -28.91 -2.18 -13.13
N ILE C 569 -28.49 -1.81 -14.35
CA ILE C 569 -27.13 -2.09 -14.77
C ILE C 569 -26.16 -1.37 -13.84
N ALA C 570 -25.04 -2.02 -13.55
CA ALA C 570 -24.02 -1.65 -12.58
C ALA C 570 -24.48 -1.86 -11.14
N ASP C 571 -25.70 -2.33 -10.93
CA ASP C 571 -26.19 -2.76 -9.61
C ASP C 571 -26.15 -1.63 -8.59
N THR C 572 -26.88 -0.55 -8.89
CA THR C 572 -27.14 0.53 -7.95
C THR C 572 -28.65 0.60 -7.73
N THR C 573 -29.09 0.45 -6.48
CA THR C 573 -30.51 0.39 -6.20
C THR C 573 -31.20 1.67 -6.64
N ASP C 574 -32.29 1.52 -7.40
CA ASP C 574 -33.06 2.67 -7.86
C ASP C 574 -34.56 2.45 -7.74
N ALA C 575 -35.00 1.62 -6.80
CA ALA C 575 -36.40 1.37 -6.53
C ALA C 575 -36.50 0.62 -5.22
N VAL C 576 -37.68 0.66 -4.61
CA VAL C 576 -37.89 0.01 -3.33
C VAL C 576 -39.39 -0.11 -3.08
N ARG C 577 -39.78 -1.18 -2.41
CA ARG C 577 -41.17 -1.41 -2.01
C ARG C 577 -41.29 -1.15 -0.52
N ASP C 578 -42.10 -0.17 -0.15
CA ASP C 578 -42.23 0.18 1.25
C ASP C 578 -42.99 -0.90 1.99
N PRO C 579 -42.49 -1.38 3.14
CA PRO C 579 -43.14 -2.53 3.79
C PRO C 579 -44.58 -2.30 4.20
N GLN C 580 -44.94 -1.07 4.57
CA GLN C 580 -46.23 -0.85 5.21
C GLN C 580 -47.36 -0.51 4.23
N THR C 581 -47.05 -0.24 2.97
CA THR C 581 -48.13 -0.08 1.99
C THR C 581 -47.86 -0.84 0.69
N LEU C 582 -46.72 -1.50 0.55
CA LEU C 582 -46.39 -2.28 -0.65
C LEU C 582 -46.53 -1.47 -1.92
N GLU C 583 -45.98 -0.25 -1.88
CA GLU C 583 -45.93 0.62 -3.05
C GLU C 583 -44.48 0.81 -3.47
N ILE C 584 -44.28 1.24 -4.71
CA ILE C 584 -42.95 1.33 -5.30
C ILE C 584 -42.50 2.78 -5.31
N LEU C 585 -41.33 3.02 -4.73
CA LEU C 585 -40.75 4.36 -4.64
C LEU C 585 -39.37 4.34 -5.27
N ASP C 586 -39.13 5.25 -6.21
CA ASP C 586 -37.81 5.36 -6.82
C ASP C 586 -36.81 5.92 -5.82
N ILE C 587 -35.53 5.84 -6.18
CA ILE C 587 -34.47 6.45 -5.41
C ILE C 587 -33.55 7.20 -6.37
N THR C 588 -33.76 8.51 -6.49
CA THR C 588 -32.90 9.32 -7.34
C THR C 588 -31.83 10.00 -6.50
N PRO C 589 -30.62 10.19 -7.03
CA PRO C 589 -29.57 10.85 -6.24
C PRO C 589 -29.88 12.31 -6.02
N CYS C 590 -29.25 12.92 -5.03
CA CYS C 590 -29.48 14.32 -4.69
C CYS C 590 -28.61 15.17 -5.60
N SER C 591 -29.20 16.23 -6.18
CA SER C 591 -28.55 17.07 -7.18
C SER C 591 -27.16 17.51 -6.74
N PHE C 592 -26.14 17.09 -7.48
CA PHE C 592 -24.79 17.57 -7.30
C PHE C 592 -24.29 18.11 -8.63
N GLY C 593 -23.09 18.68 -8.62
CA GLY C 593 -22.52 19.24 -9.83
C GLY C 593 -21.30 20.07 -9.52
N GLY C 594 -21.04 21.02 -10.39
CA GLY C 594 -19.93 21.94 -10.21
C GLY C 594 -20.41 23.37 -10.27
N VAL C 595 -19.57 24.28 -9.78
CA VAL C 595 -19.83 25.70 -9.80
C VAL C 595 -18.72 26.35 -10.62
N SER C 596 -19.10 27.02 -11.71
CA SER C 596 -18.16 27.68 -12.59
C SER C 596 -18.46 29.16 -12.62
N VAL C 597 -17.40 29.97 -12.61
CA VAL C 597 -17.51 31.42 -12.54
C VAL C 597 -17.06 32.00 -13.87
N ILE C 598 -18.00 32.56 -14.61
CA ILE C 598 -17.71 33.22 -15.88
C ILE C 598 -17.21 34.62 -15.57
N THR C 599 -15.96 34.90 -15.96
CA THR C 599 -15.32 36.16 -15.59
C THR C 599 -14.93 36.93 -16.83
N PRO C 600 -15.32 38.21 -16.94
CA PRO C 600 -14.83 39.04 -18.05
C PRO C 600 -13.41 39.55 -17.87
N GLY C 601 -12.69 39.07 -16.85
CA GLY C 601 -11.34 39.53 -16.57
C GLY C 601 -11.26 40.60 -15.52
N THR C 602 -10.21 40.56 -14.68
CA THR C 602 -10.02 41.57 -13.65
C THR C 602 -9.80 42.96 -14.22
N ASN C 603 -9.23 43.05 -15.44
CA ASN C 603 -9.21 44.32 -16.16
C ASN C 603 -10.61 44.91 -16.32
N THR C 604 -11.45 44.25 -17.11
CA THR C 604 -12.67 44.91 -17.59
C THR C 604 -13.65 45.22 -16.47
N SER C 605 -13.96 44.24 -15.62
CA SER C 605 -14.99 44.42 -14.59
C SER C 605 -14.82 43.37 -13.51
N ASN C 606 -15.48 43.61 -12.38
CA ASN C 606 -15.55 42.68 -11.26
C ASN C 606 -16.86 41.92 -11.22
N GLN C 607 -17.74 42.12 -12.19
CA GLN C 607 -18.96 41.34 -12.28
C GLN C 607 -18.63 39.92 -12.72
N VAL C 608 -19.45 38.97 -12.25
CA VAL C 608 -19.26 37.56 -12.58
C VAL C 608 -20.63 36.92 -12.80
N ALA C 609 -20.60 35.77 -13.46
CA ALA C 609 -21.76 34.91 -13.59
C ALA C 609 -21.41 33.53 -13.05
N VAL C 610 -22.41 32.81 -12.58
CA VAL C 610 -22.20 31.52 -11.92
C VAL C 610 -23.04 30.48 -12.64
N LEU C 611 -22.42 29.34 -12.96
CA LEU C 611 -23.07 28.23 -13.65
C LEU C 611 -23.12 27.04 -12.71
N TYR C 612 -24.32 26.55 -12.41
CA TYR C 612 -24.49 25.34 -11.62
C TYR C 612 -24.84 24.21 -12.57
N GLN C 613 -23.87 23.35 -12.86
CA GLN C 613 -24.01 22.38 -13.93
C GLN C 613 -25.02 21.30 -13.58
N ASP C 614 -25.94 21.03 -14.50
CA ASP C 614 -26.94 19.98 -14.36
C ASP C 614 -27.74 20.13 -13.08
N VAL C 615 -28.16 21.38 -12.80
CA VAL C 615 -28.92 21.69 -11.61
C VAL C 615 -30.06 22.64 -12.00
N ASN C 616 -31.27 22.30 -11.57
CA ASN C 616 -32.41 23.19 -11.74
C ASN C 616 -32.24 24.41 -10.84
N CYS C 617 -32.55 25.59 -11.38
CA CYS C 617 -32.49 26.80 -10.57
C CYS C 617 -33.62 26.91 -9.55
N THR C 618 -34.44 25.88 -9.39
CA THR C 618 -35.34 25.81 -8.24
C THR C 618 -34.61 25.30 -7.00
N GLU C 619 -33.39 24.80 -7.17
CA GLU C 619 -32.60 24.22 -6.09
C GLU C 619 -31.25 24.92 -5.92
N VAL C 620 -31.07 26.10 -6.50
CA VAL C 620 -29.83 26.85 -6.30
C VAL C 620 -29.84 27.63 -4.98
N PRO C 621 -30.96 28.24 -4.51
CA PRO C 621 -30.86 28.98 -3.23
C PRO C 621 -30.62 28.06 -2.05
N VAL C 622 -31.11 26.82 -2.14
CA VAL C 622 -31.09 25.91 -0.99
C VAL C 622 -29.66 25.56 -0.58
N ALA C 623 -28.69 25.75 -1.46
CA ALA C 623 -27.28 25.60 -1.09
C ALA C 623 -26.94 26.55 0.05
N ILE C 624 -26.05 26.09 0.93
CA ILE C 624 -25.57 26.94 2.02
C ILE C 624 -24.98 28.20 1.40
N HIS C 625 -25.59 29.34 1.69
CA HIS C 625 -25.27 30.58 0.99
C HIS C 625 -23.86 31.05 1.31
N ALA C 626 -22.95 30.89 0.36
CA ALA C 626 -21.55 31.17 0.61
C ALA C 626 -21.03 32.35 -0.22
N ASP C 627 -21.20 32.28 -1.55
CA ASP C 627 -20.58 33.26 -2.44
C ASP C 627 -21.65 34.20 -3.02
N GLN C 628 -21.93 35.25 -2.27
CA GLN C 628 -22.76 36.36 -2.75
C GLN C 628 -22.62 37.56 -1.83
N THR C 638 -30.90 32.65 -7.49
CA THR C 638 -30.65 33.49 -6.32
C THR C 638 -30.74 34.97 -6.68
N GLY C 639 -31.35 35.26 -7.83
CA GLY C 639 -31.50 36.63 -8.27
C GLY C 639 -32.60 36.83 -9.28
N SER C 640 -32.52 37.91 -10.06
CA SER C 640 -33.53 38.22 -11.07
C SER C 640 -33.09 37.87 -12.50
N ASN C 641 -31.81 37.55 -12.71
CA ASN C 641 -31.29 37.19 -14.01
C ASN C 641 -31.16 35.68 -14.17
N VAL C 642 -31.95 34.91 -13.42
CA VAL C 642 -31.94 33.45 -13.53
C VAL C 642 -32.25 33.06 -14.96
N PHE C 643 -31.50 32.08 -15.48
CA PHE C 643 -31.60 31.63 -16.86
C PHE C 643 -31.19 30.18 -16.92
N GLN C 644 -32.12 29.30 -17.30
CA GLN C 644 -31.87 27.87 -17.32
C GLN C 644 -31.33 27.46 -18.69
N THR C 645 -30.16 26.81 -18.69
CA THR C 645 -29.47 26.38 -19.90
C THR C 645 -29.52 24.85 -19.97
N ARG C 646 -29.07 24.29 -21.09
CA ARG C 646 -28.97 22.83 -21.21
C ARG C 646 -27.69 22.29 -20.58
N ALA C 647 -26.71 23.14 -20.29
CA ALA C 647 -25.49 22.72 -19.63
C ALA C 647 -25.56 22.86 -18.12
N GLY C 648 -26.45 23.70 -17.63
CA GLY C 648 -26.64 23.94 -16.21
C GLY C 648 -27.77 24.93 -16.05
N CYS C 649 -27.68 25.85 -15.10
CA CYS C 649 -28.57 26.99 -15.14
C CYS C 649 -27.83 28.20 -14.59
N LEU C 650 -27.86 29.29 -15.34
CA LEU C 650 -26.90 30.38 -15.24
C LEU C 650 -27.53 31.55 -14.51
N ILE C 651 -26.83 32.05 -13.49
CA ILE C 651 -27.29 33.16 -12.66
C ILE C 651 -26.29 34.30 -12.78
N GLY C 652 -26.79 35.50 -13.02
CA GLY C 652 -25.97 36.68 -13.13
C GLY C 652 -25.79 37.18 -14.55
N ALA C 653 -26.26 36.44 -15.55
CA ALA C 653 -26.16 36.84 -16.94
C ALA C 653 -27.53 36.78 -17.59
N GLU C 654 -27.93 37.87 -18.25
CA GLU C 654 -29.22 37.96 -18.88
C GLU C 654 -29.17 37.40 -20.30
N HIS C 655 -30.34 37.02 -20.81
CA HIS C 655 -30.45 36.41 -22.12
C HIS C 655 -30.83 37.45 -23.15
N VAL C 656 -30.06 37.54 -24.23
CA VAL C 656 -30.35 38.41 -25.36
C VAL C 656 -30.67 37.54 -26.57
N ASN C 657 -31.67 37.95 -27.33
CA ASN C 657 -32.10 37.18 -28.50
C ASN C 657 -31.14 37.32 -29.68
N ASN C 658 -30.11 38.15 -29.56
CA ASN C 658 -29.11 38.28 -30.60
C ASN C 658 -28.28 37.01 -30.69
N SER C 659 -27.34 37.00 -31.63
CA SER C 659 -26.42 35.88 -31.81
C SER C 659 -25.07 36.44 -32.22
N TYR C 660 -24.06 36.22 -31.38
CA TYR C 660 -22.74 36.80 -31.56
C TYR C 660 -21.71 35.70 -31.74
N GLU C 661 -20.51 36.09 -32.14
CA GLU C 661 -19.38 35.17 -32.12
C GLU C 661 -19.10 34.75 -30.68
N CYS C 662 -18.71 33.50 -30.50
CA CYS C 662 -18.52 32.97 -29.15
C CYS C 662 -17.36 33.67 -28.46
N ASP C 663 -17.58 34.05 -27.20
CA ASP C 663 -16.58 34.70 -26.36
C ASP C 663 -16.12 33.82 -25.21
N ILE C 664 -17.06 33.31 -24.42
CA ILE C 664 -16.76 32.37 -23.34
C ILE C 664 -17.68 31.17 -23.52
N PRO C 665 -17.17 29.99 -23.89
CA PRO C 665 -18.04 28.84 -24.17
C PRO C 665 -18.63 28.28 -22.89
N ILE C 666 -19.96 28.34 -22.78
CA ILE C 666 -20.66 27.74 -21.65
C ILE C 666 -21.02 26.28 -21.93
N GLY C 667 -21.56 26.01 -23.10
CA GLY C 667 -21.92 24.65 -23.49
C GLY C 667 -23.27 24.59 -24.16
N ALA C 668 -23.48 23.55 -24.97
CA ALA C 668 -24.74 23.32 -25.67
C ALA C 668 -25.11 24.50 -26.57
N GLY C 669 -24.11 25.11 -27.19
CA GLY C 669 -24.34 26.20 -28.12
C GLY C 669 -24.50 27.57 -27.49
N ILE C 670 -24.43 27.67 -26.17
CA ILE C 670 -24.60 28.94 -25.47
C ILE C 670 -23.23 29.50 -25.13
N CYS C 671 -23.01 30.77 -25.47
CA CYS C 671 -21.80 31.49 -25.10
C CYS C 671 -22.17 32.72 -24.30
N ALA C 672 -21.20 33.21 -23.52
CA ALA C 672 -21.39 34.39 -22.69
C ALA C 672 -20.31 35.42 -23.02
N SER C 673 -20.68 36.69 -22.90
CA SER C 673 -19.77 37.78 -23.23
C SER C 673 -20.12 38.98 -22.37
N TYR C 674 -19.16 39.91 -22.27
CA TYR C 674 -19.33 41.14 -21.51
C TYR C 674 -19.30 42.32 -22.48
N GLN C 675 -20.42 43.00 -22.62
CA GLN C 675 -20.49 44.20 -23.44
C GLN C 675 -21.72 44.98 -23.00
N THR C 676 -21.59 46.31 -22.91
CA THR C 676 -22.68 47.15 -22.44
C THR C 676 -22.93 48.31 -23.39
N SER C 691 -22.66 44.79 -18.70
CA SER C 691 -23.31 43.66 -18.03
C SER C 691 -23.03 42.35 -18.77
N ILE C 692 -22.92 41.27 -18.02
CA ILE C 692 -22.73 39.95 -18.62
C ILE C 692 -24.01 39.54 -19.33
N ILE C 693 -23.86 38.97 -20.53
CA ILE C 693 -24.99 38.49 -21.30
C ILE C 693 -24.75 37.05 -21.71
N ALA C 694 -25.83 36.32 -21.97
CA ALA C 694 -25.77 34.94 -22.43
C ALA C 694 -26.63 34.83 -23.68
N TYR C 695 -26.02 34.37 -24.77
CA TYR C 695 -26.70 34.28 -26.06
C TYR C 695 -26.39 32.92 -26.67
N THR C 696 -26.87 32.73 -27.90
CA THR C 696 -26.54 31.56 -28.71
C THR C 696 -25.48 31.96 -29.73
N MET C 697 -24.42 31.16 -29.84
CA MET C 697 -23.32 31.53 -30.72
C MET C 697 -23.78 31.60 -32.18
N SER C 698 -23.13 32.46 -32.94
CA SER C 698 -23.41 32.62 -34.36
C SER C 698 -22.30 31.95 -35.15
N LEU C 699 -22.69 31.09 -36.08
CA LEU C 699 -21.70 30.28 -36.79
C LEU C 699 -20.89 31.10 -37.76
N GLY C 700 -21.50 32.11 -38.38
CA GLY C 700 -20.76 32.98 -39.27
C GLY C 700 -21.70 33.91 -40.01
N ALA C 701 -21.09 34.81 -40.77
CA ALA C 701 -21.86 35.73 -41.61
C ALA C 701 -22.61 34.96 -42.68
N GLU C 702 -23.86 35.32 -42.89
CA GLU C 702 -24.67 34.65 -43.90
C GLU C 702 -24.18 35.02 -45.30
N ASN C 703 -24.34 34.10 -46.24
CA ASN C 703 -23.90 34.33 -47.60
C ASN C 703 -24.69 33.40 -48.52
N SER C 704 -24.74 33.78 -49.79
CA SER C 704 -25.42 32.99 -50.80
C SER C 704 -24.79 33.30 -52.15
N VAL C 705 -23.93 32.41 -52.63
CA VAL C 705 -23.26 32.63 -53.90
C VAL C 705 -24.29 32.67 -55.02
N ALA C 706 -24.17 33.67 -55.89
CA ALA C 706 -25.16 33.90 -56.95
C ALA C 706 -24.95 32.89 -58.07
N TYR C 707 -25.27 31.63 -57.76
CA TYR C 707 -25.06 30.56 -58.71
C TYR C 707 -26.03 30.68 -59.89
N SER C 708 -25.47 30.59 -61.09
CA SER C 708 -26.25 30.51 -62.32
C SER C 708 -25.49 29.60 -63.27
N ASN C 709 -26.22 29.01 -64.21
CA ASN C 709 -25.60 27.97 -65.03
C ASN C 709 -24.75 28.52 -66.16
N ASN C 710 -24.71 29.83 -66.36
CA ASN C 710 -23.84 30.43 -67.38
C ASN C 710 -23.20 31.70 -66.86
N SER C 711 -22.78 31.70 -65.60
CA SER C 711 -22.13 32.87 -65.02
C SER C 711 -20.92 32.44 -64.19
N ILE C 712 -19.81 33.13 -64.38
CA ILE C 712 -18.58 32.89 -63.62
C ILE C 712 -18.14 34.21 -63.02
N ALA C 713 -17.33 34.11 -61.97
CA ALA C 713 -16.69 35.27 -61.34
C ALA C 713 -15.19 35.05 -61.35
N ILE C 714 -14.46 36.01 -61.93
CA ILE C 714 -13.02 35.90 -62.10
C ILE C 714 -12.38 37.10 -61.41
N PRO C 715 -11.40 36.90 -60.54
CA PRO C 715 -10.77 38.04 -59.86
C PRO C 715 -9.99 38.90 -60.83
N THR C 716 -9.95 40.20 -60.53
CA THR C 716 -9.23 41.17 -61.34
C THR C 716 -8.02 41.75 -60.62
N ASN C 717 -7.73 41.26 -59.41
CA ASN C 717 -6.57 41.72 -58.64
C ASN C 717 -6.19 40.60 -57.68
N PHE C 718 -5.23 40.89 -56.81
CA PHE C 718 -4.77 39.89 -55.86
C PHE C 718 -4.25 40.58 -54.60
N THR C 719 -3.85 39.77 -53.64
CA THR C 719 -3.26 40.27 -52.40
C THR C 719 -2.22 39.27 -51.94
N ILE C 720 -1.05 39.78 -51.55
CA ILE C 720 0.01 38.94 -51.00
C ILE C 720 -0.13 38.95 -49.48
N SER C 721 -0.44 37.79 -48.90
CA SER C 721 -0.74 37.67 -47.48
C SER C 721 0.32 36.83 -46.81
N VAL C 722 0.89 37.34 -45.72
CA VAL C 722 1.86 36.61 -44.92
C VAL C 722 1.16 36.20 -43.63
N THR C 723 1.02 34.92 -43.34
CA THR C 723 0.40 34.48 -42.09
C THR C 723 1.53 34.05 -41.19
N THR C 724 1.28 33.34 -40.10
CA THR C 724 2.31 32.91 -39.14
C THR C 724 1.76 31.66 -38.47
N GLU C 725 2.50 30.57 -38.40
CA GLU C 725 2.06 29.36 -37.70
C GLU C 725 3.12 28.97 -36.71
N ILE C 726 2.82 28.94 -35.40
CA ILE C 726 3.76 28.62 -34.30
C ILE C 726 3.56 27.19 -33.87
N LEU C 727 4.60 26.37 -33.92
CA LEU C 727 4.59 24.96 -33.54
C LEU C 727 5.67 24.69 -32.50
N PRO C 728 5.34 23.97 -31.42
CA PRO C 728 6.38 23.54 -30.48
C PRO C 728 7.06 22.27 -30.96
N VAL C 729 8.39 22.25 -30.89
CA VAL C 729 9.16 21.12 -31.36
C VAL C 729 9.86 20.37 -30.23
N SER C 730 10.07 20.98 -29.08
CA SER C 730 10.76 20.30 -27.99
C SER C 730 10.38 20.93 -26.66
N MET C 731 10.67 20.19 -25.59
CA MET C 731 10.39 20.64 -24.23
C MET C 731 11.63 20.42 -23.38
N THR C 732 11.54 20.82 -22.11
CA THR C 732 12.71 20.80 -21.23
C THR C 732 13.12 19.36 -20.90
N LYS C 733 14.43 19.15 -20.78
CA LYS C 733 15.00 17.84 -20.53
C LYS C 733 15.30 17.71 -19.04
N THR C 734 14.36 17.20 -18.28
CA THR C 734 14.51 16.97 -16.85
C THR C 734 14.92 15.53 -16.59
N SER C 735 15.52 15.31 -15.42
CA SER C 735 15.97 13.96 -15.04
C SER C 735 15.88 13.86 -13.50
N VAL C 736 14.81 13.24 -13.03
CA VAL C 736 14.56 13.11 -11.60
C VAL C 736 15.14 11.80 -11.11
N ASP C 737 15.89 11.86 -10.00
CA ASP C 737 16.48 10.66 -9.40
C ASP C 737 15.62 10.21 -8.21
N CYS C 738 15.30 8.92 -8.16
CA CYS C 738 14.50 8.39 -7.07
C CYS C 738 15.19 8.51 -5.71
N THR C 739 16.35 7.87 -5.57
CA THR C 739 16.94 7.67 -4.24
C THR C 739 17.07 8.98 -3.49
N MET C 740 17.44 10.06 -4.18
CA MET C 740 17.52 11.35 -3.52
C MET C 740 16.14 11.96 -3.33
N TYR C 741 15.21 11.68 -4.23
CA TYR C 741 13.85 12.21 -4.09
C TYR C 741 13.08 11.45 -3.03
N ILE C 742 12.99 10.13 -3.15
CA ILE C 742 12.17 9.35 -2.23
C ILE C 742 12.78 9.35 -0.83
N CYS C 743 14.08 9.09 -0.72
CA CYS C 743 14.73 8.99 0.59
C CYS C 743 15.37 10.31 1.00
N GLY C 744 16.35 10.78 0.23
CA GLY C 744 16.99 12.04 0.57
C GLY C 744 18.01 11.94 1.68
N ASP C 745 19.09 11.21 1.45
CA ASP C 745 20.27 11.06 2.31
C ASP C 745 20.01 10.17 3.53
N SER C 746 18.96 9.36 3.53
CA SER C 746 18.69 8.43 4.63
C SER C 746 19.16 7.03 4.22
N THR C 747 20.04 6.44 5.01
CA THR C 747 20.52 5.09 4.71
C THR C 747 19.46 4.05 5.06
N GLU C 748 18.72 4.27 6.15
CA GLU C 748 17.65 3.35 6.51
C GLU C 748 16.57 3.32 5.44
N CYS C 749 16.16 4.49 4.95
CA CYS C 749 15.17 4.54 3.88
C CYS C 749 15.69 3.89 2.61
N SER C 750 16.93 4.19 2.23
CA SER C 750 17.46 3.68 0.96
C SER C 750 17.58 2.16 0.99
N ASN C 751 17.88 1.58 2.15
CA ASN C 751 17.99 0.13 2.25
C ASN C 751 16.63 -0.54 2.06
N LEU C 752 15.56 0.09 2.54
CA LEU C 752 14.23 -0.45 2.34
C LEU C 752 13.81 -0.39 0.87
N LEU C 753 14.52 0.40 0.07
CA LEU C 753 14.08 0.65 -1.29
C LEU C 753 14.53 -0.43 -2.28
N LEU C 754 15.62 -1.15 -1.99
CA LEU C 754 16.08 -2.16 -2.94
C LEU C 754 15.17 -3.38 -2.98
N GLN C 755 14.30 -3.57 -2.00
CA GLN C 755 13.39 -4.72 -2.01
C GLN C 755 12.16 -4.49 -2.87
N TYR C 756 12.01 -3.30 -3.43
CA TYR C 756 10.97 -3.04 -4.43
C TYR C 756 11.42 -3.38 -5.85
N GLY C 757 12.56 -4.01 -6.01
CA GLY C 757 12.99 -4.42 -7.34
C GLY C 757 13.60 -3.27 -8.10
N SER C 758 13.19 -3.12 -9.36
CA SER C 758 13.75 -2.13 -10.27
C SER C 758 12.71 -1.17 -10.80
N PHE C 759 11.84 -0.64 -9.93
CA PHE C 759 10.94 0.43 -10.33
C PHE C 759 11.71 1.67 -10.77
N CYS C 760 12.86 1.93 -10.16
CA CYS C 760 13.53 3.21 -10.36
C CYS C 760 14.67 3.14 -11.36
N THR C 761 15.11 1.94 -11.73
CA THR C 761 15.94 1.82 -12.91
C THR C 761 15.05 2.03 -14.13
N GLN C 762 13.75 1.79 -13.94
CA GLN C 762 12.78 2.02 -15.00
C GLN C 762 12.51 3.51 -15.17
N LEU C 763 12.36 4.24 -14.06
CA LEU C 763 12.01 5.66 -14.15
C LEU C 763 13.16 6.48 -14.71
N ASN C 764 14.39 6.16 -14.32
CA ASN C 764 15.54 6.82 -14.92
C ASN C 764 15.65 6.51 -16.40
N ARG C 765 15.38 5.26 -16.78
CA ARG C 765 15.43 4.89 -18.19
C ARG C 765 14.32 5.55 -18.98
N ALA C 766 13.14 5.72 -18.38
CA ALA C 766 12.04 6.37 -19.06
C ALA C 766 12.32 7.87 -19.26
N LEU C 767 12.77 8.53 -18.20
CA LEU C 767 13.03 9.97 -18.27
C LEU C 767 14.26 10.29 -19.12
N THR C 768 15.10 9.30 -19.41
CA THR C 768 16.25 9.51 -20.29
C THR C 768 15.86 9.35 -21.75
N GLY C 769 14.93 8.44 -22.05
CA GLY C 769 14.43 8.34 -23.40
C GLY C 769 13.69 9.60 -23.83
N ILE C 770 12.98 10.22 -22.89
CA ILE C 770 12.32 11.49 -23.18
C ILE C 770 13.35 12.58 -23.44
N ALA C 771 14.47 12.55 -22.71
CA ALA C 771 15.45 13.62 -22.80
C ALA C 771 16.25 13.55 -24.10
N VAL C 772 16.50 12.34 -24.60
CA VAL C 772 17.22 12.22 -25.87
C VAL C 772 16.31 12.36 -27.07
N GLU C 773 14.99 12.37 -26.88
CA GLU C 773 14.09 12.71 -27.97
C GLU C 773 14.14 14.19 -28.28
N GLN C 774 14.17 15.04 -27.25
CA GLN C 774 14.16 16.48 -27.44
C GLN C 774 15.35 16.97 -28.24
N ASP C 775 16.45 16.22 -28.23
CA ASP C 775 17.59 16.56 -29.08
C ASP C 775 17.50 15.94 -30.47
N LYS C 776 16.57 15.00 -30.66
CA LYS C 776 16.31 14.48 -32.00
C LYS C 776 15.19 15.25 -32.67
N ASN C 777 14.26 15.79 -31.89
CA ASN C 777 13.20 16.62 -32.44
C ASN C 777 13.78 17.87 -33.10
N THR C 778 14.80 18.47 -32.48
CA THR C 778 15.41 19.67 -33.03
C THR C 778 16.25 19.37 -34.26
N GLN C 779 16.93 18.23 -34.29
CA GLN C 779 17.74 17.87 -35.45
C GLN C 779 16.88 17.73 -36.70
N GLU C 780 15.76 17.01 -36.58
CA GLU C 780 14.95 16.73 -37.76
C GLU C 780 14.20 17.94 -38.29
N VAL C 781 14.04 18.99 -37.46
CA VAL C 781 13.31 20.17 -37.92
C VAL C 781 14.26 21.16 -38.59
N PHE C 782 15.33 21.54 -37.90
CA PHE C 782 16.23 22.59 -38.36
C PHE C 782 17.36 22.08 -39.26
N ALA C 783 17.99 20.97 -38.90
CA ALA C 783 19.13 20.45 -39.66
C ALA C 783 18.64 19.77 -40.95
N GLN C 784 18.14 20.59 -41.87
CA GLN C 784 17.72 20.15 -43.18
C GLN C 784 18.76 20.45 -44.26
N VAL C 785 19.70 21.35 -44.01
CA VAL C 785 20.66 21.79 -45.00
C VAL C 785 22.01 21.15 -44.70
N LYS C 786 22.67 20.66 -45.76
CA LYS C 786 24.01 20.11 -45.60
C LYS C 786 25.02 21.21 -45.29
N GLN C 787 24.91 22.34 -45.98
CA GLN C 787 25.88 23.42 -45.88
C GLN C 787 25.23 24.65 -45.27
N ILE C 788 26.05 25.62 -44.90
CA ILE C 788 25.59 26.87 -44.30
C ILE C 788 25.70 27.95 -45.37
N TYR C 789 24.57 28.24 -46.02
CA TYR C 789 24.55 29.24 -47.08
C TYR C 789 24.56 30.65 -46.50
N LYS C 790 25.12 31.57 -47.27
CA LYS C 790 25.22 32.97 -46.88
C LYS C 790 24.55 33.85 -47.92
N THR C 791 23.83 34.86 -47.44
CA THR C 791 23.23 35.83 -48.35
C THR C 791 24.30 36.84 -48.77
N PRO C 792 24.21 37.37 -49.99
CA PRO C 792 25.25 38.28 -50.46
C PRO C 792 25.26 39.56 -49.67
N PRO C 793 26.41 40.23 -49.58
CA PRO C 793 26.47 41.48 -48.80
C PRO C 793 25.61 42.58 -49.36
N ILE C 794 25.40 42.63 -50.67
CA ILE C 794 24.55 43.61 -51.32
C ILE C 794 23.14 43.04 -51.40
N LYS C 795 22.17 43.77 -50.85
CA LYS C 795 20.80 43.30 -50.73
C LYS C 795 19.95 44.03 -51.77
N ASP C 796 19.91 43.49 -52.98
CA ASP C 796 19.06 44.00 -54.06
C ASP C 796 18.28 42.84 -54.68
N PHE C 797 17.14 42.51 -54.09
CA PHE C 797 16.32 41.37 -54.50
C PHE C 797 15.13 41.80 -55.35
N GLY C 798 15.31 42.85 -56.16
CA GLY C 798 14.25 43.29 -57.05
C GLY C 798 13.20 44.16 -56.41
N GLY C 799 13.43 44.65 -55.20
CA GLY C 799 12.47 45.44 -54.46
C GLY C 799 11.93 44.78 -53.22
N PHE C 800 12.03 43.45 -53.14
CA PHE C 800 11.60 42.75 -51.94
C PHE C 800 12.60 43.01 -50.81
N ASN C 801 12.08 43.15 -49.59
CA ASN C 801 12.87 43.59 -48.45
C ASN C 801 12.80 42.53 -47.35
N PHE C 802 13.92 41.86 -47.11
CA PHE C 802 14.00 40.75 -46.16
C PHE C 802 14.71 41.14 -44.88
N SER C 803 14.85 42.44 -44.60
CA SER C 803 15.62 42.86 -43.44
C SER C 803 14.97 42.44 -42.14
N GLN C 804 13.68 42.13 -42.17
CA GLN C 804 12.95 41.75 -40.96
C GLN C 804 13.09 40.28 -40.61
N ILE C 805 13.67 39.47 -41.49
CA ILE C 805 13.81 38.04 -41.24
C ILE C 805 15.28 37.68 -41.33
N LEU C 806 16.06 38.50 -42.03
CA LEU C 806 17.49 38.27 -42.13
C LEU C 806 18.18 38.63 -40.81
N PRO C 807 19.24 37.92 -40.44
CA PRO C 807 19.90 38.20 -39.15
C PRO C 807 20.46 39.61 -39.11
N ASP C 808 20.39 40.22 -37.93
CA ASP C 808 20.84 41.59 -37.73
C ASP C 808 22.32 41.61 -37.35
N PRO C 809 23.18 42.14 -38.21
CA PRO C 809 24.62 42.11 -37.91
C PRO C 809 25.00 42.89 -36.66
N SER C 810 24.30 44.00 -36.37
CA SER C 810 24.71 44.87 -35.27
C SER C 810 24.52 44.18 -33.92
N LYS C 811 23.36 43.57 -33.71
CA LYS C 811 23.05 42.99 -32.41
C LYS C 811 23.92 41.78 -32.13
N PRO C 812 24.32 41.57 -30.86
CA PRO C 812 25.34 40.54 -30.57
C PRO C 812 24.92 39.12 -30.93
N SER C 813 23.66 38.77 -30.78
CA SER C 813 23.23 37.38 -30.92
C SER C 813 22.89 37.00 -32.35
N LYS C 814 22.90 37.95 -33.28
CA LYS C 814 22.63 37.73 -34.69
C LYS C 814 21.23 37.20 -34.95
N ARG C 815 20.27 37.51 -34.08
CA ARG C 815 18.89 37.14 -34.32
C ARG C 815 18.18 38.25 -35.08
N SER C 816 17.32 37.86 -36.01
CA SER C 816 16.62 38.84 -36.84
C SER C 816 15.64 39.64 -36.00
N PRO C 817 15.18 40.79 -36.49
CA PRO C 817 14.24 41.61 -35.71
C PRO C 817 12.97 40.89 -35.30
N ILE C 818 12.49 39.91 -36.08
CA ILE C 818 11.30 39.18 -35.67
C ILE C 818 11.66 38.09 -34.66
N GLU C 819 12.85 37.50 -34.79
CA GLU C 819 13.28 36.50 -33.81
C GLU C 819 13.54 37.13 -32.45
N ASP C 820 13.69 38.45 -32.39
CA ASP C 820 13.92 39.10 -31.10
C ASP C 820 12.63 39.19 -30.29
N LEU C 821 11.51 39.48 -30.97
CA LEU C 821 10.23 39.48 -30.28
C LEU C 821 9.86 38.08 -29.79
N LEU C 822 10.09 37.08 -30.64
CA LEU C 822 9.75 35.71 -30.27
C LEU C 822 10.58 35.20 -29.09
N PHE C 823 11.69 35.87 -28.79
CA PHE C 823 12.55 35.46 -27.68
C PHE C 823 12.34 36.29 -26.43
N ASN C 824 11.70 37.45 -26.53
CA ASN C 824 11.39 38.26 -25.36
C ASN C 824 9.93 38.16 -24.95
N LYS C 825 9.09 37.50 -25.75
CA LYS C 825 7.71 37.23 -25.38
C LYS C 825 7.54 35.86 -24.72
N VAL C 826 8.60 35.07 -24.64
CA VAL C 826 8.54 33.73 -24.08
C VAL C 826 9.95 33.20 -23.87
N ALA C 852 18.84 25.16 -14.99
CA ALA C 852 19.65 24.55 -13.96
C ALA C 852 19.21 25.03 -12.57
N GLN C 853 18.17 24.40 -12.03
CA GLN C 853 17.63 24.73 -10.72
C GLN C 853 17.88 23.58 -9.77
N LYS C 854 18.56 23.86 -8.66
CA LYS C 854 18.85 22.83 -7.67
C LYS C 854 17.60 22.57 -6.81
N PHE C 855 17.34 21.28 -6.58
CA PHE C 855 16.15 20.87 -5.85
C PHE C 855 16.29 19.45 -5.33
N ASN C 856 15.18 18.86 -4.88
CA ASN C 856 15.19 17.52 -4.30
C ASN C 856 15.42 16.46 -5.38
N GLY C 857 16.64 16.44 -5.92
CA GLY C 857 17.04 15.46 -6.91
C GLY C 857 16.73 15.84 -8.34
N LEU C 858 16.10 16.99 -8.58
CA LEU C 858 15.74 17.40 -9.92
C LEU C 858 16.94 18.01 -10.63
N THR C 859 17.11 17.62 -11.90
CA THR C 859 18.17 18.15 -12.73
C THR C 859 17.56 18.57 -14.07
N VAL C 860 18.12 19.62 -14.65
CA VAL C 860 17.64 20.17 -15.92
C VAL C 860 18.82 20.16 -16.88
N LEU C 861 18.91 19.12 -17.70
CA LEU C 861 20.01 19.01 -18.64
C LEU C 861 19.86 20.08 -19.74
N PRO C 862 20.98 20.59 -20.25
CA PRO C 862 20.90 21.60 -21.30
C PRO C 862 20.72 20.95 -22.66
N PRO C 863 20.17 21.68 -23.63
CA PRO C 863 20.02 21.11 -24.97
C PRO C 863 21.34 21.05 -25.70
N LEU C 864 21.43 20.12 -26.66
CA LEU C 864 22.67 19.95 -27.40
C LEU C 864 22.92 21.12 -28.34
N LEU C 865 21.88 21.61 -29.00
CA LEU C 865 21.98 22.74 -29.91
C LEU C 865 21.59 24.01 -29.15
N THR C 866 22.56 24.88 -28.91
CA THR C 866 22.27 26.16 -28.27
C THR C 866 21.42 27.03 -29.19
N ASP C 867 20.79 28.04 -28.60
CA ASP C 867 19.91 28.91 -29.36
C ASP C 867 20.65 29.79 -30.36
N GLU C 868 21.98 29.88 -30.26
CA GLU C 868 22.77 30.56 -31.27
C GLU C 868 23.18 29.63 -32.42
N MET C 869 22.95 28.33 -32.27
CA MET C 869 23.13 27.36 -33.34
C MET C 869 21.82 27.04 -34.03
N ILE C 870 20.70 27.10 -33.32
CA ILE C 870 19.39 26.95 -33.94
C ILE C 870 19.08 28.18 -34.80
N ALA C 871 19.46 29.36 -34.33
CA ALA C 871 19.27 30.59 -35.09
C ALA C 871 20.30 30.77 -36.19
N GLN C 872 21.16 29.78 -36.42
CA GLN C 872 22.06 29.78 -37.56
C GLN C 872 21.69 28.73 -38.60
N TYR C 873 20.95 27.69 -38.20
CA TYR C 873 20.27 26.84 -39.17
C TYR C 873 19.13 27.60 -39.86
N THR C 874 18.41 28.42 -39.12
CA THR C 874 17.28 29.15 -39.69
C THR C 874 17.71 30.31 -40.57
N SER C 875 18.99 30.68 -40.56
CA SER C 875 19.50 31.70 -41.47
C SER C 875 20.28 31.11 -42.63
N ALA C 876 20.45 29.78 -42.64
CA ALA C 876 20.93 29.05 -43.81
C ALA C 876 19.79 28.47 -44.62
N LEU C 877 18.70 28.08 -43.95
CA LEU C 877 17.49 27.70 -44.63
C LEU C 877 16.78 28.88 -45.26
N LEU C 878 17.09 30.11 -44.82
CA LEU C 878 16.38 31.30 -45.27
C LEU C 878 17.22 32.16 -46.20
N ALA C 879 18.54 32.10 -46.10
CA ALA C 879 19.41 32.74 -47.06
C ALA C 879 19.81 31.80 -48.19
N GLY C 880 19.29 30.58 -48.19
CA GLY C 880 19.48 29.66 -49.28
C GLY C 880 18.21 29.48 -50.08
N THR C 881 17.07 29.85 -49.50
CA THR C 881 15.81 29.88 -50.24
C THR C 881 15.56 31.23 -50.91
N ILE C 882 16.39 32.22 -50.63
CA ILE C 882 16.32 33.51 -51.29
C ILE C 882 17.18 33.54 -52.54
N THR C 883 18.35 32.89 -52.47
CA THR C 883 19.30 32.91 -53.57
C THR C 883 19.22 31.68 -54.46
N SER C 884 18.57 30.60 -54.03
CA SER C 884 18.44 29.38 -54.81
C SER C 884 17.00 29.04 -55.16
N GLY C 885 16.11 29.01 -54.18
CA GLY C 885 14.73 28.61 -54.42
C GLY C 885 14.43 27.27 -53.80
N TRP C 886 13.84 26.36 -54.56
CA TRP C 886 13.69 24.98 -54.12
C TRP C 886 14.84 24.10 -54.58
N THR C 887 15.80 24.65 -55.33
CA THR C 887 16.86 23.87 -55.93
C THR C 887 17.90 23.39 -54.92
N PHE C 888 17.94 23.97 -53.72
CA PHE C 888 18.93 23.59 -52.73
C PHE C 888 18.43 22.48 -51.80
N GLY C 889 17.18 22.05 -51.94
CA GLY C 889 16.68 20.95 -51.16
C GLY C 889 16.68 19.65 -51.93
N ALA C 890 16.91 19.75 -53.24
CA ALA C 890 17.00 18.58 -54.12
C ALA C 890 18.45 18.15 -54.32
N GLY C 891 19.28 19.04 -54.86
CA GLY C 891 20.67 18.76 -55.06
C GLY C 891 21.55 19.94 -54.72
N PRO C 892 22.42 20.34 -55.63
CA PRO C 892 23.25 21.52 -55.40
C PRO C 892 22.44 22.80 -55.55
N ALA C 893 22.81 23.80 -54.77
CA ALA C 893 22.13 25.09 -54.83
C ALA C 893 22.42 25.77 -56.16
N LEU C 894 21.37 26.27 -56.80
CA LEU C 894 21.46 26.91 -58.11
C LEU C 894 20.92 28.32 -58.00
N GLN C 895 21.79 29.31 -58.19
CA GLN C 895 21.38 30.69 -58.04
C GLN C 895 20.36 31.10 -59.11
N ILE C 896 19.53 32.07 -58.77
CA ILE C 896 18.48 32.57 -59.64
C ILE C 896 17.94 33.88 -59.06
N PRO C 897 17.71 34.90 -59.88
CA PRO C 897 17.20 36.17 -59.34
C PRO C 897 15.85 35.99 -58.66
N PHE C 898 15.66 36.71 -57.55
CA PHE C 898 14.42 36.57 -56.80
C PHE C 898 13.19 36.99 -57.59
N PRO C 899 13.17 38.12 -58.32
CA PRO C 899 11.99 38.43 -59.12
C PRO C 899 11.77 37.45 -60.27
N MET C 900 12.70 36.50 -60.43
CA MET C 900 12.58 35.46 -61.43
C MET C 900 12.27 34.09 -60.84
N GLN C 901 12.69 33.82 -59.61
CA GLN C 901 12.27 32.62 -58.91
C GLN C 901 11.00 32.85 -58.11
N MET C 902 10.44 34.05 -58.17
CA MET C 902 9.11 34.32 -57.67
C MET C 902 8.07 34.31 -58.78
N ALA C 903 8.51 34.30 -60.02
CA ALA C 903 7.64 34.11 -61.17
C ALA C 903 7.47 32.64 -61.53
N TYR C 904 8.34 31.76 -61.01
CA TYR C 904 8.04 30.34 -61.01
C TYR C 904 6.89 30.03 -60.07
N ARG C 905 6.82 30.75 -58.95
CA ARG C 905 5.86 30.45 -57.91
C ARG C 905 4.47 31.01 -58.20
N PHE C 906 4.38 32.02 -59.08
CA PHE C 906 3.10 32.32 -59.70
C PHE C 906 2.74 31.28 -60.74
N ASN C 907 3.73 30.79 -61.47
CA ASN C 907 3.51 29.78 -62.51
C ASN C 907 3.10 28.44 -61.97
N GLY C 908 3.22 28.22 -60.66
CA GLY C 908 2.84 26.95 -60.06
C GLY C 908 1.47 26.99 -59.43
N ILE C 909 0.86 28.16 -59.37
CA ILE C 909 -0.49 28.32 -58.83
C ILE C 909 -1.51 28.61 -59.92
N GLY C 910 -1.10 28.53 -61.18
CA GLY C 910 -2.01 28.77 -62.28
C GLY C 910 -2.04 30.20 -62.80
N VAL C 911 -1.05 31.01 -62.46
CA VAL C 911 -0.97 32.40 -62.89
C VAL C 911 0.30 32.55 -63.74
N THR C 912 0.17 33.22 -64.87
CA THR C 912 1.29 33.31 -65.81
C THR C 912 2.38 34.22 -65.26
N GLN C 913 3.46 34.34 -66.03
CA GLN C 913 4.60 35.17 -65.64
C GLN C 913 4.35 36.65 -65.88
N ASN C 914 3.39 36.99 -66.76
CA ASN C 914 3.09 38.39 -67.01
C ASN C 914 2.65 39.10 -65.74
N VAL C 915 1.83 38.44 -64.93
CA VAL C 915 1.23 39.05 -63.75
C VAL C 915 2.28 39.56 -62.78
N LEU C 916 3.47 38.96 -62.74
CA LEU C 916 4.49 39.42 -61.82
C LEU C 916 5.35 40.52 -62.44
N TYR C 917 5.98 40.24 -63.58
CA TYR C 917 6.89 41.22 -64.18
C TYR C 917 6.19 42.54 -64.47
N GLU C 918 4.89 42.51 -64.78
CA GLU C 918 4.14 43.73 -65.02
C GLU C 918 3.66 44.38 -63.72
N ASN C 919 3.57 43.62 -62.63
CA ASN C 919 3.17 44.16 -61.33
C ASN C 919 4.26 43.93 -60.29
N GLN C 920 5.53 43.96 -60.70
CA GLN C 920 6.61 43.61 -59.79
C GLN C 920 6.76 44.62 -58.66
N LYS C 921 6.58 45.91 -58.96
CA LYS C 921 6.76 46.92 -57.94
C LYS C 921 5.58 46.95 -56.97
N LEU C 922 4.38 46.63 -57.45
CA LEU C 922 3.24 46.55 -56.55
C LEU C 922 3.33 45.33 -55.65
N ILE C 923 3.76 44.19 -56.20
CA ILE C 923 3.87 42.96 -55.42
C ILE C 923 4.95 43.09 -54.36
N ALA C 924 6.05 43.80 -54.69
CA ALA C 924 7.12 44.00 -53.72
C ALA C 924 6.63 44.84 -52.54
N ASN C 925 5.79 45.84 -52.80
CA ASN C 925 5.27 46.67 -51.72
C ASN C 925 4.28 45.89 -50.86
N GLN C 926 3.45 45.04 -51.47
CA GLN C 926 2.52 44.22 -50.71
C GLN C 926 3.26 43.22 -49.84
N PHE C 927 4.39 42.70 -50.31
CA PHE C 927 5.17 41.76 -49.52
C PHE C 927 5.86 42.47 -48.36
N ASN C 928 6.42 43.65 -48.62
CA ASN C 928 7.12 44.39 -47.57
C ASN C 928 6.18 44.78 -46.44
N SER C 929 5.01 45.32 -46.79
CA SER C 929 4.08 45.77 -45.76
C SER C 929 3.45 44.59 -45.03
N ALA C 930 3.31 43.45 -45.71
CA ALA C 930 2.79 42.27 -45.03
C ALA C 930 3.76 41.78 -43.97
N ILE C 931 5.06 41.78 -44.27
CA ILE C 931 6.06 41.43 -43.27
C ILE C 931 6.11 42.47 -42.17
N GLY C 932 5.88 43.75 -42.51
CA GLY C 932 5.92 44.80 -41.51
C GLY C 932 4.85 44.66 -40.45
N LYS C 933 3.68 44.15 -40.84
CA LYS C 933 2.58 44.01 -39.89
C LYS C 933 2.68 42.72 -39.08
N ILE C 934 3.57 41.80 -39.45
CA ILE C 934 3.75 40.59 -38.67
C ILE C 934 4.40 40.90 -37.33
N GLN C 935 5.33 41.85 -37.31
CA GLN C 935 6.00 42.22 -36.07
C GLN C 935 5.03 42.90 -35.11
N ASP C 936 4.13 43.74 -35.63
CA ASP C 936 3.18 44.44 -34.77
C ASP C 936 2.21 43.47 -34.11
N SER C 937 1.72 42.48 -34.87
CA SER C 937 0.79 41.52 -34.29
C SER C 937 1.44 40.72 -33.17
N LEU C 938 2.72 40.37 -33.32
CA LEU C 938 3.43 39.66 -32.25
C LEU C 938 3.76 40.59 -31.09
N SER C 939 4.16 41.83 -31.38
CA SER C 939 4.49 42.78 -30.31
C SER C 939 3.26 43.09 -29.47
N SER C 940 2.17 43.47 -30.11
CA SER C 940 0.90 43.64 -29.41
C SER C 940 0.24 42.27 -29.29
N THR C 941 -1.03 42.24 -28.85
CA THR C 941 -1.80 41.01 -28.68
C THR C 941 -1.03 40.06 -27.77
N PRO C 942 -1.07 40.25 -26.45
CA PRO C 942 -0.21 39.44 -25.56
C PRO C 942 -0.75 38.03 -25.37
N SER C 943 -1.15 37.39 -26.46
CA SER C 943 -1.43 35.96 -26.49
C SER C 943 -1.03 35.36 -27.82
N ALA C 944 -0.14 36.01 -28.57
CA ALA C 944 0.18 35.56 -29.92
C ALA C 944 0.90 34.23 -29.92
N LEU C 945 1.95 34.10 -29.10
CA LEU C 945 2.71 32.85 -29.06
C LEU C 945 1.81 31.72 -28.57
N GLY C 946 1.38 31.78 -27.32
CA GLY C 946 0.29 30.95 -26.85
C GLY C 946 0.63 29.48 -26.78
N LYS C 947 0.87 28.88 -27.95
CA LYS C 947 1.09 27.43 -28.02
C LYS C 947 2.41 27.03 -27.38
N LEU C 948 3.43 27.88 -27.47
CA LEU C 948 4.70 27.60 -26.83
C LEU C 948 4.65 27.83 -25.33
N GLN C 949 3.81 28.74 -24.86
CA GLN C 949 3.73 29.04 -23.44
C GLN C 949 3.08 27.91 -22.66
N ASP C 950 1.97 27.37 -23.16
CA ASP C 950 1.28 26.28 -22.47
C ASP C 950 2.17 25.06 -22.29
N VAL C 951 3.14 24.84 -23.18
CA VAL C 951 4.07 23.74 -23.00
C VAL C 951 4.98 23.99 -21.81
N VAL C 952 5.43 25.23 -21.64
CA VAL C 952 6.30 25.55 -20.50
C VAL C 952 5.50 25.52 -19.20
N ASN C 953 4.27 26.04 -19.22
CA ASN C 953 3.46 26.07 -18.01
C ASN C 953 3.08 24.67 -17.55
N GLN C 954 2.78 23.78 -18.49
CA GLN C 954 2.44 22.41 -18.14
C GLN C 954 3.64 21.64 -17.61
N ASN C 955 4.85 22.01 -18.03
CA ASN C 955 6.05 21.35 -17.52
C ASN C 955 6.45 21.91 -16.16
N ALA C 956 5.96 23.10 -15.81
CA ALA C 956 6.26 23.68 -14.52
C ALA C 956 5.22 23.27 -13.48
N GLN C 957 3.97 23.11 -13.90
CA GLN C 957 2.94 22.60 -13.00
C GLN C 957 3.26 21.17 -12.57
N ALA C 958 3.87 20.39 -13.46
CA ALA C 958 4.18 19.00 -13.14
C ALA C 958 5.28 18.92 -12.08
N LEU C 959 6.28 19.79 -12.16
CA LEU C 959 7.37 19.74 -11.20
C LEU C 959 6.97 20.31 -9.86
N ASN C 960 6.09 21.32 -9.86
CA ASN C 960 5.60 21.86 -8.59
C ASN C 960 4.78 20.82 -7.84
N THR C 961 3.92 20.08 -8.54
CA THR C 961 3.14 19.04 -7.88
C THR C 961 4.03 17.91 -7.39
N LEU C 962 5.16 17.66 -8.06
CA LEU C 962 6.08 16.63 -7.61
C LEU C 962 6.82 17.07 -6.34
N VAL C 963 7.29 18.32 -6.31
CA VAL C 963 8.03 18.80 -5.16
C VAL C 963 7.09 19.07 -3.99
N LYS C 964 5.92 19.65 -4.26
CA LYS C 964 4.96 19.97 -3.21
C LYS C 964 4.26 18.74 -2.67
N GLN C 965 4.66 17.55 -3.08
CA GLN C 965 4.13 16.31 -2.54
C GLN C 965 5.18 15.53 -1.76
N LEU C 966 6.32 16.15 -1.49
CA LEU C 966 7.29 15.61 -0.56
C LEU C 966 6.96 15.99 0.88
N SER C 967 5.90 16.76 1.09
CA SER C 967 5.45 17.18 2.40
C SER C 967 4.06 16.65 2.71
N SER C 968 3.82 15.39 2.37
CA SER C 968 2.54 14.73 2.62
C SER C 968 2.77 13.48 3.44
N ASN C 969 1.89 13.25 4.42
CA ASN C 969 2.05 12.12 5.31
C ASN C 969 1.89 10.79 4.60
N PHE C 970 0.93 10.69 3.68
CA PHE C 970 0.56 9.44 3.01
C PHE C 970 0.12 8.37 4.00
N GLY C 971 -0.30 8.77 5.20
CA GLY C 971 -0.70 7.86 6.25
C GLY C 971 0.28 7.75 7.39
N ALA C 972 1.54 8.11 7.18
CA ALA C 972 2.54 8.09 8.24
C ALA C 972 2.25 9.20 9.25
N ILE C 973 3.05 9.23 10.32
CA ILE C 973 2.86 10.23 11.35
C ILE C 973 3.49 11.55 10.98
N SER C 974 4.46 11.54 10.07
CA SER C 974 5.16 12.76 9.67
C SER C 974 5.63 12.64 8.23
N SER C 975 5.86 13.79 7.62
CA SER C 975 6.37 13.87 6.25
C SER C 975 7.88 14.00 6.20
N VAL C 976 8.54 13.93 7.35
CA VAL C 976 10.00 14.05 7.45
C VAL C 976 10.56 12.71 7.90
N LEU C 977 11.53 12.18 7.16
CA LEU C 977 12.13 10.92 7.54
C LEU C 977 12.92 11.04 8.84
N ASN C 978 13.53 12.20 9.07
CA ASN C 978 14.39 12.37 10.24
C ASN C 978 13.59 12.26 11.53
N ASP C 979 12.40 12.85 11.57
CA ASP C 979 11.56 12.74 12.76
C ASP C 979 11.16 11.29 13.02
N ILE C 980 10.73 10.58 11.98
CA ILE C 980 10.35 9.18 12.16
C ILE C 980 11.52 8.36 12.66
N LEU C 981 12.72 8.59 12.13
CA LEU C 981 13.88 7.85 12.60
C LEU C 981 14.29 8.28 14.01
N SER C 982 14.15 9.56 14.34
CA SER C 982 14.66 10.07 15.60
C SER C 982 13.85 9.56 16.80
N ARG C 983 12.53 9.64 16.72
CA ARG C 983 11.68 9.41 17.88
C ARG C 983 10.89 8.11 17.80
N LEU C 984 11.27 7.18 16.92
CA LEU C 984 10.61 5.89 16.84
C LEU C 984 11.63 4.78 16.98
N ASP C 985 11.25 3.72 17.68
CA ASP C 985 12.10 2.55 17.80
C ASP C 985 12.20 1.86 16.44
N PRO C 986 13.39 1.38 16.06
CA PRO C 986 13.64 1.01 14.65
C PRO C 986 12.61 0.06 14.06
N PRO C 987 12.27 -1.07 14.73
CA PRO C 987 11.31 -1.97 14.08
C PRO C 987 9.91 -1.38 13.95
N GLU C 988 9.59 -0.35 14.71
CA GLU C 988 8.30 0.32 14.57
C GLU C 988 8.39 1.49 13.59
N ALA C 989 9.58 2.03 13.39
CA ALA C 989 9.77 3.03 12.35
C ALA C 989 9.84 2.40 10.96
N GLU C 990 10.13 1.10 10.89
CA GLU C 990 10.23 0.42 9.60
C GLU C 990 8.90 0.48 8.85
N VAL C 991 7.78 0.39 9.57
CA VAL C 991 6.49 0.37 8.91
C VAL C 991 6.06 1.78 8.50
N GLN C 992 6.51 2.79 9.24
CA GLN C 992 6.13 4.15 8.90
C GLN C 992 6.93 4.68 7.72
N ILE C 993 8.20 4.30 7.62
CA ILE C 993 9.00 4.68 6.45
C ILE C 993 8.42 4.03 5.20
N ASP C 994 7.96 2.79 5.31
CA ASP C 994 7.44 2.08 4.15
C ASP C 994 6.17 2.74 3.60
N ARG C 995 5.47 3.51 4.43
CA ARG C 995 4.30 4.23 3.94
C ARG C 995 4.70 5.43 3.08
N LEU C 996 5.80 6.10 3.44
CA LEU C 996 6.29 7.19 2.60
C LEU C 996 6.98 6.67 1.35
N ILE C 997 7.59 5.47 1.44
CA ILE C 997 8.17 4.85 0.26
C ILE C 997 7.10 4.62 -0.80
N THR C 998 5.97 4.03 -0.40
CA THR C 998 4.93 3.71 -1.37
C THR C 998 4.18 4.96 -1.82
N GLY C 999 4.09 5.96 -0.94
CA GLY C 999 3.44 7.20 -1.33
C GLY C 999 4.27 8.00 -2.32
N ARG C 1000 5.56 8.13 -2.05
CA ARG C 1000 6.42 8.91 -2.94
C ARG C 1000 6.75 8.16 -4.22
N LEU C 1001 6.76 6.83 -4.16
CA LEU C 1001 7.03 6.05 -5.37
C LEU C 1001 5.84 6.12 -6.32
N GLN C 1002 4.64 6.33 -5.78
CA GLN C 1002 3.47 6.50 -6.64
C GLN C 1002 3.37 7.93 -7.17
N SER C 1003 3.81 8.91 -6.38
CA SER C 1003 3.82 10.28 -6.86
C SER C 1003 4.89 10.48 -7.93
N LEU C 1004 5.88 9.60 -7.98
CA LEU C 1004 6.91 9.69 -9.01
C LEU C 1004 6.50 8.94 -10.27
N GLN C 1005 5.65 7.91 -10.12
CA GLN C 1005 5.24 7.13 -11.27
C GLN C 1005 4.21 7.88 -12.12
N THR C 1006 3.31 8.62 -11.47
CA THR C 1006 2.33 9.39 -12.24
C THR C 1006 2.98 10.57 -12.93
N TYR C 1007 4.09 11.07 -12.39
CA TYR C 1007 4.82 12.14 -13.06
C TYR C 1007 5.48 11.63 -14.33
N VAL C 1008 6.16 10.49 -14.25
CA VAL C 1008 6.82 9.93 -15.42
C VAL C 1008 5.79 9.48 -16.45
N THR C 1009 4.66 8.95 -15.98
CA THR C 1009 3.64 8.47 -16.90
C THR C 1009 3.04 9.61 -17.73
N GLN C 1010 2.77 10.74 -17.09
CA GLN C 1010 2.18 11.86 -17.83
C GLN C 1010 3.22 12.58 -18.68
N GLN C 1011 4.50 12.43 -18.38
CA GLN C 1011 5.54 12.98 -19.25
C GLN C 1011 5.74 12.12 -20.49
N LEU C 1012 5.59 10.80 -20.35
CA LEU C 1012 5.61 9.93 -21.51
C LEU C 1012 4.45 10.24 -22.45
N ILE C 1013 3.28 10.52 -21.89
CA ILE C 1013 2.13 10.92 -22.69
C ILE C 1013 2.35 12.30 -23.29
N ARG C 1014 2.93 13.22 -22.51
CA ARG C 1014 3.15 14.58 -23.01
C ARG C 1014 4.26 14.63 -24.03
N ALA C 1015 5.32 13.83 -23.87
CA ALA C 1015 6.40 13.79 -24.84
C ALA C 1015 5.96 13.27 -26.19
N ALA C 1016 4.85 12.54 -26.25
CA ALA C 1016 4.33 12.06 -27.53
C ALA C 1016 3.47 13.09 -28.24
N GLU C 1017 2.99 14.12 -27.52
CA GLU C 1017 2.33 15.24 -28.17
C GLU C 1017 3.33 16.12 -28.89
N ILE C 1018 4.47 16.39 -28.25
CA ILE C 1018 5.49 17.24 -28.86
C ILE C 1018 6.12 16.56 -30.06
N ARG C 1019 6.33 15.25 -29.98
CA ARG C 1019 6.86 14.52 -31.13
C ARG C 1019 5.90 14.52 -32.31
N ALA C 1020 4.59 14.67 -32.05
CA ALA C 1020 3.63 14.84 -33.12
C ALA C 1020 3.62 16.25 -33.68
N SER C 1021 4.08 17.23 -32.91
CA SER C 1021 4.26 18.59 -33.40
C SER C 1021 5.68 18.86 -33.90
N ALA C 1022 6.66 18.09 -33.43
CA ALA C 1022 8.00 18.16 -33.98
C ALA C 1022 8.14 17.38 -35.27
N ASN C 1023 7.18 16.51 -35.58
CA ASN C 1023 7.15 15.81 -36.86
C ASN C 1023 6.36 16.56 -37.91
N LEU C 1024 5.41 17.39 -37.48
CA LEU C 1024 4.68 18.26 -38.40
C LEU C 1024 5.51 19.47 -38.81
N ALA C 1025 6.37 19.97 -37.91
CA ALA C 1025 7.23 21.09 -38.25
C ALA C 1025 8.37 20.67 -39.17
N ALA C 1026 8.81 19.41 -39.06
CA ALA C 1026 9.79 18.90 -40.01
C ALA C 1026 9.14 18.64 -41.36
N THR C 1027 7.85 18.34 -41.37
CA THR C 1027 7.12 18.18 -42.64
C THR C 1027 6.80 19.53 -43.25
N LYS C 1028 6.50 20.53 -42.41
CA LYS C 1028 6.20 21.87 -42.93
C LYS C 1028 7.47 22.57 -43.40
N MET C 1029 8.63 22.18 -42.85
CA MET C 1029 9.88 22.77 -43.31
C MET C 1029 10.32 22.15 -44.63
N SER C 1030 10.17 20.82 -44.75
CA SER C 1030 10.57 20.15 -45.98
C SER C 1030 9.67 20.53 -47.15
N GLU C 1031 8.36 20.62 -46.91
CA GLU C 1031 7.40 20.73 -48.00
C GLU C 1031 7.02 22.17 -48.33
N CYS C 1032 7.26 23.12 -47.44
CA CYS C 1032 6.89 24.50 -47.68
C CYS C 1032 8.07 25.47 -47.71
N VAL C 1033 9.10 25.22 -46.91
CA VAL C 1033 10.30 26.05 -47.00
C VAL C 1033 11.20 25.57 -48.14
N LEU C 1034 11.41 24.27 -48.26
CA LEU C 1034 12.26 23.72 -49.31
C LEU C 1034 11.49 23.41 -50.60
N GLY C 1035 10.32 24.02 -50.78
CA GLY C 1035 9.54 23.78 -51.98
C GLY C 1035 8.25 24.56 -51.92
N GLN C 1036 7.39 24.31 -52.91
CA GLN C 1036 6.08 24.93 -52.97
C GLN C 1036 5.02 23.84 -52.89
N SER C 1037 4.08 24.01 -51.97
CA SER C 1037 3.13 22.96 -51.62
C SER C 1037 1.79 23.18 -52.32
N LYS C 1038 1.27 22.12 -52.94
CA LYS C 1038 -0.06 22.14 -53.53
C LYS C 1038 -1.14 21.70 -52.56
N ARG C 1039 -0.76 21.23 -51.37
CA ARG C 1039 -1.75 20.78 -50.40
C ARG C 1039 -2.53 21.95 -49.85
N VAL C 1040 -3.85 21.87 -49.93
CA VAL C 1040 -4.70 22.99 -49.56
C VAL C 1040 -4.63 23.21 -48.05
N ASP C 1041 -4.45 24.48 -47.66
CA ASP C 1041 -4.45 24.93 -46.27
C ASP C 1041 -3.37 24.27 -45.43
N PHE C 1042 -2.42 23.55 -46.05
CA PHE C 1042 -1.30 23.00 -45.29
C PHE C 1042 -0.38 24.12 -44.80
N CYS C 1043 -0.06 25.07 -45.67
CA CYS C 1043 0.78 26.21 -45.33
C CYS C 1043 0.08 27.50 -45.74
N GLY C 1044 -0.74 28.03 -44.85
CA GLY C 1044 -1.43 29.29 -45.08
C GLY C 1044 -2.83 29.10 -45.63
N LYS C 1045 -3.58 30.19 -45.63
CA LYS C 1045 -4.95 30.23 -46.15
C LYS C 1045 -4.89 30.96 -47.49
N GLY C 1046 -4.70 30.20 -48.56
CA GLY C 1046 -4.55 30.78 -49.88
C GLY C 1046 -3.74 29.86 -50.76
N TYR C 1047 -3.26 30.41 -51.88
CA TYR C 1047 -2.39 29.69 -52.80
C TYR C 1047 -0.95 29.93 -52.38
N HIS C 1048 -0.30 28.88 -51.89
CA HIS C 1048 1.05 29.01 -51.33
C HIS C 1048 2.02 29.54 -52.37
N LEU C 1049 2.86 30.50 -51.95
CA LEU C 1049 3.97 30.98 -52.75
C LEU C 1049 5.31 30.58 -52.15
N MET C 1050 5.57 30.96 -50.90
CA MET C 1050 6.81 30.61 -50.23
C MET C 1050 6.61 30.76 -48.73
N SER C 1051 7.58 30.24 -47.97
CA SER C 1051 7.50 30.28 -46.52
C SER C 1051 8.90 30.52 -45.96
N PHE C 1052 8.94 31.05 -44.74
CA PHE C 1052 10.20 31.44 -44.10
C PHE C 1052 10.20 30.94 -42.66
N PRO C 1053 11.29 30.32 -42.20
CA PRO C 1053 11.36 29.87 -40.81
C PRO C 1053 11.98 30.90 -39.87
N GLN C 1054 11.40 31.02 -38.68
CA GLN C 1054 11.97 31.81 -37.61
C GLN C 1054 11.95 30.98 -36.33
N SER C 1055 13.04 31.04 -35.58
CA SER C 1055 13.20 30.17 -34.42
C SER C 1055 12.65 30.83 -33.16
N ALA C 1056 11.94 30.03 -32.36
CA ALA C 1056 11.41 30.44 -31.08
C ALA C 1056 12.09 29.60 -30.01
N PRO C 1057 11.99 29.95 -28.71
CA PRO C 1057 12.79 29.24 -27.70
C PRO C 1057 12.58 27.72 -27.65
N HIS C 1058 11.35 27.23 -27.80
CA HIS C 1058 11.11 25.79 -27.87
C HIS C 1058 10.19 25.45 -29.02
N GLY C 1059 10.43 26.03 -30.19
CA GLY C 1059 9.59 25.77 -31.33
C GLY C 1059 10.11 26.47 -32.56
N VAL C 1060 9.22 26.65 -33.52
CA VAL C 1060 9.55 27.27 -34.80
C VAL C 1060 8.31 28.03 -35.28
N VAL C 1061 8.57 29.12 -36.01
CA VAL C 1061 7.51 29.99 -36.54
C VAL C 1061 7.68 30.08 -38.05
N PHE C 1062 6.60 29.82 -38.78
CA PHE C 1062 6.59 29.89 -40.23
C PHE C 1062 5.80 31.11 -40.67
N LEU C 1063 6.36 31.89 -41.60
CA LEU C 1063 5.70 33.03 -42.18
C LEU C 1063 5.26 32.63 -43.59
N HIS C 1064 4.02 32.18 -43.71
CA HIS C 1064 3.51 31.61 -44.95
C HIS C 1064 3.07 32.74 -45.88
N VAL C 1065 3.80 32.93 -46.97
CA VAL C 1065 3.43 33.90 -48.00
C VAL C 1065 2.50 33.22 -48.99
N THR C 1066 1.27 33.73 -49.11
CA THR C 1066 0.24 33.12 -49.93
C THR C 1066 -0.34 34.16 -50.88
N TYR C 1067 -1.04 33.68 -51.89
CA TYR C 1067 -1.63 34.51 -52.93
C TYR C 1067 -3.15 34.44 -52.80
N VAL C 1068 -3.77 35.55 -52.43
CA VAL C 1068 -5.20 35.62 -52.20
C VAL C 1068 -5.82 36.46 -53.32
N PRO C 1069 -6.71 35.90 -54.13
CA PRO C 1069 -7.38 36.71 -55.15
C PRO C 1069 -8.35 37.70 -54.52
N ALA C 1070 -8.59 38.79 -55.25
CA ALA C 1070 -9.46 39.85 -54.74
C ALA C 1070 -10.04 40.63 -55.91
N GLN C 1071 -11.09 41.40 -55.62
CA GLN C 1071 -11.76 42.27 -56.58
C GLN C 1071 -12.28 41.48 -57.79
N GLU C 1072 -13.19 40.57 -57.49
CA GLU C 1072 -13.79 39.74 -58.52
C GLU C 1072 -14.99 40.44 -59.15
N LYS C 1073 -15.15 40.26 -60.45
CA LYS C 1073 -16.33 40.70 -61.18
C LYS C 1073 -16.83 39.54 -62.02
N ASN C 1074 -18.14 39.45 -62.19
CA ASN C 1074 -18.75 38.26 -62.75
C ASN C 1074 -19.07 38.44 -64.23
N PHE C 1075 -18.95 37.35 -64.98
CA PHE C 1075 -19.10 37.34 -66.43
C PHE C 1075 -20.11 36.27 -66.84
N THR C 1076 -20.18 36.02 -68.15
CA THR C 1076 -21.01 34.97 -68.73
C THR C 1076 -20.11 34.04 -69.53
N THR C 1077 -20.24 32.73 -69.32
CA THR C 1077 -19.35 31.75 -69.91
C THR C 1077 -20.08 30.89 -70.94
N ALA C 1078 -19.32 29.94 -71.49
CA ALA C 1078 -19.79 28.94 -72.42
C ALA C 1078 -18.81 27.78 -72.38
N PRO C 1079 -19.28 26.53 -72.33
CA PRO C 1079 -18.34 25.40 -72.33
C PRO C 1079 -17.48 25.34 -73.58
N ALA C 1080 -18.05 25.58 -74.76
CA ALA C 1080 -17.32 25.55 -76.01
C ALA C 1080 -17.86 26.67 -76.90
N ILE C 1081 -17.31 26.75 -78.12
CA ILE C 1081 -17.71 27.76 -79.09
C ILE C 1081 -17.73 27.12 -80.48
N CYS C 1082 -18.89 27.17 -81.13
CA CYS C 1082 -19.10 26.52 -82.41
C CYS C 1082 -18.62 27.44 -83.53
N HIS C 1083 -17.50 27.07 -84.17
CA HIS C 1083 -17.01 27.77 -85.35
C HIS C 1083 -16.80 26.76 -86.47
N ASP C 1084 -17.31 27.08 -87.66
CA ASP C 1084 -17.21 26.22 -88.83
C ASP C 1084 -17.82 24.85 -88.57
N GLY C 1085 -18.82 24.79 -87.69
CA GLY C 1085 -19.44 23.52 -87.35
C GLY C 1085 -18.60 22.61 -86.50
N LYS C 1086 -17.67 23.17 -85.73
CA LYS C 1086 -16.80 22.39 -84.86
C LYS C 1086 -16.73 23.03 -83.48
N ALA C 1087 -16.80 22.22 -82.44
CA ALA C 1087 -16.71 22.72 -81.08
C ALA C 1087 -15.25 23.05 -80.75
N HIS C 1088 -15.04 24.21 -80.14
CA HIS C 1088 -13.70 24.67 -79.78
C HIS C 1088 -13.62 24.84 -78.28
N PHE C 1089 -12.68 24.15 -77.65
CA PHE C 1089 -12.46 24.22 -76.22
C PHE C 1089 -11.14 24.95 -75.93
N PRO C 1090 -11.04 25.65 -74.81
CA PRO C 1090 -9.80 26.38 -74.51
C PRO C 1090 -8.72 25.46 -73.97
N ARG C 1091 -7.47 25.75 -74.34
CA ARG C 1091 -6.35 24.99 -73.82
C ARG C 1091 -6.17 25.23 -72.34
N GLU C 1092 -5.88 26.47 -71.96
CA GLU C 1092 -5.76 26.87 -70.55
C GLU C 1092 -6.58 28.14 -70.37
N GLY C 1093 -7.66 28.04 -69.61
CA GLY C 1093 -8.48 29.19 -69.34
C GLY C 1093 -9.94 28.90 -69.61
N VAL C 1094 -10.75 29.96 -69.59
CA VAL C 1094 -12.19 29.87 -69.77
C VAL C 1094 -12.62 30.87 -70.83
N PHE C 1095 -13.80 30.62 -71.40
CA PHE C 1095 -14.44 31.56 -72.31
C PHE C 1095 -15.32 32.48 -71.49
N VAL C 1096 -15.11 33.79 -71.63
CA VAL C 1096 -15.92 34.79 -70.94
C VAL C 1096 -16.36 35.85 -71.93
N SER C 1097 -17.44 36.54 -71.59
CA SER C 1097 -18.01 37.58 -72.44
C SER C 1097 -18.29 38.81 -71.60
N ASN C 1098 -17.85 39.97 -72.07
CA ASN C 1098 -18.14 41.23 -71.39
C ASN C 1098 -19.43 41.85 -71.91
N GLY C 1099 -20.46 41.04 -71.99
CA GLY C 1099 -21.73 41.46 -72.58
C GLY C 1099 -21.89 41.14 -74.05
N THR C 1100 -20.95 41.55 -74.88
CA THR C 1100 -21.08 41.42 -76.33
C THR C 1100 -20.00 40.56 -76.97
N HIS C 1101 -18.73 40.72 -76.58
CA HIS C 1101 -17.63 40.02 -77.22
C HIS C 1101 -17.09 38.93 -76.30
N TRP C 1102 -16.57 37.87 -76.93
CA TRP C 1102 -16.10 36.69 -76.21
C TRP C 1102 -14.58 36.66 -76.16
N PHE C 1103 -14.02 36.27 -75.02
CA PHE C 1103 -12.58 36.31 -74.82
C PHE C 1103 -12.22 35.10 -74.01
N VAL C 1104 -11.02 34.60 -74.15
CA VAL C 1104 -10.51 33.43 -73.44
C VAL C 1104 -9.42 33.93 -72.48
N THR C 1105 -9.74 33.92 -71.19
CA THR C 1105 -8.83 34.39 -70.15
C THR C 1105 -8.43 33.26 -69.22
N GLN C 1106 -7.28 33.43 -68.57
CA GLN C 1106 -6.86 32.48 -67.55
C GLN C 1106 -7.82 32.56 -66.37
N ARG C 1107 -7.95 31.42 -65.68
CA ARG C 1107 -9.06 31.25 -64.76
C ARG C 1107 -8.81 31.87 -63.39
N ASN C 1108 -7.56 32.26 -63.09
CA ASN C 1108 -7.22 32.80 -61.78
C ASN C 1108 -6.96 34.31 -61.80
N PHE C 1109 -7.06 34.93 -62.98
CA PHE C 1109 -6.75 36.35 -63.10
C PHE C 1109 -7.36 36.87 -64.41
N TYR C 1110 -8.13 37.95 -64.34
CA TYR C 1110 -8.84 38.45 -65.52
C TYR C 1110 -7.82 39.10 -66.45
N GLU C 1111 -7.42 38.36 -67.49
CA GLU C 1111 -6.58 38.88 -68.56
C GLU C 1111 -7.21 38.45 -69.88
N PRO C 1112 -8.23 39.16 -70.35
CA PRO C 1112 -8.96 38.70 -71.53
C PRO C 1112 -8.11 38.77 -72.79
N GLN C 1113 -8.37 37.82 -73.69
CA GLN C 1113 -7.62 37.71 -74.94
C GLN C 1113 -8.57 37.23 -76.02
N ILE C 1114 -8.41 37.78 -77.23
CA ILE C 1114 -9.26 37.38 -78.34
C ILE C 1114 -9.02 35.91 -78.66
N ILE C 1115 -10.03 35.26 -79.23
CA ILE C 1115 -10.04 33.82 -79.40
C ILE C 1115 -9.43 33.48 -80.75
N THR C 1116 -8.29 32.79 -80.72
CA THR C 1116 -7.62 32.31 -81.92
C THR C 1116 -7.57 30.78 -81.90
N THR C 1117 -6.89 30.21 -82.89
CA THR C 1117 -6.71 28.76 -82.95
C THR C 1117 -5.45 28.29 -82.26
N ASP C 1118 -4.70 29.20 -81.64
CA ASP C 1118 -3.52 28.84 -80.86
C ASP C 1118 -3.79 28.69 -79.38
N ASN C 1119 -4.88 29.27 -78.89
CA ASN C 1119 -5.27 29.15 -77.49
C ASN C 1119 -6.55 28.35 -77.31
N THR C 1120 -7.07 27.74 -78.37
CA THR C 1120 -8.19 26.81 -78.29
C THR C 1120 -7.88 25.56 -79.11
N PHE C 1121 -8.52 24.46 -78.77
CA PHE C 1121 -8.40 23.21 -79.52
C PHE C 1121 -9.77 22.70 -79.91
N VAL C 1122 -9.83 21.97 -81.02
CA VAL C 1122 -11.07 21.55 -81.64
C VAL C 1122 -11.22 20.03 -81.49
N SER C 1123 -12.41 19.59 -81.08
CA SER C 1123 -12.70 18.17 -80.95
C SER C 1123 -14.21 17.97 -81.03
N GLY C 1124 -14.70 17.53 -82.17
CA GLY C 1124 -16.08 17.11 -82.31
C GLY C 1124 -16.92 18.12 -83.05
N ASN C 1125 -18.23 17.95 -82.94
CA ASN C 1125 -19.22 18.80 -83.57
C ASN C 1125 -19.93 19.65 -82.54
N CYS C 1126 -20.87 20.47 -83.02
CA CYS C 1126 -21.58 21.43 -82.18
C CYS C 1126 -22.86 20.88 -81.59
N ASP C 1127 -23.18 19.61 -81.80
CA ASP C 1127 -24.48 19.08 -81.37
C ASP C 1127 -24.40 18.37 -80.03
N VAL C 1128 -23.21 17.90 -79.65
CA VAL C 1128 -23.12 17.03 -78.48
C VAL C 1128 -22.88 17.85 -77.21
N VAL C 1129 -22.45 19.09 -77.34
CA VAL C 1129 -22.18 19.92 -76.17
C VAL C 1129 -23.44 20.67 -75.75
N ILE C 1130 -23.74 20.63 -74.46
CA ILE C 1130 -24.91 21.29 -73.91
C ILE C 1130 -24.49 22.66 -73.37
N GLY C 1131 -24.76 23.70 -74.14
CA GLY C 1131 -24.35 25.04 -73.79
C GLY C 1131 -23.39 25.70 -74.76
N ILE C 1132 -23.08 25.07 -75.87
CA ILE C 1132 -22.18 25.65 -76.86
C ILE C 1132 -22.81 26.89 -77.48
N VAL C 1133 -21.99 27.89 -77.74
CA VAL C 1133 -22.45 29.14 -78.35
C VAL C 1133 -21.76 29.32 -79.70
N ASN C 1134 -22.30 30.24 -80.49
CA ASN C 1134 -21.78 30.53 -81.82
C ASN C 1134 -20.93 31.80 -81.76
N ASN C 1135 -19.69 31.70 -82.20
CA ASN C 1135 -18.79 32.84 -82.22
C ASN C 1135 -17.68 32.55 -83.23
N THR C 1136 -16.93 33.59 -83.58
CA THR C 1136 -15.87 33.47 -84.56
C THR C 1136 -14.54 33.22 -83.85
N VAL C 1137 -13.75 32.30 -84.39
CA VAL C 1137 -12.42 31.97 -83.88
C VAL C 1137 -11.43 32.39 -84.96
N TYR C 1138 -10.72 33.48 -84.70
CA TYR C 1138 -9.85 34.07 -85.71
C TYR C 1138 -8.63 33.18 -85.94
N ASP C 1139 -8.19 33.11 -87.19
CA ASP C 1139 -7.03 32.30 -87.53
C ASP C 1139 -5.81 33.20 -87.65
N PRO C 1140 -4.80 33.05 -86.78
CA PRO C 1140 -3.66 33.99 -86.81
C PRO C 1140 -2.88 33.97 -88.10
N LEU C 1141 -2.92 32.88 -88.86
CA LEU C 1141 -2.15 32.75 -90.09
C LEU C 1141 -2.96 33.12 -91.33
N GLN C 1142 -4.20 33.59 -91.16
CA GLN C 1142 -4.99 34.01 -92.32
C GLN C 1142 -4.38 35.22 -93.02
N PRO C 1143 -4.00 36.31 -92.33
CA PRO C 1143 -3.38 37.40 -93.08
C PRO C 1143 -1.97 37.06 -93.55
N GLU D 1 -57.83 -38.81 20.17
CA GLU D 1 -58.00 -39.71 21.34
C GLU D 1 -56.91 -39.39 22.37
N VAL D 2 -57.30 -39.22 23.64
CA VAL D 2 -56.31 -38.96 24.72
C VAL D 2 -56.25 -40.19 25.63
N GLN D 3 -55.05 -40.72 25.87
CA GLN D 3 -54.89 -41.94 26.71
C GLN D 3 -54.15 -41.57 27.99
N LEU D 4 -54.71 -41.91 29.15
CA LEU D 4 -54.08 -41.54 30.45
C LEU D 4 -53.61 -42.80 31.17
N VAL D 5 -52.35 -43.20 30.96
CA VAL D 5 -51.79 -44.44 31.59
C VAL D 5 -51.69 -44.24 33.10
N GLU D 6 -51.93 -45.30 33.88
CA GLU D 6 -51.90 -45.19 35.36
C GLU D 6 -50.95 -46.26 35.94
N SER D 7 -50.11 -45.89 36.91
CA SER D 7 -49.13 -46.85 37.49
C SER D 7 -48.71 -46.45 38.91
N GLY D 8 -47.82 -47.23 39.54
CA GLY D 8 -47.33 -46.92 40.90
C GLY D 8 -48.39 -47.10 41.96
N GLY D 9 -49.48 -47.82 41.65
CA GLY D 9 -50.53 -48.09 42.65
C GLY D 9 -50.48 -49.53 43.12
N GLY D 10 -50.33 -49.74 44.43
CA GLY D 10 -50.19 -51.11 44.97
C GLY D 10 -50.55 -51.17 46.44
N LEU D 11 -50.71 -52.38 46.98
CA LEU D 11 -50.97 -52.52 48.45
C LEU D 11 -49.78 -51.92 49.20
N VAL D 12 -50.05 -51.10 50.22
CA VAL D 12 -48.95 -50.42 50.97
C VAL D 12 -49.29 -50.37 52.45
N GLN D 13 -48.28 -50.32 53.33
CA GLN D 13 -48.53 -50.22 54.79
C GLN D 13 -48.94 -48.79 55.14
N PRO D 14 -49.65 -48.52 56.25
CA PRO D 14 -50.15 -47.18 56.55
C PRO D 14 -49.07 -46.10 56.73
N GLY D 15 -48.03 -46.40 57.53
CA GLY D 15 -46.97 -45.42 57.80
C GLY D 15 -45.91 -45.41 56.70
N ARG D 16 -46.33 -45.59 55.45
CA ARG D 16 -45.37 -45.62 54.32
C ARG D 16 -45.76 -44.56 53.28
N SER D 17 -44.94 -44.39 52.25
CA SER D 17 -45.23 -43.40 51.18
C SER D 17 -45.40 -44.13 49.85
N LEU D 18 -46.10 -43.50 48.89
CA LEU D 18 -46.33 -44.12 47.56
C LEU D 18 -46.44 -43.02 46.50
N THR D 19 -45.82 -43.22 45.33
CA THR D 19 -45.87 -42.23 44.23
C THR D 19 -46.75 -42.77 43.08
N LEU D 20 -47.67 -41.93 42.57
CA LEU D 20 -48.55 -42.34 41.45
C LEU D 20 -48.10 -41.59 40.18
N SER D 21 -47.92 -42.31 39.07
CA SER D 21 -47.44 -41.67 37.83
C SER D 21 -48.51 -41.75 36.74
N CYS D 22 -48.81 -40.62 36.08
CA CYS D 22 -49.83 -40.60 35.00
C CYS D 22 -49.13 -40.32 33.67
N GLY D 23 -49.40 -41.14 32.65
CA GLY D 23 -48.79 -40.94 31.32
C GLY D 23 -49.78 -40.27 30.37
N ALA D 24 -49.38 -39.16 29.74
CA ALA D 24 -50.31 -38.40 28.89
C ALA D 24 -49.92 -38.54 27.42
N SER D 25 -50.86 -39.02 26.58
CA SER D 25 -50.58 -39.19 25.13
C SER D 25 -51.78 -38.74 24.30
N GLY D 26 -51.56 -38.36 23.03
CA GLY D 26 -52.66 -37.97 22.13
C GLY D 26 -53.05 -36.51 22.28
N PHE D 27 -52.35 -35.76 23.14
CA PHE D 27 -52.62 -34.30 23.30
C PHE D 27 -51.35 -33.64 23.84
N THR D 28 -51.24 -32.32 23.70
CA THR D 28 -50.07 -31.62 24.29
C THR D 28 -50.26 -31.58 25.81
N PHE D 29 -49.27 -32.07 26.56
CA PHE D 29 -49.41 -32.16 28.04
C PHE D 29 -49.40 -30.75 28.65
N GLU D 30 -48.46 -29.92 28.22
CA GLU D 30 -48.31 -28.55 28.78
C GLU D 30 -49.58 -27.72 28.51
N ASP D 31 -50.19 -27.87 27.34
CA ASP D 31 -51.37 -27.03 26.97
C ASP D 31 -52.55 -27.27 27.91
N TYR D 32 -52.79 -28.51 28.34
CA TYR D 32 -54.00 -28.80 29.15
C TYR D 32 -53.66 -29.09 30.61
N ALA D 33 -54.41 -28.49 31.54
CA ALA D 33 -54.18 -28.70 32.99
C ALA D 33 -54.50 -30.16 33.36
N MET D 34 -53.81 -30.71 34.35
CA MET D 34 -54.01 -32.13 34.75
C MET D 34 -54.49 -32.20 36.20
N HIS D 35 -55.47 -33.06 36.50
CA HIS D 35 -56.03 -33.12 37.87
C HIS D 35 -56.05 -34.57 38.37
N TRP D 36 -56.07 -34.76 39.70
CA TRP D 36 -56.15 -36.13 40.28
C TRP D 36 -57.53 -36.30 40.94
N VAL D 37 -58.27 -37.35 40.59
CA VAL D 37 -59.58 -37.64 41.26
C VAL D 37 -59.55 -39.08 41.76
N ARG D 38 -59.91 -39.31 43.03
CA ARG D 38 -59.97 -40.71 43.57
C ARG D 38 -61.41 -41.08 43.90
N GLN D 39 -61.75 -42.37 43.76
CA GLN D 39 -63.12 -42.84 44.07
C GLN D 39 -63.04 -44.22 44.73
N ALA D 40 -63.26 -44.29 46.05
CA ALA D 40 -63.28 -45.59 46.74
C ALA D 40 -64.49 -46.38 46.26
N PRO D 41 -64.42 -47.72 46.11
CA PRO D 41 -65.54 -48.49 45.57
C PRO D 41 -66.78 -48.35 46.48
N GLY D 42 -67.95 -48.15 45.87
CA GLY D 42 -69.19 -47.97 46.65
C GLY D 42 -69.31 -46.56 47.20
N LYS D 43 -68.45 -45.64 46.74
CA LYS D 43 -68.45 -44.24 47.25
C LYS D 43 -68.41 -43.27 46.07
N GLY D 44 -68.84 -42.03 46.28
CA GLY D 44 -68.86 -41.01 45.21
C GLY D 44 -67.47 -40.52 44.85
N LEU D 45 -67.31 -39.94 43.66
CA LEU D 45 -65.99 -39.42 43.21
C LEU D 45 -65.53 -38.32 44.16
N GLU D 46 -64.22 -38.27 44.45
CA GLU D 46 -63.67 -37.22 45.36
C GLU D 46 -62.45 -36.58 44.68
N TRP D 47 -62.51 -35.26 44.43
CA TRP D 47 -61.36 -34.56 43.82
C TRP D 47 -60.19 -34.55 44.81
N VAL D 48 -58.97 -34.84 44.35
CA VAL D 48 -57.81 -34.92 45.29
C VAL D 48 -56.84 -33.77 45.03
N SER D 49 -56.39 -33.60 43.79
CA SER D 49 -55.35 -32.57 43.52
C SER D 49 -55.53 -31.91 42.16
N GLY D 50 -55.01 -30.69 41.99
CA GLY D 50 -55.09 -29.99 40.70
C GLY D 50 -53.78 -29.29 40.36
N ILE D 51 -53.43 -29.23 39.08
CA ILE D 51 -52.19 -28.52 38.63
C ILE D 51 -52.52 -27.82 37.31
N ASP D 52 -51.65 -26.92 36.83
CA ASP D 52 -51.99 -26.14 35.62
C ASP D 52 -50.84 -26.13 34.61
N TRP D 53 -50.94 -25.28 33.58
CA TRP D 53 -49.90 -25.18 32.52
C TRP D 53 -48.57 -24.72 33.15
N ASN D 54 -48.63 -23.82 34.13
CA ASN D 54 -47.39 -23.27 34.75
C ASN D 54 -46.92 -24.19 35.87
N SER D 55 -47.60 -25.32 36.08
CA SER D 55 -47.20 -26.32 37.11
C SER D 55 -47.43 -25.75 38.51
N GLY D 56 -48.09 -24.59 38.61
CA GLY D 56 -48.42 -24.05 39.95
C GLY D 56 -49.50 -24.90 40.58
N VAL D 57 -49.43 -25.13 41.89
CA VAL D 57 -50.41 -26.05 42.53
C VAL D 57 -51.72 -25.30 42.73
N ILE D 58 -52.79 -25.73 42.06
CA ILE D 58 -54.13 -25.09 42.22
C ILE D 58 -54.59 -25.31 43.68
N GLY D 59 -54.41 -26.52 44.20
CA GLY D 59 -54.76 -26.79 45.61
C GLY D 59 -54.78 -28.28 45.92
N TYR D 60 -55.19 -28.65 47.14
CA TYR D 60 -55.31 -30.08 47.53
C TYR D 60 -56.62 -30.25 48.30
N ALA D 61 -57.19 -31.45 48.32
CA ALA D 61 -58.39 -31.68 49.15
C ALA D 61 -58.01 -31.45 50.61
N ASP D 62 -58.89 -30.81 51.40
CA ASP D 62 -58.57 -30.48 52.81
C ASP D 62 -58.10 -31.73 53.56
N SER D 63 -58.74 -32.88 53.30
CA SER D 63 -58.38 -34.15 53.99
C SER D 63 -56.96 -34.57 53.62
N VAL D 64 -56.52 -34.29 52.39
CA VAL D 64 -55.17 -34.76 51.94
C VAL D 64 -54.15 -33.62 52.03
N LYS D 65 -54.56 -32.42 52.47
CA LYS D 65 -53.62 -31.26 52.47
C LYS D 65 -52.46 -31.52 53.44
N GLY D 66 -51.23 -31.25 52.99
CA GLY D 66 -50.04 -31.41 53.85
C GLY D 66 -49.53 -32.83 53.89
N ARG D 67 -50.26 -33.77 53.27
CA ARG D 67 -49.79 -35.18 53.20
C ARG D 67 -49.60 -35.56 51.73
N PHE D 68 -50.14 -34.76 50.81
CA PHE D 68 -50.07 -35.11 49.36
C PHE D 68 -49.31 -34.01 48.62
N ILE D 69 -48.38 -34.39 47.74
CA ILE D 69 -47.62 -33.40 46.92
C ILE D 69 -47.90 -33.68 45.45
N ILE D 70 -48.23 -32.65 44.65
CA ILE D 70 -48.45 -32.86 43.19
C ILE D 70 -47.32 -32.16 42.41
N SER D 71 -46.80 -32.83 41.38
CA SER D 71 -45.74 -32.23 40.52
C SER D 71 -45.92 -32.78 39.10
N ARG D 72 -45.54 -32.00 38.08
CA ARG D 72 -45.61 -32.53 36.69
C ARG D 72 -44.42 -32.04 35.88
N ASP D 73 -43.99 -32.81 34.87
CA ASP D 73 -42.91 -32.34 33.97
C ASP D 73 -43.49 -32.18 32.57
N ASN D 74 -43.46 -30.96 32.02
CA ASN D 74 -44.02 -30.71 30.67
C ASN D 74 -43.19 -31.48 29.63
N ALA D 75 -41.87 -31.52 29.79
CA ALA D 75 -40.98 -32.21 28.82
C ALA D 75 -41.29 -33.71 28.79
N LYS D 76 -41.49 -34.32 29.97
CA LYS D 76 -41.71 -35.80 30.03
C LYS D 76 -43.18 -36.14 29.77
N ASN D 77 -44.05 -35.13 29.69
CA ASN D 77 -45.51 -35.37 29.46
C ASN D 77 -46.08 -36.25 30.58
N SER D 78 -45.55 -36.13 31.80
CA SER D 78 -46.02 -37.00 32.92
C SER D 78 -46.26 -36.19 34.19
N LEU D 79 -47.24 -36.60 35.01
CA LEU D 79 -47.51 -35.91 36.30
C LEU D 79 -47.41 -36.94 37.43
N TYR D 80 -46.80 -36.55 38.56
CA TYR D 80 -46.57 -37.51 39.68
C TYR D 80 -47.24 -37.01 40.96
N LEU D 81 -47.97 -37.89 41.66
CA LEU D 81 -48.59 -37.51 42.95
C LEU D 81 -47.87 -38.27 44.08
N HIS D 82 -47.33 -37.54 45.06
CA HIS D 82 -46.60 -38.17 46.19
C HIS D 82 -47.52 -38.23 47.42
N MET D 83 -47.82 -39.43 47.90
CA MET D 83 -48.77 -39.59 49.04
C MET D 83 -47.98 -39.99 50.29
N ARG D 84 -48.22 -39.31 51.42
CA ARG D 84 -47.52 -39.60 52.70
C ARG D 84 -48.55 -39.75 53.80
N SER D 85 -48.19 -40.40 54.91
CA SER D 85 -49.16 -40.62 56.03
C SER D 85 -50.41 -41.30 55.50
N LEU D 86 -50.24 -42.33 54.66
CA LEU D 86 -51.40 -43.00 54.02
C LEU D 86 -52.30 -43.63 55.08
N THR D 87 -53.63 -43.57 54.88
CA THR D 87 -54.60 -44.08 55.89
C THR D 87 -55.65 -44.95 55.18
N ALA D 88 -56.47 -45.66 55.95
CA ALA D 88 -57.55 -46.49 55.37
C ALA D 88 -58.49 -45.57 54.58
N GLU D 89 -58.72 -44.35 55.06
CA GLU D 89 -59.56 -43.36 54.35
C GLU D 89 -58.93 -43.07 52.98
N ASP D 90 -57.59 -43.00 52.93
CA ASP D 90 -56.87 -42.73 51.66
C ASP D 90 -57.13 -43.84 50.64
N THR D 91 -57.31 -45.08 51.09
CA THR D 91 -57.45 -46.21 50.13
C THR D 91 -58.58 -45.87 49.15
N ALA D 92 -58.28 -45.85 47.84
CA ALA D 92 -59.29 -45.54 46.80
C ALA D 92 -58.70 -45.84 45.41
N LEU D 93 -59.47 -45.58 44.35
CA LEU D 93 -58.98 -45.77 42.96
C LEU D 93 -58.66 -44.40 42.37
N TYR D 94 -57.38 -44.13 42.07
CA TYR D 94 -57.00 -42.77 41.61
C TYR D 94 -56.99 -42.71 40.08
N TYR D 95 -57.91 -41.94 39.48
CA TYR D 95 -58.01 -41.83 38.01
C TYR D 95 -57.39 -40.49 37.55
N CYS D 96 -56.52 -40.53 36.53
CA CYS D 96 -55.96 -39.27 35.98
C CYS D 96 -57.10 -38.49 35.33
N ALA D 97 -57.10 -37.17 35.46
CA ALA D 97 -58.15 -36.34 34.82
C ALA D 97 -57.50 -35.29 33.91
N LYS D 98 -57.99 -35.15 32.67
CA LYS D 98 -57.47 -34.11 31.74
C LYS D 98 -58.43 -32.92 31.78
N ASP D 99 -57.93 -31.72 32.11
CA ASP D 99 -58.82 -30.53 32.24
C ASP D 99 -58.63 -29.59 31.04
N VAL D 100 -59.73 -29.20 30.40
CA VAL D 100 -59.65 -28.31 29.19
C VAL D 100 -59.15 -26.92 29.61
N TYR D 101 -59.51 -26.45 30.81
CA TYR D 101 -59.13 -25.07 31.21
C TYR D 101 -57.88 -25.12 32.10
N SER D 102 -56.81 -24.43 31.69
CA SER D 102 -55.55 -24.42 32.47
C SER D 102 -55.77 -23.75 33.83
N GLU D 103 -56.47 -22.61 33.86
CA GLU D 103 -56.72 -21.88 35.13
C GLU D 103 -57.69 -22.70 35.98
N SER D 104 -58.59 -23.44 35.33
CA SER D 104 -59.56 -24.32 36.03
C SER D 104 -60.47 -23.50 36.97
N GLY D 105 -60.41 -22.17 36.88
CA GLY D 105 -61.22 -21.29 37.74
C GLY D 105 -62.71 -21.44 37.47
N SER D 106 -63.11 -21.54 36.19
CA SER D 106 -64.55 -21.58 35.85
C SER D 106 -64.76 -22.40 34.57
N GLY D 107 -65.96 -22.96 34.38
CA GLY D 107 -66.28 -23.70 33.15
C GLY D 107 -65.20 -24.71 32.78
N SER D 108 -64.62 -25.38 33.77
CA SER D 108 -63.53 -26.35 33.52
C SER D 108 -64.08 -27.78 33.65
N TYR D 109 -64.00 -28.57 32.58
CA TYR D 109 -64.59 -29.93 32.63
C TYR D 109 -63.52 -30.95 32.23
N TYR D 110 -63.66 -32.20 32.68
CA TYR D 110 -62.61 -33.21 32.38
C TYR D 110 -62.94 -33.90 31.06
N ASP D 111 -62.18 -33.59 30.02
CA ASP D 111 -62.43 -34.17 28.67
C ASP D 111 -62.21 -35.69 28.70
N TYR D 112 -61.14 -36.14 29.37
CA TYR D 112 -60.81 -37.60 29.36
C TYR D 112 -60.49 -38.08 30.78
N TRP D 113 -60.78 -39.36 31.06
CA TRP D 113 -60.50 -39.93 32.40
C TRP D 113 -59.59 -41.16 32.26
N GLY D 114 -58.56 -41.25 33.09
CA GLY D 114 -57.65 -42.42 33.06
C GLY D 114 -58.32 -43.66 33.61
N GLN D 115 -57.84 -44.84 33.22
CA GLN D 115 -58.43 -46.13 33.69
C GLN D 115 -58.31 -46.17 35.22
N GLY D 116 -57.18 -45.71 35.75
CA GLY D 116 -57.01 -45.64 37.22
C GLY D 116 -56.20 -46.77 37.81
N THR D 117 -55.65 -46.57 39.01
CA THR D 117 -54.86 -47.63 39.69
C THR D 117 -55.40 -47.77 41.11
N LEU D 118 -55.29 -48.97 41.71
CA LEU D 118 -55.92 -49.18 43.04
C LEU D 118 -54.91 -49.07 44.18
N VAL D 119 -54.96 -47.98 44.95
CA VAL D 119 -54.12 -47.87 46.14
C VAL D 119 -54.86 -48.53 47.29
N THR D 120 -54.22 -49.49 47.94
CA THR D 120 -54.75 -50.16 49.13
C THR D 120 -53.83 -49.88 50.31
N VAL D 121 -54.38 -49.30 51.37
CA VAL D 121 -53.62 -48.99 52.60
C VAL D 121 -54.12 -49.87 53.73
N SER D 122 -53.33 -50.88 54.10
CA SER D 122 -53.67 -51.81 55.20
C SER D 122 -52.41 -52.37 55.86
N SER D 123 -52.55 -52.77 57.13
CA SER D 123 -51.47 -53.37 57.94
C SER D 123 -51.22 -54.84 57.60
N GLN E 1 -67.65 -27.06 54.66
CA GLN E 1 -67.39 -27.39 53.23
C GLN E 1 -68.70 -27.80 52.56
N SER E 2 -69.13 -27.04 51.54
CA SER E 2 -70.39 -27.36 50.82
C SER E 2 -70.25 -28.69 50.09
N VAL E 3 -71.30 -29.51 50.11
CA VAL E 3 -71.27 -30.83 49.39
C VAL E 3 -72.40 -30.83 48.36
N LEU E 4 -72.10 -31.17 47.11
CA LEU E 4 -73.15 -31.26 46.06
C LEU E 4 -74.10 -32.41 46.41
N THR E 5 -75.42 -32.16 46.40
CA THR E 5 -76.39 -33.19 46.85
C THR E 5 -77.11 -33.81 45.65
N GLN E 6 -77.13 -35.14 45.57
CA GLN E 6 -77.86 -35.84 44.47
C GLN E 6 -78.74 -36.92 45.08
N PRO E 7 -79.89 -37.29 44.48
CA PRO E 7 -80.71 -38.40 44.99
C PRO E 7 -79.88 -39.69 44.91
N PRO E 8 -79.95 -40.65 45.87
CA PRO E 8 -79.09 -41.84 45.81
C PRO E 8 -79.27 -42.66 44.52
N SER E 9 -80.49 -43.14 44.26
CA SER E 9 -80.75 -43.98 43.05
C SER E 9 -82.08 -43.61 42.41
N VAL E 10 -82.17 -43.68 41.08
CA VAL E 10 -83.47 -43.44 40.37
C VAL E 10 -83.73 -44.60 39.41
N SER E 11 -84.96 -45.12 39.39
CA SER E 11 -85.31 -46.21 38.43
C SER E 11 -86.50 -45.78 37.57
N ALA E 12 -86.40 -45.91 36.26
CA ALA E 12 -87.52 -45.55 35.35
C ALA E 12 -87.65 -46.59 34.24
N ALA E 13 -88.86 -46.81 33.74
CA ALA E 13 -89.08 -47.76 32.62
C ALA E 13 -88.52 -47.16 31.33
N PRO E 14 -88.04 -47.97 30.36
CA PRO E 14 -87.57 -47.44 29.07
C PRO E 14 -88.66 -46.58 28.41
N GLY E 15 -88.28 -45.39 27.90
CA GLY E 15 -89.27 -44.49 27.26
C GLY E 15 -89.88 -43.52 28.26
N GLN E 16 -89.37 -43.50 29.50
CA GLN E 16 -89.87 -42.55 30.53
C GLN E 16 -88.78 -41.51 30.81
N LYS E 17 -89.15 -40.23 30.84
CA LYS E 17 -88.16 -39.15 31.06
C LYS E 17 -87.56 -39.28 32.47
N VAL E 18 -86.26 -39.03 32.60
CA VAL E 18 -85.56 -39.15 33.92
C VAL E 18 -85.07 -37.76 34.34
N ALA E 19 -85.38 -37.33 35.55
CA ALA E 19 -84.88 -36.02 36.06
C ALA E 19 -83.90 -36.25 37.21
N ILE E 20 -82.70 -35.69 37.11
CA ILE E 20 -81.68 -35.83 38.20
C ILE E 20 -81.36 -34.43 38.72
N SER E 21 -81.39 -34.22 40.04
CA SER E 21 -81.19 -32.85 40.60
C SER E 21 -79.86 -32.75 41.34
N CYS E 22 -79.07 -31.71 41.06
CA CYS E 22 -77.80 -31.49 41.79
C CYS E 22 -77.96 -30.22 42.63
N SER E 23 -77.73 -30.31 43.95
CA SER E 23 -77.96 -29.14 44.84
C SER E 23 -76.62 -28.61 45.33
N GLY E 24 -76.36 -27.31 45.13
CA GLY E 24 -75.06 -26.73 45.51
C GLY E 24 -75.20 -25.35 46.13
N SER E 25 -74.17 -24.90 46.85
CA SER E 25 -74.20 -23.53 47.43
C SER E 25 -74.07 -22.50 46.30
N THR E 26 -74.47 -21.25 46.56
CA THR E 26 -74.46 -20.22 45.48
C THR E 26 -73.04 -20.06 44.94
N SER E 27 -72.02 -20.09 45.80
CA SER E 27 -70.63 -19.84 45.33
C SER E 27 -70.20 -20.89 44.31
N ASN E 28 -70.57 -22.17 44.49
CA ASN E 28 -70.09 -23.21 43.53
C ASN E 28 -70.94 -23.21 42.25
N ILE E 29 -72.20 -23.68 42.31
CA ILE E 29 -73.05 -23.81 41.09
C ILE E 29 -73.28 -22.44 40.45
N GLY E 30 -73.53 -21.40 41.25
CA GLY E 30 -73.86 -20.08 40.68
C GLY E 30 -72.75 -19.50 39.84
N ASP E 31 -71.48 -19.66 40.26
CA ASP E 31 -70.35 -19.01 39.53
C ASP E 31 -70.07 -19.75 38.22
N ASN E 32 -69.88 -21.08 38.27
CA ASN E 32 -69.49 -21.84 37.04
C ASN E 32 -70.54 -22.91 36.72
N PHE E 33 -70.76 -23.20 35.44
CA PHE E 33 -71.76 -24.20 35.03
C PHE E 33 -71.34 -25.59 35.53
N VAL E 34 -72.32 -26.38 35.99
CA VAL E 34 -72.02 -27.76 36.49
C VAL E 34 -71.64 -28.66 35.29
N SER E 35 -70.82 -29.67 35.51
CA SER E 35 -70.49 -30.63 34.43
C SER E 35 -70.99 -32.02 34.85
N TRP E 36 -71.79 -32.67 34.01
CA TRP E 36 -72.35 -34.00 34.35
C TRP E 36 -71.42 -35.10 33.82
N TYR E 37 -71.18 -36.14 34.63
CA TYR E 37 -70.33 -37.28 34.17
C TYR E 37 -71.14 -38.56 34.26
N GLN E 38 -71.21 -39.32 33.16
CA GLN E 38 -71.93 -40.61 33.17
C GLN E 38 -70.90 -41.72 33.36
N GLN E 39 -70.96 -42.43 34.48
CA GLN E 39 -69.97 -43.51 34.75
C GLN E 39 -70.70 -44.85 34.79
N PHE E 40 -70.38 -45.74 33.85
CA PHE E 40 -70.96 -47.11 33.89
C PHE E 40 -70.24 -47.88 34.99
N PRO E 41 -70.89 -48.81 35.73
CA PRO E 41 -70.24 -49.50 36.83
C PRO E 41 -69.02 -50.28 36.33
N GLY E 42 -67.89 -50.17 37.04
CA GLY E 42 -66.67 -50.90 36.65
C GLY E 42 -65.91 -50.23 35.52
N THR E 43 -66.30 -49.01 35.13
CA THR E 43 -65.65 -48.30 34.00
C THR E 43 -65.25 -46.88 34.42
N ALA E 44 -64.25 -46.30 33.76
CA ALA E 44 -63.82 -44.91 34.06
C ALA E 44 -64.94 -43.93 33.69
N PRO E 45 -65.15 -42.82 34.43
CA PRO E 45 -66.23 -41.89 34.15
C PRO E 45 -66.09 -41.21 32.77
N LYS E 46 -67.21 -40.99 32.08
CA LYS E 46 -67.18 -40.31 30.77
C LYS E 46 -68.02 -39.03 30.86
N LEU E 47 -67.48 -37.90 30.39
CA LEU E 47 -68.23 -36.61 30.50
C LEU E 47 -69.52 -36.74 29.70
N LEU E 48 -70.66 -36.38 30.32
CA LEU E 48 -71.97 -36.46 29.63
C LEU E 48 -72.38 -35.06 29.14
N LEU E 49 -72.29 -34.07 30.03
CA LEU E 49 -72.71 -32.69 29.68
C LEU E 49 -71.60 -31.71 30.03
N TYR E 50 -71.19 -30.86 29.08
CA TYR E 50 -70.17 -29.83 29.39
C TYR E 50 -70.87 -28.47 29.42
N ASP E 51 -70.56 -27.65 30.42
CA ASP E 51 -71.20 -26.30 30.53
C ASP E 51 -72.73 -26.47 30.50
N ASP E 52 -73.27 -27.35 31.35
CA ASP E 52 -74.75 -27.56 31.46
C ASP E 52 -75.33 -28.18 30.19
N ALA E 53 -76.27 -27.50 29.52
CA ALA E 53 -77.01 -28.10 28.38
C ALA E 53 -76.08 -28.53 27.24
N ARG E 54 -74.99 -27.81 26.97
CA ARG E 54 -74.14 -28.15 25.79
C ARG E 54 -73.65 -29.59 25.90
N ARG E 55 -73.64 -30.34 24.80
CA ARG E 55 -73.25 -31.78 24.83
C ARG E 55 -71.95 -31.98 24.06
N PRO E 56 -70.93 -32.66 24.62
CA PRO E 56 -69.70 -32.97 23.88
C PRO E 56 -69.95 -34.00 22.77
N SER E 57 -69.19 -33.92 21.68
CA SER E 57 -69.35 -34.86 20.54
C SER E 57 -69.36 -36.31 21.05
N GLY E 58 -70.35 -37.11 20.63
CA GLY E 58 -70.46 -38.51 21.08
C GLY E 58 -71.50 -38.67 22.18
N ILE E 59 -72.25 -37.60 22.48
CA ILE E 59 -73.32 -37.66 23.51
C ILE E 59 -74.68 -37.53 22.80
N PRO E 60 -75.66 -38.42 23.08
CA PRO E 60 -76.94 -38.40 22.37
C PRO E 60 -77.75 -37.11 22.59
N ASP E 61 -78.45 -36.64 21.56
CA ASP E 61 -79.26 -35.39 21.65
C ASP E 61 -80.38 -35.57 22.68
N ARG E 62 -80.85 -36.81 22.86
CA ARG E 62 -81.95 -37.09 23.81
C ARG E 62 -81.51 -36.67 25.21
N PHE E 63 -80.22 -36.78 25.51
CA PHE E 63 -79.73 -36.27 26.82
C PHE E 63 -79.92 -34.75 26.85
N SER E 64 -80.48 -34.22 27.94
CA SER E 64 -80.79 -32.77 28.01
C SER E 64 -80.81 -32.34 29.47
N GLY E 65 -81.34 -31.16 29.77
CA GLY E 65 -81.46 -30.70 31.17
C GLY E 65 -81.11 -29.24 31.29
N SER E 66 -81.67 -28.55 32.28
CA SER E 66 -81.43 -27.09 32.44
C SER E 66 -81.08 -26.76 33.90
N LYS E 67 -80.04 -25.96 34.11
CA LYS E 67 -79.68 -25.54 35.49
C LYS E 67 -80.34 -24.18 35.78
N SER E 68 -81.19 -24.13 36.81
CA SER E 68 -81.85 -22.86 37.20
C SER E 68 -81.47 -22.51 38.65
N GLY E 69 -80.92 -21.32 38.87
CA GLY E 69 -80.49 -20.91 40.23
C GLY E 69 -79.33 -21.76 40.72
N THR E 70 -79.45 -22.34 41.92
CA THR E 70 -78.35 -23.15 42.51
C THR E 70 -78.59 -24.65 42.22
N SER E 71 -79.61 -24.97 41.42
CA SER E 71 -79.95 -26.39 41.16
C SER E 71 -79.66 -26.75 39.70
N ALA E 72 -78.97 -27.87 39.46
CA ALA E 72 -78.70 -28.33 38.08
C ALA E 72 -79.56 -29.55 37.79
N THR E 73 -80.32 -29.53 36.69
CA THR E 73 -81.25 -30.65 36.39
C THR E 73 -80.79 -31.38 35.12
N LEU E 74 -80.68 -32.72 35.19
CA LEU E 74 -80.30 -33.51 33.99
C LEU E 74 -81.57 -34.22 33.50
N GLY E 75 -81.95 -34.00 32.24
CA GLY E 75 -83.15 -34.63 31.68
C GLY E 75 -82.79 -35.70 30.66
N ILE E 76 -83.27 -36.92 30.87
CA ILE E 76 -82.96 -38.04 29.93
C ILE E 76 -84.27 -38.47 29.26
N THR E 77 -84.30 -38.52 27.93
CA THR E 77 -85.55 -38.86 27.20
C THR E 77 -85.26 -40.06 26.29
N GLY E 78 -86.29 -40.79 25.86
CA GLY E 78 -86.04 -42.00 25.05
C GLY E 78 -85.14 -42.96 25.79
N LEU E 79 -85.39 -43.18 27.09
CA LEU E 79 -84.53 -44.06 27.91
C LEU E 79 -84.54 -45.48 27.32
N GLN E 80 -83.39 -46.15 27.29
CA GLN E 80 -83.30 -47.53 26.71
C GLN E 80 -82.61 -48.45 27.71
N THR E 81 -82.65 -49.76 27.45
CA THR E 81 -81.91 -50.72 28.32
C THR E 81 -80.41 -50.55 28.07
N GLY E 82 -79.58 -50.74 29.10
CA GLY E 82 -78.12 -50.56 28.96
C GLY E 82 -77.71 -49.11 29.12
N ASP E 83 -78.66 -48.23 29.42
CA ASP E 83 -78.34 -46.80 29.67
C ASP E 83 -78.08 -46.63 31.17
N GLU E 84 -78.22 -47.72 31.93
CA GLU E 84 -78.03 -47.65 33.41
C GLU E 84 -76.61 -47.20 33.71
N ALA E 85 -76.44 -46.25 34.63
CA ALA E 85 -75.10 -45.72 34.99
C ALA E 85 -75.22 -44.85 36.24
N VAL E 86 -74.09 -44.45 36.83
CA VAL E 86 -74.11 -43.54 38.00
C VAL E 86 -73.78 -42.14 37.50
N TYR E 87 -74.58 -41.14 37.84
CA TYR E 87 -74.36 -39.78 37.28
C TYR E 87 -73.80 -38.84 38.37
N PHE E 88 -72.71 -38.13 38.04
CA PHE E 88 -72.07 -37.23 39.03
C PHE E 88 -72.07 -35.80 38.48
N CYS E 89 -72.48 -34.82 39.31
CA CYS E 89 -72.44 -33.40 38.88
C CYS E 89 -71.22 -32.74 39.53
N SER E 90 -70.36 -32.10 38.73
CA SER E 90 -69.13 -31.53 39.32
C SER E 90 -69.04 -30.03 39.03
N THR E 91 -68.96 -29.20 40.08
CA THR E 91 -68.78 -27.74 39.89
C THR E 91 -67.75 -27.22 40.89
N TRP E 92 -66.67 -26.60 40.39
CA TRP E 92 -65.60 -26.05 41.27
C TRP E 92 -66.18 -24.92 42.12
N ASP E 93 -65.72 -24.81 43.37
CA ASP E 93 -66.26 -23.75 44.28
C ASP E 93 -65.23 -22.64 44.40
N ASN E 94 -65.61 -21.40 44.04
CA ASN E 94 -64.69 -20.24 44.19
C ASN E 94 -64.40 -20.00 45.68
N SER E 95 -65.44 -20.07 46.53
CA SER E 95 -65.27 -19.81 47.98
C SER E 95 -64.37 -20.87 48.61
N LEU E 96 -64.56 -22.14 48.24
CA LEU E 96 -63.77 -23.25 48.84
C LEU E 96 -62.45 -23.40 48.09
N ASN E 97 -62.38 -22.85 46.87
CA ASN E 97 -61.13 -22.94 46.06
C ASN E 97 -60.78 -24.41 45.81
N VAL E 98 -61.77 -25.31 45.86
CA VAL E 98 -61.54 -26.75 45.55
C VAL E 98 -62.65 -27.23 44.61
N VAL E 99 -62.36 -28.21 43.75
CA VAL E 99 -63.43 -28.78 42.88
C VAL E 99 -64.39 -29.56 43.78
N LEU E 100 -65.70 -29.49 43.51
CA LEU E 100 -66.70 -30.24 44.31
C LEU E 100 -67.35 -31.31 43.43
N PHE E 101 -67.46 -32.54 43.94
CA PHE E 101 -68.06 -33.65 43.18
C PHE E 101 -69.34 -34.14 43.89
N GLY E 102 -70.41 -34.35 43.13
CA GLY E 102 -71.69 -34.81 43.71
C GLY E 102 -71.62 -36.24 44.18
N GLY E 103 -72.49 -36.62 45.13
CA GLY E 103 -72.52 -38.00 45.65
C GLY E 103 -72.84 -38.99 44.53
N GLY E 104 -73.73 -38.61 43.62
CA GLY E 104 -74.04 -39.47 42.47
C GLY E 104 -75.45 -40.06 42.53
N THR E 105 -76.03 -40.34 41.35
CA THR E 105 -77.39 -40.93 41.29
C THR E 105 -77.32 -42.23 40.49
N LYS E 106 -77.86 -43.32 41.04
CA LYS E 106 -77.74 -44.64 40.35
C LYS E 106 -78.92 -44.87 39.42
N LEU E 107 -78.82 -44.44 38.15
CA LEU E 107 -79.90 -44.75 37.17
C LEU E 107 -79.87 -46.24 36.81
N THR E 108 -81.03 -46.88 36.62
CA THR E 108 -81.12 -48.32 36.23
C THR E 108 -82.45 -48.71 35.57
N VAL E 109 -82.51 -49.86 34.85
CA VAL E 109 -83.77 -50.39 34.23
C VAL E 109 -83.91 -51.86 34.64
N LEU E 110 -85.09 -52.25 35.12
CA LEU E 110 -85.37 -53.60 35.67
C LEU E 110 -85.49 -54.72 34.62
N GLU F 1 5.42 50.54 53.72
CA GLU F 1 5.20 50.39 55.19
C GLU F 1 5.20 48.91 55.55
N VAL F 2 5.96 48.52 56.58
CA VAL F 2 5.99 47.10 57.03
C VAL F 2 5.30 47.02 58.41
N GLN F 3 4.32 46.12 58.55
CA GLN F 3 3.58 46.00 59.83
C GLN F 3 3.88 44.64 60.46
N LEU F 4 4.31 44.62 61.72
CA LEU F 4 4.68 43.35 62.38
C LEU F 4 3.69 43.03 63.51
N VAL F 5 2.63 42.27 63.21
CA VAL F 5 1.58 41.93 64.21
C VAL F 5 2.19 41.03 65.29
N GLU F 6 1.75 41.20 66.55
CA GLU F 6 2.31 40.39 67.67
C GLU F 6 1.17 39.72 68.45
N SER F 7 1.32 38.43 68.79
CA SER F 7 0.23 37.69 69.49
C SER F 7 0.79 36.51 70.29
N GLY F 8 -0.08 35.75 70.97
CA GLY F 8 0.34 34.57 71.76
C GLY F 8 1.13 34.95 73.01
N GLY F 9 1.05 36.22 73.43
CA GLY F 9 1.73 36.64 74.67
C GLY F 9 0.75 36.86 75.79
N GLY F 10 0.93 36.15 76.92
CA GLY F 10 -0.02 36.26 78.04
C GLY F 10 0.61 35.83 79.35
N LEU F 11 -0.06 36.09 80.48
CA LEU F 11 0.46 35.62 81.79
C LEU F 11 0.53 34.09 81.75
N VAL F 12 1.65 33.51 82.21
CA VAL F 12 1.83 32.03 82.13
C VAL F 12 2.54 31.55 83.40
N GLN F 13 2.33 30.29 83.79
CA GLN F 13 3.02 29.71 84.97
C GLN F 13 4.47 29.39 84.60
N PRO F 14 5.43 29.31 85.56
CA PRO F 14 6.85 29.10 85.21
C PRO F 14 7.15 27.78 84.48
N GLY F 15 6.62 26.66 84.99
CA GLY F 15 6.91 25.34 84.39
C GLY F 15 5.98 25.04 83.22
N ARG F 16 5.66 26.06 82.44
CA ARG F 16 4.74 25.87 81.28
C ARG F 16 5.43 26.34 80.00
N SER F 17 4.77 26.15 78.85
CA SER F 17 5.35 26.57 77.55
C SER F 17 4.43 27.63 76.90
N LEU F 18 4.98 28.44 76.01
CA LEU F 18 4.18 29.50 75.33
C LEU F 18 4.74 29.75 73.92
N THR F 19 3.86 29.90 72.93
CA THR F 19 4.30 30.16 71.53
C THR F 19 3.98 31.61 71.15
N LEU F 20 4.94 32.31 70.54
CA LEU F 20 4.73 33.71 70.10
C LEU F 20 4.65 33.74 68.57
N SER F 21 3.62 34.39 68.01
CA SER F 21 3.46 34.41 66.54
C SER F 21 3.61 35.84 66.00
N CYS F 22 4.43 36.02 64.96
CA CYS F 22 4.63 37.36 64.37
C CYS F 22 4.03 37.38 62.95
N GLY F 23 3.20 38.38 62.65
CA GLY F 23 2.60 38.50 61.31
C GLY F 23 3.33 39.53 60.47
N ALA F 24 3.76 39.14 59.27
CA ALA F 24 4.58 40.06 58.43
C ALA F 24 3.76 40.53 57.22
N SER F 25 3.63 41.85 57.05
CA SER F 25 2.86 42.41 55.91
C SER F 25 3.58 43.64 55.33
N GLY F 26 3.34 43.96 54.06
CA GLY F 26 3.94 45.15 53.43
C GLY F 26 5.33 44.89 52.88
N PHE F 27 5.81 43.65 52.98
CA PHE F 27 7.14 43.29 52.41
C PHE F 27 7.15 41.78 52.14
N THR F 28 8.08 41.32 51.28
CA THR F 28 8.19 39.85 51.07
C THR F 28 8.82 39.23 52.32
N PHE F 29 8.15 38.24 52.91
CA PHE F 29 8.64 37.64 54.18
C PHE F 29 9.93 36.85 53.92
N GLU F 30 9.93 36.02 52.87
CA GLU F 30 11.10 35.17 52.55
C GLU F 30 12.33 36.03 52.24
N ASP F 31 12.16 37.15 51.54
CA ASP F 31 13.31 37.99 51.13
C ASP F 31 14.08 38.54 52.33
N TYR F 32 13.39 38.94 53.40
CA TYR F 32 14.09 39.60 54.54
C TYR F 32 14.16 38.69 55.77
N ALA F 33 15.34 38.63 56.40
CA ALA F 33 15.53 37.79 57.61
C ALA F 33 14.69 38.36 58.77
N MET F 34 14.22 37.50 59.67
CA MET F 34 13.36 37.95 60.80
C MET F 34 14.05 37.63 62.13
N HIS F 35 14.01 38.54 63.09
CA HIS F 35 14.72 38.34 64.39
C HIS F 35 13.77 38.60 65.56
N TRP F 36 14.07 38.00 66.73
CA TRP F 36 13.26 38.25 67.95
C TRP F 36 14.08 39.07 68.94
N VAL F 37 13.54 40.19 69.43
CA VAL F 37 14.24 41.00 70.47
C VAL F 37 13.27 41.22 71.63
N ARG F 38 13.72 40.96 72.87
CA ARG F 38 12.84 41.21 74.06
C ARG F 38 13.44 42.32 74.92
N GLN F 39 12.57 43.10 75.58
CA GLN F 39 13.04 44.19 76.47
C GLN F 39 12.15 44.26 77.71
N ALA F 40 12.65 43.80 78.86
CA ALA F 40 11.88 43.91 80.11
C ALA F 40 11.76 45.39 80.48
N PRO F 41 10.63 45.87 81.06
CA PRO F 41 10.47 47.29 81.34
C PRO F 41 11.54 47.78 82.33
N GLY F 42 12.13 48.95 82.06
CA GLY F 42 13.19 49.49 82.94
C GLY F 42 14.53 48.83 82.65
N LYS F 43 14.63 48.06 81.56
CA LYS F 43 15.88 47.34 81.23
C LYS F 43 16.22 47.56 79.75
N GLY F 44 17.49 47.38 79.37
CA GLY F 44 17.93 47.58 77.98
C GLY F 44 17.44 46.48 77.05
N LEU F 45 17.41 46.75 75.74
CA LEU F 45 16.96 45.75 74.74
C LEU F 45 17.88 44.53 74.79
N GLU F 46 17.32 43.33 74.63
CA GLU F 46 18.13 42.07 74.66
C GLU F 46 17.75 41.22 73.44
N TRP F 47 18.72 40.96 72.55
CA TRP F 47 18.44 40.09 71.37
C TRP F 47 18.15 38.67 71.84
N VAL F 48 17.11 38.03 71.30
CA VAL F 48 16.74 36.67 71.77
C VAL F 48 17.02 35.63 70.68
N SER F 49 16.50 35.84 69.47
CA SER F 49 16.65 34.78 68.43
C SER F 49 16.81 35.38 67.03
N GLY F 50 17.42 34.64 66.10
CA GLY F 50 17.58 35.11 64.72
C GLY F 50 17.31 34.00 63.72
N ILE F 51 16.74 34.34 62.56
CA ILE F 51 16.47 33.33 61.49
C ILE F 51 16.76 34.01 60.15
N ASP F 52 16.82 33.25 59.05
CA ASP F 52 17.22 33.87 57.75
C ASP F 52 16.26 33.46 56.62
N TRP F 53 16.63 33.75 55.38
CA TRP F 53 15.81 33.41 54.19
C TRP F 53 15.64 31.89 54.08
N ASN F 54 16.70 31.14 54.41
CA ASN F 54 16.68 29.66 54.26
C ASN F 54 16.08 29.04 55.52
N SER F 55 15.63 29.86 56.47
CA SER F 55 14.98 29.37 57.72
C SER F 55 16.01 28.65 58.60
N GLY F 56 17.29 28.73 58.25
CA GLY F 56 18.34 28.15 59.12
C GLY F 56 18.47 28.98 60.38
N VAL F 57 18.69 28.34 61.53
CA VAL F 57 18.71 29.13 62.80
C VAL F 57 20.08 29.81 62.92
N ILE F 58 20.08 31.15 62.91
CA ILE F 58 21.36 31.91 63.07
C ILE F 58 21.92 31.64 64.47
N GLY F 59 21.05 31.64 65.49
CA GLY F 59 21.50 31.32 66.86
C GLY F 59 20.46 31.68 67.91
N TYR F 60 20.80 31.52 69.19
CA TYR F 60 19.88 31.91 70.29
C TYR F 60 20.72 32.62 71.36
N ALA F 61 20.09 33.47 72.18
CA ALA F 61 20.84 34.09 73.30
C ALA F 61 21.30 32.98 74.24
N ASP F 62 22.53 33.08 74.78
CA ASP F 62 23.08 31.99 75.63
C ASP F 62 22.10 31.69 76.76
N SER F 63 21.48 32.71 77.34
CA SER F 63 20.53 32.51 78.48
C SER F 63 19.31 31.70 78.02
N VAL F 64 18.87 31.86 76.76
CA VAL F 64 17.64 31.18 76.28
C VAL F 64 18.01 29.93 75.47
N LYS F 65 19.29 29.64 75.29
CA LYS F 65 19.70 28.49 74.43
C LYS F 65 19.19 27.18 75.01
N GLY F 66 18.58 26.33 74.17
CA GLY F 66 18.11 25.00 74.62
C GLY F 66 16.75 25.06 75.27
N ARG F 67 16.20 26.27 75.47
CA ARG F 67 14.84 26.42 76.03
C ARG F 67 13.95 27.12 75.01
N PHE F 68 14.56 27.75 74.00
CA PHE F 68 13.78 28.52 73.00
C PHE F 68 13.98 27.91 71.61
N ILE F 69 12.88 27.75 70.87
CA ILE F 69 12.98 27.21 69.47
C ILE F 69 12.42 28.27 68.51
N ILE F 70 13.14 28.57 67.42
CA ILE F 70 12.60 29.54 66.42
C ILE F 70 12.27 28.81 65.11
N SER F 71 11.14 29.13 64.50
CA SER F 71 10.75 28.51 63.20
C SER F 71 9.94 29.55 62.40
N ARG F 72 10.01 29.49 61.08
CA ARG F 72 9.18 30.42 60.26
C ARG F 72 8.65 29.70 59.02
N ASP F 73 7.49 30.14 58.51
CA ASP F 73 6.97 29.56 57.24
C ASP F 73 6.94 30.67 56.19
N ASN F 74 7.69 30.50 55.10
CA ASN F 74 7.73 31.53 54.03
C ASN F 74 6.35 31.65 53.38
N ALA F 75 5.67 30.53 53.17
CA ALA F 75 4.33 30.55 52.52
C ALA F 75 3.32 31.31 53.38
N LYS F 76 3.35 31.11 54.70
CA LYS F 76 2.34 31.74 55.59
C LYS F 76 2.78 33.17 55.98
N ASN F 77 4.01 33.55 55.62
CA ASN F 77 4.53 34.91 55.95
C ASN F 77 4.53 35.11 57.48
N SER F 78 4.74 34.04 58.25
CA SER F 78 4.67 34.14 59.73
C SER F 78 5.86 33.42 60.39
N LEU F 79 6.35 33.95 61.52
CA LEU F 79 7.45 33.27 62.26
C LEU F 79 6.98 32.97 63.70
N TYR F 80 7.32 31.80 64.23
CA TYR F 80 6.82 31.39 65.57
C TYR F 80 7.99 31.10 66.52
N LEU F 81 7.94 31.64 67.74
CA LEU F 81 9.00 31.36 68.74
C LEU F 81 8.40 30.48 69.85
N HIS F 82 9.00 29.31 70.10
CA HIS F 82 8.48 28.38 71.14
C HIS F 82 9.34 28.53 72.40
N MET F 83 8.73 28.92 73.52
CA MET F 83 9.49 29.16 74.78
C MET F 83 9.17 28.05 75.78
N ARG F 84 10.20 27.45 76.38
CA ARG F 84 10.02 26.35 77.36
C ARG F 84 10.84 26.68 78.61
N SER F 85 10.50 26.06 79.75
CA SER F 85 11.22 26.33 81.02
C SER F 85 11.19 27.84 81.30
N LEU F 86 10.02 28.46 81.14
CA LEU F 86 9.92 29.94 81.30
C LEU F 86 10.27 30.35 82.73
N THR F 87 10.95 31.48 82.90
CA THR F 87 11.41 31.92 84.25
C THR F 87 11.06 33.41 84.44
N ALA F 88 11.22 33.92 85.66
CA ALA F 88 10.97 35.36 85.92
C ALA F 88 11.93 36.19 85.06
N GLU F 89 13.16 35.70 84.86
CA GLU F 89 14.14 36.40 83.99
C GLU F 89 13.56 36.47 82.57
N ASP F 90 12.89 35.42 82.13
CA ASP F 90 12.28 35.38 80.76
C ASP F 90 11.23 36.48 80.61
N THR F 91 10.50 36.81 81.68
CA THR F 91 9.39 37.79 81.55
C THR F 91 9.95 39.07 80.90
N ALA F 92 9.37 39.47 79.76
CA ALA F 92 9.79 40.70 79.04
C ALA F 92 8.79 41.02 77.93
N LEU F 93 9.06 42.07 77.15
CA LEU F 93 8.18 42.45 76.00
C LEU F 93 8.87 42.02 74.71
N TYR F 94 8.30 41.06 73.98
CA TYR F 94 8.99 40.51 72.78
C TYR F 94 8.53 41.25 71.51
N TYR F 95 9.42 42.02 70.88
CA TYR F 95 9.08 42.80 69.66
C TYR F 95 9.63 42.08 68.42
N CYS F 96 8.79 41.91 67.39
CA CYS F 96 9.28 41.31 66.11
C CYS F 96 10.28 42.28 65.50
N ALA F 97 11.37 41.76 64.90
CA ALA F 97 12.35 42.64 64.23
C ALA F 97 12.52 42.22 62.76
N LYS F 98 12.47 43.18 61.83
CA LYS F 98 12.70 42.87 60.40
C LYS F 98 14.15 43.21 60.05
N ASP F 99 14.91 42.25 59.54
CA ASP F 99 16.36 42.49 59.26
C ASP F 99 16.59 42.62 57.75
N VAL F 100 17.27 43.68 57.32
CA VAL F 100 17.53 43.92 55.87
C VAL F 100 18.47 42.84 55.31
N TYR F 101 19.42 42.37 56.12
CA TYR F 101 20.43 41.39 55.61
C TYR F 101 20.01 39.97 56.00
N SER F 102 19.82 39.09 55.02
CA SER F 102 19.41 37.69 55.30
C SER F 102 20.51 36.95 56.09
N GLU F 103 21.78 37.12 55.69
CA GLU F 103 22.90 36.42 56.39
C GLU F 103 23.06 37.05 57.77
N SER F 104 22.76 38.36 57.90
CA SER F 104 22.83 39.08 59.20
C SER F 104 24.26 39.05 59.75
N GLY F 105 25.23 38.60 58.95
CA GLY F 105 26.64 38.52 59.40
C GLY F 105 27.23 39.88 59.67
N SER F 106 26.95 40.87 58.81
CA SER F 106 27.58 42.21 58.95
C SER F 106 26.64 43.29 58.42
N GLY F 107 26.78 44.53 58.91
CA GLY F 107 25.97 45.65 58.39
C GLY F 107 24.49 45.32 58.34
N SER F 108 23.98 44.59 59.34
CA SER F 108 22.56 44.18 59.35
C SER F 108 21.79 45.03 60.36
N TYR F 109 20.78 45.78 59.91
CA TYR F 109 20.06 46.69 60.83
C TYR F 109 18.55 46.38 60.76
N TYR F 110 17.81 46.70 61.82
CA TYR F 110 16.37 46.35 61.84
C TYR F 110 15.57 47.50 61.24
N ASP F 111 15.05 47.32 60.02
CA ASP F 111 14.29 48.39 59.32
C ASP F 111 13.01 48.71 60.10
N TYR F 112 12.31 47.68 60.58
CA TYR F 112 11.00 47.92 61.26
C TYR F 112 10.93 47.12 62.57
N TRP F 113 10.18 47.64 63.55
CA TRP F 113 10.03 46.94 64.85
C TRP F 113 8.54 46.71 65.14
N GLY F 114 8.19 45.49 65.58
CA GLY F 114 6.78 45.18 65.92
C GLY F 114 6.36 45.87 67.21
N GLN F 115 5.06 46.08 67.40
CA GLN F 115 4.55 46.75 68.62
C GLN F 115 4.94 45.91 69.83
N GLY F 116 4.87 44.58 69.70
CA GLY F 116 5.32 43.70 70.80
C GLY F 116 4.20 43.14 71.65
N THR F 117 4.46 42.04 72.35
CA THR F 117 3.44 41.42 73.24
C THR F 117 4.09 41.19 74.61
N LEU F 118 3.31 41.22 75.69
CA LEU F 118 3.92 41.12 77.05
C LEU F 118 3.83 39.71 77.62
N VAL F 119 4.96 38.99 77.67
CA VAL F 119 5.00 37.69 78.33
C VAL F 119 5.26 37.93 79.81
N THR F 120 4.39 37.43 80.66
CA THR F 120 4.54 37.48 82.12
C THR F 120 4.66 36.08 82.66
N VAL F 121 5.75 35.78 83.35
CA VAL F 121 6.00 34.47 83.96
C VAL F 121 5.95 34.58 85.48
N SER F 122 4.87 34.11 86.10
CA SER F 122 4.69 34.15 87.55
C SER F 122 3.81 33.00 88.04
N SER F 123 3.99 32.61 89.31
CA SER F 123 3.21 31.57 89.97
C SER F 123 1.83 32.04 90.42
N GLN G 1 31.22 37.15 77.78
CA GLN G 1 30.36 37.77 76.74
C GLN G 1 30.53 39.29 76.79
N SER G 2 31.01 39.88 75.68
CA SER G 2 31.20 41.36 75.62
C SER G 2 29.84 42.06 75.71
N VAL G 3 29.78 43.16 76.45
CA VAL G 3 28.51 43.95 76.56
C VAL G 3 28.77 45.37 76.06
N LEU G 4 27.93 45.87 75.15
CA LEU G 4 28.10 47.26 74.64
C LEU G 4 27.82 48.23 75.80
N THR G 5 28.72 49.20 76.02
CA THR G 5 28.59 50.10 77.20
C THR G 5 28.10 51.48 76.76
N GLN G 6 27.06 52.00 77.42
CA GLN G 6 26.55 53.36 77.10
C GLN G 6 26.38 54.12 78.42
N PRO G 7 26.51 55.48 78.45
CA PRO G 7 26.26 56.24 79.67
C PRO G 7 24.78 56.06 80.05
N PRO G 8 24.39 55.97 81.35
CA PRO G 8 23.00 55.71 81.71
C PRO G 8 22.02 56.78 81.17
N SER G 9 22.23 58.05 81.55
CA SER G 9 21.31 59.13 81.10
C SER G 9 22.11 60.39 80.75
N VAL G 10 21.65 61.15 79.74
CA VAL G 10 22.31 62.46 79.40
C VAL G 10 21.22 63.54 79.33
N SER G 11 21.47 64.71 79.94
CA SER G 11 20.51 65.83 79.83
C SER G 11 21.20 67.07 79.25
N ALA G 12 20.61 67.69 78.22
CA ALA G 12 21.19 68.91 77.62
C ALA G 12 20.08 69.92 77.33
N ALA G 13 20.40 71.22 77.37
CA ALA G 13 19.41 72.27 77.04
C ALA G 13 19.15 72.27 75.54
N PRO G 14 17.94 72.65 75.05
CA PRO G 14 17.68 72.73 73.61
C PRO G 14 18.70 73.64 72.92
N GLY G 15 19.26 73.19 71.79
CA GLY G 15 20.27 73.98 71.06
C GLY G 15 21.68 73.64 71.51
N GLN G 16 21.83 72.62 72.36
CA GLN G 16 23.18 72.17 72.81
C GLN G 16 23.49 70.81 72.19
N LYS G 17 24.69 70.66 71.62
CA LYS G 17 25.07 69.38 70.95
C LYS G 17 25.12 68.25 71.99
N VAL G 18 24.65 67.06 71.60
CA VAL G 18 24.63 65.90 72.53
C VAL G 18 25.57 64.82 71.99
N ALA G 19 26.48 64.30 72.82
CA ALA G 19 27.39 63.22 72.38
C ALA G 19 27.06 61.94 73.17
N ILE G 20 26.81 60.84 72.46
CA ILE G 20 26.52 59.53 73.14
C ILE G 20 27.61 58.54 72.71
N SER G 21 28.23 57.84 73.66
CA SER G 21 29.36 56.94 73.33
C SER G 21 28.98 55.47 73.51
N CYS G 22 29.26 54.63 72.51
CA CYS G 22 28.99 53.17 72.62
C CYS G 22 30.34 52.45 72.67
N SER G 23 30.58 51.64 73.70
CA SER G 23 31.90 50.98 73.86
C SER G 23 31.76 49.49 73.60
N GLY G 24 32.57 48.94 72.68
CA GLY G 24 32.44 47.51 72.33
C GLY G 24 33.79 46.85 72.12
N SER G 25 33.83 45.51 72.17
CA SER G 25 35.09 44.77 71.92
C SER G 25 35.45 44.89 70.43
N THR G 26 36.71 44.65 70.07
CA THR G 26 37.14 44.84 68.66
C THR G 26 36.33 43.92 67.75
N SER G 27 36.05 42.69 68.19
CA SER G 27 35.34 41.73 67.29
C SER G 27 33.95 42.25 66.92
N ASN G 28 33.22 42.89 67.85
CA ASN G 28 31.84 43.35 67.50
C ASN G 28 31.88 44.66 66.71
N ILE G 29 32.21 45.79 67.35
CA ILE G 29 32.15 47.12 66.67
C ILE G 29 33.13 47.17 65.49
N GLY G 30 34.33 46.61 65.64
CA GLY G 30 35.35 46.71 64.59
C GLY G 30 34.92 46.04 63.29
N ASP G 31 34.26 44.88 63.37
CA ASP G 31 33.90 44.13 62.13
C ASP G 31 32.75 44.81 61.39
N ASN G 32 31.64 45.09 62.08
CA ASN G 32 30.44 45.64 61.40
C ASN G 32 30.05 46.99 62.01
N PHE G 33 29.53 47.90 61.19
CA PHE G 33 29.16 49.27 61.68
C PHE G 33 28.02 49.15 62.70
N VAL G 34 28.08 49.97 63.76
CA VAL G 34 27.01 49.95 64.80
C VAL G 34 25.73 50.54 64.22
N SER G 35 24.57 50.12 64.72
CA SER G 35 23.28 50.73 64.27
C SER G 35 22.61 51.39 65.48
N TRP G 36 22.26 52.67 65.37
CA TRP G 36 21.65 53.40 66.51
C TRP G 36 20.12 53.29 66.41
N TYR G 37 19.45 53.05 67.55
CA TYR G 37 17.97 52.99 67.55
C TYR G 37 17.44 54.03 68.54
N GLN G 38 16.52 54.89 68.07
CA GLN G 38 15.91 55.90 68.97
C GLN G 38 14.55 55.36 69.42
N GLN G 39 14.41 55.08 70.72
CA GLN G 39 13.14 54.52 71.24
C GLN G 39 12.49 55.55 72.18
N PHE G 40 11.32 56.07 71.82
CA PHE G 40 10.58 56.98 72.73
C PHE G 40 9.96 56.11 73.84
N PRO G 41 9.84 56.59 75.10
CA PRO G 41 9.32 55.74 76.17
C PRO G 41 7.89 55.29 75.85
N GLY G 42 7.61 54.00 76.04
CA GLY G 42 6.25 53.46 75.79
C GLY G 42 5.99 53.19 74.31
N THR G 43 7.03 53.29 73.47
CA THR G 43 6.84 53.10 72.01
C THR G 43 7.87 52.08 71.48
N ALA G 44 7.56 51.42 70.36
CA ALA G 44 8.51 50.45 69.74
C ALA G 44 9.74 51.20 69.23
N PRO G 45 10.96 50.61 69.30
CA PRO G 45 12.18 51.30 68.87
C PRO G 45 12.17 51.64 67.37
N LYS G 46 12.71 52.81 67.01
CA LYS G 46 12.79 53.21 65.58
C LYS G 46 14.27 53.40 65.20
N LEU G 47 14.70 52.82 64.08
CA LEU G 47 16.13 52.91 63.68
C LEU G 47 16.47 54.39 63.47
N LEU G 48 17.55 54.87 64.08
CA LEU G 48 17.97 56.29 63.92
C LEU G 48 19.11 56.39 62.91
N LEU G 49 20.13 55.53 63.07
CA LEU G 49 21.31 55.58 62.17
C LEU G 49 21.58 54.17 61.62
N TYR G 50 21.72 54.04 60.31
CA TYR G 50 22.07 52.72 59.71
C TYR G 50 23.51 52.80 59.21
N ASP G 51 24.31 51.77 59.49
CA ASP G 51 25.73 51.77 59.04
C ASP G 51 26.42 53.06 59.52
N ASP G 52 26.30 53.36 60.83
CA ASP G 52 26.97 54.55 61.42
C ASP G 52 26.38 55.88 60.89
N ALA G 53 27.20 56.72 60.26
CA ALA G 53 26.76 58.08 59.86
C ALA G 53 25.54 58.06 58.93
N ARG G 54 25.42 57.09 58.03
CA ARG G 54 24.31 57.11 57.03
C ARG G 54 22.97 57.14 57.76
N ARG G 55 22.02 57.95 57.26
CA ARG G 55 20.71 58.12 57.95
C ARG G 55 19.59 57.54 57.08
N PRO G 56 18.70 56.67 57.62
CA PRO G 56 17.56 56.16 56.86
C PRO G 56 16.53 57.27 56.58
N SER G 57 15.81 57.17 55.45
CA SER G 57 14.80 58.20 55.09
C SER G 57 13.85 58.44 56.27
N GLY G 58 13.62 59.71 56.62
CA GLY G 58 12.74 60.04 57.77
C GLY G 58 13.54 60.38 59.01
N ILE G 59 14.87 60.47 58.89
CA ILE G 59 15.75 60.83 60.05
C ILE G 59 16.34 62.22 59.79
N PRO G 60 16.26 63.17 60.75
CA PRO G 60 16.75 64.53 60.51
C PRO G 60 18.25 64.62 60.23
N ASP G 61 18.64 65.55 59.34
CA ASP G 61 20.08 65.72 58.97
C ASP G 61 20.89 66.17 60.20
N ARG G 62 20.24 66.87 61.14
CA ARG G 62 20.93 67.36 62.35
C ARG G 62 21.49 66.17 63.12
N PHE G 63 20.81 65.01 63.08
CA PHE G 63 21.37 63.81 63.73
C PHE G 63 22.65 63.43 62.98
N SER G 64 23.73 63.15 63.72
CA SER G 64 25.05 62.88 63.09
C SER G 64 25.87 62.01 64.04
N GLY G 65 27.17 61.89 63.79
CA GLY G 65 28.04 61.12 64.71
C GLY G 65 29.04 60.29 63.93
N SER G 66 30.21 60.00 64.51
CA SER G 66 31.26 59.24 63.79
C SER G 66 31.81 58.12 64.69
N LYS G 67 31.93 56.91 64.14
CA LYS G 67 32.53 55.79 64.93
C LYS G 67 34.03 55.70 64.62
N SER G 68 34.87 55.86 65.65
CA SER G 68 36.34 55.75 65.45
C SER G 68 36.88 54.61 66.33
N GLY G 69 37.59 53.66 65.73
CA GLY G 69 38.12 52.51 66.49
C GLY G 69 37.00 51.62 67.01
N THR G 70 37.02 51.31 68.31
CA THR G 70 35.99 50.43 68.92
C THR G 70 34.87 51.26 69.54
N SER G 71 34.91 52.59 69.35
CA SER G 71 33.90 53.47 69.99
C SER G 71 32.97 54.10 68.93
N ALA G 72 31.66 54.05 69.16
CA ALA G 72 30.70 54.67 68.21
C ALA G 72 30.11 55.92 68.88
N THR G 73 30.17 57.06 68.19
CA THR G 73 29.70 58.34 68.80
C THR G 73 28.47 58.84 68.05
N LEU G 74 27.40 59.17 68.78
CA LEU G 74 26.19 59.75 68.15
C LEU G 74 26.16 61.24 68.48
N GLY G 75 26.11 62.10 67.46
CA GLY G 75 26.08 63.56 67.67
C GLY G 75 24.73 64.13 67.33
N ILE G 76 24.10 64.83 68.27
CA ILE G 76 22.76 65.43 68.03
C ILE G 76 22.91 66.96 68.09
N THR G 77 22.45 67.67 67.06
CA THR G 77 22.62 69.14 67.00
C THR G 77 21.24 69.77 66.82
N GLY G 78 21.07 71.05 67.15
CA GLY G 78 19.73 71.67 67.08
C GLY G 78 18.74 70.90 67.94
N LEU G 79 19.14 70.54 69.16
CA LEU G 79 18.27 69.74 70.05
C LEU G 79 16.98 70.53 70.34
N GLN G 80 15.83 69.85 70.37
CA GLN G 80 14.52 70.54 70.59
C GLN G 80 13.77 69.80 71.71
N THR G 81 12.69 70.40 72.21
CA THR G 81 11.84 69.71 73.21
C THR G 81 11.07 68.57 72.51
N GLY G 82 10.82 67.47 73.20
CA GLY G 82 10.13 66.32 72.60
C GLY G 82 11.09 65.42 71.84
N ASP G 83 12.38 65.73 71.86
CA ASP G 83 13.40 64.86 71.22
C ASP G 83 13.88 63.85 72.26
N GLU G 84 13.37 63.94 73.49
CA GLU G 84 13.82 63.04 74.57
C GLU G 84 13.49 61.59 74.20
N ALA G 85 14.45 60.68 74.37
CA ALA G 85 14.26 59.26 74.02
C ALA G 85 15.41 58.43 74.58
N VAL G 86 15.30 57.09 74.53
CA VAL G 86 16.41 56.22 75.00
C VAL G 86 17.15 55.72 73.75
N TYR G 87 18.47 55.86 73.71
CA TYR G 87 19.23 55.50 72.48
C TYR G 87 20.01 54.20 72.70
N PHE G 88 19.86 53.25 71.77
CA PHE G 88 20.54 51.93 71.89
C PHE G 88 21.48 51.73 70.70
N CYS G 89 22.72 51.31 70.95
CA CYS G 89 23.67 51.01 69.84
C CYS G 89 23.73 49.49 69.68
N SER G 90 23.50 48.98 68.47
CA SER G 90 23.47 47.51 68.28
C SER G 90 24.49 47.07 67.24
N THR G 91 25.44 46.20 67.61
CA THR G 91 26.41 45.66 66.63
C THR G 91 26.59 44.15 66.86
N TRP G 92 26.33 43.34 65.84
CA TRP G 92 26.47 41.87 65.96
C TRP G 92 27.94 41.51 66.20
N ASP G 93 28.20 40.49 67.02
CA ASP G 93 29.60 40.10 67.34
C ASP G 93 29.95 38.84 66.55
N ASN G 94 31.00 38.91 65.72
CA ASN G 94 31.45 37.70 64.97
C ASN G 94 31.98 36.65 65.95
N SER G 95 32.77 37.08 66.94
CA SER G 95 33.35 36.11 67.92
C SER G 95 32.25 35.45 68.75
N LEU G 96 31.25 36.23 69.17
CA LEU G 96 30.17 35.67 70.04
C LEU G 96 29.09 35.05 69.14
N ASN G 97 29.07 35.41 67.86
CA ASN G 97 28.07 34.85 66.92
C ASN G 97 26.66 35.19 67.41
N VAL G 98 26.51 36.27 68.19
CA VAL G 98 25.17 36.72 68.65
C VAL G 98 25.07 38.24 68.46
N VAL G 99 23.87 38.77 68.20
CA VAL G 99 23.72 40.26 68.12
C VAL G 99 23.94 40.84 69.51
N LEU G 100 24.60 42.00 69.61
CA LEU G 100 24.83 42.65 70.92
C LEU G 100 24.05 43.97 70.97
N PHE G 101 23.32 44.21 72.07
CA PHE G 101 22.53 45.45 72.22
C PHE G 101 23.08 46.28 73.38
N GLY G 102 23.24 47.59 73.19
CA GLY G 102 23.76 48.48 74.25
C GLY G 102 22.78 48.67 75.38
N GLY G 103 23.26 49.02 76.57
CA GLY G 103 22.38 49.26 77.73
C GLY G 103 21.42 50.39 77.45
N GLY G 104 21.89 51.44 76.76
CA GLY G 104 21.01 52.55 76.38
C GLY G 104 21.32 53.84 77.13
N THR G 105 21.04 54.98 76.50
CA THR G 105 21.29 56.31 77.14
C THR G 105 19.97 57.10 77.18
N LYS G 106 19.60 57.62 78.34
CA LYS G 106 18.28 58.32 78.46
C LYS G 106 18.44 59.81 78.16
N LEU G 107 18.30 60.20 76.89
CA LEU G 107 18.32 61.65 76.55
C LEU G 107 17.03 62.31 77.06
N THR G 108 17.09 63.56 77.56
CA THR G 108 15.89 64.30 78.05
C THR G 108 16.09 65.84 78.08
N VAL G 109 14.99 66.62 78.14
CA VAL G 109 15.05 68.12 78.26
C VAL G 109 14.12 68.54 79.42
N LEU G 110 14.61 69.37 80.34
CA LEU G 110 13.89 69.77 81.58
C LEU G 110 12.74 70.77 81.36
N GLU H 1 51.96 -39.65 24.11
CA GLU H 1 52.36 -39.91 25.52
C GLU H 1 51.19 -39.56 26.45
N VAL H 2 50.86 -40.46 27.38
CA VAL H 2 49.76 -40.20 28.36
C VAL H 2 50.39 -40.03 29.74
N GLN H 3 50.07 -38.92 30.43
CA GLN H 3 50.65 -38.66 31.76
C GLN H 3 49.54 -38.73 32.81
N LEU H 4 49.74 -39.53 33.87
CA LEU H 4 48.69 -39.69 34.91
C LEU H 4 49.18 -39.09 36.23
N VAL H 5 48.87 -37.81 36.48
CA VAL H 5 49.32 -37.11 37.72
C VAL H 5 48.62 -37.72 38.94
N GLU H 6 49.31 -37.82 40.07
CA GLU H 6 48.73 -38.43 41.30
C GLU H 6 48.87 -37.47 42.49
N SER H 7 47.80 -37.33 43.29
CA SER H 7 47.82 -36.36 44.42
C SER H 7 46.82 -36.77 45.52
N GLY H 8 46.74 -35.99 46.60
CA GLY H 8 45.79 -36.26 47.70
C GLY H 8 46.16 -37.50 48.50
N GLY H 9 47.41 -37.98 48.38
CA GLY H 9 47.85 -39.14 49.17
C GLY H 9 48.80 -38.70 50.28
N GLY H 10 48.46 -39.02 51.53
CA GLY H 10 49.26 -38.58 52.68
C GLY H 10 49.03 -39.46 53.90
N LEU H 11 49.87 -39.32 54.93
CA LEU H 11 49.65 -40.08 56.19
C LEU H 11 48.29 -39.66 56.76
N VAL H 12 47.47 -40.63 57.19
CA VAL H 12 46.10 -40.30 57.69
C VAL H 12 45.77 -41.21 58.88
N GLN H 13 44.89 -40.76 59.78
CA GLN H 13 44.48 -41.60 60.94
C GLN H 13 43.49 -42.66 60.45
N PRO H 14 43.31 -43.81 61.14
CA PRO H 14 42.44 -44.88 60.64
C PRO H 14 40.96 -44.50 60.48
N GLY H 15 40.36 -43.85 61.49
CA GLY H 15 38.93 -43.49 61.44
C GLY H 15 38.71 -42.19 60.70
N ARG H 16 39.49 -41.95 59.65
CA ARG H 16 39.36 -40.68 58.87
C ARG H 16 39.09 -41.00 57.40
N SER H 17 38.84 -39.97 56.59
CA SER H 17 38.58 -40.18 55.14
C SER H 17 39.67 -39.48 54.32
N LEU H 18 39.87 -39.91 53.07
CA LEU H 18 40.91 -39.30 52.20
C LEU H 18 40.47 -39.40 50.74
N THR H 19 40.67 -38.33 49.96
CA THR H 19 40.29 -38.32 48.52
C THR H 19 41.55 -38.36 47.64
N LEU H 20 41.57 -39.24 46.63
CA LEU H 20 42.73 -39.33 45.70
C LEU H 20 42.32 -38.76 44.34
N SER H 21 43.13 -37.86 43.79
CA SER H 21 42.78 -37.21 42.49
C SER H 21 43.78 -37.62 41.41
N CYS H 22 43.28 -38.05 40.25
CA CYS H 22 44.17 -38.45 39.12
C CYS H 22 44.01 -37.44 37.97
N GLY H 23 45.13 -36.92 37.45
CA GLY H 23 45.07 -35.96 36.34
C GLY H 23 45.39 -36.65 35.03
N ALA H 24 44.53 -36.50 34.02
CA ALA H 24 44.72 -37.23 32.75
C ALA H 24 45.10 -36.24 31.63
N SER H 25 46.24 -36.48 30.97
CA SER H 25 46.69 -35.59 29.87
C SER H 25 47.28 -36.42 28.72
N GLY H 26 47.28 -35.86 27.50
CA GLY H 26 47.85 -36.56 26.34
C GLY H 26 46.89 -37.52 25.68
N PHE H 27 45.65 -37.61 26.18
CA PHE H 27 44.61 -38.48 25.56
C PHE H 27 43.23 -37.92 25.92
N THR H 28 42.20 -38.31 25.17
CA THR H 28 40.83 -37.88 25.56
C THR H 28 40.41 -38.67 26.79
N PHE H 29 40.02 -37.98 27.86
CA PHE H 29 39.68 -38.66 29.14
C PHE H 29 38.38 -39.46 28.97
N GLU H 30 37.36 -38.85 28.39
CA GLU H 30 36.04 -39.51 28.21
C GLU H 30 36.18 -40.77 27.35
N ASP H 31 37.01 -40.73 26.30
CA ASP H 31 37.12 -41.88 25.36
C ASP H 31 37.64 -43.15 26.06
N TYR H 32 38.59 -43.01 26.99
CA TYR H 32 39.21 -44.23 27.59
C TYR H 32 38.76 -44.42 29.04
N ALA H 33 38.41 -45.66 29.41
CA ALA H 33 37.98 -45.97 30.79
C ALA H 33 39.16 -45.80 31.75
N MET H 34 38.89 -45.42 33.00
CA MET H 34 39.98 -45.18 33.99
C MET H 34 39.81 -46.14 35.18
N HIS H 35 40.92 -46.71 35.67
CA HIS H 35 40.83 -47.72 36.76
C HIS H 35 41.79 -47.35 37.89
N TRP H 36 41.51 -47.82 39.11
CA TRP H 36 42.44 -47.60 40.27
C TRP H 36 43.10 -48.92 40.66
N VAL H 37 44.43 -48.95 40.74
CA VAL H 37 45.14 -50.18 41.20
C VAL H 37 46.08 -49.78 42.34
N ARG H 38 46.06 -50.51 43.46
CA ARG H 38 46.98 -50.21 44.58
C ARG H 38 47.95 -51.37 44.78
N GLN H 39 49.18 -51.07 45.23
CA GLN H 39 50.19 -52.13 45.48
C GLN H 39 50.99 -51.78 46.73
N ALA H 40 50.73 -52.47 47.85
CA ALA H 40 51.53 -52.24 49.08
C ALA H 40 52.96 -52.72 48.82
N PRO H 41 54.00 -52.06 49.37
CA PRO H 41 55.38 -52.45 49.07
C PRO H 41 55.64 -53.89 49.54
N GLY H 42 56.34 -54.69 48.71
CA GLY H 42 56.62 -56.10 49.05
C GLY H 42 55.41 -56.99 48.80
N LYS H 43 54.38 -56.46 48.14
CA LYS H 43 53.14 -57.24 47.88
C LYS H 43 52.74 -57.11 46.41
N GLY H 44 51.94 -58.05 45.90
CA GLY H 44 51.52 -58.03 44.49
C GLY H 44 50.50 -56.95 44.20
N LEU H 45 50.35 -56.56 42.93
CA LEU H 45 49.37 -55.51 42.53
C LEU H 45 47.95 -55.96 42.89
N GLU H 46 47.12 -55.04 43.36
CA GLU H 46 45.71 -55.38 43.73
C GLU H 46 44.77 -54.36 43.06
N TRP H 47 43.87 -54.84 42.19
CA TRP H 47 42.90 -53.93 41.54
C TRP H 47 41.93 -53.38 42.60
N VAL H 48 41.65 -52.08 42.58
CA VAL H 48 40.78 -51.47 43.63
C VAL H 48 39.44 -51.04 43.03
N SER H 49 39.46 -50.23 41.97
CA SER H 49 38.19 -49.69 41.44
C SER H 49 38.22 -49.55 39.92
N GLY H 50 37.04 -49.54 39.27
CA GLY H 50 36.97 -49.36 37.81
C GLY H 50 35.83 -48.44 37.43
N ILE H 51 36.01 -47.64 36.37
CA ILE H 51 34.92 -46.74 35.88
C ILE H 51 34.99 -46.74 34.35
N ASP H 52 33.98 -46.20 33.67
CA ASP H 52 33.96 -46.29 32.18
C ASP H 52 33.65 -44.94 31.53
N TRP H 53 33.38 -44.95 30.22
CA TRP H 53 33.08 -43.70 29.47
C TRP H 53 31.81 -43.06 30.02
N ASN H 54 30.82 -43.87 30.41
CA ASN H 54 29.51 -43.33 30.89
C ASN H 54 29.61 -43.03 32.39
N SER H 55 30.78 -43.22 32.99
CA SER H 55 31.00 -42.91 34.43
C SER H 55 30.23 -43.89 35.31
N GLY H 56 29.66 -44.94 34.70
CA GLY H 56 28.99 -45.98 35.51
C GLY H 56 30.03 -46.78 36.28
N VAL H 57 29.73 -47.18 37.51
CA VAL H 57 30.78 -47.86 38.32
C VAL H 57 30.84 -49.33 37.88
N ILE H 58 31.99 -49.75 37.32
CA ILE H 58 32.16 -51.17 36.90
C ILE H 58 32.11 -52.05 38.16
N GLY H 59 32.78 -51.64 39.24
CA GLY H 59 32.73 -52.40 40.50
C GLY H 59 33.78 -51.94 41.49
N TYR H 60 33.89 -52.62 42.63
CA TYR H 60 34.94 -52.31 43.64
C TYR H 60 35.53 -53.62 44.13
N ALA H 61 36.77 -53.61 44.64
CA ALA H 61 37.33 -54.84 45.24
C ALA H 61 36.46 -55.23 46.44
N ASP H 62 36.19 -56.52 46.64
CA ASP H 62 35.30 -56.96 47.73
C ASP H 62 35.77 -56.38 49.07
N SER H 63 37.10 -56.34 49.29
CA SER H 63 37.65 -55.83 50.56
C SER H 63 37.32 -54.33 50.73
N VAL H 64 37.27 -53.58 49.62
CA VAL H 64 37.05 -52.10 49.72
C VAL H 64 35.58 -51.75 49.43
N LYS H 65 34.75 -52.76 49.14
CA LYS H 65 33.34 -52.47 48.75
C LYS H 65 32.59 -51.81 49.91
N GLY H 66 31.86 -50.72 49.63
CA GLY H 66 31.05 -50.04 50.66
C GLY H 66 31.86 -49.06 51.48
N ARG H 67 33.18 -49.02 51.28
CA ARG H 67 34.05 -48.05 51.99
C ARG H 67 34.72 -47.13 50.97
N PHE H 68 34.69 -47.53 49.69
CA PHE H 68 35.38 -46.74 48.63
C PHE H 68 34.36 -46.26 47.61
N ILE H 69 34.44 -44.98 47.22
CA ILE H 69 33.52 -44.42 46.18
C ILE H 69 34.38 -43.94 45.00
N ILE H 70 34.01 -44.30 43.77
CA ILE H 70 34.77 -43.79 42.58
C ILE H 70 33.87 -42.83 41.78
N SER H 71 34.45 -41.71 41.32
CA SER H 71 33.69 -40.72 40.49
C SER H 71 34.66 -40.07 39.52
N ARG H 72 34.19 -39.65 38.34
CA ARG H 72 35.09 -38.94 37.41
C ARG H 72 34.32 -37.82 36.69
N ASP H 73 35.02 -36.76 36.29
CA ASP H 73 34.35 -35.69 35.49
C ASP H 73 35.01 -35.66 34.12
N ASN H 74 34.22 -35.90 33.06
CA ASN H 74 34.76 -35.90 31.68
C ASN H 74 35.25 -34.48 31.32
N ALA H 75 34.50 -33.46 31.72
CA ALA H 75 34.88 -32.06 31.39
C ALA H 75 36.21 -31.68 32.06
N LYS H 76 36.42 -32.10 33.31
CA LYS H 76 37.66 -31.71 34.05
C LYS H 76 38.81 -32.66 33.72
N ASN H 77 38.53 -33.75 33.00
CA ASN H 77 39.57 -34.75 32.65
C ASN H 77 40.20 -35.32 33.92
N SER H 78 39.42 -35.44 35.00
CA SER H 78 39.99 -35.92 36.30
C SER H 78 39.09 -36.97 36.94
N LEU H 79 39.67 -37.94 37.64
CA LEU H 79 38.86 -38.97 38.37
C LEU H 79 39.23 -38.94 39.86
N TYR H 80 38.23 -39.06 40.74
CA TYR H 80 38.49 -38.94 42.20
C TYR H 80 38.04 -40.21 42.93
N LEU H 81 38.89 -40.74 43.82
CA LEU H 81 38.52 -41.93 44.62
C LEU H 81 38.34 -41.50 46.08
N HIS H 82 37.17 -41.75 46.66
CA HIS H 82 36.91 -41.36 48.07
C HIS H 82 37.05 -42.59 48.98
N MET H 83 37.99 -42.56 49.92
CA MET H 83 38.25 -43.73 50.80
C MET H 83 37.72 -43.44 52.21
N ARG H 84 36.96 -44.37 52.79
CA ARG H 84 36.39 -44.19 54.15
C ARG H 84 36.71 -45.44 54.97
N SER H 85 36.66 -45.34 56.31
CA SER H 85 36.98 -46.50 57.18
C SER H 85 38.36 -47.03 56.82
N LEU H 86 39.34 -46.13 56.65
CA LEU H 86 40.71 -46.55 56.22
C LEU H 86 41.34 -47.47 57.26
N THR H 87 42.08 -48.50 56.81
CA THR H 87 42.67 -49.49 57.74
C THR H 87 44.14 -49.72 57.38
N ALA H 88 44.90 -50.42 58.22
CA ALA H 88 46.31 -50.74 57.92
C ALA H 88 46.37 -51.56 56.63
N GLU H 89 45.38 -52.42 56.41
CA GLU H 89 45.31 -53.22 55.15
C GLU H 89 45.19 -52.25 53.97
N ASP H 90 44.42 -51.17 54.14
CA ASP H 90 44.23 -50.17 53.05
C ASP H 90 45.56 -49.52 52.68
N THR H 91 46.48 -49.35 53.64
CA THR H 91 47.74 -48.62 53.33
C THR H 91 48.40 -49.28 52.13
N ALA H 92 48.65 -48.51 51.06
CA ALA H 92 49.31 -49.02 49.83
C ALA H 92 49.67 -47.86 48.90
N LEU H 93 50.22 -48.16 47.72
CA LEU H 93 50.57 -47.11 46.73
C LEU H 93 49.52 -47.16 45.62
N TYR H 94 48.71 -46.10 45.47
CA TYR H 94 47.60 -46.14 44.48
C TYR H 94 48.04 -45.53 43.15
N TYR H 95 48.14 -46.35 42.09
CA TYR H 95 48.58 -45.88 40.76
C TYR H 95 47.38 -45.72 39.84
N CYS H 96 47.26 -44.58 39.15
CA CYS H 96 46.17 -44.40 38.16
C CYS H 96 46.39 -45.39 37.01
N ALA H 97 45.32 -45.98 36.49
CA ALA H 97 45.45 -46.90 35.34
C ALA H 97 44.59 -46.42 34.18
N LYS H 98 45.14 -46.36 32.96
CA LYS H 98 44.36 -45.98 31.76
C LYS H 98 43.94 -47.26 31.02
N ASP H 99 42.64 -47.47 30.80
CA ASP H 99 42.16 -48.74 30.19
C ASP H 99 41.73 -48.46 28.73
N VAL H 100 42.22 -49.26 27.79
CA VAL H 100 41.89 -49.06 26.34
C VAL H 100 40.40 -49.38 26.11
N TYR H 101 39.84 -50.35 26.83
CA TYR H 101 38.44 -50.76 26.58
C TYR H 101 37.51 -50.08 27.59
N SER H 102 36.53 -49.32 27.09
CA SER H 102 35.58 -48.62 28.00
C SER H 102 34.74 -49.63 28.79
N GLU H 103 34.24 -50.66 28.12
CA GLU H 103 33.38 -51.68 28.81
C GLU H 103 34.27 -52.49 29.75
N SER H 104 35.55 -52.67 29.39
CA SER H 104 36.53 -53.39 30.24
C SER H 104 36.09 -54.85 30.47
N GLY H 105 35.05 -55.29 29.75
CA GLY H 105 34.54 -56.67 29.91
C GLY H 105 35.53 -57.72 29.47
N SER H 106 36.24 -57.49 28.36
CA SER H 106 37.18 -58.51 27.81
C SER H 106 38.34 -57.83 27.08
N GLY H 107 39.48 -58.51 26.98
CA GLY H 107 40.63 -57.95 26.23
C GLY H 107 40.94 -56.52 26.61
N SER H 108 40.83 -56.19 27.90
CA SER H 108 41.07 -54.79 28.35
C SER H 108 42.43 -54.72 29.06
N TYR H 109 43.35 -53.91 28.54
CA TYR H 109 44.71 -53.85 29.14
C TYR H 109 45.04 -52.40 29.50
N TYR H 110 45.94 -52.19 30.46
CA TYR H 110 46.25 -50.81 30.91
C TYR H 110 47.39 -50.26 30.05
N ASP H 111 47.08 -49.33 29.15
CA ASP H 111 48.11 -48.76 28.24
C ASP H 111 49.15 -47.97 29.05
N TYR H 112 48.70 -47.19 30.05
CA TYR H 112 49.65 -46.34 30.80
C TYR H 112 49.39 -46.47 32.30
N TRP H 113 50.44 -46.29 33.11
CA TRP H 113 50.30 -46.38 34.59
C TRP H 113 50.80 -45.09 35.24
N GLY H 114 50.04 -44.55 36.19
CA GLY H 114 50.45 -43.32 36.91
C GLY H 114 51.60 -43.59 37.85
N GLN H 115 52.39 -42.57 38.19
CA GLN H 115 53.55 -42.73 39.10
C GLN H 115 53.03 -43.23 40.45
N GLY H 116 51.87 -42.71 40.90
CA GLY H 116 51.25 -43.21 42.14
C GLY H 116 51.50 -42.32 43.34
N THR H 117 50.66 -42.44 44.36
CA THR H 117 50.82 -41.65 45.62
C THR H 117 50.77 -42.61 46.81
N LEU H 118 51.43 -42.29 47.91
CA LEU H 118 51.52 -43.26 49.03
C LEU H 118 50.51 -42.95 50.14
N VAL H 119 49.44 -43.74 50.25
CA VAL H 119 48.51 -43.59 51.37
C VAL H 119 49.05 -44.40 52.54
N THR H 120 49.23 -43.76 53.68
CA THR H 120 49.65 -44.41 54.92
C THR H 120 48.55 -44.25 55.95
N VAL H 121 48.05 -45.37 56.49
CA VAL H 121 47.01 -45.37 57.52
C VAL H 121 47.59 -45.89 58.83
N SER H 122 47.83 -44.99 59.79
CA SER H 122 48.37 -45.34 61.11
C SER H 122 47.90 -44.36 62.18
N SER H 123 47.87 -44.83 63.42
CA SER H 123 47.50 -44.03 64.61
C SER H 123 48.61 -43.10 65.09
N GLN I 1 36.99 -66.53 45.96
CA GLN I 1 37.57 -65.60 44.95
C GLN I 1 38.81 -66.24 44.32
N SER I 2 38.79 -66.49 43.01
CA SER I 2 39.95 -67.09 42.31
C SER I 2 41.15 -66.13 42.37
N VAL I 3 42.35 -66.67 42.60
CA VAL I 3 43.58 -65.82 42.63
C VAL I 3 44.54 -66.34 41.54
N LEU I 4 45.04 -65.43 40.69
CA LEU I 4 46.02 -65.84 39.65
C LEU I 4 47.31 -66.29 40.33
N THR I 5 47.84 -67.46 39.96
CA THR I 5 49.02 -68.02 40.67
C THR I 5 50.28 -67.88 39.81
N GLN I 6 51.36 -67.33 40.38
CA GLN I 6 52.65 -67.19 39.66
C GLN I 6 53.77 -67.72 40.55
N PRO I 7 54.88 -68.27 40.00
CA PRO I 7 56.01 -68.70 40.82
C PRO I 7 56.58 -67.46 41.53
N PRO I 8 57.05 -67.52 42.80
CA PRO I 8 57.52 -66.32 43.50
C PRO I 8 58.67 -65.61 42.77
N SER I 9 59.79 -66.31 42.55
CA SER I 9 60.97 -65.69 41.89
C SER I 9 61.62 -66.67 40.91
N VAL I 10 62.16 -66.16 39.80
CA VAL I 10 62.90 -67.03 38.83
C VAL I 10 64.26 -66.39 38.53
N SER I 11 65.34 -67.17 38.55
CA SER I 11 66.68 -66.63 38.19
C SER I 11 67.28 -67.43 37.03
N ALA I 12 67.74 -66.75 35.98
CA ALA I 12 68.37 -67.45 34.83
C ALA I 12 69.61 -66.68 34.37
N ALA I 13 70.60 -67.38 33.82
CA ALA I 13 71.82 -66.72 33.29
C ALA I 13 71.47 -65.97 32.00
N PRO I 14 72.16 -64.86 31.66
CA PRO I 14 71.90 -64.16 30.38
C PRO I 14 72.05 -65.12 29.20
N GLY I 15 71.09 -65.08 28.26
CA GLY I 15 71.13 -65.99 27.09
C GLY I 15 70.39 -67.29 27.36
N GLN I 16 69.70 -67.39 28.50
CA GLN I 16 68.90 -68.60 28.81
C GLN I 16 67.40 -68.25 28.75
N LYS I 17 66.61 -69.08 28.08
CA LYS I 17 65.16 -68.79 27.93
C LYS I 17 64.47 -68.83 29.30
N VAL I 18 63.53 -67.91 29.54
CA VAL I 18 62.82 -67.85 30.84
C VAL I 18 61.34 -68.16 30.61
N ALA I 19 60.78 -69.09 31.38
CA ALA I 19 59.34 -69.41 31.27
C ALA I 19 58.60 -69.00 32.54
N ILE I 20 57.55 -68.19 32.42
CA ILE I 20 56.75 -67.75 33.60
C ILE I 20 55.32 -68.26 33.41
N SER I 21 54.75 -68.92 34.43
CA SER I 21 53.41 -69.53 34.28
C SER I 21 52.36 -68.79 35.12
N CYS I 22 51.22 -68.44 34.50
CA CYS I 22 50.12 -67.79 35.26
C CYS I 22 48.96 -68.79 35.33
N SER I 23 48.47 -69.08 36.53
CA SER I 23 47.40 -70.11 36.68
C SER I 23 46.09 -69.43 37.09
N GLY I 24 45.01 -69.67 36.34
CA GLY I 24 43.73 -69.00 36.63
C GLY I 24 42.55 -69.92 36.45
N SER I 25 41.39 -69.56 37.02
CA SER I 25 40.16 -70.37 36.85
C SER I 25 39.66 -70.20 35.41
N THR I 26 38.83 -71.13 34.94
CA THR I 26 38.38 -71.11 33.53
C THR I 26 37.66 -69.78 33.24
N SER I 27 36.85 -69.30 34.19
CA SER I 27 36.05 -68.07 33.92
C SER I 27 36.97 -66.87 33.65
N ASN I 28 38.10 -66.73 34.36
CA ASN I 28 38.96 -65.54 34.14
C ASN I 28 39.83 -65.71 32.89
N ILE I 29 40.85 -66.57 32.93
CA ILE I 29 41.82 -66.70 31.79
C ILE I 29 41.09 -67.20 30.53
N GLY I 30 40.16 -68.14 30.67
CA GLY I 30 39.51 -68.71 29.48
C GLY I 30 38.72 -67.69 28.68
N ASP I 31 38.02 -66.77 29.35
CA ASP I 31 37.15 -65.80 28.63
C ASP I 31 37.99 -64.73 27.92
N ASN I 32 38.90 -64.06 28.65
CA ASN I 32 39.67 -62.94 28.04
C ASN I 32 41.18 -63.23 28.10
N PHE I 33 41.93 -62.77 27.10
CA PHE I 33 43.40 -63.02 27.06
C PHE I 33 44.07 -62.33 28.24
N VAL I 34 45.08 -62.99 28.84
CA VAL I 34 45.82 -62.39 29.99
C VAL I 34 46.69 -61.23 29.47
N SER I 35 46.96 -60.24 30.32
CA SER I 35 47.87 -59.14 29.93
C SER I 35 49.08 -59.16 30.87
N TRP I 36 50.29 -59.21 30.32
CA TRP I 36 51.52 -59.27 31.16
C TRP I 36 52.03 -57.85 31.41
N TYR I 37 52.44 -57.56 32.65
CA TYR I 37 53.01 -56.23 32.97
C TYR I 37 54.42 -56.41 33.53
N GLN I 38 55.40 -55.71 32.95
CA GLN I 38 56.79 -55.78 33.46
C GLN I 38 57.02 -54.56 34.35
N GLN I 39 57.23 -54.79 35.64
CA GLN I 39 57.45 -53.66 36.58
C GLN I 39 58.87 -53.72 37.14
N PHE I 40 59.70 -52.72 36.83
CA PHE I 40 61.05 -52.66 37.42
C PHE I 40 60.91 -52.21 38.88
N PRO I 41 61.74 -52.67 39.83
CA PRO I 41 61.56 -52.32 41.24
C PRO I 41 61.66 -50.80 41.42
N GLY I 42 60.73 -50.21 42.17
CA GLY I 42 60.77 -48.75 42.42
C GLY I 42 60.19 -47.94 41.28
N THR I 43 59.59 -48.60 40.28
CA THR I 43 59.06 -47.89 39.09
C THR I 43 57.60 -48.30 38.83
N ALA I 44 56.82 -47.45 38.17
CA ALA I 44 55.42 -47.77 37.82
C ALA I 44 55.39 -48.93 36.82
N PRO I 45 54.41 -49.85 36.88
CA PRO I 45 54.35 -51.01 35.97
C PRO I 45 54.20 -50.60 34.50
N LYS I 46 54.87 -51.32 33.59
CA LYS I 46 54.75 -51.04 32.14
C LYS I 46 54.18 -52.27 31.44
N LEU I 47 53.17 -52.09 30.58
CA LEU I 47 52.55 -53.27 29.91
C LEU I 47 53.61 -53.95 29.05
N LEU I 48 53.75 -55.27 29.20
CA LEU I 48 54.75 -56.04 28.40
C LEU I 48 54.05 -56.74 27.23
N LEU I 49 52.94 -57.44 27.51
CA LEU I 49 52.22 -58.19 26.46
C LEU I 49 50.74 -57.82 26.50
N TYR I 50 50.17 -57.43 25.35
CA TYR I 50 48.72 -57.14 25.30
C TYR I 50 48.03 -58.27 24.52
N ASP I 51 46.90 -58.76 25.03
CA ASP I 51 46.17 -59.87 24.36
C ASP I 51 47.14 -61.04 24.13
N ASP I 52 47.84 -61.48 25.19
CA ASP I 52 48.77 -62.65 25.10
C ASP I 52 49.98 -62.35 24.21
N ALA I 53 50.18 -63.12 23.14
CA ALA I 53 51.41 -63.02 22.31
C ALA I 53 51.62 -61.62 21.73
N ARG I 54 50.55 -60.91 21.34
CA ARG I 54 50.74 -59.60 20.67
C ARG I 54 51.55 -58.65 21.56
N ARG I 55 52.49 -57.90 20.98
CA ARG I 55 53.38 -57.02 21.78
C ARG I 55 53.08 -55.55 21.46
N PRO I 56 52.87 -54.67 22.47
CA PRO I 56 52.68 -53.23 22.22
C PRO I 56 53.98 -52.57 21.73
N SER I 57 53.85 -51.53 20.90
CA SER I 57 55.05 -50.82 20.37
C SER I 57 56.01 -50.45 21.50
N GLY I 58 57.29 -50.77 21.34
CA GLY I 58 58.29 -50.48 22.40
C GLY I 58 58.62 -51.72 23.21
N ILE I 59 58.10 -52.88 22.81
CA ILE I 59 58.40 -54.15 23.53
C ILE I 59 59.26 -55.03 22.61
N PRO I 60 60.40 -55.58 23.09
CA PRO I 60 61.31 -56.36 22.24
C PRO I 60 60.68 -57.63 21.64
N ASP I 61 61.03 -57.96 20.41
CA ASP I 61 60.48 -59.16 19.72
C ASP I 61 60.89 -60.44 20.47
N ARG I 62 62.04 -60.40 21.15
CA ARG I 62 62.55 -61.58 21.90
C ARG I 62 61.53 -61.97 22.97
N PHE I 63 60.81 -60.98 23.52
CA PHE I 63 59.73 -61.33 24.48
C PHE I 63 58.65 -62.09 23.73
N SER I 64 58.18 -63.21 24.28
CA SER I 64 57.21 -64.09 23.57
C SER I 64 56.42 -64.87 24.61
N GLY I 65 55.69 -65.90 24.18
CA GLY I 65 54.96 -66.76 25.14
C GLY I 65 53.59 -67.11 24.60
N SER I 66 53.04 -68.25 25.00
CA SER I 66 51.72 -68.71 24.46
C SER I 66 50.80 -69.15 25.60
N LYS I 67 49.55 -68.71 25.60
CA LYS I 67 48.57 -69.15 26.63
C LYS I 67 47.79 -70.34 26.10
N SER I 68 47.89 -71.49 26.78
CA SER I 68 47.12 -72.70 26.37
C SER I 68 46.19 -73.12 27.50
N GLY I 69 44.88 -73.25 27.22
CA GLY I 69 43.91 -73.62 28.27
C GLY I 69 43.77 -72.52 29.31
N THR I 70 43.89 -72.88 30.59
CA THR I 70 43.74 -71.91 31.70
C THR I 70 45.11 -71.37 32.13
N SER I 71 46.17 -71.75 31.43
CA SER I 71 47.54 -71.35 31.83
C SER I 71 48.14 -70.38 30.81
N ALA I 72 48.71 -69.26 31.29
CA ALA I 72 49.36 -68.29 30.38
C ALA I 72 50.88 -68.38 30.58
N THR I 73 51.63 -68.56 29.49
CA THR I 73 53.10 -68.74 29.60
C THR I 73 53.83 -67.55 28.97
N LEU I 74 54.77 -66.95 29.70
CA LEU I 74 55.57 -65.84 29.14
C LEU I 74 56.97 -66.39 28.83
N GLY I 75 57.41 -66.26 27.58
CA GLY I 75 58.74 -66.77 27.19
C GLY I 75 59.70 -65.62 26.91
N ILE I 76 60.84 -65.61 27.59
CA ILE I 76 61.84 -64.52 27.39
C ILE I 76 63.10 -65.15 26.78
N THR I 77 63.60 -64.61 25.67
CA THR I 77 64.78 -65.20 24.98
C THR I 77 65.84 -64.09 24.83
N GLY I 78 67.10 -64.47 24.65
CA GLY I 78 68.16 -63.45 24.59
C GLY I 78 68.18 -62.62 25.86
N LEU I 79 68.07 -63.28 27.02
CA LEU I 79 68.02 -62.55 28.32
C LEU I 79 69.31 -61.75 28.50
N GLN I 80 69.21 -60.52 29.02
CA GLN I 80 70.42 -59.66 29.21
C GLN I 80 70.44 -59.13 30.64
N THR I 81 71.55 -58.52 31.06
CA THR I 81 71.61 -57.89 32.41
C THR I 81 70.75 -56.62 32.39
N GLY I 82 70.11 -56.30 33.51
CA GLY I 82 69.23 -55.11 33.57
C GLY I 82 67.82 -55.43 33.08
N ASP I 83 67.57 -56.69 32.72
CA ASP I 83 66.19 -57.10 32.30
C ASP I 83 65.44 -57.57 33.55
N GLU I 84 66.10 -57.56 34.70
CA GLU I 84 65.47 -58.04 35.96
C GLU I 84 64.25 -57.18 36.26
N ALA I 85 63.12 -57.81 36.61
CA ALA I 85 61.88 -57.06 36.91
C ALA I 85 60.85 -58.03 37.53
N VAL I 86 59.74 -57.49 38.04
CA VAL I 86 58.67 -58.38 38.61
C VAL I 86 57.56 -58.45 37.55
N TYR I 87 57.11 -59.66 37.20
CA TYR I 87 56.12 -59.79 36.10
C TYR I 87 54.75 -60.16 36.67
N PHE I 88 53.71 -59.42 36.25
CA PHE I 88 52.35 -59.66 36.78
C PHE I 88 51.41 -60.02 35.60
N CYS I 89 50.62 -61.08 35.76
CA CYS I 89 49.63 -61.45 34.71
C CYS I 89 48.25 -60.97 35.17
N SER I 90 47.55 -60.21 34.34
CA SER I 90 46.23 -59.66 34.78
C SER I 90 45.12 -60.08 33.82
N THR I 91 44.09 -60.77 34.33
CA THR I 91 42.93 -61.14 33.48
C THR I 91 41.64 -60.91 34.27
N TRP I 92 40.74 -60.07 33.74
CA TRP I 92 39.45 -59.78 34.42
C TRP I 92 38.60 -61.06 34.49
N ASP I 93 37.87 -61.25 35.59
CA ASP I 93 37.05 -62.48 35.75
C ASP I 93 35.58 -62.14 35.49
N ASN I 94 34.95 -62.81 34.52
CA ASN I 94 33.51 -62.58 34.25
C ASN I 94 32.68 -63.05 35.45
N SER I 95 33.01 -64.22 36.02
CA SER I 95 32.25 -64.78 37.16
C SER I 95 32.38 -63.87 38.39
N LEU I 96 33.60 -63.36 38.65
CA LEU I 96 33.82 -62.52 39.86
C LEU I 96 33.47 -61.06 39.53
N ASN I 97 33.40 -60.73 38.24
CA ASN I 97 33.05 -59.35 37.82
C ASN I 97 34.08 -58.36 38.40
N VAL I 98 35.29 -58.84 38.68
CA VAL I 98 36.38 -57.93 39.17
C VAL I 98 37.67 -58.27 38.40
N VAL I 99 38.55 -57.28 38.20
CA VAL I 99 39.86 -57.56 37.54
C VAL I 99 40.69 -58.41 38.50
N LEU I 100 41.43 -59.39 38.00
CA LEU I 100 42.30 -60.25 38.85
C LEU I 100 43.77 -59.98 38.50
N PHE I 101 44.61 -59.79 39.53
CA PHE I 101 46.05 -59.52 39.31
C PHE I 101 46.88 -60.65 39.92
N GLY I 102 47.88 -61.14 39.16
CA GLY I 102 48.74 -62.24 39.65
C GLY I 102 49.66 -61.80 40.77
N GLY I 103 50.12 -62.74 41.59
CA GLY I 103 51.04 -62.43 42.71
C GLY I 103 52.33 -61.83 42.19
N GLY I 104 52.82 -62.34 41.06
CA GLY I 104 54.03 -61.78 40.43
C GLY I 104 55.23 -62.71 40.51
N THR I 105 56.15 -62.60 39.54
CA THR I 105 57.36 -63.45 39.52
C THR I 105 58.60 -62.54 39.49
N LYS I 106 59.56 -62.76 40.39
CA LYS I 106 60.72 -61.85 40.47
C LYS I 106 61.85 -62.35 39.56
N LEU I 107 61.87 -61.92 38.29
CA LEU I 107 63.01 -62.28 37.40
C LEU I 107 64.27 -61.50 37.84
N THR I 108 65.46 -62.12 37.76
CA THR I 108 66.75 -61.45 38.13
C THR I 108 68.00 -62.11 37.50
N VAL I 109 69.14 -61.41 37.44
CA VAL I 109 70.44 -61.97 36.93
C VAL I 109 71.53 -61.67 37.97
N LEU I 110 72.32 -62.66 38.36
CA LEU I 110 73.33 -62.57 39.44
C LEU I 110 74.61 -61.79 39.06
C1 NAG J . 27.50 30.37 -78.07
C2 NAG J . 28.90 29.89 -78.44
C3 NAG J . 29.18 30.13 -79.93
C4 NAG J . 28.07 29.51 -80.78
C5 NAG J . 26.70 30.00 -80.31
C6 NAG J . 25.56 29.33 -81.04
C7 NAG J . 30.16 31.84 -77.58
C8 NAG J . 31.25 32.28 -76.65
N2 NAG J . 29.92 30.52 -77.61
O3 NAG J . 30.44 29.57 -80.27
O4 NAG J . 28.26 29.85 -82.14
O5 NAG J . 26.53 29.72 -78.92
O6 NAG J . 25.69 27.92 -81.02
O7 NAG J . 29.52 32.64 -78.26
C1 NAG K . 33.07 -26.94 -22.81
C2 NAG K . 34.50 -26.58 -23.21
C3 NAG K . 35.45 -27.77 -23.03
C4 NAG K . 34.98 -28.97 -23.84
C5 NAG K . 33.46 -29.05 -23.86
C6 NAG K . 32.93 -30.46 -23.81
C7 NAG K . 34.16 -24.84 -24.91
C8 NAG K . 34.28 -24.50 -26.38
N2 NAG K . 34.55 -26.07 -24.58
O3 NAG K . 35.53 -28.10 -21.65
O4 NAG K . 35.47 -28.88 -25.17
O5 NAG K . 32.94 -28.35 -22.72
O6 NAG K . 32.92 -31.06 -25.10
O7 NAG K . 33.73 -24.05 -24.10
C1 NAG L . 43.09 28.01 -28.15
C2 NAG L . 44.61 27.89 -28.07
C3 NAG L . 45.10 28.29 -26.68
C4 NAG L . 44.57 29.67 -26.31
C5 NAG L . 43.05 29.72 -26.48
C6 NAG L . 42.48 31.10 -26.25
C7 NAG L . 44.73 25.44 -27.78
C8 NAG L . 45.31 24.16 -28.31
N2 NAG L . 45.07 26.55 -28.42
O3 NAG L . 46.52 28.29 -26.66
O4 NAG L . 44.90 29.97 -24.96
O5 NAG L . 42.69 29.34 -27.81
O6 NAG L . 41.41 31.37 -27.15
O7 NAG L . 43.97 25.44 -26.80
C1 NAG M . 32.99 27.97 -10.66
C2 NAG M . 32.10 29.21 -10.59
C3 NAG M . 32.83 30.43 -11.11
C4 NAG M . 34.16 30.61 -10.36
C5 NAG M . 34.97 29.33 -10.42
C6 NAG M . 36.24 29.39 -9.58
C7 NAG M . 29.66 29.31 -10.85
C8 NAG M . 28.49 29.03 -11.74
N2 NAG M . 30.86 29.00 -11.33
O3 NAG M . 32.02 31.58 -10.94
O4 NAG M . 34.90 31.68 -10.95
O5 NAG M . 34.20 28.22 -9.92
O6 NAG M . 36.08 30.28 -8.49
O7 NAG M . 29.52 29.80 -9.73
C1 NAG N . 21.62 -8.26 -62.97
C2 NAG N . 22.07 -8.98 -64.25
C3 NAG N . 22.65 -10.34 -63.92
C4 NAG N . 23.74 -10.22 -62.87
C5 NAG N . 23.21 -9.48 -61.64
C6 NAG N . 24.27 -9.22 -60.59
C7 NAG N . 21.13 -9.34 -66.49
C8 NAG N . 19.87 -9.45 -67.30
N2 NAG N . 20.96 -9.11 -65.18
O3 NAG N . 23.18 -10.94 -65.09
O4 NAG N . 24.20 -11.51 -62.48
O5 NAG N . 22.71 -8.19 -62.05
O6 NAG N . 24.04 -8.00 -59.90
O7 NAG N . 22.24 -9.47 -67.00
C1 NAG O . 21.21 44.47 -61.68
C2 NAG O . 20.28 45.28 -62.59
C3 NAG O . 21.07 46.36 -63.30
C4 NAG O . 21.83 47.21 -62.31
C5 NAG O . 22.70 46.32 -61.41
C6 NAG O . 23.39 47.10 -60.31
C7 NAG O . 18.29 44.16 -63.48
C8 NAG O . 17.76 43.24 -64.55
N2 NAG O . 19.60 44.41 -63.54
O3 NAG O . 20.18 47.17 -64.06
O4 NAG O . 22.67 48.14 -62.99
O5 NAG O . 21.87 45.33 -60.77
O6 NAG O . 24.33 46.29 -59.63
O7 NAG O . 17.57 44.64 -62.62
C1 NAG P . 29.02 33.05 -63.40
C2 NAG P . 30.26 32.50 -62.68
C3 NAG P . 31.48 33.39 -62.96
C4 NAG P . 31.67 33.58 -64.46
C5 NAG P . 30.38 34.11 -65.08
C6 NAG P . 30.46 34.23 -66.58
C7 NAG P . 30.12 31.22 -60.58
C8 NAG P . 30.48 30.02 -61.39
N2 NAG P . 30.04 32.38 -61.26
O3 NAG P . 32.64 32.78 -62.40
O4 NAG P . 32.73 34.51 -64.69
O5 NAG P . 29.30 33.20 -64.79
O6 NAG P . 29.22 33.88 -67.20
O7 NAG P . 29.93 31.15 -59.38
C1 NAG Q . 50.50 -0.53 -3.26
C2 NAG Q . 49.64 0.57 -3.86
C3 NAG Q . 50.50 1.57 -4.62
C4 NAG Q . 51.61 2.10 -3.72
C5 NAG Q . 52.40 0.95 -3.12
C6 NAG Q . 53.44 1.40 -2.12
C7 NAG Q . 47.34 0.39 -4.73
C8 NAG Q . 46.43 -0.29 -5.70
N2 NAG Q . 48.62 0.01 -4.74
O3 NAG Q . 49.69 2.64 -5.09
O4 NAG Q . 52.49 2.95 -4.46
O5 NAG Q . 51.51 0.06 -2.42
O6 NAG Q . 53.61 0.44 -1.08
O7 NAG Q . 46.93 1.25 -3.95
C1 NAG R . 32.08 -13.24 18.87
C2 NAG R . 31.10 -14.11 19.67
C3 NAG R . 29.93 -13.28 20.18
C4 NAG R . 30.43 -12.06 20.94
C5 NAG R . 31.42 -11.27 20.10
C6 NAG R . 32.04 -10.11 20.83
C7 NAG R . 31.16 -16.45 18.91
C8 NAG R . 30.55 -17.48 18.02
N2 NAG R . 30.62 -15.23 18.87
O3 NAG R . 29.10 -14.07 21.01
O4 NAG R . 29.34 -11.22 21.31
O5 NAG R . 32.49 -12.12 19.67
O6 NAG R . 32.32 -10.45 22.19
O7 NAG R . 32.11 -16.71 19.65
C1 NAG S . 33.54 -26.70 26.77
C2 NAG S . 33.53 -25.80 28.01
C3 NAG S . 32.10 -25.31 28.30
C4 NAG S . 31.49 -24.68 27.07
C5 NAG S . 31.56 -25.64 25.89
C6 NAG S . 31.06 -25.04 24.60
C7 NAG S . 35.40 -26.58 29.40
C8 NAG S . 35.78 -27.33 30.65
N2 NAG S . 34.08 -26.48 29.16
O3 NAG S . 32.14 -24.38 29.38
O4 NAG S . 30.13 -24.33 27.32
O5 NAG S . 32.93 -26.03 25.67
O6 NAG S . 32.13 -24.63 23.76
O7 NAG S . 36.23 -26.10 28.64
C1 NAG T . -7.26 1.56 -87.97
C2 NAG T . -8.46 0.80 -88.51
C3 NAG T . -8.71 1.18 -89.98
C4 NAG T . -8.84 2.69 -90.11
C5 NAG T . -7.63 3.39 -89.48
C6 NAG T . -7.76 4.89 -89.47
C7 NAG T . -7.31 -1.35 -88.95
C8 NAG T . -7.32 -2.83 -88.68
N2 NAG T . -8.29 -0.65 -88.37
O3 NAG T . -9.90 0.55 -90.42
O4 NAG T . -8.93 3.04 -91.48
O5 NAG T . -7.48 2.97 -88.12
O6 NAG T . -9.02 5.29 -88.95
O7 NAG T . -6.46 -0.84 -89.67
C1 NAG U . -45.39 -7.31 -19.06
C2 NAG U . -46.01 -8.41 -19.93
C3 NAG U . -47.47 -8.63 -19.58
C4 NAG U . -48.29 -7.35 -19.72
C5 NAG U . -47.45 -6.14 -19.35
C6 NAG U . -48.24 -5.05 -18.66
C7 NAG U . -44.72 -8.28 -22.02
C8 NAG U . -44.75 -7.90 -23.48
N2 NAG U . -45.86 -8.09 -21.34
O3 NAG U . -47.57 -9.12 -18.25
O4 NAG U . -48.75 -7.21 -21.06
O5 NAG U . -46.43 -6.55 -18.44
O6 NAG U . -49.33 -4.62 -19.47
O7 NAG U . -43.72 -8.73 -21.49
C1 NAG V . -5.57 -32.97 -48.65
C2 NAG V . -6.46 -34.20 -48.88
C3 NAG V . -5.94 -35.39 -48.08
C4 NAG V . -4.47 -35.62 -48.37
C5 NAG V . -3.66 -34.35 -48.17
C6 NAG V . -2.21 -34.48 -48.57
C7 NAG V . -8.30 -33.56 -47.37
C8 NAG V . -9.78 -33.32 -47.27
N2 NAG V . -7.86 -33.93 -48.58
O3 NAG V . -6.70 -36.55 -48.41
O4 NAG V . -3.96 -36.64 -47.50
O5 NAG V . -4.22 -33.29 -48.97
O6 NAG V . -1.87 -33.57 -49.61
O7 NAG V . -7.56 -33.43 -46.40
C1 NAG W . 3.91 -32.92 -30.43
C2 NAG W . 5.12 -31.99 -30.34
C3 NAG W . 6.22 -32.47 -31.29
C4 NAG W . 6.54 -33.94 -31.03
C5 NAG W . 5.28 -34.78 -31.08
C6 NAG W . 5.51 -36.23 -30.72
C7 NAG W . 5.47 -29.56 -30.32
C8 NAG W . 4.92 -28.22 -30.73
N2 NAG W . 4.74 -30.62 -30.66
O3 NAG W . 7.39 -31.67 -31.11
O4 NAG W . 7.45 -34.41 -32.03
O5 NAG W . 4.32 -34.26 -30.13
O6 NAG W . 4.30 -36.98 -30.80
O7 NAG W . 6.53 -29.67 -29.72
C1 NAG X . -32.83 13.30 -57.10
C2 NAG X . -33.99 13.92 -57.90
C3 NAG X . -35.31 13.70 -57.19
C4 NAG X . -35.52 12.22 -56.88
C5 NAG X . -34.33 11.69 -56.08
C6 NAG X . -34.41 10.21 -55.82
C7 NAG X . -34.31 16.00 -59.15
C8 NAG X . -33.97 17.46 -59.23
N2 NAG X . -33.76 15.33 -58.14
O3 NAG X . -36.38 14.17 -58.01
O4 NAG X . -36.70 12.05 -56.12
O5 NAG X . -33.13 11.92 -56.83
O6 NAG X . -33.35 9.78 -54.97
O7 NAG X . -35.06 15.47 -59.96
C1 NAG Y . 11.45 -5.93 -78.16
C2 NAG Y . 12.35 -5.09 -79.07
C3 NAG Y . 12.66 -5.86 -80.36
C4 NAG Y . 13.25 -7.22 -80.02
C5 NAG Y . 12.33 -7.97 -79.08
C6 NAG Y . 12.92 -9.29 -78.60
C7 NAG Y . 12.03 -2.67 -78.77
C8 NAG Y . 11.28 -1.46 -79.21
N2 NAG Y . 11.71 -3.82 -79.39
O3 NAG Y . 13.58 -5.11 -81.13
O4 NAG Y . 13.43 -7.98 -81.22
O5 NAG Y . 12.09 -7.19 -77.90
O6 NAG Y . 12.37 -9.69 -77.36
O7 NAG Y . 12.89 -2.63 -77.89
C1 NAG Z . -2.20 -7.49 -77.19
C2 NAG Z . -3.01 -8.69 -76.68
C3 NAG Z . -2.90 -9.86 -77.64
C4 NAG Z . -3.27 -9.43 -79.06
C5 NAG Z . -2.43 -8.21 -79.47
C6 NAG Z . -2.83 -7.66 -80.82
C7 NAG Z . -3.40 -9.10 -74.29
C8 NAG Z . -4.81 -8.70 -74.53
N2 NAG Z . -2.58 -9.08 -75.35
O3 NAG Z . -3.77 -10.91 -77.21
O4 NAG Z . -3.02 -10.50 -79.97
O5 NAG Z . -2.61 -7.16 -78.52
O6 NAG Z . -2.72 -6.23 -80.84
O7 NAG Z . -2.99 -9.44 -73.18
C1 NAG AA . -27.44 -40.31 -18.02
C2 NAG AA . -26.21 -39.61 -18.62
C3 NAG AA . -25.76 -40.34 -19.88
C4 NAG AA . -25.55 -41.81 -19.60
C5 NAG AA . -26.80 -42.42 -18.97
C6 NAG AA . -26.62 -43.86 -18.55
C7 NAG AA . -25.70 -37.22 -18.48
C8 NAG AA . -26.14 -35.84 -18.86
N2 NAG AA . -26.49 -38.21 -18.90
O3 NAG AA . -24.55 -39.76 -20.35
O4 NAG AA . -25.24 -42.51 -20.80
O5 NAG AA . -27.15 -41.69 -17.79
O6 NAG AA . -27.29 -44.14 -17.33
O7 NAG AA . -24.69 -37.43 -17.82
C1 NAG BA . -24.60 -31.06 11.42
C2 NAG BA . -24.72 -30.42 12.81
C3 NAG BA . -23.35 -29.92 13.29
C4 NAG BA . -22.32 -31.05 13.21
C5 NAG BA . -22.30 -31.66 11.81
C6 NAG BA . -21.39 -32.86 11.72
C7 NAG BA . -26.91 -29.45 13.29
C8 NAG BA . -27.78 -28.23 13.20
N2 NAG BA . -25.68 -29.33 12.80
O3 NAG BA . -23.46 -29.45 14.62
O4 NAG BA . -21.02 -30.55 13.53
O5 NAG BA . -23.61 -32.10 11.45
O6 NAG BA . -21.08 -33.38 13.00
O7 NAG BA . -27.33 -30.50 13.76
C1 NAG CA . -29.26 -12.01 -37.06
C2 NAG CA . -30.54 -12.01 -37.89
C3 NAG CA . -31.36 -10.75 -37.60
C4 NAG CA . -31.59 -10.60 -36.10
C5 NAG CA . -30.26 -10.69 -35.34
C6 NAG CA . -30.45 -10.69 -33.84
C7 NAG CA . -30.63 -13.14 -40.08
C8 NAG CA . -31.40 -14.22 -39.38
N2 NAG CA . -30.24 -12.11 -39.30
O3 NAG CA . -32.59 -10.82 -38.28
O4 NAG CA . -32.21 -9.35 -35.83
O5 NAG CA . -29.59 -11.92 -35.67
O6 NAG CA . -31.77 -11.08 -33.47
O7 NAG CA . -30.36 -13.20 -41.27
C1 NAG DA . -34.31 -30.53 23.37
C2 NAG DA . -33.33 -31.32 24.26
C3 NAG DA . -32.25 -30.40 24.80
C4 NAG DA . -31.56 -29.65 23.67
C5 NAG DA . -32.60 -28.92 22.83
C6 NAG DA . -32.01 -28.24 21.62
C7 NAG DA . -34.60 -33.19 25.23
C8 NAG DA . -35.29 -33.71 26.46
N2 NAG DA . -34.04 -31.98 25.34
O3 NAG DA . -31.30 -31.18 25.52
O4 NAG DA . -30.64 -28.71 24.20
O5 NAG DA . -33.57 -29.86 22.33
O6 NAG DA . -31.97 -29.11 20.50
O7 NAG DA . -34.56 -33.83 24.18
C1 NAG EA . -16.37 44.75 -74.26
C2 NAG EA . -16.66 46.23 -74.05
C3 NAG EA . -16.60 46.97 -75.38
C4 NAG EA . -15.27 46.70 -76.08
C5 NAG EA . -15.03 45.19 -76.19
C6 NAG EA . -13.67 44.86 -76.76
C7 NAG EA . -19.13 46.06 -73.90
C8 NAG EA . -20.32 46.37 -73.05
N2 NAG EA . -17.94 46.44 -73.40
O3 NAG EA . -16.76 48.37 -75.16
O4 NAG EA . -15.28 47.27 -77.38
O5 NAG EA . -15.10 44.59 -74.89
O6 NAG EA . -12.64 45.60 -76.11
O7 NAG EA . -19.23 45.49 -74.98
C1 NAG FA . 11.68 47.38 0.53
C2 NAG FA . 10.86 48.66 0.54
C3 NAG FA . 11.75 49.87 0.26
C4 NAG FA . 12.84 49.53 -0.75
C5 NAG FA . 13.64 48.30 -0.34
C6 NAG FA . 15.09 48.67 -0.01
C7 NAG FA . 8.61 48.13 -0.14
C8 NAG FA . 7.66 47.99 -1.29
N2 NAG FA . 9.83 48.56 -0.46
O3 NAG FA . 12.34 50.33 1.49
O4 NAG FA . 12.26 49.34 -2.04
O5 NAG FA . 13.05 47.67 0.79
O6 NAG FA . 15.32 50.03 -0.34
O7 NAG FA . 8.28 47.88 1.01
C1 NAG GA . -36.60 37.74 -26.78
C2 NAG GA . -37.13 39.01 -26.14
C3 NAG GA . -38.11 38.66 -25.02
C4 NAG GA . -39.20 37.73 -25.53
C5 NAG GA . -38.57 36.51 -26.22
C6 NAG GA . -39.60 35.61 -26.87
C7 NAG GA . -35.16 39.51 -24.74
C8 NAG GA . -34.14 40.55 -24.39
N2 NAG GA . -36.07 39.86 -25.67
O3 NAG GA . -38.69 39.85 -24.51
O4 NAG GA . -40.00 37.28 -24.45
O5 NAG GA . -37.68 36.94 -27.27
O6 NAG GA . -39.62 35.77 -28.28
O7 NAG GA . -35.16 38.40 -24.21
C1 NAG HA . -36.79 22.31 -13.55
C2 NAG HA . -37.21 21.09 -14.38
C3 NAG HA . -38.48 21.39 -15.17
C4 NAG HA . -39.57 21.89 -14.24
C5 NAG HA . -39.07 23.08 -13.42
C6 NAG HA . -40.07 23.55 -12.40
C7 NAG HA . -35.72 19.39 -15.34
C8 NAG HA . -34.60 19.13 -16.30
N2 NAG HA . -36.14 20.65 -15.26
O3 NAG HA . -38.91 20.22 -15.85
O4 NAG HA . -40.72 22.29 -15.00
O5 NAG HA . -37.88 22.71 -12.71
O6 NAG HA . -41.36 23.71 -12.96
O7 NAG HA . -36.22 18.50 -14.66
C1 NAG IA . 13.50 47.30 -45.22
C2 NAG IA . 14.38 48.40 -45.83
C3 NAG IA . 15.04 49.23 -44.73
C4 NAG IA . 14.00 49.74 -43.75
C5 NAG IA . 13.17 48.58 -43.22
C6 NAG IA . 12.05 49.02 -42.30
C7 NAG IA . 15.99 48.55 -47.68
C8 NAG IA . 17.01 47.81 -48.49
N2 NAG IA . 15.38 47.84 -46.71
O3 NAG IA . 15.74 50.32 -45.30
O4 NAG IA . 14.64 50.40 -42.66
O5 NAG IA . 12.56 47.88 -44.30
O6 NAG IA . 11.44 47.91 -41.66
O7 NAG IA . 15.74 49.73 -47.87
C1 NAG JA . -29.61 27.58 -67.92
C2 NAG JA . -29.63 26.80 -69.23
C3 NAG JA . -30.68 27.39 -70.18
C4 NAG JA . -32.04 27.44 -69.49
C5 NAG JA . -31.93 28.18 -68.17
C6 NAG JA . -33.22 28.18 -67.37
C7 NAG JA . -27.64 25.69 -70.11
C8 NAG JA . -26.30 25.88 -70.76
N2 NAG JA . -28.32 26.80 -69.86
O3 NAG JA . -30.76 26.58 -71.35
O4 NAG JA . -32.99 28.09 -70.33
O5 NAG JA . -30.92 27.57 -67.34
O6 NAG JA . -33.01 28.61 -66.04
O7 NAG JA . -28.07 24.58 -69.84
C1 NAG KA . -23.59 38.84 -62.67
C2 NAG KA . -24.05 39.74 -61.52
C3 NAG KA . -25.30 40.53 -61.92
C4 NAG KA . -25.08 41.26 -63.23
C5 NAG KA . -24.61 40.28 -64.31
C6 NAG KA . -24.25 40.95 -65.61
C7 NAG KA . -23.79 39.29 -59.12
C8 NAG KA . -22.93 40.51 -59.07
N2 NAG KA . -24.29 38.97 -60.31
O3 NAG KA . -25.62 41.46 -60.90
O4 NAG KA . -26.30 41.86 -63.66
O5 NAG KA . -23.41 39.62 -63.86
O6 NAG KA . -23.26 40.22 -66.32
O7 NAG KA . -24.02 38.61 -58.12
C1 NAG LA . -24.63 44.07 9.24
C2 NAG LA . -24.92 43.09 8.10
C3 NAG LA . -26.02 43.63 7.20
C4 NAG LA . -27.25 43.99 8.02
C5 NAG LA . -26.88 44.93 9.16
C6 NAG LA . -28.04 45.22 10.08
C7 NAG LA . -23.23 41.58 7.15
C8 NAG LA . -21.97 41.48 6.34
N2 NAG LA . -23.71 42.82 7.35
O3 NAG LA . -26.35 42.66 6.23
O4 NAG LA . -28.22 44.62 7.19
O5 NAG LA . -25.84 44.34 9.96
O6 NAG LA . -27.63 45.19 11.44
O7 NAG LA . -23.78 40.59 7.62
C1 NAG MA . -11.52 24.37 30.12
C2 NAG MA . -10.61 23.54 31.01
C3 NAG MA . -10.72 22.06 30.64
C4 NAG MA . -12.17 21.61 30.69
C5 NAG MA . -13.04 22.52 29.84
C6 NAG MA . -14.51 22.21 29.97
C7 NAG MA . -8.66 24.75 31.86
C8 NAG MA . -7.22 25.13 31.61
N2 NAG MA . -9.22 23.99 30.92
O3 NAG MA . -9.92 21.29 31.54
O4 NAG MA . -12.28 20.27 30.21
O5 NAG MA . -12.87 23.89 30.24
O6 NAG MA . -14.96 22.34 31.30
O7 NAG MA . -9.25 25.12 32.86
C1 NAG NA . -4.89 44.47 -16.84
C2 NAG NA . -4.24 45.57 -17.68
C3 NAG NA . -2.72 45.38 -17.69
C4 NAG NA . -2.20 45.37 -16.26
C5 NAG NA . -2.94 44.32 -15.43
C6 NAG NA . -2.57 44.38 -13.97
C7 NAG NA . -5.58 46.54 -19.49
C8 NAG NA . -5.97 47.59 -18.49
N2 NAG NA . -4.76 45.59 -19.04
O3 NAG NA . -2.13 46.43 -18.43
O4 NAG NA . -0.81 45.09 -16.26
O5 NAG NA . -4.37 44.52 -15.50
O6 NAG NA . -1.20 44.74 -13.82
O7 NAG NA . -6.02 46.54 -20.64
C1 NAG OA . -3.62 27.09 43.14
C2 NAG OA . -4.51 26.27 44.07
C3 NAG OA . -4.11 24.81 44.02
C4 NAG OA . -4.10 24.30 42.58
C5 NAG OA . -3.23 25.20 41.72
C6 NAG OA . -3.27 24.83 40.25
C7 NAG OA . -5.29 27.69 45.91
C8 NAG OA . -5.08 28.10 47.34
N2 NAG OA . -4.45 26.78 45.43
O3 NAG OA . -5.02 24.04 44.80
O4 NAG OA . -3.59 22.97 42.54
O5 NAG OA . -3.68 26.56 41.81
O6 NAG OA . -4.40 25.38 39.61
O7 NAG OA . -6.19 28.17 45.22
#